data_2JNU
#
_entry.id   2JNU
#
_entity_poly.entity_id   1
_entity_poly.type   'polypeptide(L)'
_entity_poly.pdbx_seq_one_letter_code
;SMTEEQPVASWALSFERLLQDPLGLAYFTEFLKKEFSAENVTFWKACERFQQIPASDTQQLAQEARNIYQEFLSSQALSP
VNIDRQAWLGEEVLAEPRPDMFRAQQLQIFNLMKFDSYARFVKSPLYRECLLAEAEGRPLREPGSSRLGSPDAT
;
_entity_poly.pdbx_strand_id   A
#
# COMPACT_ATOMS: atom_id res chain seq x y z
N SER A 1 12.28 13.10 -20.92
CA SER A 1 12.91 14.08 -20.02
C SER A 1 12.13 14.21 -18.70
N MET A 2 11.03 13.44 -18.59
CA MET A 2 10.18 13.43 -17.39
C MET A 2 9.54 14.80 -17.15
N THR A 3 9.52 15.63 -18.19
CA THR A 3 8.92 16.96 -18.11
C THR A 3 7.39 16.87 -18.16
N GLU A 4 6.89 15.86 -18.88
CA GLU A 4 5.46 15.60 -19.00
C GLU A 4 5.22 14.10 -18.81
N GLU A 5 3.96 13.74 -18.58
CA GLU A 5 3.60 12.34 -18.35
C GLU A 5 2.32 11.99 -19.10
N GLN A 6 2.11 10.69 -19.32
CA GLN A 6 0.86 10.19 -19.91
C GLN A 6 -0.31 10.47 -18.97
N PRO A 7 -1.56 10.39 -19.48
CA PRO A 7 -2.75 10.43 -18.63
C PRO A 7 -2.79 9.23 -17.68
N VAL A 8 -3.96 8.65 -17.45
CA VAL A 8 -4.08 7.45 -16.62
C VAL A 8 -3.22 6.31 -17.19
N ALA A 9 -2.81 6.45 -18.46
CA ALA A 9 -1.96 5.46 -19.12
C ALA A 9 -0.65 5.25 -18.35
N SER A 10 -0.21 6.28 -17.62
CA SER A 10 1.04 6.24 -16.87
C SER A 10 1.05 5.09 -15.85
N TRP A 11 -0.14 4.64 -15.43
CA TRP A 11 -0.24 3.53 -14.49
C TRP A 11 0.43 2.28 -15.07
N ALA A 12 0.12 1.98 -16.33
CA ALA A 12 0.63 0.79 -17.00
C ALA A 12 2.11 0.95 -17.39
N LEU A 13 2.65 2.14 -17.15
CA LEU A 13 4.06 2.41 -17.41
C LEU A 13 4.90 2.09 -16.17
N SER A 14 4.37 2.41 -15.00
CA SER A 14 5.06 2.16 -13.74
C SER A 14 4.06 1.95 -12.60
N PHE A 15 4.30 0.93 -11.79
CA PHE A 15 3.43 0.64 -10.64
C PHE A 15 3.54 1.77 -9.63
N GLU A 16 4.77 2.24 -9.42
CA GLU A 16 5.04 3.41 -8.59
C GLU A 16 4.08 4.54 -8.93
N ARG A 17 3.93 4.85 -10.22
CA ARG A 17 3.06 5.92 -10.68
C ARG A 17 1.60 5.61 -10.29
N LEU A 18 1.17 4.39 -10.59
CA LEU A 18 -0.18 3.92 -10.22
C LEU A 18 -0.41 4.10 -8.73
N LEU A 19 0.62 3.77 -7.96
CA LEU A 19 0.54 3.70 -6.51
C LEU A 19 0.76 5.08 -5.88
N GLN A 20 1.32 5.99 -6.67
CA GLN A 20 1.57 7.36 -6.21
C GLN A 20 0.40 8.28 -6.59
N ASP A 21 -0.33 7.88 -7.64
CA ASP A 21 -1.44 8.67 -8.16
C ASP A 21 -2.75 8.31 -7.46
N PRO A 22 -3.45 9.31 -6.87
CA PRO A 22 -4.70 9.08 -6.13
C PRO A 22 -5.75 8.30 -6.93
N LEU A 23 -5.96 8.71 -8.18
CA LEU A 23 -6.94 8.05 -9.04
C LEU A 23 -6.56 6.58 -9.24
N GLY A 24 -5.30 6.35 -9.60
CA GLY A 24 -4.81 5.00 -9.82
C GLY A 24 -5.04 4.10 -8.63
N LEU A 25 -4.56 4.55 -7.48
CA LEU A 25 -4.68 3.80 -6.25
C LEU A 25 -6.15 3.56 -5.90
N ALA A 26 -6.99 4.58 -6.16
CA ALA A 26 -8.41 4.51 -5.82
C ALA A 26 -9.11 3.38 -6.58
N TYR A 27 -9.03 3.42 -7.90
CA TYR A 27 -9.66 2.39 -8.75
C TYR A 27 -9.06 1.01 -8.43
N PHE A 28 -7.75 0.99 -8.24
CA PHE A 28 -7.03 -0.22 -7.88
C PHE A 28 -7.58 -0.79 -6.57
N THR A 29 -7.85 0.10 -5.62
CA THR A 29 -8.37 -0.28 -4.31
C THR A 29 -9.88 -0.56 -4.39
N GLU A 30 -10.55 -0.03 -5.43
CA GLU A 30 -11.98 -0.29 -5.62
C GLU A 30 -12.22 -1.76 -5.95
N PHE A 31 -11.33 -2.35 -6.72
CA PHE A 31 -11.35 -3.80 -6.94
C PHE A 31 -10.89 -4.50 -5.67
N LEU A 32 -9.72 -4.07 -5.19
CA LEU A 32 -9.08 -4.69 -4.04
C LEU A 32 -9.75 -4.21 -2.74
N LYS A 33 -10.91 -4.79 -2.46
CA LYS A 33 -11.68 -4.50 -1.24
C LYS A 33 -12.94 -5.37 -1.19
N LYS A 34 -13.53 -5.60 -2.36
CA LYS A 34 -14.79 -6.34 -2.46
C LYS A 34 -14.57 -7.83 -2.16
N GLU A 35 -13.37 -8.31 -2.45
CA GLU A 35 -12.98 -9.69 -2.15
C GLU A 35 -12.12 -9.72 -0.88
N PHE A 36 -11.67 -8.53 -0.47
CA PHE A 36 -10.91 -8.31 0.76
C PHE A 36 -9.52 -8.93 0.66
N SER A 37 -8.70 -8.38 -0.23
CA SER A 37 -7.27 -8.67 -0.24
C SER A 37 -6.51 -7.33 -0.26
N ALA A 38 -7.20 -6.29 0.19
CA ALA A 38 -6.63 -4.94 0.25
C ALA A 38 -5.54 -4.83 1.30
N GLU A 39 -5.38 -5.88 2.10
CA GLU A 39 -4.44 -5.89 3.22
C GLU A 39 -3.05 -5.42 2.80
N ASN A 40 -2.61 -5.83 1.62
CA ASN A 40 -1.29 -5.45 1.11
C ASN A 40 -1.21 -3.93 0.86
N VAL A 41 -2.09 -3.40 0.00
CA VAL A 41 -2.04 -1.99 -0.35
C VAL A 41 -2.29 -1.09 0.86
N THR A 42 -3.20 -1.50 1.73
CA THR A 42 -3.53 -0.71 2.91
C THR A 42 -2.45 -0.84 3.98
N PHE A 43 -1.66 -1.92 3.92
CA PHE A 43 -0.49 -2.04 4.78
C PHE A 43 0.60 -1.10 4.30
N TRP A 44 0.79 -1.06 2.98
CA TRP A 44 1.73 -0.14 2.35
C TRP A 44 1.30 1.30 2.67
N LYS A 45 -0.02 1.53 2.60
CA LYS A 45 -0.61 2.81 2.98
C LYS A 45 -0.38 3.10 4.45
N ALA A 46 -0.43 2.06 5.28
CA ALA A 46 -0.24 2.20 6.72
C ALA A 46 1.21 2.58 7.03
N CYS A 47 2.15 1.94 6.35
CA CYS A 47 3.56 2.24 6.52
C CYS A 47 3.88 3.63 5.96
N GLU A 48 3.22 3.97 4.85
CA GLU A 48 3.31 5.31 4.26
C GLU A 48 2.73 6.34 5.23
N ARG A 49 1.64 5.95 5.88
CA ARG A 49 1.00 6.77 6.91
C ARG A 49 1.95 6.95 8.10
N PHE A 50 2.73 5.91 8.35
CA PHE A 50 3.66 5.90 9.47
C PHE A 50 4.85 6.80 9.19
N GLN A 51 5.42 6.71 7.98
CA GLN A 51 6.56 7.54 7.60
C GLN A 51 6.12 8.98 7.33
N GLN A 52 4.81 9.17 7.20
CA GLN A 52 4.23 10.51 7.05
C GLN A 52 4.39 11.29 8.35
N ILE A 53 4.34 10.56 9.47
CA ILE A 53 4.47 11.16 10.79
C ILE A 53 5.91 11.62 11.04
N PRO A 54 6.11 12.87 11.49
CA PRO A 54 7.43 13.37 11.86
C PRO A 54 8.01 12.59 13.03
N ALA A 55 9.28 12.19 12.92
CA ALA A 55 9.95 11.42 13.97
C ALA A 55 9.90 12.17 15.31
N SER A 56 9.73 13.48 15.22
CA SER A 56 9.65 14.33 16.39
C SER A 56 8.47 13.93 17.29
N ASP A 57 7.32 13.66 16.68
CA ASP A 57 6.12 13.29 17.43
C ASP A 57 6.07 11.78 17.60
N THR A 58 6.90 11.29 18.52
CA THR A 58 7.00 9.86 18.78
C THR A 58 5.68 9.31 19.33
N GLN A 59 4.87 10.19 19.91
CA GLN A 59 3.59 9.81 20.49
C GLN A 59 2.63 9.33 19.40
N GLN A 60 2.59 10.07 18.29
CA GLN A 60 1.74 9.70 17.16
C GLN A 60 2.23 8.40 16.55
N LEU A 61 3.56 8.29 16.44
CA LEU A 61 4.21 7.07 15.95
C LEU A 61 3.76 5.86 16.79
N ALA A 62 3.75 6.04 18.11
CA ALA A 62 3.35 4.98 19.03
C ALA A 62 1.91 4.55 18.76
N GLN A 63 1.05 5.53 18.51
CA GLN A 63 -0.36 5.27 18.23
C GLN A 63 -0.51 4.49 16.93
N GLU A 64 0.15 4.96 15.88
CA GLU A 64 0.02 4.35 14.57
C GLU A 64 0.64 2.95 14.57
N ALA A 65 1.74 2.79 15.31
CA ALA A 65 2.44 1.51 15.39
C ALA A 65 1.53 0.42 15.91
N ARG A 66 0.81 0.70 17.00
CA ARG A 66 -0.09 -0.29 17.59
C ARG A 66 -1.29 -0.57 16.68
N ASN A 67 -1.69 0.44 15.91
CA ASN A 67 -2.78 0.27 14.94
C ASN A 67 -2.38 -0.77 13.89
N ILE A 68 -1.30 -0.46 13.18
CA ILE A 68 -0.77 -1.32 12.12
C ILE A 68 -0.45 -2.71 12.67
N TYR A 69 0.10 -2.73 13.88
CA TYR A 69 0.46 -3.96 14.55
C TYR A 69 -0.74 -4.89 14.68
N GLN A 70 -1.75 -4.45 15.43
CA GLN A 70 -2.91 -5.30 15.74
C GLN A 70 -3.66 -5.71 14.48
N GLU A 71 -3.62 -4.86 13.47
CA GLU A 71 -4.40 -5.08 12.24
C GLU A 71 -3.70 -6.08 11.31
N PHE A 72 -2.43 -5.85 11.02
CA PHE A 72 -1.72 -6.62 10.01
C PHE A 72 -0.66 -7.55 10.62
N LEU A 73 -0.04 -7.10 11.70
CA LEU A 73 1.18 -7.70 12.21
C LEU A 73 0.93 -8.58 13.44
N SER A 74 -0.26 -8.49 14.03
CA SER A 74 -0.58 -9.25 15.22
C SER A 74 -0.73 -10.73 14.92
N SER A 75 -0.58 -11.56 15.95
CA SER A 75 -0.81 -12.99 15.82
C SER A 75 -2.30 -13.27 15.64
N GLN A 76 -3.12 -12.29 16.03
CA GLN A 76 -4.57 -12.36 15.88
C GLN A 76 -5.03 -11.30 14.87
N ALA A 77 -4.10 -10.92 13.98
CA ALA A 77 -4.35 -9.86 13.00
C ALA A 77 -5.59 -10.14 12.17
N LEU A 78 -6.38 -9.11 11.92
CA LEU A 78 -7.59 -9.23 11.12
C LEU A 78 -7.24 -9.25 9.64
N SER A 79 -6.08 -8.69 9.32
CA SER A 79 -5.57 -8.66 7.94
C SER A 79 -4.09 -9.05 7.93
N PRO A 80 -3.78 -10.36 8.10
CA PRO A 80 -2.40 -10.83 8.21
C PRO A 80 -1.62 -10.69 6.90
N VAL A 81 -0.77 -9.68 6.83
CA VAL A 81 0.11 -9.48 5.67
C VAL A 81 1.29 -10.45 5.72
N ASN A 82 1.66 -10.99 4.56
CA ASN A 82 2.70 -12.01 4.49
C ASN A 82 4.09 -11.41 4.39
N ILE A 83 4.75 -11.34 5.55
CA ILE A 83 6.15 -10.90 5.64
C ILE A 83 6.87 -11.84 6.61
N ASP A 84 8.19 -11.73 6.71
CA ASP A 84 8.96 -12.67 7.55
C ASP A 84 8.71 -12.39 9.03
N ARG A 85 7.80 -13.17 9.62
CA ARG A 85 7.41 -13.01 11.01
C ARG A 85 8.47 -13.61 11.94
N GLN A 86 9.08 -14.71 11.47
CA GLN A 86 10.10 -15.42 12.24
C GLN A 86 11.20 -14.48 12.73
N ALA A 87 11.64 -13.59 11.84
CA ALA A 87 12.70 -12.65 12.15
C ALA A 87 12.16 -11.23 12.27
N TRP A 88 10.86 -11.12 12.50
CA TRP A 88 10.23 -9.80 12.64
C TRP A 88 10.55 -9.22 14.02
N LEU A 89 10.40 -7.90 14.16
CA LEU A 89 10.80 -7.19 15.37
C LEU A 89 10.01 -7.68 16.58
N GLY A 90 8.71 -7.43 16.57
CA GLY A 90 7.85 -7.82 17.66
C GLY A 90 7.57 -6.66 18.59
N GLU A 91 7.68 -6.91 19.89
CA GLU A 91 7.42 -5.88 20.91
C GLU A 91 8.33 -4.66 20.74
N GLU A 92 9.47 -4.85 20.06
CA GLU A 92 10.46 -3.79 19.90
C GLU A 92 9.86 -2.62 19.15
N VAL A 93 8.99 -2.90 18.19
CA VAL A 93 8.44 -1.86 17.35
C VAL A 93 7.42 -1.01 18.13
N LEU A 94 6.86 -1.60 19.20
CA LEU A 94 5.99 -0.86 20.09
C LEU A 94 6.83 -0.10 21.12
N ALA A 95 7.97 -0.69 21.46
CA ALA A 95 8.89 -0.10 22.44
C ALA A 95 9.47 1.20 21.91
N GLU A 96 9.93 1.19 20.66
CA GLU A 96 10.52 2.37 20.04
C GLU A 96 9.95 2.58 18.63
N PRO A 97 8.86 3.35 18.51
CA PRO A 97 8.29 3.68 17.21
C PRO A 97 9.08 4.79 16.51
N ARG A 98 9.46 4.52 15.27
CA ARG A 98 10.24 5.46 14.47
C ARG A 98 9.83 5.33 13.01
N PRO A 99 9.75 6.45 12.27
CA PRO A 99 9.16 6.48 10.91
C PRO A 99 10.06 5.86 9.84
N ASP A 100 10.83 4.85 10.24
CA ASP A 100 11.69 4.10 9.32
C ASP A 100 11.63 2.61 9.65
N MET A 101 10.77 2.25 10.60
CA MET A 101 10.65 0.86 11.07
C MET A 101 10.25 -0.09 9.94
N PHE A 102 9.01 0.03 9.49
CA PHE A 102 8.38 -0.97 8.61
C PHE A 102 8.86 -0.85 7.16
N ARG A 103 9.97 -0.17 6.91
CA ARG A 103 10.42 0.14 5.55
C ARG A 103 10.58 -1.14 4.69
N ALA A 104 11.36 -2.11 5.17
CA ALA A 104 11.64 -3.32 4.40
C ALA A 104 10.35 -4.11 4.17
N GLN A 105 9.53 -4.20 5.23
CA GLN A 105 8.26 -4.91 5.16
C GLN A 105 7.31 -4.20 4.19
N GLN A 106 7.43 -2.88 4.14
CA GLN A 106 6.62 -2.06 3.26
C GLN A 106 6.94 -2.38 1.80
N LEU A 107 8.23 -2.48 1.50
CA LEU A 107 8.69 -2.82 0.16
C LEU A 107 8.44 -4.30 -0.15
N GLN A 108 8.38 -5.13 0.90
CA GLN A 108 8.03 -6.53 0.71
C GLN A 108 6.62 -6.63 0.10
N ILE A 109 5.69 -5.86 0.66
CA ILE A 109 4.34 -5.78 0.14
C ILE A 109 4.34 -5.10 -1.24
N PHE A 110 5.10 -4.01 -1.36
CA PHE A 110 5.18 -3.27 -2.62
C PHE A 110 5.51 -4.21 -3.78
N ASN A 111 6.56 -5.01 -3.61
CA ASN A 111 7.01 -5.92 -4.67
C ASN A 111 6.08 -7.12 -4.80
N LEU A 112 5.35 -7.44 -3.73
CA LEU A 112 4.40 -8.54 -3.75
C LEU A 112 3.28 -8.24 -4.73
N MET A 113 2.69 -7.06 -4.60
CA MET A 113 1.57 -6.64 -5.46
C MET A 113 2.06 -6.09 -6.80
N LYS A 114 3.35 -5.74 -6.85
CA LYS A 114 3.95 -5.11 -8.04
C LYS A 114 3.76 -5.94 -9.31
N PHE A 115 3.81 -7.26 -9.21
CA PHE A 115 3.75 -8.13 -10.38
C PHE A 115 2.52 -9.03 -10.35
N ASP A 116 1.55 -8.69 -9.49
CA ASP A 116 0.39 -9.55 -9.28
C ASP A 116 -0.90 -8.74 -9.42
N SER A 117 -1.30 -8.06 -8.35
CA SER A 117 -2.52 -7.28 -8.37
C SER A 117 -2.40 -6.12 -9.37
N TYR A 118 -1.21 -5.53 -9.45
CA TYR A 118 -0.90 -4.52 -10.46
C TYR A 118 -1.13 -5.09 -11.87
N ALA A 119 -0.52 -6.25 -12.12
CA ALA A 119 -0.60 -6.90 -13.43
C ALA A 119 -2.06 -7.20 -13.79
N ARG A 120 -2.87 -7.44 -12.77
CA ARG A 120 -4.28 -7.76 -12.96
C ARG A 120 -5.10 -6.48 -13.20
N PHE A 121 -4.76 -5.42 -12.47
CA PHE A 121 -5.52 -4.17 -12.53
C PHE A 121 -5.54 -3.59 -13.94
N VAL A 122 -4.37 -3.55 -14.57
CA VAL A 122 -4.23 -2.97 -15.91
C VAL A 122 -5.07 -3.75 -16.93
N LYS A 123 -5.50 -4.95 -16.56
CA LYS A 123 -6.31 -5.80 -17.42
C LYS A 123 -7.79 -5.68 -17.06
N SER A 124 -8.03 -5.24 -15.83
CA SER A 124 -9.39 -5.13 -15.29
C SER A 124 -10.06 -3.82 -15.73
N PRO A 125 -11.41 -3.75 -15.64
CA PRO A 125 -12.17 -2.52 -15.96
C PRO A 125 -11.74 -1.33 -15.10
N LEU A 126 -12.51 -0.24 -15.20
CA LEU A 126 -12.21 1.03 -14.52
C LEU A 126 -11.00 1.72 -15.14
N TYR A 127 -9.90 0.99 -15.32
CA TYR A 127 -8.73 1.54 -15.98
C TYR A 127 -9.12 1.99 -17.39
N ARG A 128 -9.56 1.02 -18.20
CA ARG A 128 -9.97 1.28 -19.57
C ARG A 128 -11.02 2.39 -19.62
N GLU A 129 -12.00 2.37 -18.71
CA GLU A 129 -13.07 3.38 -18.71
C GLU A 129 -12.52 4.79 -18.55
N CYS A 130 -11.36 4.93 -17.91
CA CYS A 130 -10.74 6.23 -17.70
C CYS A 130 -9.67 6.51 -18.75
N LEU A 131 -9.30 5.48 -19.50
CA LEU A 131 -8.22 5.58 -20.49
C LEU A 131 -8.77 5.83 -21.89
N LEU A 132 -9.81 5.11 -22.27
CA LEU A 132 -10.35 5.15 -23.62
C LEU A 132 -11.76 4.58 -23.66
N ALA A 133 -12.42 4.72 -24.81
CA ALA A 133 -13.78 4.20 -24.99
C ALA A 133 -13.98 3.74 -26.43
N GLU A 134 -13.44 4.52 -27.36
CA GLU A 134 -13.48 4.21 -28.78
C GLU A 134 -12.44 3.12 -29.13
N ALA A 135 -11.65 2.76 -28.13
CA ALA A 135 -10.59 1.75 -28.28
C ALA A 135 -9.44 2.30 -29.12
N GLU A 136 -9.62 2.35 -30.43
CA GLU A 136 -8.59 2.86 -31.33
C GLU A 136 -8.71 4.37 -31.48
N SER A 1 -15.23 16.68 -14.67
CA SER A 1 -15.79 16.23 -13.37
C SER A 1 -16.00 14.72 -13.36
N MET A 2 -15.51 14.04 -12.31
CA MET A 2 -15.64 12.58 -12.17
C MET A 2 -15.00 11.86 -13.36
N THR A 3 -15.80 11.58 -14.39
CA THR A 3 -15.30 10.93 -15.59
C THR A 3 -14.64 11.97 -16.49
N GLU A 4 -13.37 12.23 -16.23
CA GLU A 4 -12.63 13.27 -16.94
C GLU A 4 -11.44 12.66 -17.66
N GLU A 5 -11.03 13.29 -18.76
CA GLU A 5 -9.95 12.77 -19.59
C GLU A 5 -8.60 12.88 -18.87
N GLN A 6 -8.31 11.89 -18.05
CA GLN A 6 -7.03 11.77 -17.38
C GLN A 6 -6.16 10.76 -18.13
N PRO A 7 -4.82 11.00 -18.21
CA PRO A 7 -3.90 10.05 -18.85
C PRO A 7 -3.79 8.76 -18.06
N VAL A 8 -4.85 7.95 -18.09
CA VAL A 8 -4.93 6.71 -17.32
C VAL A 8 -3.79 5.75 -17.68
N ALA A 9 -3.24 5.90 -18.87
CA ALA A 9 -2.14 5.06 -19.34
C ALA A 9 -0.90 5.23 -18.46
N SER A 10 -0.87 6.32 -17.68
CA SER A 10 0.27 6.62 -16.82
C SER A 10 0.44 5.52 -15.75
N TRP A 11 -0.66 4.84 -15.41
CA TRP A 11 -0.63 3.78 -14.42
C TRP A 11 0.31 2.67 -14.85
N ALA A 12 0.27 2.34 -16.13
CA ALA A 12 1.09 1.25 -16.68
C ALA A 12 2.55 1.65 -16.73
N LEU A 13 2.82 2.95 -16.64
CA LEU A 13 4.19 3.47 -16.70
C LEU A 13 4.90 3.27 -15.36
N SER A 14 4.12 3.05 -14.29
CA SER A 14 4.66 2.83 -12.95
C SER A 14 3.57 2.47 -11.96
N PHE A 15 3.84 1.47 -11.12
CA PHE A 15 2.92 1.11 -10.04
C PHE A 15 2.84 2.25 -9.04
N GLU A 16 3.98 2.89 -8.81
CA GLU A 16 4.06 4.08 -7.95
C GLU A 16 3.02 5.11 -8.41
N ARG A 17 2.95 5.32 -9.73
CA ARG A 17 2.00 6.25 -10.33
C ARG A 17 0.57 5.85 -9.96
N LEU A 18 0.22 4.60 -10.25
CA LEU A 18 -1.12 4.07 -9.94
C LEU A 18 -1.43 4.22 -8.45
N LEU A 19 -0.40 3.99 -7.64
CA LEU A 19 -0.55 3.90 -6.20
C LEU A 19 -0.59 5.30 -5.56
N GLN A 20 0.03 6.27 -6.22
CA GLN A 20 -0.01 7.66 -5.77
C GLN A 20 -1.30 8.33 -6.24
N ASP A 21 -1.73 7.98 -7.44
CA ASP A 21 -2.92 8.57 -8.06
C ASP A 21 -4.19 7.98 -7.42
N PRO A 22 -4.97 8.83 -6.72
CA PRO A 22 -6.16 8.38 -5.99
C PRO A 22 -7.22 7.81 -6.93
N LEU A 23 -7.23 8.29 -8.17
CA LEU A 23 -8.21 7.85 -9.16
C LEU A 23 -7.92 6.40 -9.56
N GLY A 24 -6.66 6.15 -9.90
CA GLY A 24 -6.24 4.80 -10.23
C GLY A 24 -6.41 3.86 -9.07
N LEU A 25 -5.90 4.27 -7.91
CA LEU A 25 -6.01 3.48 -6.69
C LEU A 25 -7.49 3.20 -6.37
N ALA A 26 -8.37 4.14 -6.73
CA ALA A 26 -9.81 3.97 -6.51
C ALA A 26 -10.32 2.72 -7.23
N TYR A 27 -10.05 2.62 -8.52
CA TYR A 27 -10.46 1.45 -9.30
C TYR A 27 -9.62 0.23 -8.92
N PHE A 28 -8.39 0.48 -8.49
CA PHE A 28 -7.49 -0.58 -8.05
C PHE A 28 -8.06 -1.27 -6.81
N THR A 29 -8.52 -0.46 -5.85
CA THR A 29 -9.07 -1.00 -4.62
C THR A 29 -10.47 -1.55 -4.86
N GLU A 30 -11.09 -1.15 -5.96
CA GLU A 30 -12.37 -1.72 -6.38
C GLU A 30 -12.21 -3.23 -6.60
N PHE A 31 -11.19 -3.60 -7.37
CA PHE A 31 -10.87 -5.03 -7.58
C PHE A 31 -10.25 -5.62 -6.31
N LEU A 32 -9.30 -4.89 -5.74
CA LEU A 32 -8.58 -5.31 -4.53
C LEU A 32 -9.56 -5.62 -3.39
N LYS A 33 -10.74 -4.99 -3.45
CA LYS A 33 -11.81 -5.22 -2.49
C LYS A 33 -12.37 -6.63 -2.66
N LYS A 34 -12.66 -6.98 -3.91
CA LYS A 34 -13.36 -8.23 -4.23
C LYS A 34 -12.44 -9.45 -4.06
N GLU A 35 -11.15 -9.27 -4.29
CA GLU A 35 -10.18 -10.35 -4.11
C GLU A 35 -9.78 -10.47 -2.63
N PHE A 36 -10.25 -9.50 -1.83
CA PHE A 36 -9.98 -9.45 -0.40
C PHE A 36 -8.48 -9.36 -0.13
N SER A 37 -7.92 -8.19 -0.41
CA SER A 37 -6.53 -7.89 -0.08
C SER A 37 -6.35 -6.37 0.00
N ALA A 38 -7.45 -5.67 0.29
CA ALA A 38 -7.47 -4.20 0.33
C ALA A 38 -6.64 -3.65 1.49
N GLU A 39 -6.25 -4.51 2.43
CA GLU A 39 -5.49 -4.06 3.59
C GLU A 39 -4.03 -3.79 3.22
N ASN A 40 -3.58 -4.45 2.14
CA ASN A 40 -2.22 -4.23 1.61
C ASN A 40 -1.95 -2.74 1.42
N VAL A 41 -2.73 -2.11 0.55
CA VAL A 41 -2.53 -0.70 0.23
C VAL A 41 -2.77 0.18 1.46
N THR A 42 -3.68 -0.25 2.33
CA THR A 42 -3.97 0.49 3.55
C THR A 42 -2.75 0.50 4.48
N PHE A 43 -2.05 -0.62 4.52
CA PHE A 43 -0.81 -0.74 5.30
C PHE A 43 0.24 0.23 4.75
N TRP A 44 0.37 0.23 3.43
CA TRP A 44 1.31 1.10 2.73
C TRP A 44 0.94 2.57 2.95
N LYS A 45 -0.36 2.86 2.89
CA LYS A 45 -0.84 4.23 3.04
C LYS A 45 -0.90 4.64 4.50
N ALA A 46 -0.68 3.69 5.40
CA ALA A 46 -0.58 3.99 6.83
C ALA A 46 0.86 4.31 7.19
N CYS A 47 1.79 3.59 6.58
CA CYS A 47 3.20 3.78 6.85
C CYS A 47 3.74 5.01 6.13
N GLU A 48 3.04 5.47 5.09
CA GLU A 48 3.40 6.74 4.44
C GLU A 48 3.07 7.90 5.39
N ARG A 49 2.05 7.68 6.22
CA ARG A 49 1.64 8.67 7.23
C ARG A 49 2.64 8.67 8.38
N PHE A 50 3.18 7.49 8.67
CA PHE A 50 4.16 7.30 9.74
C PHE A 50 5.42 8.15 9.49
N GLN A 51 5.66 8.46 8.21
CA GLN A 51 6.85 9.23 7.80
C GLN A 51 6.83 10.65 8.38
N GLN A 52 5.65 11.08 8.83
CA GLN A 52 5.49 12.41 9.41
C GLN A 52 6.15 12.50 10.79
N ILE A 53 6.50 11.34 11.34
CA ILE A 53 7.19 11.28 12.63
C ILE A 53 8.67 11.00 12.40
N PRO A 54 9.54 12.03 12.49
CA PRO A 54 10.97 11.89 12.15
C PRO A 54 11.72 10.94 13.10
N ALA A 55 11.49 11.10 14.41
CA ALA A 55 12.19 10.34 15.46
C ALA A 55 12.04 11.08 16.79
N SER A 56 11.86 12.40 16.69
CA SER A 56 11.80 13.29 17.84
C SER A 56 10.81 12.80 18.89
N ASP A 57 9.55 12.68 18.51
CA ASP A 57 8.52 12.20 19.43
C ASP A 57 8.47 10.68 19.39
N THR A 58 9.34 10.04 20.17
CA THR A 58 9.44 8.59 20.21
C THR A 58 8.12 7.97 20.66
N GLN A 59 7.39 8.69 21.49
CA GLN A 59 6.12 8.21 22.01
C GLN A 59 5.09 8.06 20.88
N GLN A 60 5.06 9.06 19.99
CA GLN A 60 4.13 9.04 18.87
C GLN A 60 4.47 7.90 17.91
N LEU A 61 5.77 7.64 17.75
CA LEU A 61 6.24 6.52 16.93
C LEU A 61 5.52 5.25 17.37
N ALA A 62 5.41 5.07 18.68
CA ALA A 62 4.75 3.91 19.26
C ALA A 62 3.25 3.95 18.99
N GLN A 63 2.67 5.15 18.98
CA GLN A 63 1.23 5.32 18.80
C GLN A 63 0.78 4.82 17.43
N GLU A 64 1.45 5.30 16.38
CA GLU A 64 1.13 4.87 15.02
C GLU A 64 1.58 3.43 14.78
N ALA A 65 2.69 3.03 15.39
CA ALA A 65 3.20 1.67 15.25
C ALA A 65 2.18 0.65 15.76
N ARG A 66 1.72 0.86 17.00
CA ARG A 66 0.77 -0.07 17.63
C ARG A 66 -0.57 -0.04 16.88
N ASN A 67 -0.89 1.11 16.31
CA ASN A 67 -2.11 1.28 15.52
C ASN A 67 -2.10 0.34 14.33
N ILE A 68 -1.03 0.45 13.53
CA ILE A 68 -0.83 -0.41 12.37
C ILE A 68 -0.73 -1.87 12.79
N TYR A 69 0.00 -2.10 13.88
CA TYR A 69 0.25 -3.44 14.39
C TYR A 69 -1.04 -4.18 14.71
N GLN A 70 -1.91 -3.53 15.49
CA GLN A 70 -3.12 -4.17 16.00
C GLN A 70 -4.10 -4.57 14.89
N GLU A 71 -3.89 -4.07 13.67
CA GLU A 71 -4.76 -4.42 12.56
C GLU A 71 -4.07 -5.34 11.56
N PHE A 72 -2.82 -4.99 11.21
CA PHE A 72 -2.14 -5.64 10.09
C PHE A 72 -1.03 -6.61 10.54
N LEU A 73 -0.65 -6.54 11.82
CA LEU A 73 0.55 -7.25 12.27
C LEU A 73 0.30 -8.11 13.52
N SER A 74 -0.93 -8.11 14.01
CA SER A 74 -1.27 -8.89 15.21
C SER A 74 -1.69 -10.33 14.83
N SER A 75 -1.52 -11.25 15.77
CA SER A 75 -1.91 -12.64 15.59
C SER A 75 -3.41 -12.74 15.35
N GLN A 76 -3.81 -13.43 14.27
CA GLN A 76 -5.22 -13.60 13.92
C GLN A 76 -5.94 -12.25 13.83
N ALA A 77 -5.22 -11.23 13.38
CA ALA A 77 -5.79 -9.89 13.21
C ALA A 77 -6.88 -9.88 12.14
N LEU A 78 -7.70 -8.83 12.14
CA LEU A 78 -8.81 -8.71 11.21
C LEU A 78 -8.32 -8.63 9.77
N SER A 79 -7.18 -7.96 9.57
CA SER A 79 -6.59 -7.81 8.25
C SER A 79 -5.07 -7.78 8.35
N PRO A 80 -4.44 -8.96 8.61
CA PRO A 80 -3.00 -9.07 8.85
C PRO A 80 -2.18 -9.10 7.56
N VAL A 81 -2.46 -8.14 6.66
CA VAL A 81 -1.83 -8.05 5.33
C VAL A 81 -1.36 -9.42 4.80
N ASN A 82 -0.08 -9.74 5.06
CA ASN A 82 0.49 -11.04 4.71
C ASN A 82 1.97 -11.03 5.12
N ILE A 83 2.80 -10.41 4.27
CA ILE A 83 4.25 -10.23 4.51
C ILE A 83 4.93 -11.45 5.17
N ASP A 84 6.10 -11.21 5.75
CA ASP A 84 6.95 -12.27 6.32
C ASP A 84 6.25 -13.02 7.45
N ARG A 85 5.66 -12.27 8.38
CA ARG A 85 5.05 -12.85 9.59
C ARG A 85 6.08 -13.56 10.46
N GLN A 86 6.51 -14.75 10.05
CA GLN A 86 7.46 -15.55 10.82
C GLN A 86 8.80 -14.81 10.93
N ALA A 87 9.24 -14.25 9.81
CA ALA A 87 10.52 -13.55 9.74
C ALA A 87 10.34 -12.06 10.05
N TRP A 88 9.23 -11.71 10.70
CA TRP A 88 8.93 -10.32 11.00
C TRP A 88 9.77 -9.82 12.18
N LEU A 89 9.76 -8.50 12.41
CA LEU A 89 10.60 -7.87 13.43
C LEU A 89 10.29 -8.42 14.82
N GLY A 90 9.07 -8.16 15.28
CA GLY A 90 8.62 -8.67 16.57
C GLY A 90 8.06 -7.58 17.46
N GLU A 91 7.59 -7.98 18.64
CA GLU A 91 6.99 -7.04 19.60
C GLU A 91 7.93 -5.91 19.97
N GLU A 92 9.23 -6.08 19.68
CA GLU A 92 10.24 -5.11 20.07
C GLU A 92 9.96 -3.76 19.44
N VAL A 93 9.37 -3.78 18.26
CA VAL A 93 9.14 -2.54 17.51
C VAL A 93 8.04 -1.70 18.17
N LEU A 94 7.25 -2.33 19.04
CA LEU A 94 6.24 -1.63 19.81
C LEU A 94 6.84 -1.13 21.13
N ALA A 95 7.66 -1.98 21.74
CA ALA A 95 8.32 -1.66 23.01
C ALA A 95 9.38 -0.57 22.81
N GLU A 96 10.01 -0.60 21.65
CA GLU A 96 11.03 0.39 21.29
C GLU A 96 10.87 0.79 19.82
N PRO A 97 10.04 1.80 19.53
CA PRO A 97 9.81 2.28 18.17
C PRO A 97 11.04 3.01 17.64
N ARG A 98 11.01 3.36 16.35
CA ARG A 98 12.19 3.90 15.69
C ARG A 98 11.86 4.41 14.30
N PRO A 99 12.62 5.41 13.79
CA PRO A 99 12.46 5.92 12.43
C PRO A 99 12.92 4.90 11.39
N ASP A 100 13.63 3.88 11.85
CA ASP A 100 14.05 2.76 11.01
C ASP A 100 12.81 2.00 10.51
N MET A 101 11.80 1.98 11.38
CA MET A 101 10.43 1.51 11.06
C MET A 101 10.38 0.19 10.28
N PHE A 102 9.19 -0.10 9.75
CA PHE A 102 8.92 -1.34 9.02
C PHE A 102 9.35 -1.23 7.55
N ARG A 103 10.43 -0.48 7.29
CA ARG A 103 10.82 -0.13 5.91
C ARG A 103 10.77 -1.34 4.96
N ALA A 104 11.23 -2.49 5.44
CA ALA A 104 11.26 -3.70 4.63
C ALA A 104 9.84 -4.15 4.25
N GLN A 105 8.97 -4.19 5.25
CA GLN A 105 7.59 -4.66 5.06
C GLN A 105 6.77 -3.62 4.29
N GLN A 106 7.19 -2.36 4.35
CA GLN A 106 6.55 -1.32 3.55
C GLN A 106 6.66 -1.65 2.08
N LEU A 107 7.89 -1.83 1.61
CA LEU A 107 8.14 -2.15 0.21
C LEU A 107 7.78 -3.61 -0.09
N GLN A 108 7.74 -4.44 0.95
CA GLN A 108 7.27 -5.83 0.81
C GLN A 108 5.87 -5.83 0.21
N ILE A 109 5.00 -5.01 0.81
CA ILE A 109 3.63 -4.86 0.35
C ILE A 109 3.59 -4.22 -1.04
N PHE A 110 4.41 -3.19 -1.24
CA PHE A 110 4.47 -2.48 -2.51
C PHE A 110 4.80 -3.46 -3.65
N ASN A 111 5.87 -4.22 -3.48
CA ASN A 111 6.32 -5.17 -4.50
C ASN A 111 5.34 -6.32 -4.65
N LEU A 112 4.65 -6.65 -3.56
CA LEU A 112 3.66 -7.73 -3.57
C LEU A 112 2.56 -7.43 -4.60
N MET A 113 1.93 -6.27 -4.48
CA MET A 113 0.88 -5.87 -5.43
C MET A 113 1.50 -5.55 -6.79
N LYS A 114 2.71 -4.97 -6.76
CA LYS A 114 3.46 -4.60 -7.96
C LYS A 114 3.48 -5.75 -8.97
N PHE A 115 3.74 -6.95 -8.48
CA PHE A 115 3.88 -8.13 -9.34
C PHE A 115 2.64 -9.03 -9.27
N ASP A 116 1.54 -8.47 -8.77
CA ASP A 116 0.31 -9.25 -8.60
C ASP A 116 -0.92 -8.43 -8.98
N SER A 117 -1.51 -7.73 -8.02
CA SER A 117 -2.75 -6.99 -8.24
C SER A 117 -2.55 -5.91 -9.30
N TYR A 118 -1.42 -5.18 -9.21
CA TYR A 118 -1.07 -4.19 -10.23
C TYR A 118 -1.02 -4.82 -11.62
N ALA A 119 -0.26 -5.90 -11.75
CA ALA A 119 -0.09 -6.59 -13.03
C ALA A 119 -1.45 -7.06 -13.57
N ARG A 120 -2.34 -7.39 -12.66
CA ARG A 120 -3.69 -7.85 -13.00
C ARG A 120 -4.54 -6.66 -13.47
N PHE A 121 -4.46 -5.56 -12.73
CA PHE A 121 -5.27 -4.38 -13.00
C PHE A 121 -5.02 -3.83 -14.39
N VAL A 122 -3.74 -3.71 -14.76
CA VAL A 122 -3.36 -3.15 -16.06
C VAL A 122 -3.74 -4.09 -17.21
N LYS A 123 -4.26 -5.27 -16.88
CA LYS A 123 -4.76 -6.21 -17.89
C LYS A 123 -6.28 -6.30 -17.83
N SER A 124 -6.85 -5.87 -16.70
CA SER A 124 -8.29 -5.93 -16.48
C SER A 124 -9.05 -5.10 -17.52
N PRO A 125 -10.30 -5.53 -17.87
CA PRO A 125 -11.13 -4.83 -18.87
C PRO A 125 -11.33 -3.35 -18.52
N LEU A 126 -11.52 -3.07 -17.24
CA LEU A 126 -11.74 -1.70 -16.77
C LEU A 126 -10.66 -0.76 -17.32
N TYR A 127 -9.42 -1.24 -17.32
CA TYR A 127 -8.28 -0.44 -17.79
C TYR A 127 -8.38 -0.20 -19.29
N ARG A 128 -8.48 -1.28 -20.07
CA ARG A 128 -8.48 -1.18 -21.53
C ARG A 128 -9.67 -0.37 -22.04
N GLU A 129 -10.77 -0.39 -21.29
CA GLU A 129 -11.94 0.43 -21.62
C GLU A 129 -11.67 1.90 -21.39
N CYS A 130 -10.97 2.22 -20.31
CA CYS A 130 -10.60 3.60 -20.00
C CYS A 130 -9.66 4.16 -21.08
N LEU A 131 -8.96 3.24 -21.77
CA LEU A 131 -8.11 3.61 -22.89
C LEU A 131 -8.93 3.69 -24.18
N LEU A 132 -9.38 2.53 -24.66
CA LEU A 132 -10.21 2.46 -25.87
C LEU A 132 -10.79 1.06 -26.06
N ALA A 133 -9.94 0.05 -25.91
CA ALA A 133 -10.34 -1.34 -26.15
C ALA A 133 -9.23 -2.31 -25.77
N GLU A 134 -7.98 -1.85 -25.88
CA GLU A 134 -6.82 -2.66 -25.57
C GLU A 134 -5.85 -1.84 -24.74
N ALA A 135 -5.16 -2.51 -23.84
CA ALA A 135 -4.23 -1.87 -22.91
C ALA A 135 -3.00 -1.33 -23.64
N GLU A 136 -2.41 -2.16 -24.51
CA GLU A 136 -1.25 -1.75 -25.31
C GLU A 136 -0.07 -1.37 -24.41
N SER A 1 2.78 23.63 -14.31
CA SER A 1 3.24 22.25 -14.57
C SER A 1 4.22 22.23 -15.75
N MET A 2 5.19 21.31 -15.69
CA MET A 2 6.16 21.13 -16.76
C MET A 2 5.50 20.50 -17.96
N THR A 3 4.81 19.39 -17.72
CA THR A 3 4.11 18.66 -18.76
C THR A 3 2.65 18.45 -18.33
N GLU A 4 1.82 18.04 -19.27
CA GLU A 4 0.40 17.86 -19.01
C GLU A 4 -0.14 16.76 -19.94
N GLU A 5 -1.47 16.58 -19.97
CA GLU A 5 -2.10 15.56 -20.79
C GLU A 5 -1.74 14.17 -20.27
N GLN A 6 -2.31 13.82 -19.13
CA GLN A 6 -2.05 12.54 -18.48
C GLN A 6 -3.28 11.63 -18.59
N PRO A 7 -3.22 10.61 -19.48
CA PRO A 7 -4.28 9.62 -19.59
C PRO A 7 -4.21 8.59 -18.47
N VAL A 8 -5.34 7.96 -18.14
CA VAL A 8 -5.37 6.94 -17.10
C VAL A 8 -4.45 5.76 -17.45
N ALA A 9 -4.19 5.61 -18.74
CA ALA A 9 -3.30 4.56 -19.24
C ALA A 9 -1.88 4.71 -18.66
N SER A 10 -1.58 5.91 -18.17
CA SER A 10 -0.25 6.23 -17.66
C SER A 10 0.11 5.36 -16.45
N TRP A 11 -0.89 4.70 -15.86
CA TRP A 11 -0.66 3.82 -14.72
C TRP A 11 0.27 2.67 -15.09
N ALA A 12 0.19 2.25 -16.36
CA ALA A 12 0.96 1.10 -16.85
C ALA A 12 2.44 1.43 -16.98
N LEU A 13 2.80 2.70 -16.78
CA LEU A 13 4.18 3.13 -16.89
C LEU A 13 4.96 2.79 -15.62
N SER A 14 4.32 2.98 -14.47
CA SER A 14 4.96 2.72 -13.18
C SER A 14 3.91 2.43 -12.11
N PHE A 15 4.14 1.36 -11.34
CA PHE A 15 3.24 0.99 -10.24
C PHE A 15 3.26 2.07 -9.16
N GLU A 16 4.46 2.51 -8.79
CA GLU A 16 4.66 3.60 -7.84
C GLU A 16 3.73 4.77 -8.15
N ARG A 17 3.72 5.21 -9.40
CA ARG A 17 2.88 6.34 -9.80
C ARG A 17 1.41 6.02 -9.57
N LEU A 18 0.96 4.87 -10.08
CA LEU A 18 -0.42 4.41 -9.88
C LEU A 18 -0.79 4.43 -8.40
N LEU A 19 0.11 3.87 -7.61
CA LEU A 19 -0.14 3.62 -6.20
C LEU A 19 0.02 4.90 -5.36
N GLN A 20 0.79 5.85 -5.87
CA GLN A 20 1.00 7.12 -5.18
C GLN A 20 0.01 8.17 -5.72
N ASP A 21 -0.66 7.84 -6.80
CA ASP A 21 -1.63 8.75 -7.44
C ASP A 21 -3.01 8.57 -6.80
N PRO A 22 -3.67 9.68 -6.42
CA PRO A 22 -4.99 9.60 -5.76
C PRO A 22 -6.07 9.02 -6.67
N LEU A 23 -6.00 9.35 -7.96
CA LEU A 23 -6.97 8.88 -8.94
C LEU A 23 -6.66 7.42 -9.28
N GLY A 24 -5.36 7.15 -9.47
CA GLY A 24 -4.90 5.81 -9.76
C GLY A 24 -5.26 4.84 -8.66
N LEU A 25 -4.83 5.15 -7.45
CA LEU A 25 -5.09 4.30 -6.28
C LEU A 25 -6.60 4.20 -6.06
N ALA A 26 -7.34 5.23 -6.46
CA ALA A 26 -8.80 5.21 -6.33
C ALA A 26 -9.38 3.98 -7.01
N TYR A 27 -9.11 3.83 -8.30
CA TYR A 27 -9.58 2.66 -9.06
C TYR A 27 -8.89 1.39 -8.59
N PHE A 28 -7.58 1.50 -8.32
CA PHE A 28 -6.77 0.36 -7.93
C PHE A 28 -7.30 -0.30 -6.65
N THR A 29 -7.59 0.52 -5.65
CA THR A 29 -8.08 0.00 -4.38
C THR A 29 -9.48 -0.58 -4.55
N GLU A 30 -10.30 0.06 -5.41
CA GLU A 30 -11.65 -0.43 -5.69
C GLU A 30 -11.60 -1.86 -6.23
N PHE A 31 -10.81 -2.06 -7.28
CA PHE A 31 -10.71 -3.37 -7.95
C PHE A 31 -10.03 -4.39 -7.03
N LEU A 32 -9.31 -3.90 -6.03
CA LEU A 32 -8.62 -4.78 -5.08
C LEU A 32 -9.47 -4.97 -3.82
N LYS A 33 -10.46 -4.10 -3.64
CA LYS A 33 -11.31 -4.12 -2.45
C LYS A 33 -12.56 -4.98 -2.67
N LYS A 34 -12.92 -5.19 -3.94
CA LYS A 34 -14.05 -6.06 -4.30
C LYS A 34 -13.83 -7.48 -3.75
N GLU A 35 -12.56 -7.85 -3.64
CA GLU A 35 -12.16 -9.16 -3.13
C GLU A 35 -11.42 -9.00 -1.80
N PHE A 36 -11.46 -7.78 -1.27
CA PHE A 36 -10.92 -7.44 0.05
C PHE A 36 -9.41 -7.61 0.07
N SER A 37 -8.82 -7.80 -1.09
CA SER A 37 -7.38 -8.01 -1.20
C SER A 37 -6.63 -6.69 -1.07
N ALA A 38 -7.39 -5.60 -0.87
CA ALA A 38 -6.83 -4.26 -0.68
C ALA A 38 -6.07 -4.16 0.64
N GLU A 39 -6.01 -5.27 1.38
CA GLU A 39 -5.29 -5.33 2.64
C GLU A 39 -3.87 -4.81 2.48
N ASN A 40 -3.24 -5.22 1.37
CA ASN A 40 -1.86 -4.86 1.06
C ASN A 40 -1.69 -3.35 0.93
N VAL A 41 -2.50 -2.73 0.07
CA VAL A 41 -2.39 -1.29 -0.19
C VAL A 41 -2.75 -0.50 1.06
N THR A 42 -3.72 -1.00 1.83
CA THR A 42 -4.16 -0.30 3.04
C THR A 42 -3.05 -0.28 4.08
N PHE A 43 -2.33 -1.40 4.19
CA PHE A 43 -1.14 -1.48 5.04
C PHE A 43 -0.12 -0.45 4.59
N TRP A 44 0.09 -0.40 3.28
CA TRP A 44 1.02 0.54 2.66
C TRP A 44 0.64 1.98 3.01
N LYS A 45 -0.67 2.27 3.01
CA LYS A 45 -1.19 3.59 3.39
C LYS A 45 -0.71 3.97 4.79
N ALA A 46 -1.00 3.08 5.74
CA ALA A 46 -0.65 3.30 7.14
C ALA A 46 0.86 3.39 7.30
N CYS A 47 1.59 2.64 6.48
CA CYS A 47 3.05 2.66 6.53
C CYS A 47 3.60 4.03 6.12
N GLU A 48 3.02 4.63 5.09
CA GLU A 48 3.43 5.97 4.66
C GLU A 48 3.12 6.97 5.77
N ARG A 49 2.01 6.78 6.47
CA ARG A 49 1.66 7.58 7.64
C ARG A 49 2.75 7.45 8.70
N PHE A 50 3.28 6.25 8.84
CA PHE A 50 4.25 5.93 9.87
C PHE A 50 5.59 6.60 9.56
N GLN A 51 6.03 6.50 8.31
CA GLN A 51 7.30 7.09 7.88
C GLN A 51 7.17 8.61 7.74
N GLN A 52 5.94 9.10 7.69
CA GLN A 52 5.67 10.53 7.60
C GLN A 52 6.09 11.22 8.90
N ILE A 53 6.19 10.43 9.97
CA ILE A 53 6.65 10.92 11.26
C ILE A 53 8.18 10.97 11.26
N PRO A 54 8.76 12.19 11.36
CA PRO A 54 10.22 12.39 11.27
C PRO A 54 11.02 11.38 12.10
N ALA A 55 10.79 11.37 13.42
CA ALA A 55 11.47 10.44 14.34
C ALA A 55 11.24 10.84 15.80
N SER A 56 11.29 12.14 16.05
CA SER A 56 11.24 12.68 17.41
C SER A 56 9.95 12.31 18.13
N ASP A 57 8.87 12.19 17.36
CA ASP A 57 7.56 11.85 17.93
C ASP A 57 7.46 10.34 18.15
N THR A 58 8.24 9.83 19.09
CA THR A 58 8.26 8.42 19.42
C THR A 58 6.88 7.97 19.91
N GLN A 59 6.22 8.84 20.67
CA GLN A 59 4.87 8.57 21.18
C GLN A 59 3.90 8.36 20.00
N GLN A 60 3.95 9.30 19.05
CA GLN A 60 3.10 9.25 17.87
C GLN A 60 3.40 7.98 17.05
N LEU A 61 4.70 7.68 16.92
CA LEU A 61 5.15 6.47 16.25
C LEU A 61 4.57 5.23 16.91
N ALA A 62 4.57 5.21 18.25
CA ALA A 62 4.07 4.07 19.01
C ALA A 62 2.59 3.84 18.71
N GLN A 63 1.82 4.92 18.67
CA GLN A 63 0.38 4.84 18.40
C GLN A 63 0.12 4.30 16.99
N GLU A 64 0.79 4.88 16.00
CA GLU A 64 0.66 4.44 14.62
C GLU A 64 1.08 2.98 14.49
N ALA A 65 2.20 2.64 15.13
CA ALA A 65 2.75 1.29 15.13
C ALA A 65 1.76 0.30 15.72
N ARG A 66 1.12 0.69 16.83
CA ARG A 66 0.14 -0.16 17.49
C ARG A 66 -1.07 -0.38 16.58
N ASN A 67 -1.54 0.69 15.95
CA ASN A 67 -2.70 0.60 15.07
C ASN A 67 -2.43 -0.39 13.94
N ILE A 68 -1.27 -0.25 13.31
CA ILE A 68 -0.86 -1.13 12.22
C ILE A 68 -0.63 -2.56 12.73
N TYR A 69 0.00 -2.65 13.90
CA TYR A 69 0.32 -3.93 14.52
C TYR A 69 -0.95 -4.76 14.73
N GLN A 70 -1.85 -4.23 15.57
CA GLN A 70 -3.03 -4.96 16.02
C GLN A 70 -4.15 -4.94 14.98
N GLU A 71 -3.81 -4.69 13.72
CA GLU A 71 -4.79 -4.68 12.64
C GLU A 71 -4.30 -5.50 11.44
N PHE A 72 -3.00 -5.43 11.16
CA PHE A 72 -2.43 -6.14 10.02
C PHE A 72 -1.43 -7.21 10.47
N LEU A 73 -0.71 -6.92 11.56
CA LEU A 73 0.48 -7.70 11.93
C LEU A 73 0.28 -8.49 13.22
N SER A 74 -0.95 -8.54 13.70
CA SER A 74 -1.26 -9.26 14.93
C SER A 74 -1.59 -10.72 14.65
N SER A 75 -1.99 -11.45 15.70
CA SER A 75 -2.40 -12.84 15.59
C SER A 75 -3.61 -12.97 14.67
N GLN A 76 -3.33 -13.12 13.38
CA GLN A 76 -4.33 -13.32 12.32
C GLN A 76 -4.84 -11.97 11.85
N ALA A 77 -5.05 -11.07 12.81
CA ALA A 77 -5.39 -9.68 12.54
C ALA A 77 -6.71 -9.52 11.79
N LEU A 78 -7.02 -8.28 11.41
CA LEU A 78 -8.20 -7.97 10.62
C LEU A 78 -7.84 -8.06 9.14
N SER A 79 -6.62 -7.69 8.82
CA SER A 79 -6.10 -7.75 7.47
C SER A 79 -4.66 -8.25 7.47
N PRO A 80 -4.47 -9.59 7.53
CA PRO A 80 -3.13 -10.19 7.56
C PRO A 80 -2.39 -10.02 6.22
N VAL A 81 -1.56 -8.99 6.14
CA VAL A 81 -0.76 -8.74 4.94
C VAL A 81 0.43 -9.70 4.88
N ASN A 82 0.83 -10.06 3.65
CA ASN A 82 1.88 -11.05 3.44
C ASN A 82 3.24 -10.37 3.30
N ILE A 83 4.02 -10.39 4.37
CA ILE A 83 5.36 -9.80 4.40
C ILE A 83 6.29 -10.68 5.24
N ASP A 84 7.50 -10.19 5.50
CA ASP A 84 8.47 -10.90 6.34
C ASP A 84 7.99 -10.92 7.79
N ARG A 85 7.02 -11.78 8.07
CA ARG A 85 6.44 -11.89 9.41
C ARG A 85 7.20 -12.91 10.24
N GLN A 86 7.72 -13.94 9.58
CA GLN A 86 8.47 -14.99 10.26
C GLN A 86 9.81 -14.45 10.77
N ALA A 87 10.34 -13.47 10.05
CA ALA A 87 11.61 -12.84 10.42
C ALA A 87 11.38 -11.40 10.87
N TRP A 88 10.16 -11.12 11.32
CA TRP A 88 9.77 -9.76 11.67
C TRP A 88 10.32 -9.36 13.04
N LEU A 89 10.14 -8.08 13.38
CA LEU A 89 10.66 -7.52 14.63
C LEU A 89 9.81 -7.97 15.82
N GLY A 90 8.50 -7.85 15.68
CA GLY A 90 7.59 -8.25 16.75
C GLY A 90 7.39 -7.14 17.76
N GLU A 91 7.30 -7.53 19.03
CA GLU A 91 7.10 -6.58 20.14
C GLU A 91 8.26 -5.59 20.25
N GLU A 92 9.35 -5.86 19.54
CA GLU A 92 10.51 -4.97 19.51
C GLU A 92 10.09 -3.60 19.00
N VAL A 93 9.09 -3.60 18.12
CA VAL A 93 8.57 -2.36 17.56
C VAL A 93 7.92 -1.51 18.64
N LEU A 94 7.25 -2.18 19.57
CA LEU A 94 6.57 -1.50 20.67
C LEU A 94 7.58 -1.12 21.76
N ALA A 95 8.72 -1.81 21.76
CA ALA A 95 9.80 -1.51 22.69
C ALA A 95 10.45 -0.17 22.35
N GLU A 96 10.75 0.03 21.06
CA GLU A 96 11.34 1.28 20.59
C GLU A 96 10.97 1.52 19.12
N PRO A 97 9.92 2.33 18.85
CA PRO A 97 9.47 2.61 17.49
C PRO A 97 10.31 3.71 16.82
N ARG A 98 10.39 3.63 15.50
CA ARG A 98 11.07 4.63 14.70
C ARG A 98 10.53 4.57 13.27
N PRO A 99 10.58 5.69 12.51
CA PRO A 99 9.94 5.79 11.19
C PRO A 99 10.46 4.76 10.20
N ASP A 100 11.61 4.17 10.51
CA ASP A 100 12.26 3.23 9.60
C ASP A 100 11.87 1.80 9.95
N MET A 101 11.04 1.64 10.97
CA MET A 101 10.61 0.32 11.44
C MET A 101 9.80 -0.39 10.36
N PHE A 102 8.61 0.15 10.08
CA PHE A 102 7.70 -0.46 9.11
C PHE A 102 8.06 -0.03 7.68
N ARG A 103 9.10 0.80 7.56
CA ARG A 103 9.54 1.28 6.25
C ARG A 103 9.91 0.10 5.36
N ALA A 104 10.62 -0.86 5.95
CA ALA A 104 11.05 -2.05 5.23
C ALA A 104 9.85 -2.84 4.73
N GLN A 105 8.88 -3.05 5.62
CA GLN A 105 7.66 -3.79 5.28
C GLN A 105 6.82 -3.02 4.26
N GLN A 106 6.87 -1.69 4.35
CA GLN A 106 6.12 -0.81 3.44
C GLN A 106 6.47 -1.10 1.99
N LEU A 107 7.74 -0.96 1.66
CA LEU A 107 8.19 -1.17 0.29
C LEU A 107 8.07 -2.66 -0.08
N GLN A 108 8.13 -3.52 0.94
CA GLN A 108 8.04 -4.96 0.73
C GLN A 108 6.66 -5.32 0.18
N ILE A 109 5.60 -4.88 0.88
CA ILE A 109 4.23 -5.14 0.46
C ILE A 109 4.01 -4.60 -0.94
N PHE A 110 4.58 -3.43 -1.15
CA PHE A 110 4.61 -2.78 -2.45
C PHE A 110 5.11 -3.76 -3.53
N ASN A 111 6.23 -4.41 -3.25
CA ASN A 111 6.83 -5.37 -4.19
C ASN A 111 5.94 -6.59 -4.41
N LEU A 112 5.24 -7.02 -3.35
CA LEU A 112 4.31 -8.16 -3.46
C LEU A 112 3.22 -7.87 -4.49
N MET A 113 2.40 -6.87 -4.20
CA MET A 113 1.27 -6.53 -5.06
C MET A 113 1.74 -5.94 -6.40
N LYS A 114 3.01 -5.56 -6.46
CA LYS A 114 3.61 -5.03 -7.70
C LYS A 114 3.54 -6.08 -8.83
N PHE A 115 3.65 -7.35 -8.46
CA PHE A 115 3.66 -8.45 -9.44
C PHE A 115 2.34 -9.22 -9.39
N ASP A 116 1.39 -8.73 -8.61
CA ASP A 116 0.13 -9.44 -8.37
C ASP A 116 -1.05 -8.55 -8.69
N SER A 117 -1.44 -7.70 -7.73
CA SER A 117 -2.57 -6.81 -7.90
C SER A 117 -2.37 -5.88 -9.08
N TYR A 118 -1.16 -5.30 -9.17
CA TYR A 118 -0.82 -4.41 -10.26
C TYR A 118 -0.83 -5.15 -11.59
N ALA A 119 -0.21 -6.33 -11.59
CA ALA A 119 -0.11 -7.15 -12.80
C ALA A 119 -1.50 -7.44 -13.36
N ARG A 120 -2.44 -7.75 -12.48
CA ARG A 120 -3.81 -8.05 -12.88
C ARG A 120 -4.58 -6.76 -13.20
N PHE A 121 -4.27 -5.70 -12.46
CA PHE A 121 -5.01 -4.44 -12.60
C PHE A 121 -4.91 -3.87 -14.01
N VAL A 122 -3.73 -3.95 -14.61
CA VAL A 122 -3.53 -3.42 -15.96
C VAL A 122 -4.10 -4.39 -17.02
N LYS A 123 -4.54 -5.56 -16.57
CA LYS A 123 -5.17 -6.56 -17.45
C LYS A 123 -6.63 -6.78 -17.04
N SER A 124 -7.08 -6.01 -16.06
CA SER A 124 -8.41 -6.15 -15.48
C SER A 124 -9.52 -5.80 -16.49
N PRO A 125 -10.73 -6.34 -16.29
CA PRO A 125 -11.92 -5.93 -17.05
C PRO A 125 -12.44 -4.56 -16.58
N LEU A 126 -11.51 -3.65 -16.32
CA LEU A 126 -11.83 -2.29 -15.86
C LEU A 126 -10.89 -1.32 -16.56
N TYR A 127 -9.59 -1.57 -16.41
CA TYR A 127 -8.54 -0.74 -17.04
C TYR A 127 -8.82 -0.57 -18.54
N ARG A 128 -9.19 -1.67 -19.19
CA ARG A 128 -9.51 -1.67 -20.61
C ARG A 128 -10.60 -0.63 -20.94
N GLU A 129 -11.60 -0.55 -20.08
CA GLU A 129 -12.78 0.27 -20.33
C GLU A 129 -12.51 1.74 -19.96
N CYS A 130 -11.61 1.95 -19.01
CA CYS A 130 -11.14 3.29 -18.70
C CYS A 130 -10.30 3.83 -19.86
N LEU A 131 -9.77 2.91 -20.67
CA LEU A 131 -9.03 3.25 -21.87
C LEU A 131 -9.97 3.35 -23.07
N LEU A 132 -10.29 2.20 -23.69
CA LEU A 132 -11.11 2.15 -24.90
C LEU A 132 -11.92 0.86 -24.93
N ALA A 133 -11.24 -0.26 -24.69
CA ALA A 133 -11.86 -1.59 -24.63
C ALA A 133 -12.36 -2.06 -26.00
N GLU A 134 -12.08 -1.28 -27.04
CA GLU A 134 -12.49 -1.64 -28.40
C GLU A 134 -11.44 -2.53 -29.08
N ALA A 135 -10.25 -1.99 -29.31
CA ALA A 135 -9.20 -2.73 -30.01
C ALA A 135 -7.81 -2.33 -29.52
N GLU A 136 -7.55 -1.01 -29.47
CA GLU A 136 -6.25 -0.50 -29.06
C GLU A 136 -5.84 -1.07 -27.70
N SER A 1 4.47 16.60 -8.79
CA SER A 1 5.05 17.02 -10.08
C SER A 1 4.27 18.20 -10.66
N MET A 2 4.77 18.75 -11.76
CA MET A 2 4.11 19.88 -12.43
C MET A 2 2.77 19.45 -13.05
N THR A 3 1.96 20.43 -13.40
CA THR A 3 0.65 20.17 -13.97
C THR A 3 0.77 19.37 -15.28
N GLU A 4 -0.18 18.45 -15.50
CA GLU A 4 -0.12 17.44 -16.57
C GLU A 4 1.29 16.96 -16.87
N GLU A 5 1.69 15.97 -16.10
CA GLU A 5 2.99 15.32 -16.28
C GLU A 5 2.86 14.21 -17.33
N GLN A 6 1.94 13.29 -17.08
CA GLN A 6 1.65 12.21 -18.02
C GLN A 6 0.29 11.62 -17.67
N PRO A 7 -0.55 11.30 -18.69
CA PRO A 7 -1.92 10.79 -18.49
C PRO A 7 -2.00 9.60 -17.53
N VAL A 8 -3.22 9.27 -17.10
CA VAL A 8 -3.44 8.20 -16.11
C VAL A 8 -2.98 6.84 -16.62
N ALA A 9 -2.78 6.72 -17.93
CA ALA A 9 -2.30 5.48 -18.53
C ALA A 9 -0.94 5.08 -17.96
N SER A 10 -0.27 6.05 -17.34
CA SER A 10 1.02 5.85 -16.71
C SER A 10 0.98 4.71 -15.67
N TRP A 11 -0.22 4.41 -15.17
CA TRP A 11 -0.40 3.30 -14.23
C TRP A 11 0.18 2.02 -14.82
N ALA A 12 -0.11 1.81 -16.11
CA ALA A 12 0.26 0.57 -16.79
C ALA A 12 1.70 0.63 -17.29
N LEU A 13 2.39 1.72 -16.98
CA LEU A 13 3.79 1.88 -17.35
C LEU A 13 4.70 1.57 -16.17
N SER A 14 4.23 1.87 -14.97
CA SER A 14 5.03 1.69 -13.76
C SER A 14 4.12 1.52 -12.53
N PHE A 15 4.45 0.55 -11.68
CA PHE A 15 3.59 0.21 -10.54
C PHE A 15 3.65 1.29 -9.44
N GLU A 16 4.85 1.68 -9.04
CA GLU A 16 5.02 2.68 -7.98
C GLU A 16 4.31 3.98 -8.36
N ARG A 17 4.26 4.26 -9.67
CA ARG A 17 3.56 5.44 -10.19
C ARG A 17 2.06 5.29 -9.91
N LEU A 18 1.52 4.13 -10.26
CA LEU A 18 0.13 3.78 -9.97
C LEU A 18 -0.14 3.85 -8.47
N LEU A 19 0.78 3.30 -7.71
CA LEU A 19 0.61 3.10 -6.27
C LEU A 19 0.85 4.40 -5.51
N GLN A 20 1.47 5.38 -6.15
CA GLN A 20 1.70 6.68 -5.54
C GLN A 20 0.65 7.69 -6.00
N ASP A 21 0.07 7.46 -7.18
CA ASP A 21 -0.94 8.35 -7.74
C ASP A 21 -2.24 8.25 -6.93
N PRO A 22 -2.85 9.41 -6.57
CA PRO A 22 -4.07 9.42 -5.76
C PRO A 22 -5.21 8.59 -6.37
N LEU A 23 -5.51 8.85 -7.64
CA LEU A 23 -6.59 8.15 -8.32
C LEU A 23 -6.20 6.70 -8.58
N GLY A 24 -4.93 6.51 -8.93
CA GLY A 24 -4.42 5.18 -9.18
C GLY A 24 -4.58 4.27 -7.99
N LEU A 25 -4.00 4.68 -6.86
CA LEU A 25 -4.05 3.91 -5.62
C LEU A 25 -5.51 3.68 -5.20
N ALA A 26 -6.32 4.73 -5.33
CA ALA A 26 -7.72 4.68 -4.91
C ALA A 26 -8.47 3.56 -5.64
N TYR A 27 -8.45 3.61 -6.97
CA TYR A 27 -9.13 2.59 -7.78
C TYR A 27 -8.47 1.22 -7.57
N PHE A 28 -7.15 1.22 -7.52
CA PHE A 28 -6.38 0.00 -7.30
C PHE A 28 -6.82 -0.66 -5.98
N THR A 29 -7.12 0.16 -4.99
CA THR A 29 -7.62 -0.32 -3.71
C THR A 29 -9.05 -0.86 -3.86
N GLU A 30 -9.90 -0.10 -4.55
CA GLU A 30 -11.30 -0.48 -4.76
C GLU A 30 -11.40 -1.88 -5.39
N PHE A 31 -10.69 -2.07 -6.50
CA PHE A 31 -10.66 -3.37 -7.18
C PHE A 31 -10.18 -4.46 -6.22
N LEU A 32 -9.07 -4.17 -5.54
CA LEU A 32 -8.38 -5.15 -4.69
C LEU A 32 -9.22 -5.48 -3.45
N LYS A 33 -10.13 -4.59 -3.07
CA LYS A 33 -11.04 -4.85 -1.95
C LYS A 33 -12.13 -5.82 -2.38
N LYS A 34 -12.48 -5.79 -3.67
CA LYS A 34 -13.55 -6.63 -4.20
C LYS A 34 -13.16 -8.10 -4.14
N GLU A 35 -11.91 -8.39 -4.50
CA GLU A 35 -11.39 -9.76 -4.45
C GLU A 35 -10.90 -10.11 -3.04
N PHE A 36 -10.93 -9.10 -2.17
CA PHE A 36 -10.44 -9.23 -0.79
C PHE A 36 -8.97 -9.61 -0.77
N SER A 37 -8.13 -8.63 -1.04
CA SER A 37 -6.69 -8.77 -0.91
C SER A 37 -6.07 -7.38 -0.72
N ALA A 38 -6.92 -6.42 -0.32
CA ALA A 38 -6.52 -5.03 -0.17
C ALA A 38 -5.63 -4.83 1.04
N GLU A 39 -5.47 -5.91 1.81
CA GLU A 39 -4.64 -5.90 3.01
C GLU A 39 -3.23 -5.43 2.66
N ASN A 40 -2.82 -5.75 1.44
CA ASN A 40 -1.51 -5.35 0.93
C ASN A 40 -1.42 -3.82 0.80
N VAL A 41 -2.34 -3.24 0.02
CA VAL A 41 -2.29 -1.81 -0.27
C VAL A 41 -2.51 -0.97 0.99
N THR A 42 -3.42 -1.38 1.85
CA THR A 42 -3.71 -0.63 3.05
C THR A 42 -2.53 -0.71 4.03
N PHE A 43 -1.88 -1.87 4.10
CA PHE A 43 -0.65 -2.02 4.88
C PHE A 43 0.44 -1.09 4.32
N TRP A 44 0.55 -1.07 2.99
CA TRP A 44 1.51 -0.21 2.30
C TRP A 44 1.20 1.26 2.61
N LYS A 45 -0.08 1.60 2.55
CA LYS A 45 -0.55 2.97 2.82
C LYS A 45 -0.29 3.36 4.28
N ALA A 46 -0.41 2.38 5.16
CA ALA A 46 -0.20 2.61 6.59
C ALA A 46 1.25 2.98 6.86
N CYS A 47 2.18 2.25 6.24
CA CYS A 47 3.61 2.53 6.38
C CYS A 47 3.97 3.79 5.59
N GLU A 48 3.22 4.06 4.52
CA GLU A 48 3.38 5.29 3.75
C GLU A 48 3.02 6.49 4.63
N ARG A 49 2.07 6.29 5.56
CA ARG A 49 1.76 7.32 6.55
C ARG A 49 2.98 7.64 7.40
N PHE A 50 3.68 6.57 7.82
CA PHE A 50 4.86 6.69 8.67
C PHE A 50 5.89 7.64 8.05
N GLN A 51 5.97 7.58 6.73
CA GLN A 51 6.89 8.42 5.97
C GLN A 51 6.64 9.91 6.25
N GLN A 52 5.36 10.26 6.35
CA GLN A 52 4.96 11.66 6.54
C GLN A 52 4.95 12.06 8.02
N ILE A 53 4.94 11.08 8.92
CA ILE A 53 4.91 11.37 10.35
C ILE A 53 6.32 11.69 10.86
N PRO A 54 6.54 12.93 11.33
CA PRO A 54 7.86 13.37 11.83
C PRO A 54 8.25 12.65 13.13
N ALA A 55 9.56 12.50 13.34
CA ALA A 55 10.09 11.86 14.54
C ALA A 55 9.65 12.60 15.79
N SER A 56 9.39 13.90 15.63
CA SER A 56 8.91 14.75 16.71
C SER A 56 7.64 14.17 17.34
N ASP A 57 6.80 13.59 16.49
CA ASP A 57 5.54 13.00 16.94
C ASP A 57 5.74 11.53 17.29
N THR A 58 6.71 11.26 18.16
CA THR A 58 7.01 9.90 18.60
C THR A 58 5.76 9.21 19.15
N GLN A 59 4.96 9.98 19.89
CA GLN A 59 3.72 9.48 20.48
C GLN A 59 2.73 9.06 19.39
N GLN A 60 2.72 9.80 18.29
CA GLN A 60 1.86 9.50 17.15
C GLN A 60 2.36 8.25 16.43
N LEU A 61 3.68 8.16 16.29
CA LEU A 61 4.32 7.00 15.69
C LEU A 61 3.93 5.73 16.44
N ALA A 62 3.88 5.82 17.76
CA ALA A 62 3.51 4.69 18.61
C ALA A 62 2.09 4.22 18.32
N GLN A 63 1.16 5.17 18.25
CA GLN A 63 -0.25 4.84 18.04
C GLN A 63 -0.48 4.30 16.63
N GLU A 64 0.22 4.87 15.65
CA GLU A 64 0.11 4.43 14.26
C GLU A 64 0.72 3.04 14.11
N ALA A 65 1.89 2.83 14.71
CA ALA A 65 2.54 1.51 14.71
C ALA A 65 1.62 0.46 15.29
N ARG A 66 0.95 0.82 16.38
CA ARG A 66 -0.02 -0.05 17.03
C ARG A 66 -1.25 -0.24 16.15
N ASN A 67 -1.60 0.80 15.40
CA ASN A 67 -2.74 0.76 14.48
C ASN A 67 -2.45 -0.19 13.32
N ILE A 68 -1.20 -0.20 12.87
CA ILE A 68 -0.76 -1.14 11.84
C ILE A 68 -0.68 -2.56 12.43
N TYR A 69 -0.12 -2.63 13.64
CA TYR A 69 0.13 -3.89 14.31
C TYR A 69 -1.17 -4.65 14.58
N GLN A 70 -2.07 -4.02 15.32
CA GLN A 70 -3.27 -4.70 15.82
C GLN A 70 -4.36 -4.84 14.74
N GLU A 71 -3.96 -4.83 13.47
CA GLU A 71 -4.90 -5.07 12.38
C GLU A 71 -4.27 -5.97 11.32
N PHE A 72 -2.98 -5.79 11.05
CA PHE A 72 -2.28 -6.56 10.02
C PHE A 72 -1.25 -7.52 10.63
N LEU A 73 -0.74 -7.17 11.81
CA LEU A 73 0.44 -7.84 12.36
C LEU A 73 0.16 -8.48 13.71
N SER A 74 -1.08 -8.41 14.18
CA SER A 74 -1.46 -9.02 15.45
C SER A 74 -1.68 -10.53 15.29
N SER A 75 -1.53 -11.28 16.38
CA SER A 75 -1.64 -12.74 16.34
C SER A 75 -3.03 -13.15 15.82
N GLN A 76 -4.03 -12.32 16.09
CA GLN A 76 -5.39 -12.56 15.61
C GLN A 76 -5.85 -11.41 14.73
N ALA A 77 -4.94 -10.95 13.87
CA ALA A 77 -5.25 -9.90 12.90
C ALA A 77 -6.34 -10.35 11.93
N LEU A 78 -6.79 -9.43 11.07
CA LEU A 78 -7.77 -9.77 10.04
C LEU A 78 -7.13 -10.72 9.03
N SER A 79 -6.02 -10.26 8.47
CA SER A 79 -5.21 -11.06 7.55
C SER A 79 -3.73 -10.78 7.80
N PRO A 80 -3.01 -11.69 8.46
CA PRO A 80 -1.58 -11.54 8.71
C PRO A 80 -0.81 -11.45 7.39
N VAL A 81 -0.36 -10.24 7.04
CA VAL A 81 0.32 -10.00 5.77
C VAL A 81 1.52 -10.94 5.58
N ASN A 82 1.76 -11.31 4.33
CA ASN A 82 2.69 -12.38 3.97
C ASN A 82 4.16 -12.02 4.24
N ILE A 83 4.40 -10.90 4.92
CA ILE A 83 5.76 -10.49 5.26
C ILE A 83 6.45 -11.53 6.16
N ASP A 84 7.78 -11.48 6.22
CA ASP A 84 8.54 -12.37 7.08
C ASP A 84 8.48 -11.90 8.53
N ARG A 85 7.63 -12.53 9.34
CA ARG A 85 7.52 -12.18 10.75
C ARG A 85 8.72 -12.73 11.54
N GLN A 86 9.43 -13.67 10.93
CA GLN A 86 10.58 -14.31 11.56
C GLN A 86 11.70 -13.31 11.81
N ALA A 87 11.97 -12.48 10.80
CA ALA A 87 13.04 -11.48 10.87
C ALA A 87 12.45 -10.08 11.06
N TRP A 88 11.23 -10.04 11.60
CA TRP A 88 10.50 -8.80 11.75
C TRP A 88 11.04 -8.00 12.94
N LEU A 89 10.56 -6.77 13.10
CA LEU A 89 11.01 -5.87 14.18
C LEU A 89 10.79 -6.52 15.55
N GLY A 90 9.52 -6.74 15.88
CA GLY A 90 9.17 -7.37 17.14
C GLY A 90 8.19 -6.53 17.94
N GLU A 91 7.74 -7.08 19.07
CA GLU A 91 6.80 -6.40 19.96
C GLU A 91 7.42 -5.10 20.52
N GLU A 92 8.74 -4.99 20.38
CA GLU A 92 9.49 -3.86 20.89
C GLU A 92 9.09 -2.57 20.18
N VAL A 93 8.58 -2.70 18.95
CA VAL A 93 8.20 -1.53 18.17
C VAL A 93 6.99 -0.82 18.78
N LEU A 94 6.21 -1.58 19.56
CA LEU A 94 5.05 -1.01 20.27
C LEU A 94 5.54 -0.10 21.40
N ALA A 95 6.74 -0.36 21.88
CA ALA A 95 7.33 0.42 22.96
C ALA A 95 8.08 1.63 22.42
N GLU A 96 9.00 1.40 21.48
CA GLU A 96 9.84 2.45 20.91
C GLU A 96 9.67 2.53 19.39
N PRO A 97 8.87 3.49 18.90
CA PRO A 97 8.63 3.68 17.47
C PRO A 97 9.61 4.67 16.82
N ARG A 98 9.55 4.78 15.49
CA ARG A 98 10.41 5.68 14.73
C ARG A 98 9.79 5.95 13.37
N PRO A 99 10.10 7.11 12.74
CA PRO A 99 9.51 7.50 11.45
C PRO A 99 9.92 6.57 10.30
N ASP A 100 10.99 5.82 10.52
CA ASP A 100 11.48 4.86 9.54
C ASP A 100 11.23 3.45 10.05
N MET A 101 9.99 2.99 9.94
CA MET A 101 9.60 1.70 10.48
C MET A 101 8.61 1.00 9.56
N PHE A 102 8.67 -0.34 9.56
CA PHE A 102 7.79 -1.20 8.78
C PHE A 102 7.98 -1.03 7.27
N ARG A 103 8.84 -0.11 6.86
CA ARG A 103 9.04 0.19 5.44
C ARG A 103 9.72 -0.98 4.71
N ALA A 104 10.52 -1.74 5.44
CA ALA A 104 11.17 -2.93 4.87
C ALA A 104 10.11 -3.93 4.45
N GLN A 105 9.08 -4.07 5.29
CA GLN A 105 7.98 -4.99 5.02
C GLN A 105 7.01 -4.36 4.02
N GLN A 106 6.91 -3.03 4.08
CA GLN A 106 6.08 -2.27 3.16
C GLN A 106 6.49 -2.57 1.72
N LEU A 107 7.79 -2.55 1.47
CA LEU A 107 8.32 -2.80 0.14
C LEU A 107 8.10 -4.27 -0.26
N GLN A 108 8.05 -5.15 0.73
CA GLN A 108 7.79 -6.57 0.46
C GLN A 108 6.38 -6.76 -0.07
N ILE A 109 5.42 -6.05 0.52
CA ILE A 109 4.04 -6.03 0.03
C ILE A 109 4.01 -5.42 -1.37
N PHE A 110 4.79 -4.36 -1.55
CA PHE A 110 4.93 -3.70 -2.84
C PHE A 110 5.31 -4.71 -3.92
N ASN A 111 6.37 -5.48 -3.64
CA ASN A 111 6.88 -6.47 -4.58
C ASN A 111 5.87 -7.61 -4.78
N LEU A 112 5.17 -7.96 -3.72
CA LEU A 112 4.21 -9.06 -3.75
C LEU A 112 3.15 -8.82 -4.82
N MET A 113 2.63 -7.60 -4.86
CA MET A 113 1.56 -7.26 -5.81
C MET A 113 2.12 -6.48 -7.01
N LYS A 114 3.43 -6.33 -7.05
CA LYS A 114 4.11 -5.51 -8.07
C LYS A 114 3.81 -6.00 -9.49
N PHE A 115 3.72 -7.32 -9.66
CA PHE A 115 3.46 -7.89 -10.97
C PHE A 115 2.33 -8.93 -10.88
N ASP A 116 1.47 -8.75 -9.89
CA ASP A 116 0.36 -9.67 -9.64
C ASP A 116 -0.96 -8.91 -9.65
N SER A 117 -1.27 -8.27 -8.52
CA SER A 117 -2.45 -7.43 -8.42
C SER A 117 -2.36 -6.29 -9.45
N TYR A 118 -1.16 -5.74 -9.60
CA TYR A 118 -0.87 -4.75 -10.63
C TYR A 118 -1.23 -5.28 -12.01
N ALA A 119 -0.74 -6.47 -12.32
CA ALA A 119 -0.97 -7.09 -13.63
C ALA A 119 -2.46 -7.31 -13.86
N ARG A 120 -3.18 -7.63 -12.80
CA ARG A 120 -4.62 -7.90 -12.87
C ARG A 120 -5.42 -6.60 -12.89
N PHE A 121 -4.87 -5.56 -12.28
CA PHE A 121 -5.49 -4.25 -12.23
C PHE A 121 -5.73 -3.72 -13.64
N VAL A 122 -4.65 -3.66 -14.43
CA VAL A 122 -4.73 -3.13 -15.80
C VAL A 122 -5.61 -4.01 -16.69
N LYS A 123 -5.81 -5.26 -16.27
CA LYS A 123 -6.67 -6.20 -17.00
C LYS A 123 -8.14 -5.92 -16.72
N SER A 124 -8.42 -5.33 -15.56
CA SER A 124 -9.78 -4.99 -15.17
C SER A 124 -10.38 -3.97 -16.13
N PRO A 125 -11.55 -4.31 -16.75
CA PRO A 125 -12.18 -3.47 -17.77
C PRO A 125 -12.45 -2.04 -17.29
N LEU A 126 -12.64 -1.89 -15.98
CA LEU A 126 -12.94 -0.59 -15.37
C LEU A 126 -11.85 0.44 -15.70
N TYR A 127 -10.65 -0.07 -16.01
CA TYR A 127 -9.51 0.77 -16.35
C TYR A 127 -9.88 1.75 -17.47
N ARG A 128 -10.61 1.25 -18.47
CA ARG A 128 -10.93 2.06 -19.65
C ARG A 128 -11.93 3.15 -19.31
N GLU A 129 -12.81 2.89 -18.32
CA GLU A 129 -13.78 3.90 -17.86
C GLU A 129 -13.05 5.13 -17.32
N CYS A 130 -11.85 4.92 -16.80
CA CYS A 130 -11.05 6.01 -16.23
C CYS A 130 -10.25 6.75 -17.30
N LEU A 131 -9.75 6.00 -18.28
CA LEU A 131 -8.89 6.57 -19.32
C LEU A 131 -9.71 7.01 -20.53
N LEU A 132 -10.41 6.07 -21.15
CA LEU A 132 -11.17 6.34 -22.39
C LEU A 132 -12.60 6.79 -22.08
N ALA A 133 -13.08 6.42 -20.89
CA ALA A 133 -14.46 6.70 -20.47
C ALA A 133 -15.47 6.00 -21.37
N GLU A 134 -15.71 6.56 -22.55
CA GLU A 134 -16.69 6.02 -23.50
C GLU A 134 -16.00 5.56 -24.79
N ALA A 135 -14.75 5.99 -24.99
CA ALA A 135 -14.01 5.66 -26.20
C ALA A 135 -13.60 4.17 -26.20
N GLU A 136 -14.50 3.34 -26.72
CA GLU A 136 -14.26 1.89 -26.82
C GLU A 136 -14.23 1.25 -25.44
N SER A 1 8.73 3.29 -26.46
CA SER A 1 7.93 2.65 -25.39
C SER A 1 8.44 3.11 -24.02
N MET A 2 7.90 2.51 -22.96
CA MET A 2 8.24 2.86 -21.57
C MET A 2 7.70 4.25 -21.22
N THR A 3 6.66 4.65 -21.95
CA THR A 3 5.97 5.91 -21.71
C THR A 3 4.59 5.87 -22.36
N GLU A 4 4.52 5.17 -23.51
CA GLU A 4 3.27 4.90 -24.22
C GLU A 4 2.48 6.19 -24.50
N GLU A 5 1.66 6.59 -23.54
CA GLU A 5 0.70 7.68 -23.73
C GLU A 5 0.80 8.70 -22.59
N GLN A 6 0.42 9.94 -22.88
CA GLN A 6 0.41 11.01 -21.89
C GLN A 6 -0.69 10.80 -20.82
N PRO A 7 -1.93 10.40 -21.22
CA PRO A 7 -3.02 10.15 -20.27
C PRO A 7 -2.69 9.12 -19.17
N VAL A 8 -3.71 8.76 -18.39
CA VAL A 8 -3.57 7.89 -17.23
C VAL A 8 -2.91 6.54 -17.55
N ALA A 9 -2.79 6.23 -18.84
CA ALA A 9 -2.15 4.97 -19.29
C ALA A 9 -0.78 4.78 -18.65
N SER A 10 -0.19 5.88 -18.16
CA SER A 10 1.11 5.84 -17.50
C SER A 10 1.13 4.90 -16.29
N TRP A 11 -0.07 4.55 -15.78
CA TRP A 11 -0.18 3.62 -14.67
C TRP A 11 0.54 2.30 -14.98
N ALA A 12 0.39 1.84 -16.23
CA ALA A 12 0.90 0.55 -16.65
C ALA A 12 2.43 0.56 -16.81
N LEU A 13 3.03 1.69 -16.50
CA LEU A 13 4.49 1.84 -16.58
C LEU A 13 5.14 1.59 -15.23
N SER A 14 4.49 2.06 -14.17
CA SER A 14 5.06 1.97 -12.82
C SER A 14 3.96 1.89 -11.78
N PHE A 15 4.08 0.89 -10.91
CA PHE A 15 3.07 0.62 -9.89
C PHE A 15 2.97 1.78 -8.90
N GLU A 16 4.11 2.30 -8.48
CA GLU A 16 4.16 3.43 -7.56
C GLU A 16 3.32 4.60 -8.09
N ARG A 17 3.49 4.92 -9.37
CA ARG A 17 2.75 6.02 -9.97
C ARG A 17 1.24 5.77 -9.96
N LEU A 18 0.87 4.50 -10.15
CA LEU A 18 -0.53 4.08 -10.05
C LEU A 18 -1.01 4.19 -8.60
N LEU A 19 -0.15 3.73 -7.71
CA LEU A 19 -0.48 3.57 -6.30
C LEU A 19 -0.45 4.90 -5.56
N GLN A 20 0.21 5.89 -6.16
CA GLN A 20 0.29 7.23 -5.59
C GLN A 20 -0.75 8.14 -6.27
N ASP A 21 -1.39 7.61 -7.31
CA ASP A 21 -2.39 8.37 -8.07
C ASP A 21 -3.75 8.30 -7.37
N PRO A 22 -4.42 9.45 -7.16
CA PRO A 22 -5.74 9.48 -6.52
C PRO A 22 -6.75 8.57 -7.22
N LEU A 23 -6.86 8.73 -8.54
CA LEU A 23 -7.78 7.92 -9.34
C LEU A 23 -7.26 6.49 -9.43
N GLY A 24 -5.96 6.38 -9.63
CA GLY A 24 -5.31 5.09 -9.74
C GLY A 24 -5.58 4.20 -8.56
N LEU A 25 -5.18 4.64 -7.38
CA LEU A 25 -5.35 3.89 -6.14
C LEU A 25 -6.85 3.61 -5.90
N ALA A 26 -7.69 4.59 -6.21
CA ALA A 26 -9.13 4.47 -6.00
C ALA A 26 -9.70 3.28 -6.76
N TYR A 27 -9.47 3.23 -8.07
CA TYR A 27 -9.98 2.16 -8.91
C TYR A 27 -9.21 0.87 -8.68
N PHE A 28 -7.92 1.01 -8.36
CA PHE A 28 -7.06 -0.13 -8.07
C PHE A 28 -7.57 -0.87 -6.83
N THR A 29 -7.91 -0.11 -5.78
CA THR A 29 -8.39 -0.71 -4.54
C THR A 29 -9.81 -1.24 -4.72
N GLU A 30 -10.54 -0.71 -5.71
CA GLU A 30 -11.86 -1.24 -6.05
C GLU A 30 -11.76 -2.72 -6.42
N PHE A 31 -10.94 -3.03 -7.42
CA PHE A 31 -10.74 -4.41 -7.83
C PHE A 31 -10.04 -5.22 -6.74
N LEU A 32 -9.08 -4.59 -6.09
CA LEU A 32 -8.29 -5.24 -5.04
C LEU A 32 -9.16 -5.56 -3.81
N LYS A 33 -10.21 -4.77 -3.60
CA LYS A 33 -11.16 -5.03 -2.52
C LYS A 33 -12.28 -5.95 -3.03
N LYS A 34 -12.46 -5.96 -4.35
CA LYS A 34 -13.44 -6.82 -5.00
C LYS A 34 -13.05 -8.28 -4.81
N GLU A 35 -11.75 -8.54 -4.85
CA GLU A 35 -11.20 -9.87 -4.59
C GLU A 35 -10.95 -10.05 -3.08
N PHE A 36 -11.05 -8.93 -2.35
CA PHE A 36 -10.81 -8.87 -0.91
C PHE A 36 -9.33 -9.10 -0.62
N SER A 37 -8.54 -8.07 -0.91
CA SER A 37 -7.10 -8.09 -0.66
C SER A 37 -6.56 -6.68 -0.55
N ALA A 38 -7.47 -5.69 -0.39
CA ALA A 38 -7.09 -4.28 -0.36
C ALA A 38 -6.49 -3.89 0.99
N GLU A 39 -6.34 -4.89 1.85
CA GLU A 39 -5.75 -4.71 3.17
C GLU A 39 -4.25 -4.46 3.05
N ASN A 40 -3.72 -4.77 1.87
CA ASN A 40 -2.31 -4.59 1.57
C ASN A 40 -1.98 -3.10 1.34
N VAL A 41 -2.85 -2.40 0.62
CA VAL A 41 -2.62 -1.01 0.26
C VAL A 41 -2.85 -0.08 1.45
N THR A 42 -3.78 -0.44 2.33
CA THR A 42 -4.02 0.35 3.53
C THR A 42 -2.84 0.19 4.49
N PHE A 43 -2.29 -1.04 4.57
CA PHE A 43 -1.06 -1.28 5.32
C PHE A 43 0.08 -0.47 4.70
N TRP A 44 0.15 -0.49 3.38
CA TRP A 44 1.17 0.24 2.62
C TRP A 44 1.14 1.73 2.96
N LYS A 45 -0.02 2.36 2.76
CA LYS A 45 -0.17 3.80 3.00
C LYS A 45 -0.04 4.11 4.49
N ALA A 46 -0.37 3.13 5.35
CA ALA A 46 -0.23 3.31 6.79
C ALA A 46 1.23 3.55 7.15
N CYS A 47 2.10 2.65 6.68
CA CYS A 47 3.54 2.79 6.93
C CYS A 47 4.09 3.99 6.16
N GLU A 48 3.44 4.32 5.05
CA GLU A 48 3.80 5.49 4.25
C GLU A 48 3.56 6.76 5.06
N ARG A 49 2.45 6.78 5.81
CA ARG A 49 2.12 7.91 6.68
C ARG A 49 2.88 7.81 8.00
N PHE A 50 3.40 6.62 8.30
CA PHE A 50 4.19 6.39 9.51
C PHE A 50 5.55 7.06 9.39
N GLN A 51 6.19 6.92 8.23
CA GLN A 51 7.48 7.56 7.98
C GLN A 51 7.32 9.08 7.84
N GLN A 52 6.08 9.50 7.58
CA GLN A 52 5.74 10.92 7.46
C GLN A 52 5.94 11.62 8.80
N ILE A 53 5.87 10.86 9.89
CA ILE A 53 6.11 11.39 11.22
C ILE A 53 7.60 11.74 11.36
N PRO A 54 7.93 13.00 11.75
CA PRO A 54 9.32 13.49 11.78
C PRO A 54 10.12 12.96 12.97
N ALA A 55 9.75 11.78 13.46
CA ALA A 55 10.43 11.13 14.60
C ALA A 55 10.11 11.82 15.94
N SER A 56 10.04 13.15 15.92
CA SER A 56 9.77 13.95 17.10
C SER A 56 8.56 13.45 17.88
N ASP A 57 7.50 13.08 17.15
CA ASP A 57 6.29 12.57 17.77
C ASP A 57 6.45 11.08 18.07
N THR A 58 7.30 10.77 19.04
CA THR A 58 7.58 9.38 19.40
C THR A 58 6.32 8.72 19.93
N GLN A 59 5.50 9.49 20.64
CA GLN A 59 4.22 9.00 21.16
C GLN A 59 3.29 8.61 20.01
N GLN A 60 3.33 9.40 18.92
CA GLN A 60 2.49 9.13 17.77
C GLN A 60 3.01 7.90 17.04
N LEU A 61 4.34 7.76 17.02
CA LEU A 61 4.97 6.57 16.45
C LEU A 61 4.47 5.32 17.16
N ALA A 62 4.41 5.40 18.49
CA ALA A 62 3.92 4.29 19.31
C ALA A 62 2.47 3.95 18.98
N GLN A 63 1.61 4.98 19.03
CA GLN A 63 0.18 4.81 18.76
C GLN A 63 -0.05 4.23 17.36
N GLU A 64 0.62 4.83 16.37
CA GLU A 64 0.47 4.44 14.96
C GLU A 64 0.97 3.01 14.74
N ALA A 65 2.22 2.77 15.13
CA ALA A 65 2.84 1.45 14.96
C ALA A 65 2.01 0.36 15.62
N ARG A 66 1.48 0.67 16.80
CA ARG A 66 0.66 -0.28 17.55
C ARG A 66 -0.63 -0.57 16.79
N ASN A 67 -1.23 0.46 16.21
CA ASN A 67 -2.48 0.33 15.48
C ASN A 67 -2.29 -0.56 14.26
N ILE A 68 -1.26 -0.26 13.47
CA ILE A 68 -0.90 -1.06 12.31
C ILE A 68 -0.56 -2.48 12.74
N TYR A 69 0.17 -2.57 13.86
CA TYR A 69 0.57 -3.85 14.44
C TYR A 69 -0.63 -4.75 14.70
N GLN A 70 -1.55 -4.25 15.52
CA GLN A 70 -2.69 -5.04 15.97
C GLN A 70 -3.62 -5.44 14.82
N GLU A 71 -3.67 -4.63 13.77
CA GLU A 71 -4.65 -4.82 12.71
C GLU A 71 -4.12 -5.66 11.56
N PHE A 72 -2.84 -5.50 11.20
CA PHE A 72 -2.29 -6.17 10.02
C PHE A 72 -1.15 -7.12 10.39
N LEU A 73 -0.49 -6.86 11.50
CA LEU A 73 0.81 -7.49 11.77
C LEU A 73 0.78 -8.45 12.96
N SER A 74 -0.26 -8.38 13.80
CA SER A 74 -0.33 -9.22 14.98
C SER A 74 -0.49 -10.70 14.58
N SER A 75 -0.23 -11.59 15.52
CA SER A 75 -0.31 -13.04 15.27
C SER A 75 -1.65 -13.44 14.66
N GLN A 76 -2.71 -12.71 15.02
CA GLN A 76 -4.05 -12.96 14.47
C GLN A 76 -4.41 -11.87 13.47
N ALA A 77 -4.56 -10.64 13.97
CA ALA A 77 -4.91 -9.48 13.15
C ALA A 77 -6.29 -9.65 12.51
N LEU A 78 -6.75 -8.60 11.83
CA LEU A 78 -8.01 -8.65 11.10
C LEU A 78 -7.75 -9.24 9.72
N SER A 79 -6.60 -8.90 9.16
CA SER A 79 -6.14 -9.45 7.89
C SER A 79 -4.61 -9.43 7.86
N PRO A 80 -3.96 -10.52 8.33
CA PRO A 80 -2.50 -10.61 8.40
C PRO A 80 -1.84 -10.48 7.02
N VAL A 81 -0.95 -9.50 6.88
CA VAL A 81 -0.24 -9.26 5.63
C VAL A 81 0.92 -10.23 5.42
N ASN A 82 1.14 -11.08 6.42
CA ASN A 82 2.13 -12.17 6.37
C ASN A 82 3.57 -11.63 6.45
N ILE A 83 4.05 -11.06 5.34
CA ILE A 83 5.43 -10.54 5.21
C ILE A 83 6.46 -11.44 5.92
N ASP A 84 7.58 -10.85 6.34
CA ASP A 84 8.68 -11.60 6.96
C ASP A 84 8.51 -11.76 8.47
N ARG A 85 7.25 -11.92 8.91
CA ARG A 85 6.96 -12.03 10.34
C ARG A 85 7.58 -13.28 10.97
N GLN A 86 8.12 -14.17 10.14
CA GLN A 86 8.83 -15.36 10.62
C GLN A 86 10.03 -14.95 11.49
N ALA A 87 10.50 -13.73 11.25
CA ALA A 87 11.58 -13.14 12.03
C ALA A 87 11.34 -11.65 12.18
N TRP A 88 10.23 -11.31 12.84
CA TRP A 88 9.76 -9.94 12.93
C TRP A 88 10.34 -9.21 14.15
N LEU A 89 9.94 -7.96 14.34
CA LEU A 89 10.53 -7.10 15.38
C LEU A 89 9.44 -6.33 16.12
N GLY A 90 8.26 -6.92 16.22
CA GLY A 90 7.11 -6.23 16.80
C GLY A 90 7.32 -5.80 18.23
N GLU A 91 7.60 -6.78 19.09
CA GLU A 91 7.76 -6.52 20.52
C GLU A 91 8.89 -5.52 20.77
N GLU A 92 9.72 -5.28 19.75
CA GLU A 92 10.80 -4.31 19.86
C GLU A 92 10.29 -2.92 19.51
N VAL A 93 9.56 -2.81 18.38
CA VAL A 93 9.10 -1.52 17.88
C VAL A 93 8.09 -0.86 18.84
N LEU A 94 7.31 -1.69 19.55
CA LEU A 94 6.33 -1.17 20.51
C LEU A 94 7.05 -0.46 21.67
N ALA A 95 8.26 -0.91 21.95
CA ALA A 95 9.07 -0.32 23.02
C ALA A 95 10.01 0.77 22.48
N GLU A 96 10.47 0.57 21.25
CA GLU A 96 11.38 1.49 20.59
C GLU A 96 10.87 1.83 19.19
N PRO A 97 9.90 2.76 19.09
CA PRO A 97 9.33 3.17 17.82
C PRO A 97 10.17 4.24 17.13
N ARG A 98 10.22 4.17 15.81
CA ARG A 98 10.95 5.13 15.00
C ARG A 98 10.37 5.10 13.59
N PRO A 99 10.39 6.24 12.86
CA PRO A 99 9.82 6.32 11.52
C PRO A 99 10.55 5.38 10.55
N ASP A 100 11.70 4.88 10.98
CA ASP A 100 12.51 3.96 10.20
C ASP A 100 12.37 2.54 10.77
N MET A 101 11.25 1.89 10.46
CA MET A 101 10.98 0.53 10.95
C MET A 101 10.38 -0.33 9.86
N PHE A 102 9.11 -0.09 9.54
CA PHE A 102 8.36 -0.96 8.63
C PHE A 102 8.58 -0.59 7.16
N ARG A 103 9.54 0.30 6.89
CA ARG A 103 9.73 0.82 5.53
C ARG A 103 9.96 -0.30 4.50
N ALA A 104 10.89 -1.22 4.79
CA ALA A 104 11.20 -2.29 3.85
C ALA A 104 10.01 -3.24 3.70
N GLN A 105 9.22 -3.36 4.75
CA GLN A 105 8.06 -4.25 4.77
C GLN A 105 6.88 -3.59 4.05
N GLN A 106 6.87 -2.26 4.09
CA GLN A 106 5.90 -1.47 3.34
C GLN A 106 6.20 -1.61 1.85
N LEU A 107 7.49 -1.57 1.53
CA LEU A 107 7.94 -1.77 0.16
C LEU A 107 7.80 -3.25 -0.23
N GLN A 108 7.84 -4.13 0.78
CA GLN A 108 7.66 -5.56 0.57
C GLN A 108 6.25 -5.85 0.05
N ILE A 109 5.25 -5.29 0.73
CA ILE A 109 3.85 -5.41 0.29
C ILE A 109 3.72 -4.85 -1.12
N PHE A 110 4.39 -3.72 -1.34
CA PHE A 110 4.44 -3.09 -2.65
C PHE A 110 5.01 -4.07 -3.70
N ASN A 111 6.14 -4.69 -3.36
CA ASN A 111 6.83 -5.60 -4.28
C ASN A 111 6.08 -6.92 -4.41
N LEU A 112 5.19 -7.20 -3.46
CA LEU A 112 4.38 -8.42 -3.49
C LEU A 112 3.28 -8.29 -4.54
N MET A 113 2.46 -7.24 -4.40
CA MET A 113 1.36 -6.99 -5.34
C MET A 113 1.88 -6.38 -6.64
N LYS A 114 3.17 -6.04 -6.65
CA LYS A 114 3.83 -5.49 -7.84
C LYS A 114 3.65 -6.41 -9.04
N PHE A 115 3.76 -7.72 -8.81
CA PHE A 115 3.69 -8.70 -9.89
C PHE A 115 2.37 -9.48 -9.86
N ASP A 116 1.37 -8.93 -9.17
CA ASP A 116 0.09 -9.61 -9.01
C ASP A 116 -1.08 -8.64 -9.18
N SER A 117 -1.43 -7.95 -8.11
CA SER A 117 -2.57 -7.03 -8.12
C SER A 117 -2.37 -5.95 -9.19
N TYR A 118 -1.15 -5.46 -9.30
CA TYR A 118 -0.78 -4.48 -10.33
C TYR A 118 -0.98 -5.08 -11.72
N ALA A 119 -0.40 -6.25 -11.93
CA ALA A 119 -0.45 -6.94 -13.22
C ALA A 119 -1.89 -7.33 -13.58
N ARG A 120 -2.72 -7.49 -12.56
CA ARG A 120 -4.12 -7.87 -12.75
C ARG A 120 -4.99 -6.66 -13.05
N PHE A 121 -4.76 -5.57 -12.31
CA PHE A 121 -5.56 -4.35 -12.46
C PHE A 121 -5.50 -3.82 -13.89
N VAL A 122 -4.29 -3.71 -14.43
CA VAL A 122 -4.09 -3.15 -15.76
C VAL A 122 -4.71 -4.04 -16.86
N LYS A 123 -5.14 -5.24 -16.46
CA LYS A 123 -5.78 -6.18 -17.40
C LYS A 123 -7.29 -6.22 -17.15
N SER A 124 -7.70 -5.68 -16.01
CA SER A 124 -9.10 -5.66 -15.62
C SER A 124 -9.84 -4.50 -16.32
N PRO A 125 -11.18 -4.57 -16.39
CA PRO A 125 -12.01 -3.48 -16.93
C PRO A 125 -11.81 -2.17 -16.16
N LEU A 126 -12.60 -1.16 -16.51
CA LEU A 126 -12.54 0.17 -15.90
C LEU A 126 -11.32 0.93 -16.40
N TYR A 127 -10.14 0.29 -16.37
CA TYR A 127 -8.92 0.88 -16.93
C TYR A 127 -9.17 1.32 -18.37
N ARG A 128 -9.67 0.40 -19.18
CA ARG A 128 -9.96 0.66 -20.59
C ARG A 128 -11.04 1.73 -20.73
N GLU A 129 -11.98 1.74 -19.79
CA GLU A 129 -13.06 2.74 -19.76
C GLU A 129 -12.47 4.14 -19.58
N CYS A 130 -11.44 4.24 -18.74
CA CYS A 130 -10.78 5.52 -18.49
C CYS A 130 -10.00 5.97 -19.72
N LEU A 131 -9.56 4.99 -20.52
CA LEU A 131 -8.85 5.28 -21.77
C LEU A 131 -9.83 5.37 -22.95
N LEU A 132 -11.09 5.04 -22.70
CA LEU A 132 -12.11 5.02 -23.73
C LEU A 132 -12.56 6.43 -24.09
N ALA A 133 -12.09 6.92 -25.25
CA ALA A 133 -12.49 8.22 -25.76
C ALA A 133 -12.49 8.20 -27.29
N GLU A 134 -12.59 6.99 -27.84
CA GLU A 134 -12.50 6.79 -29.29
C GLU A 134 -13.78 6.15 -29.85
N ALA A 135 -14.54 5.49 -28.97
CA ALA A 135 -15.71 4.74 -29.39
C ALA A 135 -16.79 5.66 -29.98
N GLU A 136 -17.25 6.60 -29.17
CA GLU A 136 -18.29 7.53 -29.58
C GLU A 136 -17.70 8.66 -30.43
N SER A 1 5.56 18.20 -2.73
CA SER A 1 4.77 17.27 -3.56
C SER A 1 4.12 18.00 -4.74
N MET A 2 3.31 19.02 -4.43
CA MET A 2 2.63 19.85 -5.44
C MET A 2 1.58 19.04 -6.21
N THR A 3 0.38 19.61 -6.32
CA THR A 3 -0.71 18.96 -7.05
C THR A 3 -0.53 19.11 -8.56
N GLU A 4 0.46 18.42 -9.09
CA GLU A 4 0.76 18.46 -10.52
C GLU A 4 -0.29 17.71 -11.32
N GLU A 5 -0.84 16.64 -10.71
CA GLU A 5 -1.84 15.77 -11.35
C GLU A 5 -1.20 14.95 -12.49
N GLN A 6 -1.98 14.04 -13.05
CA GLN A 6 -1.50 13.13 -14.09
C GLN A 6 -2.66 12.43 -14.79
N PRO A 7 -2.46 11.99 -16.05
CA PRO A 7 -3.46 11.19 -16.78
C PRO A 7 -3.46 9.74 -16.29
N VAL A 8 -4.54 9.01 -16.56
CA VAL A 8 -4.69 7.64 -16.07
C VAL A 8 -3.62 6.71 -16.66
N ALA A 9 -3.02 7.15 -17.76
CA ALA A 9 -1.97 6.38 -18.42
C ALA A 9 -0.71 6.26 -17.55
N SER A 10 -0.60 7.16 -16.57
CA SER A 10 0.58 7.20 -15.70
C SER A 10 0.71 5.92 -14.89
N TRP A 11 -0.42 5.26 -14.64
CA TRP A 11 -0.47 4.05 -13.84
C TRP A 11 0.42 2.95 -14.44
N ALA A 12 0.37 2.84 -15.77
CA ALA A 12 1.08 1.77 -16.48
C ALA A 12 2.60 2.01 -16.50
N LEU A 13 3.02 3.16 -15.97
CA LEU A 13 4.43 3.49 -15.90
C LEU A 13 5.10 2.79 -14.72
N SER A 14 4.46 2.88 -13.55
CA SER A 14 5.02 2.32 -12.32
C SER A 14 3.92 2.08 -11.29
N PHE A 15 4.02 0.96 -10.58
CA PHE A 15 3.05 0.60 -9.53
C PHE A 15 2.98 1.72 -8.49
N GLU A 16 4.14 2.28 -8.16
CA GLU A 16 4.23 3.42 -7.25
C GLU A 16 3.31 4.56 -7.69
N ARG A 17 3.31 4.83 -8.98
CA ARG A 17 2.59 5.98 -9.53
C ARG A 17 1.09 5.72 -9.59
N LEU A 18 0.71 4.43 -9.53
CA LEU A 18 -0.71 4.04 -9.43
C LEU A 18 -1.13 3.96 -7.97
N LEU A 19 -0.24 3.42 -7.15
CA LEU A 19 -0.53 3.10 -5.75
C LEU A 19 -0.54 4.35 -4.88
N GLN A 20 0.23 5.35 -5.28
CA GLN A 20 0.28 6.62 -4.54
C GLN A 20 -0.71 7.62 -5.16
N ASP A 21 -1.36 7.21 -6.25
CA ASP A 21 -2.36 8.03 -6.93
C ASP A 21 -3.76 7.68 -6.42
N PRO A 22 -4.52 8.69 -5.97
CA PRO A 22 -5.86 8.46 -5.38
C PRO A 22 -6.86 7.92 -6.41
N LEU A 23 -6.70 8.31 -7.66
CA LEU A 23 -7.60 7.89 -8.73
C LEU A 23 -7.30 6.42 -9.07
N GLY A 24 -6.01 6.13 -9.22
CA GLY A 24 -5.56 4.79 -9.53
C GLY A 24 -5.94 3.81 -8.46
N LEU A 25 -5.52 4.10 -7.23
CA LEU A 25 -5.77 3.21 -6.10
C LEU A 25 -7.29 3.05 -5.89
N ALA A 26 -8.06 4.08 -6.26
CA ALA A 26 -9.52 4.02 -6.15
C ALA A 26 -10.08 2.84 -6.93
N TYR A 27 -9.79 2.79 -8.22
CA TYR A 27 -10.29 1.71 -9.07
C TYR A 27 -9.52 0.42 -8.81
N PHE A 28 -8.25 0.56 -8.46
CA PHE A 28 -7.39 -0.58 -8.15
C PHE A 28 -7.96 -1.34 -6.95
N THR A 29 -8.35 -0.60 -5.92
CA THR A 29 -8.88 -1.21 -4.70
C THR A 29 -10.29 -1.73 -4.94
N GLU A 30 -10.98 -1.17 -5.94
CA GLU A 30 -12.29 -1.69 -6.33
C GLU A 30 -12.18 -3.18 -6.65
N PHE A 31 -11.37 -3.49 -7.67
CA PHE A 31 -11.11 -4.88 -8.05
C PHE A 31 -10.51 -5.65 -6.88
N LEU A 32 -9.47 -5.06 -6.28
CA LEU A 32 -8.69 -5.72 -5.23
C LEU A 32 -9.54 -6.04 -4.00
N LYS A 33 -10.62 -5.29 -3.78
CA LYS A 33 -11.47 -5.53 -2.61
C LYS A 33 -12.65 -6.44 -2.97
N LYS A 34 -12.91 -6.61 -4.26
CA LYS A 34 -13.92 -7.58 -4.71
C LYS A 34 -13.41 -9.00 -4.48
N GLU A 35 -12.09 -9.16 -4.51
CA GLU A 35 -11.43 -10.42 -4.15
C GLU A 35 -10.96 -10.37 -2.70
N PHE A 36 -11.29 -9.26 -2.03
CA PHE A 36 -10.97 -9.03 -0.63
C PHE A 36 -9.49 -9.27 -0.35
N SER A 37 -8.67 -8.36 -0.87
CA SER A 37 -7.23 -8.36 -0.60
C SER A 37 -6.74 -6.92 -0.44
N ALA A 38 -7.69 -5.97 -0.45
CA ALA A 38 -7.36 -4.55 -0.39
C ALA A 38 -6.65 -4.19 0.91
N GLU A 39 -6.63 -5.13 1.83
CA GLU A 39 -6.03 -4.93 3.14
C GLU A 39 -4.52 -4.73 3.02
N ASN A 40 -3.92 -5.32 1.97
CA ASN A 40 -2.48 -5.20 1.76
C ASN A 40 -2.10 -3.76 1.41
N VAL A 41 -2.86 -3.14 0.51
CA VAL A 41 -2.60 -1.76 0.13
C VAL A 41 -3.00 -0.81 1.25
N THR A 42 -3.98 -1.23 2.06
CA THR A 42 -4.37 -0.47 3.24
C THR A 42 -3.19 -0.42 4.22
N PHE A 43 -2.51 -1.56 4.37
CA PHE A 43 -1.30 -1.64 5.18
C PHE A 43 -0.22 -0.72 4.63
N TRP A 44 -0.05 -0.74 3.31
CA TRP A 44 0.94 0.12 2.64
C TRP A 44 0.61 1.59 2.90
N LYS A 45 -0.66 1.96 2.74
CA LYS A 45 -1.10 3.33 2.98
C LYS A 45 -0.87 3.74 4.43
N ALA A 46 -1.02 2.79 5.34
CA ALA A 46 -0.76 3.02 6.76
C ALA A 46 0.71 3.36 6.96
N CYS A 47 1.58 2.63 6.26
CA CYS A 47 3.02 2.87 6.31
C CYS A 47 3.36 4.20 5.64
N GLU A 48 2.64 4.50 4.55
CA GLU A 48 2.79 5.77 3.84
C GLU A 48 2.50 6.94 4.79
N ARG A 49 1.44 6.80 5.57
CA ARG A 49 1.06 7.80 6.57
C ARG A 49 2.11 7.86 7.69
N PHE A 50 2.66 6.70 8.04
CA PHE A 50 3.63 6.60 9.13
C PHE A 50 4.93 7.32 8.77
N GLN A 51 5.42 7.10 7.56
CA GLN A 51 6.69 7.70 7.12
C GLN A 51 6.52 9.18 6.79
N GLN A 52 5.31 9.69 6.94
CA GLN A 52 5.04 11.11 6.81
C GLN A 52 5.53 11.84 8.06
N ILE A 53 5.67 11.09 9.15
CA ILE A 53 6.16 11.62 10.42
C ILE A 53 7.68 11.82 10.34
N PRO A 54 8.17 13.06 10.60
CA PRO A 54 9.60 13.40 10.44
C PRO A 54 10.49 12.83 11.55
N ALA A 55 10.07 11.72 12.15
CA ALA A 55 10.85 11.02 13.20
C ALA A 55 10.83 11.76 14.54
N SER A 56 10.91 13.08 14.50
CA SER A 56 10.97 13.91 15.70
C SER A 56 9.77 13.65 16.62
N ASP A 57 8.62 13.34 16.01
CA ASP A 57 7.41 13.02 16.78
C ASP A 57 7.47 11.58 17.28
N THR A 58 8.40 11.30 18.19
CA THR A 58 8.59 9.95 18.73
C THR A 58 7.28 9.39 19.30
N GLN A 59 6.54 10.24 19.99
CA GLN A 59 5.27 9.83 20.60
C GLN A 59 4.27 9.42 19.51
N GLN A 60 4.17 10.24 18.45
CA GLN A 60 3.25 9.97 17.36
C GLN A 60 3.65 8.67 16.65
N LEU A 61 4.95 8.46 16.50
CA LEU A 61 5.48 7.22 15.93
C LEU A 61 4.97 6.01 16.72
N ALA A 62 5.12 6.08 18.05
CA ALA A 62 4.70 5.01 18.93
C ALA A 62 3.20 4.75 18.79
N GLN A 63 2.42 5.84 18.77
CA GLN A 63 0.97 5.76 18.67
C GLN A 63 0.55 5.07 17.36
N GLU A 64 1.01 5.61 16.23
CA GLU A 64 0.61 5.10 14.92
C GLU A 64 1.08 3.64 14.74
N ALA A 65 2.30 3.35 15.17
CA ALA A 65 2.84 1.99 15.09
C ALA A 65 1.97 1.01 15.88
N ARG A 66 1.51 1.47 17.04
CA ARG A 66 0.62 0.68 17.89
C ARG A 66 -0.69 0.42 17.15
N ASN A 67 -1.21 1.45 16.49
CA ASN A 67 -2.45 1.35 15.73
C ASN A 67 -2.34 0.28 14.65
N ILE A 68 -1.22 0.28 13.95
CA ILE A 68 -0.97 -0.69 12.88
C ILE A 68 -0.72 -2.07 13.47
N TYR A 69 -0.02 -2.11 14.61
CA TYR A 69 0.32 -3.35 15.29
C TYR A 69 -0.94 -4.11 15.68
N GLN A 70 -1.76 -3.49 16.52
CA GLN A 70 -2.95 -4.14 17.07
C GLN A 70 -4.11 -4.12 16.08
N GLU A 71 -3.83 -4.45 14.82
CA GLU A 71 -4.84 -4.45 13.77
C GLU A 71 -4.42 -5.37 12.63
N PHE A 72 -3.24 -5.09 12.07
CA PHE A 72 -2.73 -5.84 10.93
C PHE A 72 -1.58 -6.77 11.33
N LEU A 73 -0.84 -6.37 12.37
CA LEU A 73 0.43 -7.02 12.72
C LEU A 73 0.36 -7.73 14.08
N SER A 74 -0.82 -7.84 14.64
CA SER A 74 -1.01 -8.55 15.90
C SER A 74 -1.30 -10.03 15.64
N SER A 75 -1.16 -10.86 16.67
CA SER A 75 -1.43 -12.29 16.54
C SER A 75 -2.93 -12.52 16.34
N GLN A 76 -3.73 -11.75 17.08
CA GLN A 76 -5.19 -11.79 16.97
C GLN A 76 -5.66 -10.70 16.01
N ALA A 77 -4.89 -10.46 14.95
CA ALA A 77 -5.21 -9.44 13.97
C ALA A 77 -6.46 -9.81 13.17
N LEU A 78 -7.27 -8.80 12.86
CA LEU A 78 -8.49 -9.00 12.08
C LEU A 78 -8.16 -9.28 10.62
N SER A 79 -7.01 -8.77 10.18
CA SER A 79 -6.54 -9.01 8.82
C SER A 79 -5.01 -9.11 8.81
N PRO A 80 -4.48 -10.33 9.05
CA PRO A 80 -3.03 -10.58 9.00
C PRO A 80 -2.46 -10.28 7.62
N VAL A 81 -1.37 -9.50 7.59
CA VAL A 81 -0.75 -9.09 6.33
C VAL A 81 -0.10 -10.28 5.62
N ASN A 82 0.17 -11.35 6.38
CA ASN A 82 0.71 -12.61 5.84
C ASN A 82 2.12 -12.43 5.27
N ILE A 83 2.78 -11.35 5.66
CA ILE A 83 4.17 -11.09 5.28
C ILE A 83 5.12 -11.88 6.19
N ASP A 84 6.38 -11.46 6.25
CA ASP A 84 7.36 -12.10 7.14
C ASP A 84 6.90 -11.98 8.60
N ARG A 85 6.18 -13.00 9.06
CA ARG A 85 5.60 -13.02 10.39
C ARG A 85 6.31 -14.04 11.29
N GLN A 86 7.01 -14.98 10.68
CA GLN A 86 7.64 -16.08 11.41
C GLN A 86 8.87 -15.56 12.17
N ALA A 87 9.55 -14.59 11.58
CA ALA A 87 10.75 -14.02 12.16
C ALA A 87 10.64 -12.49 12.21
N TRP A 88 9.43 -12.01 12.52
CA TRP A 88 9.16 -10.58 12.53
C TRP A 88 9.86 -9.90 13.72
N LEU A 89 9.83 -8.56 13.75
CA LEU A 89 10.58 -7.77 14.72
C LEU A 89 9.64 -6.99 15.64
N GLY A 90 8.47 -7.56 15.91
CA GLY A 90 7.42 -6.85 16.64
C GLY A 90 7.88 -6.20 17.93
N GLU A 91 8.20 -7.01 18.92
CA GLU A 91 8.48 -6.52 20.27
C GLU A 91 9.71 -5.59 20.25
N GLU A 92 10.70 -5.93 19.43
CA GLU A 92 11.96 -5.21 19.41
C GLU A 92 11.86 -3.91 18.60
N VAL A 93 10.78 -3.76 17.83
CA VAL A 93 10.57 -2.53 17.07
C VAL A 93 9.60 -1.61 17.82
N LEU A 94 8.55 -2.19 18.41
CA LEU A 94 7.59 -1.41 19.20
C LEU A 94 8.25 -0.85 20.46
N ALA A 95 9.28 -1.56 20.93
CA ALA A 95 10.03 -1.12 22.11
C ALA A 95 10.60 0.28 21.92
N GLU A 96 10.98 0.59 20.67
CA GLU A 96 11.54 1.90 20.32
C GLU A 96 11.10 2.28 18.90
N PRO A 97 10.16 3.23 18.74
CA PRO A 97 9.65 3.60 17.41
C PRO A 97 10.71 4.30 16.56
N ARG A 98 10.47 4.32 15.25
CA ARG A 98 11.42 4.88 14.30
C ARG A 98 10.72 5.13 12.97
N PRO A 99 11.18 6.13 12.19
CA PRO A 99 10.58 6.46 10.89
C PRO A 99 10.67 5.30 9.91
N ASP A 100 11.62 4.41 10.17
CA ASP A 100 11.83 3.23 9.33
C ASP A 100 11.24 2.01 10.03
N MET A 101 10.07 2.22 10.63
CA MET A 101 9.41 1.22 11.47
C MET A 101 9.14 -0.07 10.70
N PHE A 102 8.19 -0.01 9.77
CA PHE A 102 7.76 -1.19 9.01
C PHE A 102 7.97 -0.95 7.52
N ARG A 103 8.92 -0.09 7.17
CA ARG A 103 9.13 0.30 5.78
C ARG A 103 9.59 -0.90 4.94
N ALA A 104 10.34 -1.80 5.57
CA ALA A 104 10.75 -3.04 4.92
C ALA A 104 9.53 -3.86 4.51
N GLN A 105 8.59 -3.97 5.45
CA GLN A 105 7.35 -4.71 5.22
C GLN A 105 6.44 -3.94 4.25
N GLN A 106 6.61 -2.62 4.22
CA GLN A 106 5.88 -1.76 3.29
C GLN A 106 6.24 -2.15 1.86
N LEU A 107 7.54 -2.19 1.56
CA LEU A 107 8.02 -2.55 0.23
C LEU A 107 7.84 -4.04 -0.04
N GLN A 108 7.67 -4.82 1.04
CA GLN A 108 7.33 -6.23 0.90
C GLN A 108 6.01 -6.37 0.16
N ILE A 109 4.98 -5.70 0.67
CA ILE A 109 3.66 -5.67 0.05
C ILE A 109 3.73 -5.02 -1.33
N PHE A 110 4.43 -3.89 -1.40
CA PHE A 110 4.57 -3.14 -2.64
C PHE A 110 5.12 -4.03 -3.75
N ASN A 111 6.28 -4.62 -3.51
CA ASN A 111 6.96 -5.44 -4.51
C ASN A 111 6.21 -6.75 -4.77
N LEU A 112 5.34 -7.12 -3.84
CA LEU A 112 4.51 -8.31 -3.99
C LEU A 112 3.49 -8.07 -5.12
N MET A 113 2.67 -7.06 -4.94
CA MET A 113 1.59 -6.75 -5.90
C MET A 113 2.14 -6.09 -7.16
N LYS A 114 3.33 -5.53 -7.04
CA LYS A 114 3.99 -4.87 -8.16
C LYS A 114 4.17 -5.82 -9.35
N PHE A 115 4.12 -7.11 -9.08
CA PHE A 115 4.32 -8.13 -10.11
C PHE A 115 3.09 -9.05 -10.20
N ASP A 116 1.95 -8.60 -9.67
CA ASP A 116 0.73 -9.42 -9.66
C ASP A 116 -0.50 -8.55 -9.93
N SER A 117 -1.11 -8.04 -8.86
CA SER A 117 -2.35 -7.28 -8.98
C SER A 117 -2.14 -6.02 -9.79
N TYR A 118 -0.99 -5.36 -9.61
CA TYR A 118 -0.62 -4.23 -10.46
C TYR A 118 -0.68 -4.63 -11.94
N ALA A 119 0.11 -5.64 -12.30
CA ALA A 119 0.19 -6.09 -13.70
C ALA A 119 -1.16 -6.58 -14.19
N ARG A 120 -1.93 -7.15 -13.28
CA ARG A 120 -3.24 -7.71 -13.59
C ARG A 120 -4.27 -6.59 -13.81
N PHE A 121 -4.19 -5.54 -13.01
CA PHE A 121 -5.14 -4.43 -13.09
C PHE A 121 -5.02 -3.71 -14.44
N VAL A 122 -3.78 -3.43 -14.84
CA VAL A 122 -3.54 -2.71 -16.09
C VAL A 122 -3.90 -3.56 -17.32
N LYS A 123 -4.21 -4.83 -17.07
CA LYS A 123 -4.63 -5.75 -18.13
C LYS A 123 -6.12 -6.07 -18.01
N SER A 124 -6.73 -5.63 -16.91
CA SER A 124 -8.16 -5.76 -16.71
C SER A 124 -8.93 -4.67 -17.46
N PRO A 125 -10.23 -4.87 -17.72
CA PRO A 125 -11.09 -3.84 -18.33
C PRO A 125 -11.17 -2.60 -17.44
N LEU A 126 -12.09 -1.69 -17.77
CA LEU A 126 -12.26 -0.42 -17.05
C LEU A 126 -11.09 0.53 -17.36
N TYR A 127 -9.85 0.11 -17.07
CA TYR A 127 -8.69 0.96 -17.33
C TYR A 127 -8.60 1.30 -18.81
N ARG A 128 -8.71 0.28 -19.65
CA ARG A 128 -8.71 0.46 -21.10
C ARG A 128 -9.82 1.43 -21.53
N GLU A 129 -10.96 1.31 -20.86
CA GLU A 129 -12.14 2.10 -21.19
C GLU A 129 -12.00 3.55 -20.71
N CYS A 130 -11.25 3.75 -19.64
CA CYS A 130 -11.00 5.09 -19.11
C CYS A 130 -9.86 5.76 -19.86
N LEU A 131 -8.97 4.94 -20.41
CA LEU A 131 -7.79 5.42 -21.12
C LEU A 131 -8.17 5.96 -22.50
N LEU A 132 -9.13 5.31 -23.15
CA LEU A 132 -9.53 5.69 -24.51
C LEU A 132 -10.27 7.04 -24.49
N ALA A 133 -9.94 7.87 -25.47
CA ALA A 133 -10.54 9.18 -25.66
C ALA A 133 -10.21 9.66 -27.06
N GLU A 134 -8.96 9.45 -27.44
CA GLU A 134 -8.50 9.66 -28.81
C GLU A 134 -8.75 8.37 -29.59
N ALA A 135 -7.92 8.13 -30.60
CA ALA A 135 -8.03 6.92 -31.43
C ALA A 135 -9.34 6.89 -32.21
N GLU A 136 -10.45 6.69 -31.51
CA GLU A 136 -11.79 6.74 -32.11
C GLU A 136 -12.02 8.11 -32.74
N SER A 1 6.24 19.91 -17.59
CA SER A 1 7.06 18.68 -17.72
C SER A 1 6.30 17.46 -17.20
N MET A 2 5.52 17.65 -16.14
CA MET A 2 4.76 16.55 -15.54
C MET A 2 3.67 16.08 -16.49
N THR A 3 2.96 17.04 -17.09
CA THR A 3 1.89 16.75 -18.05
C THR A 3 0.74 16.00 -17.36
N GLU A 4 -0.22 16.74 -16.84
CA GLU A 4 -1.35 16.15 -16.13
C GLU A 4 -2.66 16.40 -16.86
N GLU A 5 -3.49 15.36 -16.96
CA GLU A 5 -4.84 15.46 -17.47
C GLU A 5 -5.61 14.17 -17.16
N GLN A 6 -4.93 13.05 -17.38
CA GLN A 6 -5.46 11.72 -17.05
C GLN A 6 -4.37 10.67 -17.25
N PRO A 7 -3.42 10.57 -16.29
CA PRO A 7 -2.27 9.66 -16.41
C PRO A 7 -2.63 8.21 -16.05
N VAL A 8 -3.86 7.81 -16.38
CA VAL A 8 -4.35 6.49 -16.03
C VAL A 8 -3.60 5.40 -16.79
N ALA A 9 -3.26 5.67 -18.06
CA ALA A 9 -2.55 4.70 -18.89
C ALA A 9 -1.09 4.55 -18.45
N SER A 10 -0.65 5.43 -17.55
CA SER A 10 0.72 5.40 -17.05
C SER A 10 0.87 4.36 -15.93
N TRP A 11 -0.25 3.88 -15.41
CA TRP A 11 -0.23 2.89 -14.33
C TRP A 11 0.44 1.59 -14.80
N ALA A 12 0.20 1.24 -16.06
CA ALA A 12 0.77 0.03 -16.65
C ALA A 12 2.27 0.18 -16.91
N LEU A 13 2.79 1.38 -16.68
CA LEU A 13 4.21 1.65 -16.89
C LEU A 13 4.99 1.50 -15.57
N SER A 14 4.36 1.86 -14.46
CA SER A 14 5.01 1.78 -13.15
C SER A 14 3.97 1.59 -12.04
N PHE A 15 4.25 0.63 -11.16
CA PHE A 15 3.35 0.32 -10.06
C PHE A 15 3.26 1.50 -9.10
N GLU A 16 4.41 2.11 -8.82
CA GLU A 16 4.47 3.30 -7.97
C GLU A 16 3.56 4.40 -8.52
N ARG A 17 3.50 4.50 -9.84
CA ARG A 17 2.63 5.50 -10.50
C ARG A 17 1.17 5.24 -10.14
N LEU A 18 0.78 3.97 -10.16
CA LEU A 18 -0.57 3.57 -9.77
C LEU A 18 -0.79 3.76 -8.27
N LEU A 19 0.22 3.39 -7.49
CA LEU A 19 0.08 3.23 -6.05
C LEU A 19 0.33 4.53 -5.28
N GLN A 20 1.06 5.45 -5.89
CA GLN A 20 1.47 6.68 -5.20
C GLN A 20 0.54 7.85 -5.52
N ASP A 21 -0.12 7.78 -6.68
CA ASP A 21 -1.08 8.81 -7.08
C ASP A 21 -2.46 8.55 -6.45
N PRO A 22 -3.11 9.60 -5.93
CA PRO A 22 -4.41 9.48 -5.24
C PRO A 22 -5.48 8.87 -6.15
N LEU A 23 -5.52 9.32 -7.40
CA LEU A 23 -6.47 8.84 -8.39
C LEU A 23 -6.27 7.34 -8.63
N GLY A 24 -4.99 6.96 -8.76
CA GLY A 24 -4.64 5.57 -8.97
C GLY A 24 -5.09 4.72 -7.80
N LEU A 25 -4.66 5.10 -6.60
CA LEU A 25 -5.03 4.39 -5.38
C LEU A 25 -6.54 4.32 -5.23
N ALA A 26 -7.24 5.37 -5.67
CA ALA A 26 -8.69 5.42 -5.56
C ALA A 26 -9.34 4.21 -6.22
N TYR A 27 -9.17 4.09 -7.53
CA TYR A 27 -9.77 2.99 -8.29
C TYR A 27 -9.10 1.67 -7.93
N PHE A 28 -7.80 1.72 -7.67
CA PHE A 28 -7.02 0.53 -7.36
C PHE A 28 -7.54 -0.14 -6.10
N THR A 29 -7.77 0.65 -5.05
CA THR A 29 -8.23 0.10 -3.77
C THR A 29 -9.68 -0.36 -3.90
N GLU A 30 -10.46 0.30 -4.75
CA GLU A 30 -11.86 -0.07 -4.97
C GLU A 30 -11.93 -1.47 -5.58
N PHE A 31 -11.26 -1.66 -6.71
CA PHE A 31 -11.27 -2.94 -7.41
C PHE A 31 -10.57 -4.02 -6.57
N LEU A 32 -9.56 -3.62 -5.82
CA LEU A 32 -8.80 -4.56 -5.01
C LEU A 32 -9.58 -4.94 -3.75
N LYS A 33 -10.49 -4.06 -3.31
CA LYS A 33 -11.42 -4.38 -2.23
C LYS A 33 -12.57 -5.25 -2.75
N LYS A 34 -12.87 -5.09 -4.04
CA LYS A 34 -13.90 -5.91 -4.71
C LYS A 34 -13.58 -7.40 -4.54
N GLU A 35 -12.30 -7.73 -4.66
CA GLU A 35 -11.83 -9.10 -4.48
C GLU A 35 -11.52 -9.38 -3.00
N PHE A 36 -11.59 -8.32 -2.19
CA PHE A 36 -11.15 -8.33 -0.80
C PHE A 36 -9.69 -8.79 -0.72
N SER A 37 -8.80 -7.93 -1.21
CA SER A 37 -7.38 -8.20 -1.20
C SER A 37 -6.58 -6.89 -1.18
N ALA A 38 -7.27 -5.80 -0.86
CA ALA A 38 -6.66 -4.48 -0.82
C ALA A 38 -5.92 -4.27 0.48
N GLU A 39 -5.89 -5.32 1.29
CA GLU A 39 -5.22 -5.27 2.59
C GLU A 39 -3.75 -4.91 2.41
N ASN A 40 -3.23 -5.30 1.25
CA ASN A 40 -1.85 -5.01 0.88
C ASN A 40 -1.61 -3.50 0.72
N VAL A 41 -2.53 -2.82 0.03
CA VAL A 41 -2.39 -1.39 -0.20
C VAL A 41 -2.79 -0.61 1.04
N THR A 42 -3.74 -1.15 1.81
CA THR A 42 -4.13 -0.56 3.08
C THR A 42 -2.92 -0.51 4.01
N PHE A 43 -2.14 -1.59 3.99
CA PHE A 43 -0.91 -1.67 4.75
C PHE A 43 0.11 -0.64 4.23
N TRP A 44 0.30 -0.62 2.91
CA TRP A 44 1.26 0.28 2.27
C TRP A 44 0.92 1.73 2.60
N LYS A 45 -0.36 2.09 2.48
CA LYS A 45 -0.83 3.44 2.74
C LYS A 45 -0.60 3.82 4.21
N ALA A 46 -0.99 2.91 5.10
CA ALA A 46 -0.81 3.14 6.54
C ALA A 46 0.66 3.31 6.88
N CYS A 47 1.51 2.49 6.27
CA CYS A 47 2.95 2.55 6.49
C CYS A 47 3.51 3.87 5.97
N GLU A 48 3.01 4.34 4.82
CA GLU A 48 3.45 5.60 4.25
C GLU A 48 3.04 6.76 5.16
N ARG A 49 1.89 6.60 5.83
CA ARG A 49 1.42 7.60 6.79
C ARG A 49 2.16 7.46 8.12
N PHE A 50 3.01 6.44 8.21
CA PHE A 50 3.83 6.20 9.39
C PHE A 50 5.23 6.79 9.18
N GLN A 51 5.79 6.56 8.00
CA GLN A 51 7.12 7.05 7.66
C GLN A 51 7.09 8.52 7.24
N GLN A 52 5.88 9.08 7.12
CA GLN A 52 5.73 10.51 6.83
C GLN A 52 5.94 11.31 8.10
N ILE A 53 5.84 10.62 9.24
CA ILE A 53 6.05 11.24 10.54
C ILE A 53 7.53 11.56 10.71
N PRO A 54 7.90 12.84 10.94
CA PRO A 54 9.30 13.29 11.02
C PRO A 54 10.05 12.76 12.26
N ALA A 55 9.51 11.72 12.90
CA ALA A 55 10.10 11.09 14.09
C ALA A 55 9.89 11.93 15.35
N SER A 56 9.69 13.24 15.17
CA SER A 56 9.52 14.16 16.27
C SER A 56 8.37 13.75 17.19
N ASP A 57 7.16 13.66 16.64
CA ASP A 57 6.00 13.26 17.42
C ASP A 57 5.98 11.74 17.58
N THR A 58 6.74 11.27 18.57
CA THR A 58 6.93 9.84 18.78
C THR A 58 5.65 9.16 19.25
N GLN A 59 4.78 9.90 19.93
CA GLN A 59 3.51 9.35 20.40
C GLN A 59 2.68 8.86 19.21
N GLN A 60 2.70 9.61 18.12
CA GLN A 60 1.97 9.24 16.91
C GLN A 60 2.60 8.02 16.26
N LEU A 61 3.92 7.91 16.37
CA LEU A 61 4.64 6.73 15.90
C LEU A 61 4.08 5.48 16.57
N ALA A 62 3.99 5.52 17.89
CA ALA A 62 3.46 4.40 18.67
C ALA A 62 2.02 4.09 18.28
N GLN A 63 1.21 5.14 18.13
CA GLN A 63 -0.20 4.99 17.77
C GLN A 63 -0.36 4.29 16.41
N GLU A 64 0.30 4.83 15.39
CA GLU A 64 0.17 4.30 14.03
C GLU A 64 0.79 2.91 13.96
N ALA A 65 1.92 2.73 14.66
CA ALA A 65 2.61 1.45 14.68
C ALA A 65 1.73 0.36 15.25
N ARG A 66 1.11 0.62 16.40
CA ARG A 66 0.27 -0.38 17.05
C ARG A 66 -1.00 -0.62 16.24
N ASN A 67 -1.46 0.43 15.56
CA ASN A 67 -2.60 0.32 14.65
C ASN A 67 -2.29 -0.70 13.56
N ILE A 68 -1.25 -0.43 12.78
CA ILE A 68 -0.84 -1.30 11.69
C ILE A 68 -0.50 -2.70 12.22
N TYR A 69 0.18 -2.73 13.36
CA TYR A 69 0.60 -3.97 13.99
C TYR A 69 -0.60 -4.88 14.27
N GLN A 70 -1.53 -4.39 15.07
CA GLN A 70 -2.65 -5.19 15.54
C GLN A 70 -3.59 -5.61 14.40
N GLU A 71 -3.52 -4.92 13.27
CA GLU A 71 -4.41 -5.21 12.15
C GLU A 71 -3.80 -6.21 11.16
N PHE A 72 -2.52 -6.04 10.85
CA PHE A 72 -1.87 -6.86 9.80
C PHE A 72 -0.72 -7.72 10.36
N LEU A 73 -0.11 -7.26 11.44
CA LEU A 73 1.17 -7.82 11.90
C LEU A 73 1.04 -8.61 13.20
N SER A 74 -0.15 -8.60 13.82
CA SER A 74 -0.35 -9.30 15.10
C SER A 74 -0.42 -10.81 14.88
N SER A 75 0.75 -11.42 14.65
CA SER A 75 0.86 -12.86 14.40
C SER A 75 -0.11 -13.33 13.32
N GLN A 76 -1.32 -13.72 13.73
CA GLN A 76 -2.33 -14.24 12.82
C GLN A 76 -3.48 -13.23 12.76
N ALA A 77 -3.12 -12.00 12.46
CA ALA A 77 -4.05 -10.86 12.41
C ALA A 77 -5.23 -11.11 11.46
N LEU A 78 -6.15 -10.14 11.45
CA LEU A 78 -7.36 -10.23 10.62
C LEU A 78 -6.99 -10.38 9.16
N SER A 79 -6.12 -9.49 8.69
CA SER A 79 -5.62 -9.55 7.32
C SER A 79 -4.10 -9.57 7.35
N PRO A 80 -3.50 -10.77 7.49
CA PRO A 80 -2.04 -10.91 7.62
C PRO A 80 -1.31 -10.71 6.28
N VAL A 81 -0.53 -9.64 6.21
CA VAL A 81 0.30 -9.38 5.04
C VAL A 81 1.51 -10.34 5.03
N ASN A 82 1.68 -11.01 3.90
CA ASN A 82 2.79 -11.95 3.72
C ASN A 82 4.10 -11.18 3.56
N ILE A 83 4.91 -11.17 4.61
CA ILE A 83 6.16 -10.42 4.64
C ILE A 83 7.26 -11.22 5.34
N ASP A 84 8.32 -10.53 5.76
CA ASP A 84 9.45 -11.15 6.46
C ASP A 84 8.95 -12.04 7.61
N ARG A 85 8.04 -11.47 8.39
CA ARG A 85 7.36 -12.18 9.48
C ARG A 85 8.35 -12.79 10.48
N GLN A 86 8.93 -13.93 10.10
CA GLN A 86 9.91 -14.62 10.93
C GLN A 86 11.14 -13.74 11.14
N ALA A 87 11.50 -13.01 10.10
CA ALA A 87 12.67 -12.14 10.14
C ALA A 87 12.28 -10.72 10.54
N TRP A 88 11.03 -10.54 10.98
CA TRP A 88 10.54 -9.23 11.38
C TRP A 88 11.04 -8.90 12.79
N LEU A 89 11.03 -7.61 13.15
CA LEU A 89 11.61 -7.17 14.42
C LEU A 89 10.74 -7.58 15.61
N GLY A 90 9.45 -7.74 15.38
CA GLY A 90 8.55 -8.22 16.42
C GLY A 90 7.84 -7.11 17.18
N GLU A 91 7.48 -7.40 18.42
CA GLU A 91 6.67 -6.50 19.24
C GLU A 91 7.50 -5.36 19.85
N GLU A 92 8.82 -5.45 19.72
CA GLU A 92 9.72 -4.44 20.30
C GLU A 92 9.42 -3.07 19.71
N VAL A 93 8.83 -3.05 18.52
CA VAL A 93 8.50 -1.80 17.84
C VAL A 93 7.42 -1.03 18.61
N LEU A 94 6.63 -1.75 19.41
CA LEU A 94 5.61 -1.12 20.26
C LEU A 94 6.28 -0.34 21.39
N ALA A 95 7.43 -0.82 21.83
CA ALA A 95 8.18 -0.18 22.92
C ALA A 95 8.99 0.99 22.38
N GLU A 96 9.84 0.71 21.40
CA GLU A 96 10.73 1.72 20.82
C GLU A 96 10.50 1.82 19.31
N PRO A 97 9.57 2.71 18.90
CA PRO A 97 9.22 2.88 17.49
C PRO A 97 10.07 3.95 16.80
N ARG A 98 9.95 4.01 15.47
CA ARG A 98 10.56 5.05 14.66
C ARG A 98 9.94 5.00 13.26
N PRO A 99 9.91 6.14 12.54
CA PRO A 99 9.13 6.27 11.30
C PRO A 99 9.51 5.25 10.22
N ASP A 100 10.77 4.81 10.22
CA ASP A 100 11.28 3.95 9.15
C ASP A 100 11.15 2.46 9.51
N MET A 101 10.58 2.17 10.68
CA MET A 101 10.42 0.78 11.13
C MET A 101 9.74 -0.08 10.07
N PHE A 102 8.57 0.35 9.62
CA PHE A 102 7.76 -0.45 8.70
C PHE A 102 8.09 -0.14 7.24
N ARG A 103 8.99 0.80 7.01
CA ARG A 103 9.33 1.23 5.65
C ARG A 103 9.84 0.05 4.82
N ALA A 104 10.56 -0.85 5.49
CA ALA A 104 11.09 -2.05 4.84
C ALA A 104 9.94 -2.91 4.33
N GLN A 105 8.93 -3.10 5.17
CA GLN A 105 7.78 -3.93 4.82
C GLN A 105 6.84 -3.19 3.87
N GLN A 106 6.92 -1.86 3.87
CA GLN A 106 6.18 -1.04 2.90
C GLN A 106 6.59 -1.47 1.49
N LEU A 107 7.89 -1.40 1.24
CA LEU A 107 8.45 -1.75 -0.05
C LEU A 107 8.36 -3.27 -0.29
N GLN A 108 8.42 -4.03 0.81
CA GLN A 108 8.27 -5.48 0.74
C GLN A 108 6.93 -5.84 0.09
N ILE A 109 5.85 -5.33 0.67
CA ILE A 109 4.51 -5.53 0.11
C ILE A 109 4.41 -4.92 -1.29
N PHE A 110 5.04 -3.76 -1.47
CA PHE A 110 5.05 -3.09 -2.77
C PHE A 110 5.51 -4.04 -3.87
N ASN A 111 6.69 -4.64 -3.70
CA ASN A 111 7.26 -5.53 -4.69
C ASN A 111 6.48 -6.84 -4.76
N LEU A 112 5.88 -7.24 -3.63
CA LEU A 112 5.11 -8.48 -3.56
C LEU A 112 3.89 -8.41 -4.49
N MET A 113 3.16 -7.31 -4.40
CA MET A 113 1.94 -7.12 -5.21
C MET A 113 2.24 -6.40 -6.52
N LYS A 114 3.52 -6.11 -6.74
CA LYS A 114 3.98 -5.47 -7.97
C LYS A 114 3.65 -6.35 -9.20
N PHE A 115 3.43 -7.64 -8.95
CA PHE A 115 3.09 -8.59 -10.02
C PHE A 115 1.84 -9.41 -9.65
N ASP A 116 1.06 -8.90 -8.70
CA ASP A 116 -0.17 -9.57 -8.26
C ASP A 116 -1.37 -8.64 -8.41
N SER A 117 -1.57 -7.77 -7.42
CA SER A 117 -2.67 -6.81 -7.46
C SER A 117 -2.47 -5.87 -8.64
N TYR A 118 -1.22 -5.48 -8.86
CA TYR A 118 -0.85 -4.66 -10.01
C TYR A 118 -1.23 -5.37 -11.30
N ALA A 119 -0.76 -6.60 -11.44
CA ALA A 119 -0.98 -7.39 -12.65
C ALA A 119 -2.48 -7.63 -12.90
N ARG A 120 -3.25 -7.62 -11.82
CA ARG A 120 -4.70 -7.78 -11.92
C ARG A 120 -5.35 -6.50 -12.41
N PHE A 121 -5.04 -5.40 -11.75
CA PHE A 121 -5.72 -4.12 -12.01
C PHE A 121 -5.43 -3.62 -13.42
N VAL A 122 -4.19 -3.69 -13.86
CA VAL A 122 -3.80 -3.17 -15.17
C VAL A 122 -4.41 -4.01 -16.30
N LYS A 123 -5.01 -5.14 -15.96
CA LYS A 123 -5.72 -5.98 -16.94
C LYS A 123 -7.24 -5.82 -16.79
N SER A 124 -7.70 -5.32 -15.64
CA SER A 124 -9.12 -5.20 -15.36
C SER A 124 -9.83 -4.30 -16.39
N PRO A 125 -11.09 -4.62 -16.75
CA PRO A 125 -11.89 -3.80 -17.65
C PRO A 125 -12.03 -2.36 -17.15
N LEU A 126 -12.05 -2.20 -15.82
CA LEU A 126 -12.15 -0.89 -15.19
C LEU A 126 -11.00 0.00 -15.67
N TYR A 127 -9.80 -0.56 -15.67
CA TYR A 127 -8.61 0.16 -16.13
C TYR A 127 -8.82 0.66 -17.56
N ARG A 128 -9.31 -0.21 -18.43
CA ARG A 128 -9.52 0.13 -19.84
C ARG A 128 -10.58 1.24 -19.96
N GLU A 129 -11.62 1.16 -19.15
CA GLU A 129 -12.68 2.17 -19.17
C GLU A 129 -12.14 3.53 -18.72
N CYS A 130 -11.13 3.50 -17.84
CA CYS A 130 -10.47 4.72 -17.39
C CYS A 130 -9.65 5.33 -18.54
N LEU A 131 -9.14 4.46 -19.41
CA LEU A 131 -8.43 4.90 -20.61
C LEU A 131 -9.40 5.53 -21.60
N LEU A 132 -10.39 4.73 -22.03
CA LEU A 132 -11.46 5.18 -22.91
C LEU A 132 -12.49 4.07 -23.08
N ALA A 133 -13.70 4.45 -23.47
CA ALA A 133 -14.80 3.49 -23.68
C ALA A 133 -15.61 3.87 -24.90
N GLU A 134 -14.98 4.61 -25.81
CA GLU A 134 -15.65 5.16 -26.97
C GLU A 134 -15.04 4.56 -28.24
N ALA A 135 -15.88 3.88 -28.98
CA ALA A 135 -15.53 3.29 -30.29
C ALA A 135 -14.71 2.03 -30.12
N GLU A 136 -13.51 2.15 -29.56
CA GLU A 136 -12.65 1.00 -29.29
C GLU A 136 -13.29 0.11 -28.23
N SER A 1 12.86 19.17 -9.21
CA SER A 1 13.11 17.72 -9.18
C SER A 1 11.84 16.96 -9.56
N MET A 2 12.01 15.86 -10.31
CA MET A 2 10.89 15.04 -10.80
C MET A 2 10.02 15.85 -11.77
N THR A 3 8.96 15.20 -12.26
CA THR A 3 8.05 15.83 -13.22
C THR A 3 6.67 16.00 -12.60
N GLU A 4 5.81 16.77 -13.28
CA GLU A 4 4.43 16.95 -12.84
C GLU A 4 3.58 15.75 -13.26
N GLU A 5 2.28 15.81 -12.94
CA GLU A 5 1.38 14.69 -13.17
C GLU A 5 1.35 14.26 -14.64
N GLN A 6 1.33 12.95 -14.85
CA GLN A 6 1.23 12.35 -16.18
C GLN A 6 -0.17 11.78 -16.39
N PRO A 7 -0.58 11.51 -17.64
CA PRO A 7 -1.91 10.93 -17.93
C PRO A 7 -2.13 9.58 -17.22
N VAL A 8 -3.38 9.12 -17.22
CA VAL A 8 -3.75 7.87 -16.55
C VAL A 8 -3.10 6.67 -17.24
N ALA A 9 -2.87 6.78 -18.55
CA ALA A 9 -2.27 5.69 -19.33
C ALA A 9 -0.84 5.39 -18.85
N SER A 10 -0.28 6.32 -18.08
CA SER A 10 1.07 6.17 -17.55
C SER A 10 1.13 5.16 -16.41
N TRP A 11 -0.04 4.68 -15.96
CA TRP A 11 -0.08 3.65 -14.92
C TRP A 11 0.66 2.40 -15.38
N ALA A 12 0.53 2.10 -16.68
CA ALA A 12 1.14 0.92 -17.27
C ALA A 12 2.65 1.09 -17.43
N LEU A 13 3.17 2.26 -17.07
CA LEU A 13 4.60 2.52 -17.12
C LEU A 13 5.27 2.07 -15.83
N SER A 14 4.61 2.34 -14.70
CA SER A 14 5.16 2.02 -13.39
C SER A 14 4.04 1.80 -12.37
N PHE A 15 4.14 0.70 -11.62
CA PHE A 15 3.21 0.40 -10.54
C PHE A 15 3.24 1.53 -9.51
N GLU A 16 4.45 1.98 -9.20
CA GLU A 16 4.70 3.15 -8.38
C GLU A 16 3.75 4.27 -8.76
N ARG A 17 3.84 4.68 -10.03
CA ARG A 17 3.10 5.82 -10.54
C ARG A 17 1.59 5.64 -10.31
N LEU A 18 1.13 4.40 -10.43
CA LEU A 18 -0.27 4.05 -10.16
C LEU A 18 -0.58 4.14 -8.67
N LEU A 19 0.32 3.56 -7.89
CA LEU A 19 0.10 3.32 -6.47
C LEU A 19 0.17 4.61 -5.66
N GLN A 20 0.87 5.60 -6.19
CA GLN A 20 0.97 6.90 -5.52
C GLN A 20 0.08 7.93 -6.21
N ASP A 21 -0.85 7.44 -7.01
CA ASP A 21 -1.85 8.29 -7.67
C ASP A 21 -3.20 8.09 -7.01
N PRO A 22 -3.82 9.18 -6.51
CA PRO A 22 -5.11 9.09 -5.78
C PRO A 22 -6.21 8.43 -6.60
N LEU A 23 -6.31 8.80 -7.88
CA LEU A 23 -7.34 8.27 -8.76
C LEU A 23 -7.04 6.80 -9.06
N GLY A 24 -5.78 6.52 -9.35
CA GLY A 24 -5.34 5.17 -9.65
C GLY A 24 -5.58 4.23 -8.50
N LEU A 25 -4.98 4.55 -7.35
CA LEU A 25 -5.11 3.75 -6.15
C LEU A 25 -6.59 3.60 -5.76
N ALA A 26 -7.38 4.62 -6.05
CA ALA A 26 -8.81 4.60 -5.74
C ALA A 26 -9.50 3.38 -6.36
N TYR A 27 -9.38 3.26 -7.69
CA TYR A 27 -9.95 2.12 -8.40
C TYR A 27 -9.20 0.84 -8.03
N PHE A 28 -7.90 0.96 -7.91
CA PHE A 28 -7.03 -0.17 -7.62
C PHE A 28 -7.41 -0.84 -6.30
N THR A 29 -7.76 -0.03 -5.30
CA THR A 29 -8.15 -0.55 -4.00
C THR A 29 -9.63 -0.95 -4.01
N GLU A 30 -10.39 -0.37 -4.95
CA GLU A 30 -11.81 -0.66 -5.07
C GLU A 30 -12.02 -2.17 -5.30
N PHE A 31 -11.56 -2.66 -6.45
CA PHE A 31 -11.77 -4.06 -6.80
C PHE A 31 -10.94 -4.97 -5.89
N LEU A 32 -9.79 -4.47 -5.44
CA LEU A 32 -8.90 -5.25 -4.58
C LEU A 32 -9.55 -5.50 -3.22
N LYS A 33 -10.35 -4.56 -2.75
CA LYS A 33 -11.12 -4.73 -1.50
C LYS A 33 -12.26 -5.71 -1.78
N LYS A 34 -12.81 -5.64 -2.98
CA LYS A 34 -13.84 -6.56 -3.43
C LYS A 34 -13.28 -8.00 -3.43
N GLU A 35 -11.98 -8.11 -3.74
CA GLU A 35 -11.25 -9.38 -3.72
C GLU A 35 -10.65 -9.63 -2.33
N PHE A 36 -10.96 -8.73 -1.39
CA PHE A 36 -10.52 -8.83 0.01
C PHE A 36 -9.03 -8.49 0.20
N SER A 37 -8.22 -8.67 -0.85
CA SER A 37 -6.78 -8.59 -0.71
C SER A 37 -6.29 -7.13 -0.71
N ALA A 38 -7.19 -6.21 -0.35
CA ALA A 38 -6.84 -4.79 -0.15
C ALA A 38 -5.72 -4.67 0.87
N GLU A 39 -5.51 -5.76 1.63
CA GLU A 39 -4.44 -5.89 2.61
C GLU A 39 -3.18 -5.19 2.13
N ASN A 40 -2.83 -5.46 0.87
CA ASN A 40 -1.62 -4.92 0.26
C ASN A 40 -1.60 -3.39 0.25
N VAL A 41 -2.54 -2.81 -0.49
CA VAL A 41 -2.59 -1.36 -0.68
C VAL A 41 -2.87 -0.62 0.63
N THR A 42 -3.64 -1.24 1.51
CA THR A 42 -3.96 -0.63 2.80
C THR A 42 -2.73 -0.62 3.70
N PHE A 43 -1.96 -1.70 3.66
CA PHE A 43 -0.70 -1.78 4.42
C PHE A 43 0.30 -0.79 3.86
N TRP A 44 0.35 -0.67 2.54
CA TRP A 44 1.24 0.29 1.89
C TRP A 44 0.79 1.71 2.19
N LYS A 45 -0.53 1.90 2.27
CA LYS A 45 -1.10 3.21 2.64
C LYS A 45 -0.68 3.57 4.06
N ALA A 46 -0.38 2.56 4.86
CA ALA A 46 0.12 2.79 6.19
C ALA A 46 1.48 3.49 6.14
N CYS A 47 2.25 3.23 5.08
CA CYS A 47 3.59 3.81 4.96
C CYS A 47 3.52 5.30 4.64
N GLU A 48 2.67 5.66 3.67
CA GLU A 48 2.54 7.06 3.25
C GLU A 48 2.07 7.92 4.44
N ARG A 49 1.44 7.30 5.41
CA ARG A 49 0.99 7.97 6.62
C ARG A 49 2.05 7.83 7.72
N PHE A 50 2.80 6.73 7.66
CA PHE A 50 3.84 6.43 8.64
C PHE A 50 5.00 7.44 8.51
N GLN A 51 5.48 7.62 7.29
CA GLN A 51 6.57 8.54 7.01
C GLN A 51 6.11 9.99 7.12
N GLN A 52 4.79 10.18 7.18
CA GLN A 52 4.20 11.52 7.32
C GLN A 52 4.52 12.07 8.71
N ILE A 53 4.67 11.18 9.67
CA ILE A 53 5.02 11.55 11.04
C ILE A 53 6.53 11.75 11.13
N PRO A 54 6.99 12.93 11.59
CA PRO A 54 8.40 13.31 11.55
C PRO A 54 9.17 12.87 12.80
N ALA A 55 8.65 11.83 13.46
CA ALA A 55 9.22 11.34 14.71
C ALA A 55 9.12 12.40 15.80
N SER A 56 9.87 12.20 16.89
CA SER A 56 9.97 13.17 17.99
C SER A 56 8.72 13.11 18.88
N ASP A 57 7.59 12.79 18.29
CA ASP A 57 6.36 12.57 19.05
C ASP A 57 6.26 11.10 19.40
N THR A 58 7.06 10.69 20.39
CA THR A 58 7.15 9.28 20.77
C THR A 58 5.78 8.71 21.16
N GLN A 59 4.92 9.58 21.70
CA GLN A 59 3.55 9.20 22.02
C GLN A 59 2.83 8.74 20.75
N GLN A 60 2.84 9.60 19.73
CA GLN A 60 2.23 9.28 18.44
C GLN A 60 2.87 8.03 17.86
N LEU A 61 4.20 7.99 17.85
CA LEU A 61 4.95 6.87 17.30
C LEU A 61 4.49 5.54 17.91
N ALA A 62 4.27 5.55 19.22
CA ALA A 62 3.78 4.36 19.91
C ALA A 62 2.38 4.00 19.40
N GLN A 63 1.61 5.01 19.02
CA GLN A 63 0.23 4.83 18.59
C GLN A 63 0.14 4.23 17.18
N GLU A 64 0.68 4.94 16.18
CA GLU A 64 0.48 4.51 14.78
C GLU A 64 1.23 3.21 14.51
N ALA A 65 2.42 3.07 15.09
CA ALA A 65 3.20 1.83 14.99
C ALA A 65 2.40 0.66 15.57
N ARG A 66 1.81 0.88 16.74
CA ARG A 66 1.00 -0.16 17.40
C ARG A 66 -0.27 -0.43 16.60
N ASN A 67 -0.79 0.61 15.95
CA ASN A 67 -1.96 0.46 15.08
C ASN A 67 -1.66 -0.50 13.95
N ILE A 68 -0.59 -0.21 13.21
CA ILE A 68 -0.15 -1.03 12.09
C ILE A 68 0.15 -2.46 12.57
N TYR A 69 0.74 -2.56 13.77
CA TYR A 69 1.06 -3.85 14.37
C TYR A 69 -0.20 -4.70 14.50
N GLN A 70 -1.15 -4.21 15.29
CA GLN A 70 -2.37 -4.98 15.61
C GLN A 70 -3.33 -5.05 14.43
N GLU A 71 -2.98 -4.42 13.31
CA GLU A 71 -3.88 -4.35 12.15
C GLU A 71 -3.38 -5.21 11.00
N PHE A 72 -2.06 -5.31 10.84
CA PHE A 72 -1.47 -6.06 9.74
C PHE A 72 -0.42 -7.07 10.24
N LEU A 73 0.34 -6.66 11.26
CA LEU A 73 1.51 -7.42 11.70
C LEU A 73 1.13 -8.47 12.75
N SER A 74 -0.02 -8.31 13.39
CA SER A 74 -0.45 -9.25 14.43
C SER A 74 -0.88 -10.58 13.80
N SER A 75 -0.99 -11.62 14.61
CA SER A 75 -1.36 -12.95 14.12
C SER A 75 -2.79 -12.92 13.56
N GLN A 76 -3.73 -12.48 14.40
CA GLN A 76 -5.14 -12.42 14.03
C GLN A 76 -5.49 -10.98 13.64
N ALA A 77 -4.63 -10.39 12.83
CA ALA A 77 -4.79 -9.03 12.35
C ALA A 77 -6.10 -8.84 11.58
N LEU A 78 -6.53 -7.57 11.43
CA LEU A 78 -7.72 -7.23 10.66
C LEU A 78 -7.56 -7.74 9.23
N SER A 79 -6.36 -7.53 8.71
CA SER A 79 -5.98 -8.05 7.40
C SER A 79 -4.51 -8.47 7.45
N PRO A 80 -4.25 -9.73 7.87
CA PRO A 80 -2.88 -10.23 8.02
C PRO A 80 -2.16 -10.33 6.68
N VAL A 81 -1.29 -9.36 6.43
CA VAL A 81 -0.54 -9.28 5.17
C VAL A 81 0.34 -10.52 4.94
N ASN A 82 0.52 -11.32 6.01
CA ASN A 82 1.18 -12.62 5.91
C ASN A 82 2.67 -12.50 5.56
N ILE A 83 3.23 -11.31 5.78
CA ILE A 83 4.66 -11.08 5.55
C ILE A 83 5.50 -11.83 6.59
N ASP A 84 6.79 -11.52 6.65
CA ASP A 84 7.70 -12.17 7.58
C ASP A 84 7.41 -11.73 9.02
N ARG A 85 6.39 -12.35 9.61
CA ARG A 85 6.01 -12.09 10.99
C ARG A 85 6.77 -13.04 11.92
N GLN A 86 6.88 -14.29 11.50
CA GLN A 86 7.59 -15.32 12.28
C GLN A 86 9.06 -14.95 12.44
N ALA A 87 9.57 -14.16 11.49
CA ALA A 87 10.96 -13.70 11.51
C ALA A 87 11.00 -12.17 11.61
N TRP A 88 9.97 -11.61 12.22
CA TRP A 88 9.85 -10.15 12.33
C TRP A 88 10.64 -9.62 13.54
N LEU A 89 10.80 -8.31 13.58
CA LEU A 89 11.55 -7.63 14.65
C LEU A 89 11.03 -8.05 16.02
N GLY A 90 9.77 -7.74 16.28
CA GLY A 90 9.12 -8.18 17.50
C GLY A 90 8.67 -7.04 18.39
N GLU A 91 8.34 -7.38 19.63
CA GLU A 91 7.83 -6.44 20.63
C GLU A 91 8.75 -5.24 20.84
N GLU A 92 10.00 -5.34 20.40
CA GLU A 92 10.99 -4.28 20.58
C GLU A 92 10.50 -3.00 19.91
N VAL A 93 9.70 -3.18 18.87
CA VAL A 93 9.13 -2.06 18.13
C VAL A 93 8.11 -1.31 18.98
N LEU A 94 7.30 -2.06 19.73
CA LEU A 94 6.26 -1.48 20.58
C LEU A 94 6.88 -0.78 21.77
N ALA A 95 8.11 -1.19 22.11
CA ALA A 95 8.87 -0.56 23.17
C ALA A 95 9.44 0.77 22.70
N GLU A 96 10.11 0.75 21.55
CA GLU A 96 10.78 1.92 21.01
C GLU A 96 10.44 2.09 19.53
N PRO A 97 9.44 2.93 19.21
CA PRO A 97 8.96 3.13 17.84
C PRO A 97 9.74 4.20 17.07
N ARG A 98 9.48 4.27 15.76
CA ARG A 98 10.16 5.19 14.85
C ARG A 98 9.43 5.19 13.50
N PRO A 99 9.32 6.36 12.85
CA PRO A 99 8.46 6.53 11.65
C PRO A 99 9.05 5.91 10.38
N ASP A 100 10.03 5.02 10.55
CA ASP A 100 10.66 4.35 9.40
C ASP A 100 10.84 2.86 9.70
N MET A 101 10.31 2.43 10.84
CA MET A 101 10.55 1.08 11.35
C MET A 101 10.06 -0.02 10.39
N PHE A 102 8.99 0.26 9.65
CA PHE A 102 8.30 -0.77 8.87
C PHE A 102 8.58 -0.64 7.37
N ARG A 103 9.54 0.20 6.98
CA ARG A 103 9.80 0.46 5.56
C ARG A 103 10.12 -0.85 4.81
N ALA A 104 10.93 -1.70 5.44
CA ALA A 104 11.33 -2.98 4.85
C ALA A 104 10.10 -3.81 4.49
N GLN A 105 9.24 -4.04 5.47
CA GLN A 105 8.03 -4.84 5.28
C GLN A 105 7.10 -4.18 4.25
N GLN A 106 7.10 -2.85 4.24
CA GLN A 106 6.26 -2.09 3.30
C GLN A 106 6.60 -2.43 1.86
N LEU A 107 7.88 -2.43 1.53
CA LEU A 107 8.32 -2.72 0.18
C LEU A 107 8.10 -4.19 -0.17
N GLN A 108 8.07 -5.06 0.84
CA GLN A 108 7.76 -6.48 0.62
C GLN A 108 6.37 -6.60 -0.02
N ILE A 109 5.40 -5.97 0.63
CA ILE A 109 4.03 -5.95 0.13
C ILE A 109 3.96 -5.22 -1.21
N PHE A 110 4.69 -4.12 -1.30
CA PHE A 110 4.76 -3.35 -2.54
C PHE A 110 5.12 -4.25 -3.72
N ASN A 111 6.20 -5.02 -3.57
CA ASN A 111 6.65 -5.93 -4.63
C ASN A 111 5.68 -7.10 -4.82
N LEU A 112 5.03 -7.51 -3.74
CA LEU A 112 4.08 -8.62 -3.78
C LEU A 112 2.97 -8.33 -4.78
N MET A 113 2.34 -7.16 -4.65
CA MET A 113 1.24 -6.76 -5.52
C MET A 113 1.76 -6.11 -6.82
N LYS A 114 3.03 -5.70 -6.80
CA LYS A 114 3.66 -5.04 -7.95
C LYS A 114 3.54 -5.88 -9.22
N PHE A 115 3.62 -7.20 -9.06
CA PHE A 115 3.53 -8.12 -10.20
C PHE A 115 2.33 -9.06 -10.04
N ASP A 116 1.34 -8.62 -9.28
CA ASP A 116 0.16 -9.45 -8.99
C ASP A 116 -1.11 -8.64 -9.18
N SER A 117 -1.48 -7.88 -8.14
CA SER A 117 -2.68 -7.05 -8.18
C SER A 117 -2.56 -6.00 -9.28
N TYR A 118 -1.35 -5.49 -9.47
CA TYR A 118 -1.05 -4.54 -10.55
C TYR A 118 -1.31 -5.19 -11.91
N ALA A 119 -0.77 -6.39 -12.09
CA ALA A 119 -0.92 -7.12 -13.34
C ALA A 119 -2.40 -7.38 -13.63
N ARG A 120 -3.17 -7.59 -12.58
CA ARG A 120 -4.60 -7.80 -12.68
C ARG A 120 -5.31 -6.50 -13.05
N PHE A 121 -4.90 -5.40 -12.41
CA PHE A 121 -5.52 -4.09 -12.60
C PHE A 121 -5.42 -3.63 -14.06
N VAL A 122 -4.20 -3.57 -14.58
CA VAL A 122 -3.97 -3.07 -15.94
C VAL A 122 -4.56 -4.01 -16.99
N LYS A 123 -4.83 -5.24 -16.59
CA LYS A 123 -5.38 -6.26 -17.49
C LYS A 123 -6.90 -6.27 -17.44
N SER A 124 -7.47 -5.89 -16.29
CA SER A 124 -8.92 -5.84 -16.14
C SER A 124 -9.50 -4.68 -16.94
N PRO A 125 -10.72 -4.84 -17.50
CA PRO A 125 -11.37 -3.81 -18.32
C PRO A 125 -11.43 -2.45 -17.61
N LEU A 126 -11.42 -2.48 -16.27
CA LEU A 126 -11.47 -1.27 -15.44
C LEU A 126 -10.45 -0.24 -15.94
N TYR A 127 -9.23 -0.71 -16.24
CA TYR A 127 -8.17 0.15 -16.74
C TYR A 127 -8.61 0.85 -18.02
N ARG A 128 -9.17 0.07 -18.95
CA ARG A 128 -9.62 0.59 -20.24
C ARG A 128 -10.76 1.59 -20.03
N GLU A 129 -11.61 1.32 -19.05
CA GLU A 129 -12.75 2.21 -18.75
C GLU A 129 -12.26 3.58 -18.32
N CYS A 130 -11.13 3.61 -17.60
CA CYS A 130 -10.54 4.86 -17.15
C CYS A 130 -9.92 5.63 -18.32
N LEU A 131 -9.41 4.88 -19.30
CA LEU A 131 -8.80 5.46 -20.49
C LEU A 131 -9.84 5.77 -21.56
N LEU A 132 -11.03 5.20 -21.41
CA LEU A 132 -12.11 5.31 -22.40
C LEU A 132 -11.68 4.61 -23.70
N ALA A 133 -12.27 3.43 -23.93
CA ALA A 133 -11.92 2.58 -25.08
C ALA A 133 -11.83 3.39 -26.38
N GLU A 134 -12.87 4.17 -26.65
CA GLU A 134 -12.91 5.02 -27.82
C GLU A 134 -14.02 6.06 -27.67
N ALA A 135 -13.63 7.31 -27.46
CA ALA A 135 -14.59 8.39 -27.27
C ALA A 135 -14.13 9.65 -28.01
N GLU A 136 -12.99 10.19 -27.62
CA GLU A 136 -12.50 11.46 -28.16
C GLU A 136 -11.11 11.30 -28.75
N SER A 1 15.08 13.28 -22.37
CA SER A 1 13.66 13.51 -22.71
C SER A 1 12.99 12.18 -22.99
N MET A 2 11.76 12.00 -22.51
CA MET A 2 11.03 10.74 -22.68
C MET A 2 9.54 11.02 -22.83
N THR A 3 8.96 11.69 -21.83
CA THR A 3 7.55 12.04 -21.85
C THR A 3 7.23 13.07 -20.76
N GLU A 4 6.25 13.92 -21.03
CA GLU A 4 5.76 14.89 -20.05
C GLU A 4 4.87 14.18 -19.03
N GLU A 5 4.36 13.02 -19.43
CA GLU A 5 3.51 12.19 -18.60
C GLU A 5 2.26 12.96 -18.15
N GLN A 6 1.36 13.20 -19.10
CA GLN A 6 0.11 13.91 -18.81
C GLN A 6 -1.04 12.93 -18.50
N PRO A 7 -1.29 11.91 -19.37
CA PRO A 7 -2.43 10.99 -19.18
C PRO A 7 -2.21 10.02 -18.01
N VAL A 8 -3.32 9.58 -17.43
CA VAL A 8 -3.29 8.65 -16.29
C VAL A 8 -2.76 7.28 -16.70
N ALA A 9 -2.65 7.05 -18.01
CA ALA A 9 -2.12 5.79 -18.55
C ALA A 9 -0.69 5.52 -18.01
N SER A 10 -0.10 6.54 -17.42
CA SER A 10 1.25 6.46 -16.84
C SER A 10 1.34 5.35 -15.78
N TRP A 11 0.20 4.96 -15.22
CA TRP A 11 0.16 3.87 -14.24
C TRP A 11 0.74 2.59 -14.83
N ALA A 12 0.48 2.38 -16.12
CA ALA A 12 0.87 1.15 -16.82
C ALA A 12 2.38 1.11 -17.08
N LEU A 13 3.06 2.21 -16.77
CA LEU A 13 4.51 2.29 -16.94
C LEU A 13 5.21 1.62 -15.77
N SER A 14 4.73 1.88 -14.55
CA SER A 14 5.32 1.32 -13.34
C SER A 14 4.28 1.23 -12.23
N PHE A 15 4.30 0.13 -11.47
CA PHE A 15 3.38 -0.05 -10.35
C PHE A 15 3.53 1.09 -9.35
N GLU A 16 4.78 1.43 -9.05
CA GLU A 16 5.12 2.58 -8.22
C GLU A 16 4.30 3.81 -8.64
N ARG A 17 4.27 4.09 -9.94
CA ARG A 17 3.56 5.26 -10.46
C ARG A 17 2.08 5.18 -10.09
N LEU A 18 1.49 4.00 -10.28
CA LEU A 18 0.10 3.75 -9.91
C LEU A 18 -0.10 3.91 -8.40
N LEU A 19 0.78 3.30 -7.64
CA LEU A 19 0.65 3.18 -6.21
C LEU A 19 0.95 4.51 -5.51
N GLN A 20 1.63 5.40 -6.22
CA GLN A 20 1.93 6.75 -5.72
C GLN A 20 0.88 7.75 -6.22
N ASP A 21 -0.08 7.28 -7.01
CA ASP A 21 -1.13 8.13 -7.56
C ASP A 21 -2.44 7.88 -6.80
N PRO A 22 -2.98 8.91 -6.13
CA PRO A 22 -4.21 8.79 -5.33
C PRO A 22 -5.39 8.23 -6.12
N LEU A 23 -5.60 8.75 -7.32
CA LEU A 23 -6.72 8.33 -8.17
C LEU A 23 -6.56 6.84 -8.51
N GLY A 24 -5.36 6.48 -8.96
CA GLY A 24 -5.08 5.11 -9.32
C GLY A 24 -5.27 4.16 -8.15
N LEU A 25 -4.56 4.44 -7.06
CA LEU A 25 -4.62 3.61 -5.85
C LEU A 25 -6.07 3.47 -5.36
N ALA A 26 -6.84 4.56 -5.48
CA ALA A 26 -8.22 4.58 -5.02
C ALA A 26 -9.05 3.49 -5.69
N TYR A 27 -9.07 3.50 -7.01
CA TYR A 27 -9.83 2.52 -7.78
C TYR A 27 -9.17 1.14 -7.70
N PHE A 28 -7.86 1.13 -7.54
CA PHE A 28 -7.12 -0.10 -7.37
C PHE A 28 -7.63 -0.86 -6.14
N THR A 29 -7.61 -0.20 -4.99
CA THR A 29 -8.07 -0.82 -3.75
C THR A 29 -9.58 -1.01 -3.76
N GLU A 30 -10.28 -0.27 -4.63
CA GLU A 30 -11.72 -0.35 -4.73
C GLU A 30 -12.16 -1.76 -5.14
N PHE A 31 -11.66 -2.23 -6.30
CA PHE A 31 -12.04 -3.56 -6.80
C PHE A 31 -11.09 -4.64 -6.28
N LEU A 32 -10.00 -4.22 -5.65
CA LEU A 32 -9.00 -5.13 -5.07
C LEU A 32 -9.62 -6.04 -3.99
N LYS A 33 -10.85 -5.72 -3.59
CA LYS A 33 -11.58 -6.52 -2.60
C LYS A 33 -12.02 -7.86 -3.20
N LYS A 34 -12.05 -7.94 -4.54
CA LYS A 34 -12.44 -9.16 -5.24
C LYS A 34 -11.52 -10.32 -4.85
N GLU A 35 -10.22 -10.11 -5.01
CA GLU A 35 -9.23 -11.13 -4.66
C GLU A 35 -8.91 -11.09 -3.18
N PHE A 36 -9.57 -10.17 -2.47
CA PHE A 36 -9.44 -10.04 -1.01
C PHE A 36 -7.99 -9.81 -0.62
N SER A 37 -7.35 -8.84 -1.26
CA SER A 37 -6.00 -8.42 -0.89
C SER A 37 -5.95 -6.90 -0.77
N ALA A 38 -7.14 -6.28 -0.64
CA ALA A 38 -7.24 -4.82 -0.46
C ALA A 38 -6.63 -4.42 0.87
N GLU A 39 -6.38 -5.41 1.69
CA GLU A 39 -5.77 -5.24 3.00
C GLU A 39 -4.27 -5.02 2.84
N ASN A 40 -3.71 -5.59 1.78
CA ASN A 40 -2.27 -5.52 1.53
C ASN A 40 -1.85 -4.07 1.23
N VAL A 41 -2.64 -3.38 0.39
CA VAL A 41 -2.35 -1.98 0.07
C VAL A 41 -2.64 -1.10 1.28
N THR A 42 -3.59 -1.49 2.11
CA THR A 42 -3.90 -0.76 3.33
C THR A 42 -2.72 -0.83 4.30
N PHE A 43 -2.08 -2.00 4.36
CA PHE A 43 -0.89 -2.19 5.18
C PHE A 43 0.26 -1.32 4.65
N TRP A 44 0.33 -1.20 3.33
CA TRP A 44 1.35 -0.38 2.69
C TRP A 44 1.09 1.11 2.96
N LYS A 45 -0.15 1.53 2.74
CA LYS A 45 -0.56 2.92 2.97
C LYS A 45 -0.41 3.28 4.44
N ALA A 46 -0.55 2.29 5.30
CA ALA A 46 -0.35 2.49 6.73
C ALA A 46 1.09 2.93 7.01
N CYS A 47 2.03 2.44 6.20
CA CYS A 47 3.43 2.81 6.32
C CYS A 47 3.70 4.11 5.56
N GLU A 48 2.94 4.34 4.50
CA GLU A 48 3.02 5.57 3.73
C GLU A 48 2.61 6.75 4.62
N ARG A 49 1.50 6.57 5.33
CA ARG A 49 1.02 7.58 6.27
C ARG A 49 1.91 7.62 7.51
N PHE A 50 2.62 6.52 7.74
CA PHE A 50 3.56 6.41 8.86
C PHE A 50 4.79 7.29 8.61
N GLN A 51 5.31 7.25 7.38
CA GLN A 51 6.45 8.09 7.00
C GLN A 51 6.00 9.53 6.77
N GLN A 52 4.69 9.73 6.64
CA GLN A 52 4.10 11.07 6.56
C GLN A 52 4.30 11.80 7.88
N ILE A 53 4.41 11.02 8.95
CA ILE A 53 4.63 11.55 10.30
C ILE A 53 6.01 12.21 10.38
N PRO A 54 6.09 13.45 10.93
CA PRO A 54 7.34 14.23 10.95
C PRO A 54 8.39 13.70 11.94
N ALA A 55 8.32 12.41 12.27
CA ALA A 55 9.32 11.75 13.12
C ALA A 55 9.33 12.30 14.55
N SER A 56 9.87 13.50 14.72
CA SER A 56 10.05 14.15 16.02
C SER A 56 8.75 14.15 16.85
N ASP A 57 7.61 14.07 16.15
CA ASP A 57 6.31 13.97 16.82
C ASP A 57 6.31 12.80 17.80
N THR A 58 6.63 11.61 17.27
CA THR A 58 6.78 10.38 18.05
C THR A 58 5.43 9.81 18.51
N GLN A 59 4.47 10.69 18.79
CA GLN A 59 3.16 10.27 19.27
C GLN A 59 2.41 9.54 18.17
N GLN A 60 2.29 10.20 17.02
CA GLN A 60 1.66 9.63 15.84
C GLN A 60 2.34 8.30 15.49
N LEU A 61 3.66 8.27 15.63
CA LEU A 61 4.44 7.06 15.34
C LEU A 61 3.99 5.90 16.23
N ALA A 62 3.89 6.16 17.53
CA ALA A 62 3.49 5.15 18.50
C ALA A 62 2.07 4.67 18.21
N GLN A 63 1.16 5.63 18.07
CA GLN A 63 -0.26 5.35 17.82
C GLN A 63 -0.43 4.50 16.57
N GLU A 64 0.16 4.97 15.47
CA GLU A 64 0.03 4.31 14.17
C GLU A 64 0.64 2.91 14.21
N ALA A 65 1.89 2.82 14.64
CA ALA A 65 2.62 1.55 14.66
C ALA A 65 1.85 0.47 15.43
N ARG A 66 1.30 0.86 16.59
CA ARG A 66 0.56 -0.07 17.43
C ARG A 66 -0.76 -0.48 16.77
N ASN A 67 -1.36 0.46 16.05
CA ASN A 67 -2.57 0.17 15.29
C ASN A 67 -2.27 -0.85 14.19
N ILE A 68 -1.26 -0.54 13.37
CA ILE A 68 -0.85 -1.42 12.27
C ILE A 68 -0.53 -2.82 12.82
N TYR A 69 0.15 -2.83 13.97
CA TYR A 69 0.53 -4.08 14.64
C TYR A 69 -0.71 -4.93 14.89
N GLN A 70 -1.59 -4.43 15.76
CA GLN A 70 -2.77 -5.20 16.18
C GLN A 70 -3.73 -5.44 15.02
N GLU A 71 -3.52 -4.72 13.91
CA GLU A 71 -4.40 -4.82 12.75
C GLU A 71 -3.97 -6.00 11.85
N PHE A 72 -2.75 -5.90 11.31
CA PHE A 72 -2.27 -6.88 10.33
C PHE A 72 -1.15 -7.75 10.89
N LEU A 73 -0.35 -7.19 11.79
CA LEU A 73 0.87 -7.85 12.26
C LEU A 73 0.68 -8.57 13.59
N SER A 74 -0.54 -8.53 14.12
CA SER A 74 -0.85 -9.25 15.35
C SER A 74 -0.78 -10.76 15.11
N SER A 75 -0.80 -11.53 16.20
CA SER A 75 -0.69 -12.99 16.12
C SER A 75 -1.79 -13.55 15.23
N GLN A 76 -3.05 -13.26 15.58
CA GLN A 76 -4.20 -13.69 14.79
C GLN A 76 -4.40 -12.75 13.61
N ALA A 77 -4.64 -11.47 13.93
CA ALA A 77 -4.79 -10.41 12.93
C ALA A 77 -6.00 -10.62 12.03
N LEU A 78 -6.44 -9.55 11.39
CA LEU A 78 -7.50 -9.61 10.40
C LEU A 78 -6.93 -10.22 9.11
N SER A 79 -5.73 -9.79 8.78
CA SER A 79 -5.00 -10.29 7.63
C SER A 79 -3.50 -10.06 7.84
N PRO A 80 -2.74 -11.13 8.17
CA PRO A 80 -1.28 -11.06 8.30
C PRO A 80 -0.59 -10.89 6.93
N VAL A 81 -1.14 -9.99 6.11
CA VAL A 81 -0.75 -9.80 4.71
C VAL A 81 -0.16 -11.07 4.07
N ASN A 82 1.17 -11.11 3.96
CA ASN A 82 1.87 -12.27 3.39
C ASN A 82 3.37 -12.06 3.57
N ILE A 83 3.77 -11.90 4.83
CA ILE A 83 5.15 -11.57 5.20
C ILE A 83 5.56 -12.35 6.45
N ASP A 84 6.79 -12.14 6.91
CA ASP A 84 7.31 -12.83 8.10
C ASP A 84 7.18 -11.93 9.33
N ARG A 85 6.44 -12.41 10.33
CA ARG A 85 6.17 -11.63 11.54
C ARG A 85 6.98 -12.17 12.73
N GLN A 86 7.38 -13.44 12.65
CA GLN A 86 8.09 -14.09 13.76
C GLN A 86 9.47 -13.47 13.95
N ALA A 87 10.20 -13.26 12.86
CA ALA A 87 11.52 -12.66 12.91
C ALA A 87 11.42 -11.14 12.83
N TRP A 88 10.23 -10.61 13.08
CA TRP A 88 9.99 -9.17 13.07
C TRP A 88 10.66 -8.52 14.27
N LEU A 89 10.79 -7.19 14.24
CA LEU A 89 11.46 -6.45 15.32
C LEU A 89 10.74 -6.69 16.65
N GLY A 90 9.42 -6.77 16.59
CA GLY A 90 8.63 -7.12 17.76
C GLY A 90 8.13 -5.90 18.52
N GLU A 91 7.94 -6.08 19.83
CA GLU A 91 7.38 -5.06 20.71
C GLU A 91 8.29 -3.84 20.79
N GLU A 92 9.56 -4.04 20.43
CA GLU A 92 10.57 -2.99 20.47
C GLU A 92 10.15 -1.82 19.59
N VAL A 93 9.35 -2.13 18.58
CA VAL A 93 8.82 -1.13 17.67
C VAL A 93 7.79 -0.25 18.36
N LEU A 94 6.91 -0.88 19.13
CA LEU A 94 5.80 -0.19 19.77
C LEU A 94 6.30 0.61 20.97
N ALA A 95 7.45 0.20 21.50
CA ALA A 95 8.10 0.91 22.59
C ALA A 95 8.80 2.18 22.06
N GLU A 96 9.73 1.97 21.13
CA GLU A 96 10.49 3.08 20.54
C GLU A 96 10.33 3.06 19.01
N PRO A 97 9.37 3.81 18.47
CA PRO A 97 9.11 3.85 17.02
C PRO A 97 10.00 4.86 16.28
N ARG A 98 9.87 4.88 14.96
CA ARG A 98 10.63 5.80 14.11
C ARG A 98 9.97 5.83 12.72
N PRO A 99 10.17 6.91 11.94
CA PRO A 99 9.50 7.10 10.64
C PRO A 99 9.72 5.92 9.68
N ASP A 100 10.90 5.32 9.75
CA ASP A 100 11.24 4.20 8.87
C ASP A 100 11.49 2.94 9.71
N MET A 101 10.51 2.04 9.72
CA MET A 101 10.57 0.83 10.54
C MET A 101 10.09 -0.38 9.75
N PHE A 102 8.93 -0.24 9.10
CA PHE A 102 8.28 -1.36 8.40
C PHE A 102 8.79 -1.50 6.97
N ARG A 103 9.88 -0.78 6.66
CA ARG A 103 10.40 -0.69 5.29
C ARG A 103 10.58 -2.08 4.67
N ALA A 104 11.32 -2.95 5.36
CA ALA A 104 11.61 -4.29 4.86
C ALA A 104 10.32 -5.02 4.47
N GLN A 105 9.30 -4.93 5.31
CA GLN A 105 8.01 -5.57 5.07
C GLN A 105 7.31 -4.94 3.86
N GLN A 106 7.44 -3.62 3.73
CA GLN A 106 6.73 -2.87 2.70
C GLN A 106 7.21 -3.23 1.31
N LEU A 107 8.50 -3.53 1.18
CA LEU A 107 9.05 -3.94 -0.11
C LEU A 107 8.49 -5.30 -0.51
N GLN A 108 8.28 -6.18 0.48
CA GLN A 108 7.68 -7.48 0.23
C GLN A 108 6.25 -7.31 -0.30
N ILE A 109 5.50 -6.41 0.34
CA ILE A 109 4.12 -6.12 -0.05
C ILE A 109 4.08 -5.49 -1.45
N PHE A 110 4.86 -4.43 -1.63
CA PHE A 110 4.93 -3.71 -2.90
C PHE A 110 5.29 -4.67 -4.04
N ASN A 111 6.37 -5.43 -3.85
CA ASN A 111 6.88 -6.32 -4.89
C ASN A 111 5.98 -7.54 -5.09
N LEU A 112 5.10 -7.80 -4.11
CA LEU A 112 4.16 -8.93 -4.20
C LEU A 112 3.06 -8.63 -5.23
N MET A 113 2.25 -7.62 -4.94
CA MET A 113 1.14 -7.25 -5.81
C MET A 113 1.65 -6.61 -7.11
N LYS A 114 2.93 -6.26 -7.11
CA LYS A 114 3.58 -5.63 -8.26
C LYS A 114 3.36 -6.41 -9.55
N PHE A 115 3.53 -7.74 -9.49
CA PHE A 115 3.52 -8.56 -10.70
C PHE A 115 2.18 -9.27 -10.90
N ASP A 116 1.15 -8.89 -10.14
CA ASP A 116 -0.12 -9.61 -10.19
C ASP A 116 -1.30 -8.67 -10.11
N SER A 117 -1.57 -8.13 -8.92
CA SER A 117 -2.68 -7.21 -8.72
C SER A 117 -2.53 -6.00 -9.64
N TYR A 118 -1.30 -5.50 -9.74
CA TYR A 118 -0.98 -4.41 -10.67
C TYR A 118 -1.25 -4.83 -12.11
N ALA A 119 -0.72 -5.98 -12.49
CA ALA A 119 -0.89 -6.50 -13.84
C ALA A 119 -2.37 -6.66 -14.18
N ARG A 120 -3.17 -6.93 -13.14
CA ARG A 120 -4.60 -7.13 -13.29
C ARG A 120 -5.34 -5.78 -13.31
N PHE A 121 -4.83 -4.80 -12.56
CA PHE A 121 -5.45 -3.47 -12.53
C PHE A 121 -5.52 -2.88 -13.92
N VAL A 122 -4.38 -2.79 -14.58
CA VAL A 122 -4.30 -2.22 -15.93
C VAL A 122 -5.04 -3.11 -16.94
N LYS A 123 -5.36 -4.32 -16.51
CA LYS A 123 -6.09 -5.28 -17.34
C LYS A 123 -7.59 -5.16 -17.12
N SER A 124 -7.97 -4.58 -15.98
CA SER A 124 -9.38 -4.42 -15.62
C SER A 124 -10.06 -3.37 -16.50
N PRO A 125 -11.33 -3.61 -16.89
CA PRO A 125 -12.08 -2.68 -17.76
C PRO A 125 -12.25 -1.30 -17.11
N LEU A 126 -12.15 -1.25 -15.79
CA LEU A 126 -12.26 0.00 -15.04
C LEU A 126 -11.23 1.02 -15.57
N TYR A 127 -10.12 0.49 -16.10
CA TYR A 127 -9.07 1.30 -16.70
C TYR A 127 -9.66 2.27 -17.75
N ARG A 128 -10.70 1.81 -18.45
CA ARG A 128 -11.43 2.65 -19.41
C ARG A 128 -12.04 3.86 -18.70
N GLU A 129 -12.79 3.60 -17.63
CA GLU A 129 -13.44 4.67 -16.87
C GLU A 129 -12.42 5.66 -16.31
N CYS A 130 -11.21 5.17 -16.04
CA CYS A 130 -10.14 6.01 -15.52
C CYS A 130 -9.49 6.84 -16.62
N LEU A 131 -9.56 6.34 -17.86
CA LEU A 131 -8.92 7.00 -18.99
C LEU A 131 -9.83 8.08 -19.61
N LEU A 132 -11.07 7.71 -19.92
CA LEU A 132 -12.00 8.65 -20.54
C LEU A 132 -13.05 9.12 -19.55
N ALA A 133 -12.77 10.25 -18.92
CA ALA A 133 -13.71 10.89 -17.99
C ALA A 133 -13.62 12.40 -18.13
N GLU A 134 -13.04 12.84 -19.25
CA GLU A 134 -12.79 14.25 -19.49
C GLU A 134 -13.18 14.58 -20.94
N ALA A 135 -14.21 15.42 -21.08
CA ALA A 135 -14.74 15.83 -22.39
C ALA A 135 -15.50 14.68 -23.07
N GLU A 136 -14.76 13.65 -23.48
CA GLU A 136 -15.31 12.50 -24.22
C GLU A 136 -15.66 12.88 -25.66
N SER A 1 5.20 7.63 -27.25
CA SER A 1 5.89 7.35 -25.97
C SER A 1 5.58 8.44 -24.95
N MET A 2 5.89 9.69 -25.30
CA MET A 2 5.57 10.84 -24.44
C MET A 2 5.54 12.12 -25.28
N THR A 3 4.33 12.50 -25.66
CA THR A 3 4.12 13.69 -26.49
C THR A 3 2.72 14.25 -26.25
N GLU A 4 2.15 13.90 -25.11
CA GLU A 4 0.76 14.21 -24.80
C GLU A 4 0.66 14.82 -23.40
N GLU A 5 -0.57 14.93 -22.89
CA GLU A 5 -0.81 15.54 -21.59
C GLU A 5 -0.39 14.59 -20.45
N GLN A 6 0.10 13.41 -20.81
CA GLN A 6 0.47 12.39 -19.84
C GLN A 6 -0.76 11.99 -19.01
N PRO A 7 -1.57 11.06 -19.55
CA PRO A 7 -2.82 10.64 -18.92
C PRO A 7 -2.62 9.57 -17.84
N VAL A 8 -3.73 8.95 -17.42
CA VAL A 8 -3.71 7.91 -16.38
C VAL A 8 -2.78 6.74 -16.74
N ALA A 9 -2.35 6.69 -18.01
CA ALA A 9 -1.41 5.67 -18.48
C ALA A 9 -0.10 5.71 -17.69
N SER A 10 0.10 6.79 -16.94
CA SER A 10 1.29 6.95 -16.11
C SER A 10 1.45 5.79 -15.12
N TRP A 11 0.32 5.26 -14.66
CA TRP A 11 0.32 4.13 -13.72
C TRP A 11 1.01 2.92 -14.34
N ALA A 12 0.74 2.70 -15.63
CA ALA A 12 1.27 1.53 -16.35
C ALA A 12 2.78 1.61 -16.53
N LEU A 13 3.38 2.71 -16.07
CA LEU A 13 4.83 2.89 -16.12
C LEU A 13 5.49 2.40 -14.84
N SER A 14 4.80 2.53 -13.71
CA SER A 14 5.34 2.12 -12.41
C SER A 14 4.22 1.84 -11.41
N PHE A 15 4.38 0.78 -10.62
CA PHE A 15 3.40 0.41 -9.61
C PHE A 15 3.33 1.50 -8.54
N GLU A 16 4.49 2.03 -8.18
CA GLU A 16 4.60 3.16 -7.26
C GLU A 16 3.68 4.29 -7.69
N ARG A 17 3.73 4.63 -8.98
CA ARG A 17 2.93 5.71 -9.54
C ARG A 17 1.44 5.47 -9.29
N LEU A 18 1.00 4.23 -9.54
CA LEU A 18 -0.38 3.83 -9.30
C LEU A 18 -0.70 3.83 -7.81
N LEU A 19 0.22 3.30 -7.03
CA LEU A 19 0.02 3.02 -5.62
C LEU A 19 0.15 4.29 -4.78
N GLN A 20 0.69 5.33 -5.38
CA GLN A 20 0.82 6.64 -4.73
C GLN A 20 -0.21 7.62 -5.31
N ASP A 21 -0.97 7.16 -6.30
CA ASP A 21 -1.96 8.01 -6.96
C ASP A 21 -3.34 7.83 -6.30
N PRO A 22 -3.98 8.94 -5.88
CA PRO A 22 -5.29 8.88 -5.21
C PRO A 22 -6.37 8.22 -6.08
N LEU A 23 -6.36 8.55 -7.37
CA LEU A 23 -7.37 8.03 -8.30
C LEU A 23 -7.08 6.55 -8.58
N GLY A 24 -5.79 6.25 -8.76
CA GLY A 24 -5.37 4.87 -8.95
C GLY A 24 -5.76 4.00 -7.79
N LEU A 25 -5.23 4.32 -6.61
CA LEU A 25 -5.57 3.62 -5.37
C LEU A 25 -7.08 3.50 -5.18
N ALA A 26 -7.83 4.54 -5.59
CA ALA A 26 -9.27 4.56 -5.42
C ALA A 26 -9.91 3.33 -6.07
N TYR A 27 -9.80 3.23 -7.39
CA TYR A 27 -10.41 2.13 -8.13
C TYR A 27 -9.68 0.81 -7.87
N PHE A 28 -8.37 0.90 -7.67
CA PHE A 28 -7.56 -0.28 -7.39
C PHE A 28 -8.00 -0.94 -6.09
N THR A 29 -8.27 -0.13 -5.08
CA THR A 29 -8.69 -0.64 -3.79
C THR A 29 -10.17 -1.05 -3.82
N GLU A 30 -10.90 -0.56 -4.84
CA GLU A 30 -12.29 -0.95 -5.04
C GLU A 30 -12.41 -2.45 -5.34
N PHE A 31 -11.90 -2.86 -6.50
CA PHE A 31 -12.11 -4.24 -6.95
C PHE A 31 -11.10 -5.19 -6.33
N LEU A 32 -10.19 -4.66 -5.50
CA LEU A 32 -9.26 -5.49 -4.72
C LEU A 32 -9.82 -5.76 -3.33
N LYS A 33 -10.81 -4.97 -2.92
CA LYS A 33 -11.48 -5.18 -1.63
C LYS A 33 -12.88 -5.74 -1.85
N LYS A 34 -13.14 -6.18 -3.08
CA LYS A 34 -14.43 -6.77 -3.43
C LYS A 34 -14.48 -8.22 -2.92
N GLU A 35 -13.35 -8.90 -3.07
CA GLU A 35 -13.19 -10.26 -2.57
C GLU A 35 -12.33 -10.24 -1.30
N PHE A 36 -12.06 -9.03 -0.82
CA PHE A 36 -11.33 -8.81 0.42
C PHE A 36 -9.89 -9.29 0.26
N SER A 37 -9.09 -8.48 -0.43
CA SER A 37 -7.69 -8.79 -0.69
C SER A 37 -6.85 -7.50 -0.75
N ALA A 38 -7.45 -6.39 -0.31
CA ALA A 38 -6.80 -5.08 -0.38
C ALA A 38 -6.03 -4.76 0.90
N GLU A 39 -6.11 -5.68 1.85
CA GLU A 39 -5.52 -5.49 3.17
C GLU A 39 -4.02 -5.21 3.06
N ASN A 40 -3.40 -5.78 2.03
CA ASN A 40 -1.97 -5.63 1.81
C ASN A 40 -1.62 -4.18 1.42
N VAL A 41 -2.38 -3.61 0.48
CA VAL A 41 -2.13 -2.25 0.05
C VAL A 41 -2.57 -1.27 1.14
N THR A 42 -3.61 -1.63 1.87
CA THR A 42 -4.07 -0.83 3.02
C THR A 42 -2.99 -0.78 4.10
N PHE A 43 -2.31 -1.92 4.29
CA PHE A 43 -1.14 -1.98 5.16
C PHE A 43 -0.09 -0.98 4.67
N TRP A 44 0.16 -1.01 3.37
CA TRP A 44 1.16 -0.13 2.76
C TRP A 44 0.72 1.34 2.90
N LYS A 45 -0.58 1.61 2.76
CA LYS A 45 -1.13 2.96 2.92
C LYS A 45 -0.77 3.49 4.29
N ALA A 46 -1.10 2.71 5.30
CA ALA A 46 -0.88 3.08 6.70
C ALA A 46 0.61 3.27 6.98
N CYS A 47 1.43 2.38 6.43
CA CYS A 47 2.87 2.45 6.61
C CYS A 47 3.47 3.65 5.86
N GLU A 48 2.85 4.02 4.74
CA GLU A 48 3.27 5.20 3.99
C GLU A 48 2.91 6.46 4.80
N ARG A 49 1.68 6.49 5.29
CA ARG A 49 1.21 7.58 6.15
C ARG A 49 2.02 7.61 7.45
N PHE A 50 2.64 6.47 7.78
CA PHE A 50 3.52 6.37 8.94
C PHE A 50 4.86 7.04 8.65
N GLN A 51 5.48 6.68 7.53
CA GLN A 51 6.78 7.24 7.15
C GLN A 51 6.63 8.70 6.68
N GLN A 52 5.38 9.10 6.48
CA GLN A 52 5.06 10.48 6.10
C GLN A 52 5.10 11.40 7.33
N ILE A 53 5.19 10.77 8.51
CA ILE A 53 5.25 11.50 9.77
C ILE A 53 6.69 11.87 10.11
N PRO A 54 6.95 13.10 10.61
CA PRO A 54 8.29 13.52 11.04
C PRO A 54 8.87 12.57 12.09
N ALA A 55 10.13 12.18 11.89
CA ALA A 55 10.81 11.22 12.77
C ALA A 55 10.81 11.70 14.23
N SER A 56 10.92 13.02 14.41
CA SER A 56 11.04 13.60 15.75
C SER A 56 9.67 13.80 16.39
N ASP A 57 8.60 13.42 15.69
CA ASP A 57 7.26 13.52 16.26
C ASP A 57 7.08 12.47 17.37
N THR A 58 7.23 11.20 16.98
CA THR A 58 7.25 10.07 17.92
C THR A 58 5.83 9.70 18.39
N GLN A 59 4.98 10.69 18.56
CA GLN A 59 3.63 10.48 19.09
C GLN A 59 2.76 9.78 18.05
N GLN A 60 2.55 10.48 16.93
CA GLN A 60 1.80 9.95 15.80
C GLN A 60 2.39 8.62 15.36
N LEU A 61 3.73 8.56 15.33
CA LEU A 61 4.44 7.34 14.94
C LEU A 61 4.00 6.15 15.78
N ALA A 62 4.00 6.33 17.10
CA ALA A 62 3.64 5.26 18.03
C ALA A 62 2.21 4.78 17.80
N GLN A 63 1.29 5.74 17.64
CA GLN A 63 -0.12 5.43 17.47
C GLN A 63 -0.36 4.68 16.16
N GLU A 64 0.18 5.23 15.07
CA GLU A 64 0.04 4.61 13.75
C GLU A 64 0.63 3.20 13.75
N ALA A 65 1.86 3.08 14.23
CA ALA A 65 2.59 1.81 14.21
C ALA A 65 1.82 0.70 14.93
N ARG A 66 1.27 1.02 16.10
CA ARG A 66 0.58 0.01 16.91
C ARG A 66 -0.68 -0.48 16.21
N ASN A 67 -1.41 0.43 15.57
CA ASN A 67 -2.61 0.07 14.82
C ASN A 67 -2.24 -0.82 13.65
N ILE A 68 -1.21 -0.42 12.91
CA ILE A 68 -0.69 -1.22 11.80
C ILE A 68 -0.35 -2.63 12.30
N TYR A 69 0.30 -2.67 13.46
CA TYR A 69 0.65 -3.92 14.10
C TYR A 69 -0.60 -4.76 14.39
N GLN A 70 -1.52 -4.19 15.15
CA GLN A 70 -2.66 -4.93 15.68
C GLN A 70 -3.76 -5.16 14.64
N GLU A 71 -3.52 -4.79 13.39
CA GLU A 71 -4.54 -4.96 12.35
C GLU A 71 -4.00 -5.67 11.11
N PHE A 72 -2.68 -5.75 10.99
CA PHE A 72 -2.07 -6.40 9.82
C PHE A 72 -0.92 -7.34 10.21
N LEU A 73 -0.45 -7.26 11.45
CA LEU A 73 0.80 -7.92 11.84
C LEU A 73 0.66 -8.78 13.10
N SER A 74 -0.27 -8.43 13.98
CA SER A 74 -0.38 -9.08 15.28
C SER A 74 -1.03 -10.47 15.16
N SER A 75 -0.23 -11.45 14.70
CA SER A 75 -0.67 -12.84 14.53
C SER A 75 -2.05 -12.96 13.84
N GLN A 76 -3.12 -12.74 14.61
CA GLN A 76 -4.46 -12.70 14.05
C GLN A 76 -4.67 -11.36 13.35
N ALA A 77 -4.73 -10.28 14.14
CA ALA A 77 -4.79 -8.91 13.62
C ALA A 77 -6.04 -8.68 12.76
N LEU A 78 -6.95 -9.66 12.76
CA LEU A 78 -8.17 -9.64 11.94
C LEU A 78 -7.85 -9.89 10.46
N SER A 79 -6.76 -9.31 10.00
CA SER A 79 -6.34 -9.41 8.60
C SER A 79 -4.82 -9.28 8.48
N PRO A 80 -4.08 -10.38 8.69
CA PRO A 80 -2.62 -10.37 8.63
C PRO A 80 -2.09 -10.43 7.20
N VAL A 81 -1.15 -9.53 6.88
CA VAL A 81 -0.53 -9.51 5.55
C VAL A 81 0.33 -10.76 5.32
N ASN A 82 0.63 -11.47 6.41
CA ASN A 82 1.34 -12.75 6.36
C ASN A 82 2.71 -12.63 5.69
N ILE A 83 3.37 -11.49 5.91
CA ILE A 83 4.77 -11.32 5.50
C ILE A 83 5.66 -12.29 6.27
N ASP A 84 6.99 -12.12 6.13
CA ASP A 84 7.96 -13.01 6.78
C ASP A 84 7.60 -13.24 8.24
N ARG A 85 7.56 -12.15 9.03
CA ARG A 85 7.29 -12.19 10.47
C ARG A 85 8.44 -12.84 11.24
N GLN A 86 8.90 -14.01 10.79
CA GLN A 86 10.05 -14.68 11.40
C GLN A 86 11.28 -13.79 11.39
N ALA A 87 11.38 -12.92 10.39
CA ALA A 87 12.49 -11.98 10.26
C ALA A 87 12.04 -10.55 10.53
N TRP A 88 10.96 -10.40 11.30
CA TRP A 88 10.36 -9.10 11.57
C TRP A 88 10.96 -8.50 12.84
N LEU A 89 10.49 -7.31 13.22
CA LEU A 89 11.01 -6.60 14.37
C LEU A 89 10.61 -7.31 15.67
N GLY A 90 9.35 -7.11 16.08
CA GLY A 90 8.84 -7.72 17.30
C GLY A 90 8.26 -6.69 18.25
N GLU A 91 7.85 -7.15 19.44
CA GLU A 91 7.25 -6.28 20.46
C GLU A 91 8.15 -5.07 20.76
N GLU A 92 9.45 -5.25 20.61
CA GLU A 92 10.43 -4.24 20.97
C GLU A 92 10.32 -3.01 20.08
N VAL A 93 9.75 -3.19 18.90
CA VAL A 93 9.66 -2.08 17.94
C VAL A 93 8.56 -1.10 18.35
N LEU A 94 7.61 -1.58 19.15
CA LEU A 94 6.55 -0.72 19.68
C LEU A 94 7.08 0.13 20.84
N ALA A 95 8.20 -0.31 21.40
CA ALA A 95 8.87 0.39 22.50
C ALA A 95 9.46 1.72 22.02
N GLU A 96 9.89 1.76 20.77
CA GLU A 96 10.43 2.98 20.17
C GLU A 96 10.05 3.09 18.70
N PRO A 97 9.12 4.01 18.35
CA PRO A 97 8.72 4.24 16.97
C PRO A 97 9.77 5.04 16.21
N ARG A 98 9.83 4.83 14.89
CA ARG A 98 10.81 5.46 14.04
C ARG A 98 10.44 5.27 12.58
N PRO A 99 10.81 6.22 11.70
CA PRO A 99 10.38 6.20 10.28
C PRO A 99 10.91 5.00 9.50
N ASP A 100 11.76 4.21 10.15
CA ASP A 100 12.39 3.05 9.50
C ASP A 100 12.02 1.74 10.20
N MET A 101 10.89 1.75 10.90
CA MET A 101 10.43 0.55 11.61
C MET A 101 10.13 -0.61 10.67
N PHE A 102 9.03 -0.50 9.93
CA PHE A 102 8.50 -1.64 9.15
C PHE A 102 8.91 -1.58 7.68
N ARG A 103 9.67 -0.55 7.31
CA ARG A 103 10.02 -0.26 5.91
C ARG A 103 10.50 -1.51 5.15
N ALA A 104 11.12 -2.46 5.85
CA ALA A 104 11.67 -3.66 5.23
C ALA A 104 10.58 -4.52 4.60
N GLN A 105 9.77 -5.17 5.43
CA GLN A 105 8.74 -6.08 4.95
C GLN A 105 7.54 -5.32 4.39
N GLN A 106 7.52 -4.00 4.64
CA GLN A 106 6.57 -3.11 3.99
C GLN A 106 6.79 -3.15 2.48
N LEU A 107 8.05 -3.04 2.08
CA LEU A 107 8.41 -3.08 0.66
C LEU A 107 8.15 -4.46 0.08
N GLN A 108 8.14 -5.48 0.94
CA GLN A 108 7.85 -6.85 0.52
C GLN A 108 6.41 -6.93 -0.01
N ILE A 109 5.49 -6.28 0.69
CA ILE A 109 4.09 -6.18 0.23
C ILE A 109 4.04 -5.45 -1.13
N PHE A 110 4.78 -4.36 -1.22
CA PHE A 110 4.87 -3.59 -2.46
C PHE A 110 5.28 -4.50 -3.62
N ASN A 111 6.38 -5.22 -3.41
CA ASN A 111 6.94 -6.12 -4.43
C ASN A 111 6.04 -7.32 -4.67
N LEU A 112 5.14 -7.59 -3.72
CA LEU A 112 4.21 -8.72 -3.84
C LEU A 112 3.25 -8.45 -5.00
N MET A 113 2.49 -7.36 -4.90
CA MET A 113 1.48 -7.04 -5.91
C MET A 113 2.11 -6.37 -7.13
N LYS A 114 3.34 -5.90 -6.98
CA LYS A 114 4.07 -5.23 -8.07
C LYS A 114 4.20 -6.14 -9.30
N PHE A 115 4.11 -7.45 -9.07
CA PHE A 115 4.24 -8.43 -10.15
C PHE A 115 2.97 -9.27 -10.32
N ASP A 116 1.83 -8.75 -9.85
CA ASP A 116 0.59 -9.52 -9.92
C ASP A 116 -0.65 -8.62 -9.95
N SER A 117 -1.08 -8.14 -8.78
CA SER A 117 -2.29 -7.32 -8.67
C SER A 117 -2.15 -6.06 -9.53
N TYR A 118 -0.93 -5.49 -9.53
CA TYR A 118 -0.61 -4.39 -10.44
C TYR A 118 -0.89 -4.80 -11.88
N ALA A 119 -0.42 -5.97 -12.27
CA ALA A 119 -0.63 -6.48 -13.63
C ALA A 119 -2.11 -6.77 -13.88
N ARG A 120 -2.84 -7.03 -12.81
CA ARG A 120 -4.27 -7.28 -12.87
C ARG A 120 -5.01 -5.97 -13.16
N PHE A 121 -4.61 -4.92 -12.46
CA PHE A 121 -5.26 -3.61 -12.57
C PHE A 121 -5.10 -3.04 -13.99
N VAL A 122 -3.88 -3.12 -14.52
CA VAL A 122 -3.58 -2.53 -15.83
C VAL A 122 -4.20 -3.32 -16.98
N LYS A 123 -5.01 -4.33 -16.65
CA LYS A 123 -5.75 -5.10 -17.65
C LYS A 123 -7.25 -4.94 -17.45
N SER A 124 -7.66 -4.75 -16.19
CA SER A 124 -9.07 -4.66 -15.82
C SER A 124 -9.71 -3.38 -16.37
N PRO A 125 -11.07 -3.34 -16.42
CA PRO A 125 -11.82 -2.12 -16.76
C PRO A 125 -11.48 -0.95 -15.82
N LEU A 126 -12.26 0.12 -15.90
CA LEU A 126 -11.99 1.35 -15.14
C LEU A 126 -10.75 2.07 -15.70
N TYR A 127 -9.60 1.39 -15.65
CA TYR A 127 -8.35 1.96 -16.17
C TYR A 127 -8.48 2.24 -17.67
N ARG A 128 -8.65 1.17 -18.44
CA ARG A 128 -8.82 1.28 -19.89
C ARG A 128 -10.06 2.11 -20.21
N GLU A 129 -11.00 2.16 -19.27
CA GLU A 129 -12.22 2.93 -19.42
C GLU A 129 -11.90 4.43 -19.36
N CYS A 130 -10.86 4.77 -18.61
CA CYS A 130 -10.37 6.15 -18.54
C CYS A 130 -9.64 6.50 -19.84
N LEU A 131 -9.06 5.49 -20.49
CA LEU A 131 -8.47 5.66 -21.81
C LEU A 131 -9.56 5.80 -22.86
N LEU A 132 -10.14 4.67 -23.26
CA LEU A 132 -11.30 4.66 -24.15
C LEU A 132 -12.41 3.81 -23.54
N ALA A 133 -12.16 2.50 -23.47
CA ALA A 133 -13.14 1.53 -22.98
C ALA A 133 -12.55 0.12 -23.10
N GLU A 134 -13.41 -0.86 -23.30
CA GLU A 134 -12.97 -2.24 -23.54
C GLU A 134 -12.18 -2.35 -24.86
N ALA A 135 -12.12 -1.25 -25.61
CA ALA A 135 -11.34 -1.18 -26.84
C ALA A 135 -9.90 -1.62 -26.58
N GLU A 136 -9.38 -1.24 -25.42
CA GLU A 136 -8.05 -1.66 -24.99
C GLU A 136 -8.11 -3.10 -24.49
N SER A 1 5.45 9.39 -22.60
CA SER A 1 6.15 8.08 -22.56
C SER A 1 7.43 8.21 -21.75
N MET A 2 7.52 7.46 -20.64
CA MET A 2 8.64 7.57 -19.69
C MET A 2 8.67 8.99 -19.11
N THR A 3 9.59 9.24 -18.15
CA THR A 3 9.72 10.55 -17.49
C THR A 3 8.33 11.09 -17.07
N GLU A 4 7.52 10.17 -16.54
CA GLU A 4 6.12 10.44 -16.21
C GLU A 4 5.31 10.74 -17.48
N GLU A 5 4.85 11.99 -17.64
CA GLU A 5 4.02 12.36 -18.79
C GLU A 5 2.81 11.44 -18.92
N GLN A 6 2.18 11.44 -20.11
CA GLN A 6 1.02 10.61 -20.40
C GLN A 6 -0.21 11.08 -19.60
N PRO A 7 -1.42 10.80 -20.10
CA PRO A 7 -2.66 11.03 -19.33
C PRO A 7 -2.80 9.98 -18.22
N VAL A 8 -4.03 9.57 -17.92
CA VAL A 8 -4.26 8.50 -16.94
C VAL A 8 -3.55 7.19 -17.33
N ALA A 9 -3.05 7.14 -18.58
CA ALA A 9 -2.28 6.02 -19.08
C ALA A 9 -0.90 5.94 -18.40
N SER A 10 -0.58 6.98 -17.61
CA SER A 10 0.70 7.05 -16.92
C SER A 10 0.84 5.97 -15.86
N TRP A 11 -0.28 5.46 -15.34
CA TRP A 11 -0.26 4.42 -14.32
C TRP A 11 0.51 3.19 -14.82
N ALA A 12 0.27 2.85 -16.09
CA ALA A 12 0.82 1.64 -16.69
C ALA A 12 2.34 1.67 -16.78
N LEU A 13 2.93 2.84 -16.52
CA LEU A 13 4.38 2.99 -16.54
C LEU A 13 5.01 2.23 -15.38
N SER A 14 4.38 2.34 -14.20
CA SER A 14 4.88 1.69 -12.99
C SER A 14 3.80 1.64 -11.92
N PHE A 15 3.79 0.56 -11.14
CA PHE A 15 2.83 0.39 -10.04
C PHE A 15 2.95 1.57 -9.08
N GLU A 16 4.18 2.00 -8.85
CA GLU A 16 4.49 3.20 -8.07
C GLU A 16 3.61 4.39 -8.52
N ARG A 17 3.48 4.56 -9.83
CA ARG A 17 2.72 5.68 -10.41
C ARG A 17 1.24 5.53 -10.10
N LEU A 18 0.70 4.35 -10.38
CA LEU A 18 -0.71 4.02 -10.13
C LEU A 18 -1.04 4.16 -8.64
N LEU A 19 -0.17 3.58 -7.83
CA LEU A 19 -0.40 3.45 -6.39
C LEU A 19 -0.27 4.80 -5.69
N GLN A 20 0.52 5.70 -6.26
CA GLN A 20 0.71 7.03 -5.69
C GLN A 20 -0.29 8.01 -6.33
N ASP A 21 -1.21 7.48 -7.13
CA ASP A 21 -2.21 8.30 -7.81
C ASP A 21 -3.58 8.09 -7.16
N PRO A 22 -4.26 9.18 -6.77
CA PRO A 22 -5.58 9.09 -6.11
C PRO A 22 -6.62 8.39 -6.98
N LEU A 23 -6.66 8.76 -8.26
CA LEU A 23 -7.65 8.21 -9.19
C LEU A 23 -7.28 6.76 -9.50
N GLY A 24 -5.99 6.52 -9.69
CA GLY A 24 -5.51 5.18 -9.96
C GLY A 24 -5.83 4.21 -8.85
N LEU A 25 -5.41 4.56 -7.63
CA LEU A 25 -5.65 3.74 -6.45
C LEU A 25 -7.15 3.50 -6.26
N ALA A 26 -7.97 4.47 -6.65
CA ALA A 26 -9.43 4.36 -6.55
C ALA A 26 -9.95 3.15 -7.32
N TYR A 27 -9.71 3.14 -8.63
CA TYR A 27 -10.14 2.01 -9.46
C TYR A 27 -9.36 0.75 -9.11
N PHE A 28 -8.13 0.93 -8.64
CA PHE A 28 -7.28 -0.19 -8.25
C PHE A 28 -7.89 -0.96 -7.09
N THR A 29 -8.41 -0.23 -6.09
CA THR A 29 -9.00 -0.88 -4.92
C THR A 29 -10.33 -1.52 -5.29
N GLU A 30 -11.02 -0.95 -6.28
CA GLU A 30 -12.26 -1.55 -6.80
C GLU A 30 -11.98 -2.96 -7.34
N PHE A 31 -10.87 -3.09 -8.05
CA PHE A 31 -10.45 -4.37 -8.61
C PHE A 31 -9.77 -5.23 -7.55
N LEU A 32 -9.11 -4.56 -6.61
CA LEU A 32 -8.38 -5.22 -5.52
C LEU A 32 -9.34 -6.00 -4.62
N LYS A 33 -10.59 -5.55 -4.57
CA LYS A 33 -11.60 -6.20 -3.74
C LYS A 33 -12.11 -7.49 -4.40
N LYS A 34 -11.65 -7.75 -5.61
CA LYS A 34 -12.00 -8.97 -6.33
C LYS A 34 -11.03 -10.09 -5.97
N GLU A 35 -9.75 -9.74 -5.79
CA GLU A 35 -8.73 -10.72 -5.43
C GLU A 35 -8.71 -10.93 -3.92
N PHE A 36 -8.88 -9.84 -3.16
CA PHE A 36 -8.95 -9.93 -1.71
C PHE A 36 -9.90 -8.87 -1.18
N SER A 37 -9.42 -7.63 -1.07
CA SER A 37 -10.23 -6.53 -0.53
C SER A 37 -9.61 -5.17 -0.83
N ALA A 38 -8.49 -4.89 -0.17
CA ALA A 38 -7.90 -3.55 -0.14
C ALA A 38 -6.79 -3.48 0.90
N GLU A 39 -6.92 -4.34 1.92
CA GLU A 39 -6.00 -4.35 3.06
C GLU A 39 -4.54 -4.35 2.64
N ASN A 40 -4.26 -4.88 1.45
CA ASN A 40 -2.90 -4.90 0.91
C ASN A 40 -2.35 -3.47 0.85
N VAL A 41 -3.06 -2.61 0.12
CA VAL A 41 -2.65 -1.22 -0.02
C VAL A 41 -2.87 -0.45 1.28
N THR A 42 -3.87 -0.87 2.05
CA THR A 42 -4.16 -0.24 3.33
C THR A 42 -2.99 -0.41 4.30
N PHE A 43 -2.34 -1.59 4.24
CA PHE A 43 -1.15 -1.85 5.04
C PHE A 43 -0.01 -0.95 4.56
N TRP A 44 0.11 -0.82 3.24
CA TRP A 44 1.11 0.05 2.63
C TRP A 44 0.86 1.50 3.05
N LYS A 45 -0.43 1.84 3.22
CA LYS A 45 -0.83 3.16 3.70
C LYS A 45 -0.39 3.37 5.15
N ALA A 46 -0.37 2.29 5.92
CA ALA A 46 0.09 2.36 7.30
C ALA A 46 1.51 2.91 7.37
N CYS A 47 2.28 2.66 6.31
CA CYS A 47 3.64 3.16 6.20
C CYS A 47 3.65 4.67 5.97
N GLU A 48 2.88 5.13 4.98
CA GLU A 48 2.87 6.55 4.62
C GLU A 48 2.26 7.39 5.74
N ARG A 49 1.25 6.84 6.42
CA ARG A 49 0.63 7.51 7.55
C ARG A 49 1.62 7.65 8.70
N PHE A 50 2.44 6.62 8.87
CA PHE A 50 3.41 6.58 9.97
C PHE A 50 4.53 7.59 9.76
N GLN A 51 5.06 7.66 8.54
CA GLN A 51 6.19 8.53 8.23
C GLN A 51 5.76 10.00 8.13
N GLN A 52 4.46 10.25 8.25
CA GLN A 52 3.94 11.62 8.36
C GLN A 52 4.33 12.21 9.71
N ILE A 53 4.63 11.33 10.65
CA ILE A 53 5.01 11.73 12.01
C ILE A 53 6.47 12.17 12.05
N PRO A 54 6.79 13.27 12.78
CA PRO A 54 8.18 13.68 13.02
C PRO A 54 9.01 12.53 13.62
N ALA A 55 10.14 12.24 12.99
CA ALA A 55 10.96 11.07 13.35
C ALA A 55 11.48 11.13 14.79
N SER A 56 11.41 12.31 15.40
CA SER A 56 11.92 12.51 16.75
C SER A 56 10.80 12.36 17.80
N ASP A 57 9.54 12.32 17.33
CA ASP A 57 8.40 12.25 18.24
C ASP A 57 8.14 10.79 18.63
N THR A 58 8.90 10.31 19.59
CA THR A 58 8.82 8.93 20.04
C THR A 58 7.40 8.55 20.43
N GLN A 59 6.73 9.43 21.16
CA GLN A 59 5.39 9.17 21.67
C GLN A 59 4.39 8.95 20.53
N GLN A 60 4.41 9.85 19.55
CA GLN A 60 3.47 9.77 18.43
C GLN A 60 3.76 8.53 17.57
N LEU A 61 5.05 8.30 17.33
CA LEU A 61 5.49 7.14 16.54
C LEU A 61 5.01 5.83 17.20
N ALA A 62 5.22 5.73 18.52
CA ALA A 62 4.87 4.53 19.27
C ALA A 62 3.38 4.25 19.23
N GLN A 63 2.59 5.31 19.25
CA GLN A 63 1.13 5.18 19.23
C GLN A 63 0.65 4.52 17.94
N GLU A 64 1.10 5.03 16.79
CA GLU A 64 0.74 4.44 15.50
C GLU A 64 1.40 3.07 15.33
N ALA A 65 2.58 2.90 15.92
CA ALA A 65 3.25 1.61 15.91
C ALA A 65 2.37 0.56 16.58
N ARG A 66 1.75 0.95 17.69
CA ARG A 66 0.82 0.08 18.41
C ARG A 66 -0.41 -0.21 17.55
N ASN A 67 -0.95 0.83 16.91
CA ASN A 67 -2.11 0.68 16.03
C ASN A 67 -1.82 -0.38 14.97
N ILE A 68 -0.83 -0.11 14.13
CA ILE A 68 -0.46 -0.99 13.03
C ILE A 68 -0.15 -2.39 13.55
N TYR A 69 0.52 -2.44 14.71
CA TYR A 69 0.84 -3.71 15.36
C TYR A 69 -0.43 -4.54 15.56
N GLN A 70 -1.39 -3.97 16.28
CA GLN A 70 -2.60 -4.72 16.66
C GLN A 70 -3.65 -4.68 15.56
N GLU A 71 -3.29 -4.17 14.39
CA GLU A 71 -4.25 -4.02 13.30
C GLU A 71 -3.93 -4.94 12.13
N PHE A 72 -2.67 -4.97 11.71
CA PHE A 72 -2.26 -5.79 10.56
C PHE A 72 -1.25 -6.86 10.96
N LEU A 73 -0.69 -6.75 12.16
CA LEU A 73 0.52 -7.50 12.51
C LEU A 73 0.32 -8.49 13.66
N SER A 74 -0.57 -8.15 14.60
CA SER A 74 -0.72 -8.96 15.82
C SER A 74 -1.40 -10.30 15.53
N SER A 75 -0.59 -11.27 15.11
CA SER A 75 -1.03 -12.66 14.86
C SER A 75 -2.36 -12.71 14.10
N GLN A 76 -3.47 -12.67 14.84
CA GLN A 76 -4.81 -12.76 14.27
C GLN A 76 -5.51 -11.40 14.40
N ALA A 77 -4.81 -10.37 13.95
CA ALA A 77 -5.32 -8.99 14.00
C ALA A 77 -6.53 -8.78 13.08
N LEU A 78 -6.91 -7.52 12.89
CA LEU A 78 -8.05 -7.17 12.05
C LEU A 78 -7.85 -7.68 10.63
N SER A 79 -6.69 -7.39 10.06
CA SER A 79 -6.35 -7.88 8.72
C SER A 79 -4.86 -8.21 8.64
N PRO A 80 -4.48 -9.39 9.17
CA PRO A 80 -3.08 -9.84 9.16
C PRO A 80 -2.63 -10.30 7.78
N VAL A 81 -2.00 -9.40 7.05
CA VAL A 81 -1.51 -9.68 5.70
C VAL A 81 -0.44 -10.78 5.72
N ASN A 82 -0.18 -11.37 4.54
CA ASN A 82 0.74 -12.50 4.44
C ASN A 82 2.19 -12.06 4.57
N ILE A 83 2.62 -11.84 5.81
CA ILE A 83 4.01 -11.54 6.14
C ILE A 83 4.37 -12.29 7.42
N ASP A 84 5.67 -12.43 7.70
CA ASP A 84 6.14 -13.37 8.71
C ASP A 84 5.64 -13.05 10.14
N ARG A 85 6.06 -11.89 10.67
CA ARG A 85 5.86 -11.55 12.08
C ARG A 85 6.49 -12.62 12.99
N GLN A 86 7.48 -13.34 12.46
CA GLN A 86 8.15 -14.42 13.20
C GLN A 86 9.59 -14.02 13.51
N ALA A 87 10.31 -13.63 12.46
CA ALA A 87 11.69 -13.14 12.59
C ALA A 87 11.65 -11.61 12.73
N TRP A 88 10.47 -11.12 13.07
CA TRP A 88 10.17 -9.70 13.11
C TRP A 88 10.89 -8.99 14.25
N LEU A 89 10.69 -7.67 14.34
CA LEU A 89 11.35 -6.85 15.35
C LEU A 89 10.32 -5.99 16.12
N GLY A 90 9.10 -6.50 16.22
CA GLY A 90 8.02 -5.75 16.84
C GLY A 90 8.31 -5.36 18.28
N GLU A 91 9.00 -6.24 18.99
CA GLU A 91 9.27 -6.03 20.42
C GLU A 91 10.04 -4.72 20.68
N GLU A 92 10.76 -4.23 19.67
CA GLU A 92 11.51 -2.99 19.81
C GLU A 92 10.70 -1.79 19.31
N VAL A 93 9.81 -2.01 18.34
CA VAL A 93 9.10 -0.90 17.70
C VAL A 93 8.11 -0.23 18.67
N LEU A 94 7.66 -0.99 19.67
CA LEU A 94 6.79 -0.43 20.71
C LEU A 94 7.61 0.43 21.68
N ALA A 95 8.89 0.11 21.80
CA ALA A 95 9.78 0.84 22.71
C ALA A 95 10.47 1.99 21.98
N GLU A 96 11.33 1.64 21.03
CA GLU A 96 12.05 2.62 20.22
C GLU A 96 11.57 2.56 18.76
N PRO A 97 10.56 3.36 18.41
CA PRO A 97 10.02 3.41 17.04
C PRO A 97 10.87 4.29 16.12
N ARG A 98 10.65 4.15 14.82
CA ARG A 98 11.38 4.90 13.80
C ARG A 98 10.55 4.94 12.51
N PRO A 99 10.74 5.96 11.65
CA PRO A 99 9.99 6.09 10.39
C PRO A 99 10.49 5.13 9.31
N ASP A 100 10.60 3.87 9.67
CA ASP A 100 11.16 2.83 8.80
C ASP A 100 10.64 1.47 9.25
N MET A 101 10.97 1.14 10.51
CA MET A 101 10.47 -0.03 11.25
C MET A 101 10.08 -1.24 10.39
N PHE A 102 8.97 -1.16 9.64
CA PHE A 102 8.39 -2.32 8.94
C PHE A 102 8.70 -2.26 7.44
N ARG A 103 9.75 -1.52 7.09
CA ARG A 103 10.12 -1.29 5.69
C ARG A 103 10.05 -2.56 4.85
N ALA A 104 10.69 -3.63 5.34
CA ALA A 104 10.75 -4.89 4.62
C ALA A 104 9.35 -5.48 4.38
N GLN A 105 8.51 -5.40 5.40
CA GLN A 105 7.17 -5.96 5.33
C GLN A 105 6.26 -5.11 4.43
N GLN A 106 6.47 -3.80 4.46
CA GLN A 106 5.71 -2.88 3.61
C GLN A 106 5.97 -3.21 2.14
N LEU A 107 7.25 -3.36 1.80
CA LEU A 107 7.64 -3.70 0.45
C LEU A 107 7.29 -5.15 0.12
N GLN A 108 7.06 -5.96 1.16
CA GLN A 108 6.65 -7.35 0.96
C GLN A 108 5.28 -7.37 0.26
N ILE A 109 4.34 -6.57 0.77
CA ILE A 109 3.04 -6.45 0.14
C ILE A 109 3.15 -5.75 -1.21
N PHE A 110 3.85 -4.61 -1.22
CA PHE A 110 4.01 -3.79 -2.43
C PHE A 110 4.49 -4.65 -3.60
N ASN A 111 5.53 -5.44 -3.36
CA ASN A 111 6.14 -6.24 -4.41
C ASN A 111 5.23 -7.38 -4.85
N LEU A 112 4.53 -8.00 -3.89
CA LEU A 112 3.62 -9.11 -4.22
C LEU A 112 2.50 -8.65 -5.15
N MET A 113 1.85 -7.55 -4.80
CA MET A 113 0.74 -7.03 -5.60
C MET A 113 1.25 -6.27 -6.82
N LYS A 114 2.56 -6.06 -6.88
CA LYS A 114 3.19 -5.36 -7.99
C LYS A 114 3.12 -6.19 -9.28
N PHE A 115 3.47 -7.46 -9.19
CA PHE A 115 3.58 -8.32 -10.38
C PHE A 115 2.29 -9.13 -10.62
N ASP A 116 1.21 -8.77 -9.92
CA ASP A 116 -0.04 -9.51 -10.06
C ASP A 116 -1.23 -8.55 -10.05
N SER A 117 -1.57 -8.04 -8.87
CA SER A 117 -2.70 -7.13 -8.72
C SER A 117 -2.61 -5.98 -9.73
N TYR A 118 -1.43 -5.36 -9.78
CA TYR A 118 -1.14 -4.31 -10.74
C TYR A 118 -1.18 -4.86 -12.17
N ALA A 119 -0.47 -5.96 -12.38
CA ALA A 119 -0.32 -6.54 -13.71
C ALA A 119 -1.66 -6.95 -14.33
N ARG A 120 -2.61 -7.33 -13.49
CA ARG A 120 -3.91 -7.80 -13.95
C ARG A 120 -4.89 -6.63 -14.07
N PHE A 121 -4.66 -5.58 -13.28
CA PHE A 121 -5.50 -4.38 -13.32
C PHE A 121 -5.37 -3.67 -14.67
N VAL A 122 -4.12 -3.31 -15.02
CA VAL A 122 -3.86 -2.62 -16.28
C VAL A 122 -4.19 -3.52 -17.47
N LYS A 123 -4.20 -4.83 -17.23
CA LYS A 123 -4.46 -5.84 -18.25
C LYS A 123 -5.93 -5.81 -18.69
N SER A 124 -6.82 -5.64 -17.71
CA SER A 124 -8.26 -5.65 -17.99
C SER A 124 -8.69 -4.37 -18.71
N PRO A 125 -9.75 -4.43 -19.54
CA PRO A 125 -10.25 -3.27 -20.30
C PRO A 125 -10.72 -2.14 -19.38
N LEU A 126 -10.88 -2.45 -18.09
CA LEU A 126 -11.27 -1.47 -17.08
C LEU A 126 -10.34 -0.25 -17.15
N TYR A 127 -9.06 -0.51 -17.42
CA TYR A 127 -8.07 0.55 -17.55
C TYR A 127 -8.47 1.51 -18.66
N ARG A 128 -8.70 0.96 -19.85
CA ARG A 128 -9.12 1.75 -21.01
C ARG A 128 -10.44 2.47 -20.72
N GLU A 129 -11.29 1.81 -19.94
CA GLU A 129 -12.58 2.36 -19.55
C GLU A 129 -12.38 3.63 -18.71
N CYS A 130 -11.23 3.71 -18.03
CA CYS A 130 -10.87 4.90 -17.26
C CYS A 130 -10.30 5.98 -18.17
N LEU A 131 -9.72 5.57 -19.31
CA LEU A 131 -9.22 6.50 -20.31
C LEU A 131 -10.38 7.24 -20.98
N LEU A 132 -11.54 6.59 -21.03
CA LEU A 132 -12.76 7.16 -21.61
C LEU A 132 -12.55 7.54 -23.08
N ALA A 133 -12.03 8.74 -23.31
CA ALA A 133 -11.79 9.27 -24.64
C ALA A 133 -10.92 10.52 -24.53
N GLU A 134 -9.62 10.35 -24.80
CA GLU A 134 -8.64 11.43 -24.66
C GLU A 134 -8.46 11.84 -23.20
N ALA A 135 -8.94 10.99 -22.29
CA ALA A 135 -8.82 11.18 -20.84
C ALA A 135 -9.76 12.27 -20.31
N GLU A 136 -9.78 13.42 -20.97
CA GLU A 136 -10.62 14.56 -20.58
C GLU A 136 -10.21 15.12 -19.22
N SER A 1 3.74 21.90 -0.24
CA SER A 1 3.12 20.74 -0.90
C SER A 1 4.18 19.74 -1.36
N MET A 2 3.74 18.52 -1.69
CA MET A 2 4.64 17.48 -2.17
C MET A 2 4.01 16.72 -3.34
N THR A 3 2.91 17.26 -3.86
CA THR A 3 2.17 16.62 -4.94
C THR A 3 2.54 17.19 -6.31
N GLU A 4 2.02 16.57 -7.36
CA GLU A 4 2.20 17.04 -8.73
C GLU A 4 1.05 16.52 -9.61
N GLU A 5 0.98 17.00 -10.84
CA GLU A 5 -0.11 16.61 -11.75
C GLU A 5 0.30 15.43 -12.62
N GLN A 6 -0.57 14.42 -12.67
CA GLN A 6 -0.32 13.20 -13.43
C GLN A 6 -1.63 12.70 -14.04
N PRO A 7 -1.61 12.27 -15.33
CA PRO A 7 -2.80 11.70 -15.97
C PRO A 7 -3.02 10.24 -15.56
N VAL A 8 -4.20 9.71 -15.83
CA VAL A 8 -4.55 8.33 -15.47
C VAL A 8 -3.65 7.32 -16.18
N ALA A 9 -2.93 7.77 -17.21
CA ALA A 9 -2.03 6.91 -17.97
C ALA A 9 -0.71 6.69 -17.23
N SER A 10 -0.53 7.41 -16.12
CA SER A 10 0.70 7.31 -15.33
C SER A 10 0.79 5.97 -14.61
N TRP A 11 -0.34 5.30 -14.47
CA TRP A 11 -0.43 4.06 -13.71
C TRP A 11 0.44 2.97 -14.34
N ALA A 12 0.37 2.85 -15.68
CA ALA A 12 1.12 1.83 -16.41
C ALA A 12 2.61 2.13 -16.46
N LEU A 13 2.98 3.36 -16.10
CA LEU A 13 4.39 3.75 -16.07
C LEU A 13 5.10 3.03 -14.93
N SER A 14 4.51 3.07 -13.74
CA SER A 14 5.05 2.41 -12.57
C SER A 14 3.95 2.15 -11.54
N PHE A 15 4.04 1.02 -10.84
CA PHE A 15 3.11 0.69 -9.76
C PHE A 15 3.19 1.78 -8.69
N GLU A 16 4.39 2.33 -8.51
CA GLU A 16 4.62 3.45 -7.61
C GLU A 16 3.59 4.56 -7.88
N ARG A 17 3.37 4.85 -9.15
CA ARG A 17 2.42 5.89 -9.55
C ARG A 17 0.99 5.50 -9.17
N LEU A 18 0.55 4.33 -9.64
CA LEU A 18 -0.81 3.85 -9.35
C LEU A 18 -1.04 3.76 -7.83
N LEU A 19 0.02 3.44 -7.11
CA LEU A 19 -0.04 3.25 -5.67
C LEU A 19 0.09 4.59 -4.93
N GLN A 20 0.48 5.62 -5.66
CA GLN A 20 0.53 6.99 -5.13
C GLN A 20 -0.57 7.85 -5.76
N ASP A 21 -1.37 7.24 -6.63
CA ASP A 21 -2.46 7.93 -7.32
C ASP A 21 -3.79 7.58 -6.66
N PRO A 22 -4.55 8.58 -6.19
CA PRO A 22 -5.83 8.35 -5.51
C PRO A 22 -6.90 7.76 -6.43
N LEU A 23 -6.83 8.12 -7.71
CA LEU A 23 -7.79 7.64 -8.69
C LEU A 23 -7.43 6.21 -9.08
N GLY A 24 -6.14 5.95 -9.20
CA GLY A 24 -5.66 4.61 -9.48
C GLY A 24 -6.05 3.63 -8.40
N LEU A 25 -5.62 3.93 -7.17
CA LEU A 25 -5.99 3.13 -6.00
C LEU A 25 -7.51 3.01 -5.85
N ALA A 26 -8.24 4.01 -6.33
CA ALA A 26 -9.70 3.99 -6.25
C ALA A 26 -10.26 2.77 -6.98
N TYR A 27 -9.93 2.64 -8.26
CA TYR A 27 -10.41 1.50 -9.05
C TYR A 27 -9.64 0.23 -8.68
N PHE A 28 -8.39 0.39 -8.28
CA PHE A 28 -7.54 -0.74 -7.89
C PHE A 28 -8.15 -1.44 -6.68
N THR A 29 -8.55 -0.67 -5.68
CA THR A 29 -9.15 -1.22 -4.47
C THR A 29 -10.57 -1.70 -4.77
N GLU A 30 -11.21 -1.09 -5.78
CA GLU A 30 -12.55 -1.48 -6.21
C GLU A 30 -12.56 -2.98 -6.52
N PHE A 31 -11.52 -3.44 -7.19
CA PHE A 31 -11.33 -4.87 -7.46
C PHE A 31 -10.83 -5.60 -6.21
N LEU A 32 -9.84 -4.99 -5.55
CA LEU A 32 -9.12 -5.64 -4.45
C LEU A 32 -9.95 -5.69 -3.16
N LYS A 33 -11.22 -5.29 -3.23
CA LYS A 33 -12.13 -5.39 -2.09
C LYS A 33 -13.18 -6.49 -2.31
N LYS A 34 -13.10 -7.15 -3.46
CA LYS A 34 -14.07 -8.17 -3.83
C LYS A 34 -13.73 -9.53 -3.20
N GLU A 35 -12.47 -9.69 -2.81
CA GLU A 35 -12.04 -10.88 -2.07
C GLU A 35 -11.33 -10.47 -0.77
N PHE A 36 -11.29 -9.15 -0.55
CA PHE A 36 -10.81 -8.56 0.71
C PHE A 36 -9.28 -8.66 0.81
N SER A 37 -8.62 -8.78 -0.34
CA SER A 37 -7.16 -8.84 -0.37
C SER A 37 -6.55 -7.44 -0.24
N ALA A 38 -7.42 -6.45 -0.01
CA ALA A 38 -7.01 -5.06 0.17
C ALA A 38 -6.09 -4.89 1.37
N GLU A 39 -5.98 -5.93 2.20
CA GLU A 39 -5.12 -5.90 3.39
C GLU A 39 -3.76 -5.31 3.07
N ASN A 40 -3.19 -5.73 1.95
CA ASN A 40 -1.85 -5.33 1.54
C ASN A 40 -1.75 -3.82 1.34
N VAL A 41 -2.58 -3.27 0.46
CA VAL A 41 -2.53 -1.85 0.15
C VAL A 41 -2.95 -1.01 1.35
N THR A 42 -3.91 -1.51 2.14
CA THR A 42 -4.37 -0.80 3.33
C THR A 42 -3.23 -0.70 4.36
N PHE A 43 -2.46 -1.77 4.49
CA PHE A 43 -1.27 -1.77 5.34
C PHE A 43 -0.25 -0.77 4.81
N TRP A 44 -0.07 -0.78 3.50
CA TRP A 44 0.87 0.10 2.84
C TRP A 44 0.45 1.57 3.01
N LYS A 45 -0.86 1.81 3.03
CA LYS A 45 -1.40 3.16 3.28
C LYS A 45 -0.96 3.64 4.66
N ALA A 46 -1.09 2.75 5.65
CA ALA A 46 -0.68 3.05 7.01
C ALA A 46 0.79 3.46 7.05
N CYS A 47 1.56 2.94 6.10
CA CYS A 47 2.97 3.26 6.00
C CYS A 47 3.18 4.66 5.41
N GLU A 48 2.48 4.97 4.32
CA GLU A 48 2.61 6.28 3.69
C GLU A 48 1.89 7.36 4.52
N ARG A 49 1.08 6.92 5.47
CA ARG A 49 0.51 7.81 6.49
C ARG A 49 1.54 8.06 7.58
N PHE A 50 2.36 7.04 7.84
CA PHE A 50 3.34 7.08 8.93
C PHE A 50 4.54 7.95 8.54
N GLN A 51 4.84 8.01 7.24
CA GLN A 51 5.97 8.80 6.75
C GLN A 51 5.80 10.29 7.06
N GLN A 52 4.56 10.68 7.37
CA GLN A 52 4.24 12.06 7.74
C GLN A 52 4.86 12.39 9.09
N ILE A 53 5.06 11.36 9.90
CA ILE A 53 5.65 11.51 11.23
C ILE A 53 7.18 11.64 11.10
N PRO A 54 7.79 12.67 11.70
CA PRO A 54 9.23 12.88 11.61
C PRO A 54 9.99 11.92 12.52
N ALA A 55 11.25 11.67 12.19
CA ALA A 55 12.10 10.84 13.02
C ALA A 55 12.24 11.46 14.41
N SER A 56 12.39 10.61 15.42
CA SER A 56 12.59 11.04 16.80
C SER A 56 11.28 11.56 17.44
N ASP A 57 10.20 11.63 16.66
CA ASP A 57 8.89 11.96 17.22
C ASP A 57 8.33 10.73 17.93
N THR A 58 9.00 10.36 19.02
CA THR A 58 8.77 9.08 19.71
C THR A 58 7.29 8.82 20.00
N GLN A 59 6.57 9.84 20.45
CA GLN A 59 5.18 9.67 20.85
C GLN A 59 4.32 9.18 19.66
N GLN A 60 4.39 9.88 18.53
CA GLN A 60 3.63 9.48 17.35
C GLN A 60 4.18 8.17 16.77
N LEU A 61 5.50 8.09 16.67
CA LEU A 61 6.16 6.91 16.12
C LEU A 61 5.71 5.63 16.84
N ALA A 62 5.67 5.68 18.16
CA ALA A 62 5.35 4.51 18.97
C ALA A 62 3.86 4.16 18.89
N GLN A 63 3.01 5.17 19.03
CA GLN A 63 1.57 4.95 19.07
C GLN A 63 1.05 4.47 17.71
N GLU A 64 1.40 5.20 16.66
CA GLU A 64 0.94 4.87 15.32
C GLU A 64 1.46 3.50 14.88
N ALA A 65 2.73 3.20 15.18
CA ALA A 65 3.30 1.89 14.87
C ALA A 65 2.53 0.80 15.61
N ARG A 66 2.08 1.12 16.81
CA ARG A 66 1.31 0.21 17.64
C ARG A 66 -0.08 0.00 17.05
N ASN A 67 -0.66 1.08 16.55
CA ASN A 67 -1.98 1.03 15.90
C ASN A 67 -1.89 0.14 14.66
N ILE A 68 -0.88 0.38 13.83
CA ILE A 68 -0.64 -0.43 12.63
C ILE A 68 -0.41 -1.89 13.03
N TYR A 69 0.34 -2.08 14.11
CA TYR A 69 0.62 -3.41 14.63
C TYR A 69 -0.69 -4.15 14.94
N GLN A 70 -1.52 -3.54 15.77
CA GLN A 70 -2.75 -4.18 16.25
C GLN A 70 -3.80 -4.31 15.14
N GLU A 71 -3.54 -3.69 13.99
CA GLU A 71 -4.46 -3.78 12.86
C GLU A 71 -3.98 -4.76 11.80
N PHE A 72 -2.68 -4.73 11.50
CA PHE A 72 -2.16 -5.47 10.35
C PHE A 72 -1.06 -6.46 10.73
N LEU A 73 -0.55 -6.39 11.96
CA LEU A 73 0.61 -7.21 12.33
C LEU A 73 0.46 -7.85 13.71
N SER A 74 -0.76 -7.84 14.24
CA SER A 74 -1.03 -8.53 15.50
C SER A 74 -1.71 -9.88 15.23
N SER A 75 -1.47 -10.84 16.11
CA SER A 75 -2.01 -12.19 15.95
C SER A 75 -3.55 -12.18 15.99
N GLN A 76 -4.11 -11.25 16.75
CA GLN A 76 -5.56 -11.13 16.91
C GLN A 76 -6.10 -9.93 16.11
N ALA A 77 -5.31 -9.45 15.17
CA ALA A 77 -5.65 -8.26 14.39
C ALA A 77 -6.86 -8.49 13.48
N LEU A 78 -7.43 -7.40 12.98
CA LEU A 78 -8.60 -7.46 12.10
C LEU A 78 -8.16 -7.89 10.70
N SER A 79 -6.96 -7.49 10.32
CA SER A 79 -6.41 -7.82 9.00
C SER A 79 -4.88 -7.99 9.10
N PRO A 80 -4.41 -9.13 9.63
CA PRO A 80 -3.00 -9.36 9.94
C PRO A 80 -2.13 -9.65 8.72
N VAL A 81 -2.53 -9.13 7.56
CA VAL A 81 -1.82 -9.32 6.27
C VAL A 81 -1.17 -10.71 6.17
N ASN A 82 0.01 -10.81 5.52
CA ASN A 82 0.69 -12.10 5.37
C ASN A 82 2.20 -11.97 5.55
N ILE A 83 2.90 -11.60 4.46
CA ILE A 83 4.38 -11.58 4.38
C ILE A 83 5.04 -12.74 5.15
N ASP A 84 5.18 -12.62 6.47
CA ASP A 84 5.87 -13.63 7.28
C ASP A 84 5.48 -13.53 8.74
N ARG A 85 5.69 -12.34 9.33
CA ARG A 85 5.43 -12.07 10.75
C ARG A 85 6.30 -12.93 11.68
N GLN A 86 7.30 -13.60 11.10
CA GLN A 86 8.22 -14.45 11.87
C GLN A 86 9.63 -13.88 11.84
N ALA A 87 10.04 -13.43 10.66
CA ALA A 87 11.33 -12.77 10.49
C ALA A 87 11.16 -11.27 10.74
N TRP A 88 9.94 -10.90 11.14
CA TRP A 88 9.57 -9.53 11.41
C TRP A 88 10.41 -8.94 12.56
N LEU A 89 10.31 -7.63 12.75
CA LEU A 89 11.09 -6.92 13.78
C LEU A 89 10.86 -7.56 15.15
N GLY A 90 9.61 -7.52 15.61
CA GLY A 90 9.26 -8.13 16.87
C GLY A 90 8.59 -7.15 17.82
N GLU A 91 8.18 -7.64 18.98
CA GLU A 91 7.52 -6.85 20.01
C GLU A 91 8.36 -5.64 20.44
N GLU A 92 9.63 -5.62 20.02
CA GLU A 92 10.55 -4.56 20.40
C GLU A 92 10.16 -3.23 19.76
N VAL A 93 9.59 -3.29 18.56
CA VAL A 93 9.27 -2.09 17.80
C VAL A 93 8.16 -1.28 18.47
N LEU A 94 7.38 -1.94 19.33
CA LEU A 94 6.30 -1.28 20.06
C LEU A 94 6.88 -0.29 21.07
N ALA A 95 8.11 -0.55 21.52
CA ALA A 95 8.80 0.30 22.48
C ALA A 95 9.88 1.13 21.80
N GLU A 96 10.47 0.57 20.75
CA GLU A 96 11.54 1.23 20.01
C GLU A 96 11.10 1.50 18.56
N PRO A 97 10.41 2.63 18.33
CA PRO A 97 9.89 2.97 17.00
C PRO A 97 10.93 3.70 16.12
N ARG A 98 10.60 3.83 14.85
CA ARG A 98 11.47 4.49 13.88
C ARG A 98 10.65 4.84 12.63
N PRO A 99 11.04 5.89 11.89
CA PRO A 99 10.24 6.41 10.76
C PRO A 99 9.97 5.37 9.67
N ASP A 100 10.86 4.38 9.55
CA ASP A 100 10.72 3.34 8.51
C ASP A 100 10.01 2.12 9.07
N MET A 101 10.14 1.92 10.38
CA MET A 101 9.54 0.80 11.12
C MET A 101 9.44 -0.51 10.32
N PHE A 102 8.37 -0.66 9.55
CA PHE A 102 8.05 -1.95 8.91
C PHE A 102 8.48 -1.93 7.45
N ARG A 103 9.43 -1.06 7.14
CA ARG A 103 9.97 -0.86 5.79
C ARG A 103 10.12 -2.17 5.01
N ALA A 104 10.67 -3.20 5.65
CA ALA A 104 10.89 -4.50 5.00
C ALA A 104 9.58 -5.07 4.44
N GLN A 105 8.59 -5.16 5.32
CA GLN A 105 7.27 -5.70 4.96
C GLN A 105 6.53 -4.74 4.04
N GLN A 106 6.67 -3.45 4.31
CA GLN A 106 6.01 -2.41 3.52
C GLN A 106 6.39 -2.54 2.05
N LEU A 107 7.68 -2.63 1.79
CA LEU A 107 8.18 -2.73 0.42
C LEU A 107 7.86 -4.11 -0.15
N GLN A 108 7.68 -5.10 0.73
CA GLN A 108 7.31 -6.45 0.30
C GLN A 108 5.90 -6.44 -0.27
N ILE A 109 5.00 -5.68 0.36
CA ILE A 109 3.64 -5.49 -0.17
C ILE A 109 3.72 -4.85 -1.55
N PHE A 110 4.53 -3.80 -1.66
CA PHE A 110 4.73 -3.11 -2.93
C PHE A 110 5.16 -4.11 -4.00
N ASN A 111 6.26 -4.82 -3.72
CA ASN A 111 6.85 -5.77 -4.65
C ASN A 111 5.91 -6.92 -4.97
N LEU A 112 5.08 -7.30 -4.00
CA LEU A 112 4.14 -8.40 -4.17
C LEU A 112 3.10 -8.03 -5.23
N MET A 113 2.36 -6.96 -4.98
CA MET A 113 1.27 -6.54 -5.88
C MET A 113 1.85 -6.00 -7.19
N LYS A 114 3.09 -5.52 -7.11
CA LYS A 114 3.81 -4.92 -8.25
C LYS A 114 3.68 -5.80 -9.50
N PHE A 115 3.92 -7.09 -9.32
CA PHE A 115 3.76 -8.06 -10.41
C PHE A 115 2.76 -9.13 -10.01
N ASP A 116 1.57 -8.68 -9.63
CA ASP A 116 0.45 -9.58 -9.32
C ASP A 116 -0.87 -8.89 -9.64
N SER A 117 -1.35 -8.09 -8.70
CA SER A 117 -2.61 -7.37 -8.86
C SER A 117 -2.43 -6.22 -9.86
N TYR A 118 -1.35 -5.45 -9.69
CA TYR A 118 -1.05 -4.35 -10.61
C TYR A 118 -1.02 -4.82 -12.06
N ALA A 119 -0.27 -5.89 -12.31
CA ALA A 119 -0.12 -6.45 -13.66
C ALA A 119 -1.48 -6.81 -14.25
N ARG A 120 -2.36 -7.35 -13.42
CA ARG A 120 -3.69 -7.75 -13.85
C ARG A 120 -4.57 -6.53 -14.12
N PHE A 121 -4.53 -5.57 -13.20
CA PHE A 121 -5.41 -4.40 -13.25
C PHE A 121 -5.24 -3.63 -14.54
N VAL A 122 -4.00 -3.35 -14.92
CA VAL A 122 -3.72 -2.57 -16.13
C VAL A 122 -4.17 -3.30 -17.40
N LYS A 123 -4.36 -4.61 -17.29
CA LYS A 123 -4.81 -5.43 -18.43
C LYS A 123 -6.30 -5.74 -18.33
N SER A 124 -6.91 -5.44 -17.18
CA SER A 124 -8.34 -5.70 -16.97
C SER A 124 -9.18 -4.61 -17.63
N PRO A 125 -10.39 -4.98 -18.13
CA PRO A 125 -11.32 -4.02 -18.76
C PRO A 125 -11.67 -2.87 -17.82
N LEU A 126 -10.90 -1.79 -17.93
CA LEU A 126 -11.08 -0.60 -17.11
C LEU A 126 -9.99 0.42 -17.49
N TYR A 127 -8.74 -0.03 -17.45
CA TYR A 127 -7.61 0.83 -17.71
C TYR A 127 -7.54 1.23 -19.19
N ARG A 128 -7.54 0.22 -20.07
CA ARG A 128 -7.46 0.46 -21.51
C ARG A 128 -8.64 1.31 -21.96
N GLU A 129 -9.76 1.13 -21.29
CA GLU A 129 -10.99 1.85 -21.58
C GLU A 129 -10.86 3.32 -21.19
N CYS A 130 -10.39 3.58 -19.97
CA CYS A 130 -10.20 4.95 -19.49
C CYS A 130 -9.17 5.69 -20.35
N LEU A 131 -8.25 4.94 -20.95
CA LEU A 131 -7.23 5.50 -21.83
C LEU A 131 -7.73 5.59 -23.28
N LEU A 132 -8.65 4.68 -23.63
CA LEU A 132 -9.13 4.54 -25.01
C LEU A 132 -7.99 4.14 -25.95
N ALA A 133 -6.94 3.56 -25.37
CA ALA A 133 -5.74 3.18 -26.11
C ALA A 133 -5.80 1.71 -26.49
N GLU A 134 -6.12 1.45 -27.76
CA GLU A 134 -6.25 0.09 -28.29
C GLU A 134 -7.35 -0.66 -27.55
N ALA A 135 -8.59 -0.27 -27.84
CA ALA A 135 -9.77 -0.84 -27.19
C ALA A 135 -11.03 -0.21 -27.79
N GLU A 136 -10.95 1.11 -28.04
CA GLU A 136 -12.07 1.85 -28.60
C GLU A 136 -11.55 3.14 -29.27
N SER A 1 -22.13 10.12 -12.74
CA SER A 1 -20.78 10.39 -12.18
C SER A 1 -20.16 11.60 -12.86
N MET A 2 -19.32 12.33 -12.12
CA MET A 2 -18.67 13.54 -12.64
C MET A 2 -17.68 13.16 -13.74
N THR A 3 -17.19 11.92 -13.65
CA THR A 3 -16.31 11.33 -14.66
C THR A 3 -14.88 11.87 -14.54
N GLU A 4 -14.03 11.11 -13.86
CA GLU A 4 -12.63 11.48 -13.68
C GLU A 4 -11.83 11.04 -14.91
N GLU A 5 -12.09 11.72 -15.98
CA GLU A 5 -11.49 11.40 -17.29
C GLU A 5 -10.09 12.03 -17.42
N GLN A 6 -9.22 11.69 -16.48
CA GLN A 6 -7.83 12.15 -16.52
C GLN A 6 -6.99 11.24 -17.42
N PRO A 7 -5.85 11.74 -17.95
CA PRO A 7 -4.87 10.90 -18.66
C PRO A 7 -4.19 9.91 -17.71
N VAL A 8 -4.98 8.97 -17.21
CA VAL A 8 -4.54 8.04 -16.18
C VAL A 8 -3.55 6.99 -16.70
N ALA A 9 -3.38 6.94 -18.02
CA ALA A 9 -2.53 5.93 -18.66
C ALA A 9 -1.11 5.86 -18.06
N SER A 10 -0.75 6.85 -17.25
CA SER A 10 0.55 6.85 -16.57
C SER A 10 0.66 5.72 -15.53
N TRP A 11 -0.47 5.09 -15.21
CA TRP A 11 -0.48 4.00 -14.23
C TRP A 11 0.35 2.82 -14.74
N ALA A 12 0.19 2.49 -16.01
CA ALA A 12 0.87 1.34 -16.61
C ALA A 12 2.38 1.56 -16.71
N LEU A 13 2.83 2.76 -16.36
CA LEU A 13 4.26 3.07 -16.38
C LEU A 13 4.96 2.52 -15.14
N SER A 14 4.30 2.65 -13.98
CA SER A 14 4.86 2.18 -12.72
C SER A 14 3.75 1.91 -11.69
N PHE A 15 3.92 0.84 -10.93
CA PHE A 15 2.98 0.51 -9.86
C PHE A 15 2.94 1.64 -8.83
N GLU A 16 4.11 2.22 -8.58
CA GLU A 16 4.25 3.37 -7.70
C GLU A 16 3.21 4.45 -8.06
N ARG A 17 3.11 4.77 -9.35
CA ARG A 17 2.14 5.74 -9.83
C ARG A 17 0.72 5.30 -9.45
N LEU A 18 0.37 4.08 -9.82
CA LEU A 18 -0.95 3.52 -9.49
C LEU A 18 -1.20 3.55 -7.99
N LEU A 19 -0.12 3.37 -7.24
CA LEU A 19 -0.19 3.20 -5.79
C LEU A 19 -0.05 4.55 -5.07
N GLN A 20 0.24 5.59 -5.84
CA GLN A 20 0.31 6.96 -5.31
C GLN A 20 -0.83 7.82 -5.88
N ASP A 21 -1.51 7.30 -6.90
CA ASP A 21 -2.59 8.02 -7.55
C ASP A 21 -3.89 7.84 -6.76
N PRO A 22 -4.60 8.93 -6.44
CA PRO A 22 -5.86 8.87 -5.68
C PRO A 22 -6.93 8.05 -6.41
N LEU A 23 -7.01 8.23 -7.72
CA LEU A 23 -7.98 7.51 -8.54
C LEU A 23 -7.52 6.07 -8.75
N GLY A 24 -6.22 5.93 -8.99
CA GLY A 24 -5.63 4.62 -9.16
C GLY A 24 -5.90 3.73 -7.97
N LEU A 25 -5.46 4.17 -6.80
CA LEU A 25 -5.70 3.44 -5.56
C LEU A 25 -7.18 3.15 -5.33
N ALA A 26 -8.03 4.13 -5.65
CA ALA A 26 -9.47 3.97 -5.42
C ALA A 26 -10.02 2.77 -6.20
N TYR A 27 -9.93 2.82 -7.52
CA TYR A 27 -10.45 1.75 -8.39
C TYR A 27 -9.67 0.45 -8.19
N PHE A 28 -8.38 0.58 -7.87
CA PHE A 28 -7.54 -0.58 -7.56
C PHE A 28 -8.01 -1.23 -6.27
N THR A 29 -8.47 -0.41 -5.32
CA THR A 29 -9.00 -0.90 -4.06
C THR A 29 -10.35 -1.57 -4.27
N GLU A 30 -11.11 -1.09 -5.25
CA GLU A 30 -12.39 -1.71 -5.60
C GLU A 30 -12.17 -3.17 -5.99
N PHE A 31 -11.26 -3.40 -6.93
CA PHE A 31 -10.90 -4.77 -7.35
C PHE A 31 -10.30 -5.54 -6.18
N LEU A 32 -9.36 -4.91 -5.49
CA LEU A 32 -8.64 -5.55 -4.39
C LEU A 32 -9.59 -5.88 -3.23
N LYS A 33 -10.69 -5.14 -3.14
CA LYS A 33 -11.73 -5.40 -2.14
C LYS A 33 -12.38 -6.76 -2.45
N LYS A 34 -12.63 -7.01 -3.72
CA LYS A 34 -13.22 -8.27 -4.16
C LYS A 34 -12.26 -9.42 -3.90
N GLU A 35 -10.96 -9.08 -3.89
CA GLU A 35 -9.90 -10.05 -3.56
C GLU A 35 -9.77 -10.21 -2.04
N PHE A 36 -10.40 -9.29 -1.30
CA PHE A 36 -10.38 -9.28 0.17
C PHE A 36 -9.02 -8.81 0.72
N SER A 37 -8.01 -8.72 -0.16
CA SER A 37 -6.66 -8.39 0.25
C SER A 37 -6.47 -6.86 0.36
N ALA A 38 -7.58 -6.13 0.40
CA ALA A 38 -7.54 -4.65 0.47
C ALA A 38 -6.67 -4.16 1.63
N GLU A 39 -6.39 -5.04 2.58
CA GLU A 39 -5.62 -4.68 3.76
C GLU A 39 -4.18 -4.30 3.42
N ASN A 40 -3.62 -4.92 2.38
CA ASN A 40 -2.20 -4.73 2.07
C ASN A 40 -1.90 -3.29 1.67
N VAL A 41 -2.79 -2.67 0.90
CA VAL A 41 -2.56 -1.30 0.42
C VAL A 41 -2.76 -0.27 1.53
N THR A 42 -3.70 -0.53 2.44
CA THR A 42 -3.93 0.38 3.55
C THR A 42 -2.81 0.20 4.61
N PHE A 43 -2.30 -1.03 4.70
CA PHE A 43 -1.11 -1.31 5.49
C PHE A 43 0.09 -0.56 4.92
N TRP A 44 0.22 -0.65 3.60
CA TRP A 44 1.30 -0.01 2.87
C TRP A 44 1.28 1.50 3.09
N LYS A 45 0.14 2.13 2.80
CA LYS A 45 0.01 3.59 2.91
C LYS A 45 0.19 4.04 4.36
N ALA A 46 -0.22 3.19 5.30
CA ALA A 46 -0.03 3.47 6.72
C ALA A 46 1.47 3.63 7.03
N CYS A 47 2.27 2.71 6.53
CA CYS A 47 3.72 2.76 6.72
C CYS A 47 4.33 3.90 5.90
N GLU A 48 3.68 4.23 4.79
CA GLU A 48 4.13 5.31 3.91
C GLU A 48 3.93 6.66 4.62
N ARG A 49 2.84 6.76 5.37
CA ARG A 49 2.57 7.95 6.20
C ARG A 49 3.50 7.98 7.40
N PHE A 50 3.73 6.81 7.99
CA PHE A 50 4.57 6.69 9.18
C PHE A 50 5.98 7.21 8.90
N GLN A 51 6.52 6.84 7.74
CA GLN A 51 7.89 7.23 7.37
C GLN A 51 7.97 8.73 7.06
N GLN A 52 6.83 9.42 7.10
CA GLN A 52 6.81 10.87 6.92
C GLN A 52 6.99 11.58 8.25
N ILE A 53 6.68 10.87 9.33
CA ILE A 53 6.84 11.40 10.69
C ILE A 53 8.32 11.72 10.95
N PRO A 54 8.64 12.94 11.39
CA PRO A 54 10.01 13.35 11.71
C PRO A 54 10.73 12.35 12.63
N ALA A 55 10.31 12.33 13.91
CA ALA A 55 10.92 11.45 14.93
C ALA A 55 10.43 11.82 16.32
N SER A 56 10.39 13.11 16.60
CA SER A 56 10.06 13.62 17.93
C SER A 56 8.58 13.36 18.27
N ASP A 57 7.80 12.99 17.27
CA ASP A 57 6.37 12.73 17.43
C ASP A 57 6.15 11.32 17.97
N THR A 58 6.86 10.98 19.04
CA THR A 58 6.81 9.64 19.62
C THR A 58 5.38 9.19 19.89
N GLN A 59 4.50 10.15 20.18
CA GLN A 59 3.08 9.86 20.39
C GLN A 59 2.47 9.30 19.11
N GLN A 60 2.70 9.98 17.99
CA GLN A 60 2.15 9.56 16.70
C GLN A 60 2.84 8.28 16.24
N LEU A 61 4.13 8.18 16.54
CA LEU A 61 4.90 6.98 16.23
C LEU A 61 4.25 5.76 16.89
N ALA A 62 4.02 5.87 18.19
CA ALA A 62 3.42 4.78 18.96
C ALA A 62 2.03 4.45 18.44
N GLN A 63 1.25 5.48 18.15
CA GLN A 63 -0.11 5.31 17.66
C GLN A 63 -0.15 4.57 16.32
N GLU A 64 0.59 5.08 15.34
CA GLU A 64 0.60 4.47 14.02
C GLU A 64 1.31 3.12 14.06
N ALA A 65 2.26 2.94 14.97
CA ALA A 65 2.93 1.66 15.15
C ALA A 65 1.94 0.61 15.65
N ARG A 66 1.16 0.96 16.66
CA ARG A 66 0.18 0.03 17.22
C ARG A 66 -0.98 -0.16 16.26
N ASN A 67 -1.24 0.86 15.44
CA ASN A 67 -2.26 0.77 14.40
C ASN A 67 -1.87 -0.29 13.38
N ILE A 68 -0.66 -0.14 12.83
CA ILE A 68 -0.13 -1.11 11.88
C ILE A 68 -0.03 -2.49 12.53
N TYR A 69 0.49 -2.51 13.75
CA TYR A 69 0.72 -3.75 14.50
C TYR A 69 -0.60 -4.49 14.73
N GLN A 70 -1.49 -3.88 15.50
CA GLN A 70 -2.69 -4.55 15.97
C GLN A 70 -3.70 -4.82 14.86
N GLU A 71 -3.79 -3.93 13.87
CA GLU A 71 -4.79 -4.06 12.81
C GLU A 71 -4.27 -4.83 11.59
N PHE A 72 -2.96 -5.11 11.52
CA PHE A 72 -2.42 -5.80 10.34
C PHE A 72 -1.38 -6.88 10.69
N LEU A 73 -0.61 -6.65 11.75
CA LEU A 73 0.50 -7.55 12.09
C LEU A 73 0.15 -8.46 13.27
N SER A 74 -0.97 -8.18 13.93
CA SER A 74 -1.39 -8.94 15.10
C SER A 74 -2.19 -10.18 14.69
N SER A 75 -2.43 -11.07 15.65
CA SER A 75 -3.21 -12.28 15.43
C SER A 75 -4.69 -11.92 15.29
N GLN A 76 -5.13 -10.94 16.07
CA GLN A 76 -6.51 -10.47 16.04
C GLN A 76 -6.60 -9.20 15.21
N ALA A 77 -5.82 -9.16 14.13
CA ALA A 77 -5.71 -7.98 13.26
C ALA A 77 -6.92 -7.81 12.35
N LEU A 78 -7.94 -8.63 12.57
CA LEU A 78 -9.16 -8.68 11.75
C LEU A 78 -8.87 -9.35 10.41
N SER A 79 -7.74 -8.98 9.83
CA SER A 79 -7.28 -9.53 8.56
C SER A 79 -5.76 -9.31 8.44
N PRO A 80 -4.95 -10.17 9.10
CA PRO A 80 -3.48 -10.03 9.10
C PRO A 80 -2.87 -10.12 7.70
N VAL A 81 -1.80 -9.37 7.48
CA VAL A 81 -1.10 -9.38 6.20
C VAL A 81 -0.05 -10.50 6.17
N ASN A 82 -0.02 -11.24 5.06
CA ASN A 82 0.91 -12.37 4.92
C ASN A 82 2.30 -11.89 4.51
N ILE A 83 3.13 -11.64 5.51
CA ILE A 83 4.52 -11.22 5.30
C ILE A 83 5.43 -12.02 6.23
N ASP A 84 6.73 -11.73 6.21
CA ASP A 84 7.68 -12.42 7.08
C ASP A 84 7.44 -12.06 8.55
N ARG A 85 6.56 -12.82 9.17
CA ARG A 85 6.19 -12.61 10.57
C ARG A 85 6.93 -13.59 11.47
N GLN A 86 7.70 -14.49 10.87
CA GLN A 86 8.48 -15.47 11.63
C GLN A 86 9.63 -14.79 12.36
N ALA A 87 10.55 -14.21 11.59
CA ALA A 87 11.73 -13.54 12.12
C ALA A 87 11.51 -12.03 12.18
N TRP A 88 10.26 -11.62 12.38
CA TRP A 88 9.89 -10.21 12.40
C TRP A 88 10.58 -9.47 13.55
N LEU A 89 10.48 -8.15 13.54
CA LEU A 89 11.17 -7.31 14.53
C LEU A 89 10.79 -7.71 15.95
N GLY A 90 9.53 -7.46 16.31
CA GLY A 90 9.02 -7.88 17.61
C GLY A 90 8.35 -6.75 18.37
N GLU A 91 8.15 -6.96 19.66
CA GLU A 91 7.51 -6.00 20.55
C GLU A 91 8.38 -4.75 20.76
N GLU A 92 9.66 -4.84 20.38
CA GLU A 92 10.62 -3.79 20.67
C GLU A 92 10.33 -2.55 19.83
N VAL A 93 9.63 -2.73 18.70
CA VAL A 93 9.26 -1.61 17.85
C VAL A 93 8.14 -0.79 18.50
N LEU A 94 7.45 -1.40 19.47
CA LEU A 94 6.46 -0.70 20.27
C LEU A 94 7.14 0.00 21.45
N ALA A 95 8.14 -0.69 22.01
CA ALA A 95 8.90 -0.16 23.14
C ALA A 95 9.72 1.06 22.73
N GLU A 96 10.24 1.03 21.51
CA GLU A 96 11.01 2.14 20.95
C GLU A 96 10.66 2.34 19.48
N PRO A 97 9.59 3.11 19.20
CA PRO A 97 9.16 3.36 17.82
C PRO A 97 10.09 4.32 17.09
N ARG A 98 10.27 4.08 15.80
CA ARG A 98 11.13 4.91 14.96
C ARG A 98 10.50 5.07 13.58
N PRO A 99 10.69 6.24 12.93
CA PRO A 99 10.06 6.55 11.64
C PRO A 99 10.44 5.57 10.52
N ASP A 100 11.45 4.75 10.77
CA ASP A 100 11.89 3.75 9.80
C ASP A 100 12.03 2.40 10.50
N MET A 101 11.06 1.52 10.29
CA MET A 101 11.02 0.24 10.98
C MET A 101 10.47 -0.89 10.08
N PHE A 102 9.35 -0.65 9.42
CA PHE A 102 8.66 -1.70 8.66
C PHE A 102 8.95 -1.57 7.17
N ARG A 103 9.83 -0.63 6.82
CA ARG A 103 10.23 -0.37 5.43
C ARG A 103 10.36 -1.65 4.59
N ALA A 104 10.98 -2.67 5.16
CA ALA A 104 11.18 -3.94 4.46
C ALA A 104 9.83 -4.58 4.11
N GLN A 105 8.97 -4.72 5.12
CA GLN A 105 7.67 -5.37 4.95
C GLN A 105 6.72 -4.49 4.12
N GLN A 106 6.90 -3.19 4.24
CA GLN A 106 6.11 -2.22 3.48
C GLN A 106 6.43 -2.35 2.00
N LEU A 107 7.71 -2.39 1.68
CA LEU A 107 8.15 -2.58 0.30
C LEU A 107 7.77 -3.98 -0.18
N GLN A 108 7.67 -4.92 0.77
CA GLN A 108 7.27 -6.29 0.45
C GLN A 108 5.89 -6.29 -0.22
N ILE A 109 4.95 -5.56 0.36
CA ILE A 109 3.61 -5.41 -0.22
C ILE A 109 3.69 -4.77 -1.60
N PHE A 110 4.55 -3.76 -1.72
CA PHE A 110 4.73 -3.06 -2.99
C PHE A 110 5.12 -4.04 -4.10
N ASN A 111 6.24 -4.73 -3.90
CA ASN A 111 6.76 -5.64 -4.93
C ASN A 111 5.87 -6.88 -5.06
N LEU A 112 5.03 -7.11 -4.06
CA LEU A 112 4.11 -8.24 -4.08
C LEU A 112 3.11 -8.07 -5.22
N MET A 113 2.32 -6.99 -5.15
CA MET A 113 1.29 -6.73 -6.16
C MET A 113 1.91 -6.18 -7.44
N LYS A 114 3.12 -5.63 -7.32
CA LYS A 114 3.85 -5.06 -8.46
C LYS A 114 3.88 -6.02 -9.65
N PHE A 115 4.01 -7.32 -9.37
CA PHE A 115 4.16 -8.32 -10.41
C PHE A 115 2.93 -9.23 -10.48
N ASP A 116 1.80 -8.74 -9.98
CA ASP A 116 0.57 -9.54 -9.92
C ASP A 116 -0.68 -8.67 -10.07
N SER A 117 -1.20 -8.17 -8.94
CA SER A 117 -2.44 -7.41 -8.93
C SER A 117 -2.30 -6.15 -9.80
N TYR A 118 -1.13 -5.53 -9.75
CA TYR A 118 -0.84 -4.37 -10.60
C TYR A 118 -1.01 -4.73 -12.08
N ALA A 119 -0.28 -5.75 -12.52
CA ALA A 119 -0.32 -6.17 -13.92
C ALA A 119 -1.73 -6.60 -14.32
N ARG A 120 -2.46 -7.14 -13.35
CA ARG A 120 -3.82 -7.61 -13.56
C ARG A 120 -4.78 -6.43 -13.75
N PHE A 121 -4.64 -5.42 -12.90
CA PHE A 121 -5.53 -4.27 -12.92
C PHE A 121 -5.41 -3.51 -14.24
N VAL A 122 -4.18 -3.19 -14.63
CA VAL A 122 -3.94 -2.44 -15.87
C VAL A 122 -4.28 -3.29 -17.10
N LYS A 123 -4.46 -4.59 -16.89
CA LYS A 123 -4.86 -5.50 -17.96
C LYS A 123 -6.39 -5.50 -18.09
N SER A 124 -7.07 -5.21 -16.98
CA SER A 124 -8.54 -5.22 -16.95
C SER A 124 -9.13 -4.12 -17.84
N PRO A 125 -10.32 -4.37 -18.42
CA PRO A 125 -10.97 -3.43 -19.36
C PRO A 125 -11.19 -2.04 -18.75
N LEU A 126 -11.40 -2.01 -17.43
CA LEU A 126 -11.63 -0.75 -16.70
C LEU A 126 -10.52 0.25 -17.00
N TYR A 127 -9.30 -0.27 -17.23
CA TYR A 127 -8.16 0.59 -17.50
C TYR A 127 -8.39 1.38 -18.78
N ARG A 128 -8.65 0.71 -19.90
CA ARG A 128 -8.90 1.39 -21.17
C ARG A 128 -10.17 2.23 -21.06
N GLU A 129 -11.11 1.76 -20.23
CA GLU A 129 -12.37 2.45 -20.01
C GLU A 129 -12.14 3.85 -19.42
N CYS A 130 -10.94 4.06 -18.90
CA CYS A 130 -10.50 5.37 -18.42
C CYS A 130 -9.59 6.03 -19.46
N LEU A 131 -8.89 5.22 -20.25
CA LEU A 131 -7.97 5.71 -21.28
C LEU A 131 -8.71 6.14 -22.55
N LEU A 132 -10.03 5.92 -22.59
CA LEU A 132 -10.83 6.27 -23.77
C LEU A 132 -11.02 7.79 -23.89
N ALA A 133 -10.24 8.56 -23.13
CA ALA A 133 -10.28 10.01 -23.20
C ALA A 133 -9.69 10.50 -24.53
N GLU A 134 -10.49 10.41 -25.59
CA GLU A 134 -10.10 10.89 -26.91
C GLU A 134 -11.03 12.04 -27.32
N ALA A 135 -12.32 11.87 -27.06
CA ALA A 135 -13.29 12.95 -27.19
C ALA A 135 -13.44 13.64 -25.83
N GLU A 136 -13.24 12.85 -24.79
CA GLU A 136 -13.16 13.35 -23.41
C GLU A 136 -11.69 13.60 -23.06
N SER A 1 6.37 25.82 -17.62
CA SER A 1 5.79 24.50 -17.29
C SER A 1 4.41 24.36 -17.93
N MET A 2 4.33 23.48 -18.93
CA MET A 2 3.08 23.22 -19.62
C MET A 2 2.10 22.47 -18.72
N THR A 3 0.82 22.82 -18.82
CA THR A 3 -0.23 22.11 -18.09
C THR A 3 -0.33 20.67 -18.58
N GLU A 4 0.05 19.73 -17.73
CA GLU A 4 0.09 18.32 -18.11
C GLU A 4 -0.89 17.50 -17.28
N GLU A 5 -1.73 16.74 -17.96
CA GLU A 5 -2.66 15.81 -17.33
C GLU A 5 -2.34 14.39 -17.83
N GLN A 6 -1.96 13.51 -16.92
CA GLN A 6 -1.61 12.13 -17.30
C GLN A 6 -2.87 11.30 -17.51
N PRO A 7 -2.95 10.56 -18.64
CA PRO A 7 -4.09 9.67 -18.91
C PRO A 7 -4.03 8.43 -18.02
N VAL A 8 -5.17 7.78 -17.84
CA VAL A 8 -5.27 6.60 -16.98
C VAL A 8 -4.40 5.45 -17.49
N ALA A 9 -3.95 5.56 -18.73
CA ALA A 9 -3.06 4.56 -19.32
C ALA A 9 -1.67 4.63 -18.70
N SER A 10 -1.32 5.80 -18.17
CA SER A 10 -0.01 6.04 -17.59
C SER A 10 0.25 5.17 -16.36
N TRP A 11 -0.81 4.60 -15.79
CA TRP A 11 -0.66 3.67 -14.68
C TRP A 11 0.20 2.48 -15.09
N ALA A 12 0.05 2.08 -16.35
CA ALA A 12 0.70 0.89 -16.88
C ALA A 12 2.18 1.14 -17.16
N LEU A 13 2.69 2.30 -16.76
CA LEU A 13 4.10 2.63 -16.93
C LEU A 13 4.90 2.19 -15.70
N SER A 14 4.27 2.25 -14.53
CA SER A 14 4.94 1.93 -13.27
C SER A 14 3.93 1.78 -12.14
N PHE A 15 4.17 0.78 -11.28
CA PHE A 15 3.33 0.55 -10.11
C PHE A 15 3.42 1.74 -9.17
N GLU A 16 4.62 2.31 -9.07
CA GLU A 16 4.85 3.51 -8.25
C GLU A 16 3.85 4.60 -8.63
N ARG A 17 3.63 4.76 -9.94
CA ARG A 17 2.68 5.75 -10.44
C ARG A 17 1.27 5.46 -9.91
N LEU A 18 0.78 4.27 -10.24
CA LEU A 18 -0.59 3.86 -9.87
C LEU A 18 -0.78 3.84 -8.35
N LEU A 19 0.31 3.56 -7.63
CA LEU A 19 0.27 3.40 -6.18
C LEU A 19 0.34 4.75 -5.47
N GLN A 20 0.82 5.76 -6.18
CA GLN A 20 0.95 7.10 -5.61
C GLN A 20 -0.13 8.04 -6.16
N ASP A 21 -0.76 7.63 -7.25
CA ASP A 21 -1.80 8.42 -7.90
C ASP A 21 -3.17 8.11 -7.30
N PRO A 22 -3.88 9.14 -6.77
CA PRO A 22 -5.19 8.96 -6.15
C PRO A 22 -6.26 8.45 -7.12
N LEU A 23 -6.06 8.69 -8.41
CA LEU A 23 -7.01 8.23 -9.43
C LEU A 23 -6.81 6.73 -9.66
N GLY A 24 -5.54 6.34 -9.85
CA GLY A 24 -5.21 4.93 -9.97
C GLY A 24 -5.63 4.16 -8.75
N LEU A 25 -5.18 4.62 -7.59
CA LEU A 25 -5.56 4.03 -6.31
C LEU A 25 -7.08 3.95 -6.16
N ALA A 26 -7.79 4.91 -6.75
CA ALA A 26 -9.26 4.91 -6.67
C ALA A 26 -9.82 3.61 -7.25
N TYR A 27 -9.62 3.41 -8.54
CA TYR A 27 -10.16 2.22 -9.22
C TYR A 27 -9.44 0.95 -8.77
N PHE A 28 -8.16 1.10 -8.45
CA PHE A 28 -7.35 -0.02 -8.01
C PHE A 28 -7.82 -0.55 -6.66
N THR A 29 -8.06 0.36 -5.71
CA THR A 29 -8.48 -0.03 -4.37
C THR A 29 -9.90 -0.60 -4.42
N GLU A 30 -10.70 -0.13 -5.38
CA GLU A 30 -12.05 -0.65 -5.57
C GLU A 30 -12.02 -2.13 -5.95
N PHE A 31 -11.17 -2.47 -6.92
CA PHE A 31 -11.00 -3.84 -7.38
C PHE A 31 -10.28 -4.67 -6.31
N LEU A 32 -9.31 -4.03 -5.65
CA LEU A 32 -8.49 -4.69 -4.64
C LEU A 32 -9.30 -4.91 -3.35
N LYS A 33 -10.27 -4.04 -3.10
CA LYS A 33 -11.16 -4.18 -1.93
C LYS A 33 -12.26 -5.18 -2.24
N LYS A 34 -12.56 -5.32 -3.53
CA LYS A 34 -13.54 -6.31 -4.00
C LYS A 34 -13.11 -7.71 -3.56
N GLU A 35 -11.81 -7.98 -3.71
CA GLU A 35 -11.22 -9.24 -3.28
C GLU A 35 -10.82 -9.18 -1.80
N PHE A 36 -11.15 -8.06 -1.16
CA PHE A 36 -10.80 -7.80 0.23
C PHE A 36 -9.29 -7.95 0.45
N SER A 37 -8.54 -7.05 -0.17
CA SER A 37 -7.08 -7.04 -0.04
C SER A 37 -6.51 -5.63 -0.24
N ALA A 38 -7.40 -4.63 -0.16
CA ALA A 38 -7.01 -3.23 -0.37
C ALA A 38 -6.07 -2.75 0.73
N GLU A 39 -6.00 -3.54 1.79
CA GLU A 39 -5.22 -3.20 2.97
C GLU A 39 -3.73 -3.25 2.65
N ASN A 40 -3.38 -3.87 1.53
CA ASN A 40 -2.00 -3.92 1.07
C ASN A 40 -1.48 -2.51 0.77
N VAL A 41 -2.27 -1.74 0.02
CA VAL A 41 -1.86 -0.37 -0.32
C VAL A 41 -2.03 0.54 0.88
N THR A 42 -3.06 0.28 1.68
CA THR A 42 -3.28 1.00 2.92
C THR A 42 -2.09 0.82 3.86
N PHE A 43 -1.57 -0.41 3.90
CA PHE A 43 -0.39 -0.74 4.70
C PHE A 43 0.83 0.03 4.19
N TRP A 44 0.98 0.07 2.87
CA TRP A 44 2.08 0.80 2.24
C TRP A 44 2.02 2.28 2.62
N LYS A 45 0.83 2.87 2.50
CA LYS A 45 0.64 4.28 2.79
C LYS A 45 0.62 4.54 4.30
N ALA A 46 0.34 3.49 5.08
CA ALA A 46 0.40 3.58 6.53
C ALA A 46 1.85 3.71 6.99
N CYS A 47 2.70 2.87 6.43
CA CYS A 47 4.13 2.92 6.70
C CYS A 47 4.72 4.20 6.11
N GLU A 48 4.18 4.61 4.97
CA GLU A 48 4.55 5.88 4.34
C GLU A 48 4.19 7.04 5.28
N ARG A 49 2.97 7.02 5.79
CA ARG A 49 2.49 8.04 6.73
C ARG A 49 3.33 8.05 7.98
N PHE A 50 3.78 6.87 8.38
CA PHE A 50 4.61 6.70 9.58
C PHE A 50 5.93 7.46 9.41
N GLN A 51 6.36 7.61 8.16
CA GLN A 51 7.61 8.31 7.83
C GLN A 51 7.46 9.81 8.04
N GLN A 52 6.21 10.30 8.01
CA GLN A 52 5.94 11.73 8.21
C GLN A 52 6.07 12.12 9.67
N ILE A 53 6.18 11.12 10.54
CA ILE A 53 6.44 11.35 11.96
C ILE A 53 7.96 11.49 12.17
N PRO A 54 8.42 12.65 12.70
CA PRO A 54 9.87 12.93 12.80
C PRO A 54 10.61 11.87 13.62
N ALA A 55 10.29 11.80 14.92
CA ALA A 55 10.89 10.83 15.83
C ALA A 55 10.54 11.19 17.28
N SER A 56 10.56 12.49 17.57
CA SER A 56 10.29 13.01 18.92
C SER A 56 8.93 12.55 19.45
N ASP A 57 7.98 12.36 18.54
CA ASP A 57 6.63 11.90 18.89
C ASP A 57 6.62 10.40 19.16
N THR A 58 7.34 9.98 20.19
CA THR A 58 7.42 8.57 20.56
C THR A 58 6.03 8.04 20.92
N GLN A 59 5.23 8.87 21.59
CA GLN A 59 3.87 8.52 21.97
C GLN A 59 3.02 8.27 20.72
N GLN A 60 3.23 9.11 19.70
CA GLN A 60 2.49 9.02 18.44
C GLN A 60 2.91 7.75 17.71
N LEU A 61 4.22 7.53 17.66
CA LEU A 61 4.80 6.34 17.06
C LEU A 61 4.22 5.09 17.72
N ALA A 62 4.16 5.11 19.05
CA ALA A 62 3.66 3.98 19.82
C ALA A 62 2.21 3.67 19.46
N GLN A 63 1.43 4.72 19.19
CA GLN A 63 0.03 4.56 18.83
C GLN A 63 -0.11 3.93 17.44
N GLU A 64 0.41 4.62 16.43
CA GLU A 64 0.27 4.17 15.05
C GLU A 64 0.95 2.80 14.83
N ALA A 65 2.10 2.60 15.46
CA ALA A 65 2.82 1.33 15.34
C ALA A 65 1.97 0.18 15.88
N ARG A 66 1.38 0.39 17.05
CA ARG A 66 0.54 -0.62 17.67
C ARG A 66 -0.74 -0.81 16.87
N ASN A 67 -1.25 0.28 16.30
CA ASN A 67 -2.43 0.24 15.44
C ASN A 67 -2.17 -0.70 14.27
N ILE A 68 -1.11 -0.40 13.51
CA ILE A 68 -0.73 -1.21 12.35
C ILE A 68 -0.56 -2.68 12.76
N TYR A 69 0.02 -2.89 13.94
CA TYR A 69 0.22 -4.23 14.47
C TYR A 69 -1.13 -4.96 14.63
N GLN A 70 -1.99 -4.41 15.47
CA GLN A 70 -3.25 -5.07 15.81
C GLN A 70 -4.27 -5.02 14.67
N GLU A 71 -4.04 -4.14 13.69
CA GLU A 71 -4.99 -3.95 12.60
C GLU A 71 -4.57 -4.70 11.33
N PHE A 72 -3.26 -4.77 11.06
CA PHE A 72 -2.75 -5.40 9.83
C PHE A 72 -1.85 -6.61 10.11
N LEU A 73 -1.26 -6.68 11.31
CA LEU A 73 -0.19 -7.65 11.57
C LEU A 73 -0.58 -8.69 12.62
N SER A 74 -1.69 -8.49 13.30
CA SER A 74 -2.11 -9.41 14.37
C SER A 74 -2.76 -10.67 13.79
N SER A 75 -2.70 -11.75 14.55
CA SER A 75 -3.25 -13.04 14.14
C SER A 75 -4.77 -12.95 14.00
N GLN A 76 -5.37 -11.99 14.69
CA GLN A 76 -6.82 -11.77 14.63
C GLN A 76 -7.12 -10.37 14.07
N ALA A 77 -6.16 -9.82 13.34
CA ALA A 77 -6.27 -8.47 12.77
C ALA A 77 -7.38 -8.42 11.73
N LEU A 78 -7.71 -7.20 11.30
CA LEU A 78 -8.74 -7.00 10.28
C LEU A 78 -8.33 -7.72 9.00
N SER A 79 -7.12 -7.42 8.54
CA SER A 79 -6.57 -8.02 7.34
C SER A 79 -5.07 -8.25 7.49
N PRO A 80 -4.65 -9.48 7.84
CA PRO A 80 -3.22 -9.82 7.94
C PRO A 80 -2.52 -9.68 6.58
N VAL A 81 -1.82 -8.56 6.40
CA VAL A 81 -1.13 -8.28 5.15
C VAL A 81 -0.02 -9.31 4.89
N ASN A 82 0.12 -9.70 3.62
CA ASN A 82 1.09 -10.73 3.24
C ASN A 82 2.50 -10.16 3.21
N ILE A 83 3.21 -10.31 4.31
CA ILE A 83 4.61 -9.90 4.41
C ILE A 83 5.42 -11.02 5.07
N ASP A 84 6.63 -10.71 5.54
CA ASP A 84 7.49 -11.70 6.19
C ASP A 84 7.09 -11.82 7.66
N ARG A 85 5.78 -11.89 7.90
CA ARG A 85 5.20 -11.86 9.25
C ARG A 85 5.53 -13.14 10.03
N GLN A 86 6.08 -14.14 9.33
CA GLN A 86 6.53 -15.36 9.97
C GLN A 86 7.73 -15.05 10.88
N ALA A 87 8.45 -13.99 10.52
CA ALA A 87 9.58 -13.51 11.31
C ALA A 87 9.32 -12.07 11.74
N TRP A 88 9.27 -11.15 10.77
CA TRP A 88 9.04 -9.74 11.02
C TRP A 88 10.06 -9.16 12.02
N LEU A 89 9.90 -7.90 12.41
CA LEU A 89 10.77 -7.28 13.39
C LEU A 89 10.49 -7.87 14.77
N GLY A 90 9.38 -7.46 15.39
CA GLY A 90 8.96 -8.04 16.65
C GLY A 90 8.35 -7.05 17.62
N GLU A 91 8.12 -7.53 18.84
CA GLU A 91 7.55 -6.73 19.93
C GLU A 91 8.31 -5.42 20.16
N GLU A 92 9.59 -5.39 19.79
CA GLU A 92 10.43 -4.22 20.07
C GLU A 92 10.00 -3.02 19.23
N VAL A 93 9.18 -3.28 18.22
CA VAL A 93 8.56 -2.21 17.45
C VAL A 93 7.56 -1.46 18.33
N LEU A 94 6.90 -2.20 19.22
CA LEU A 94 5.90 -1.65 20.13
C LEU A 94 6.58 -1.19 21.42
N ALA A 95 7.69 -1.84 21.76
CA ALA A 95 8.47 -1.48 22.94
C ALA A 95 9.15 -0.12 22.75
N GLU A 96 9.96 -0.02 21.69
CA GLU A 96 10.64 1.21 21.35
C GLU A 96 10.41 1.54 19.88
N PRO A 97 9.33 2.28 19.58
CA PRO A 97 8.95 2.59 18.19
C PRO A 97 9.86 3.65 17.57
N ARG A 98 10.01 3.57 16.26
CA ARG A 98 10.78 4.54 15.49
C ARG A 98 10.16 4.67 14.11
N PRO A 99 10.19 5.88 13.52
CA PRO A 99 9.48 6.17 12.26
C PRO A 99 9.93 5.27 11.10
N ASP A 100 11.12 4.70 11.23
CA ASP A 100 11.73 3.93 10.14
C ASP A 100 11.58 2.42 10.35
N MET A 101 10.73 2.02 11.29
CA MET A 101 10.49 0.60 11.56
C MET A 101 10.01 -0.15 10.32
N PHE A 102 8.85 0.25 9.82
CA PHE A 102 8.12 -0.52 8.80
C PHE A 102 8.66 -0.32 7.38
N ARG A 103 9.81 0.34 7.24
CA ARG A 103 10.36 0.65 5.91
C ARG A 103 10.53 -0.61 5.05
N ALA A 104 11.08 -1.66 5.66
CA ALA A 104 11.36 -2.92 4.95
C ALA A 104 10.09 -3.52 4.38
N GLN A 105 9.10 -3.72 5.25
CA GLN A 105 7.83 -4.33 4.86
C GLN A 105 7.06 -3.45 3.89
N GLN A 106 7.27 -2.14 4.00
CA GLN A 106 6.64 -1.17 3.10
C GLN A 106 7.06 -1.45 1.66
N LEU A 107 8.37 -1.51 1.45
CA LEU A 107 8.92 -1.79 0.12
C LEU A 107 8.58 -3.21 -0.31
N GLN A 108 8.45 -4.12 0.65
CA GLN A 108 8.12 -5.50 0.35
C GLN A 108 6.73 -5.60 -0.26
N ILE A 109 5.73 -5.00 0.39
CA ILE A 109 4.36 -5.01 -0.13
C ILE A 109 4.35 -4.45 -1.54
N PHE A 110 5.12 -3.38 -1.72
CA PHE A 110 5.31 -2.77 -3.03
C PHE A 110 5.81 -3.80 -4.04
N ASN A 111 6.95 -4.42 -3.73
CA ASN A 111 7.62 -5.34 -4.66
C ASN A 111 6.91 -6.69 -4.77
N LEU A 112 5.92 -6.93 -3.92
CA LEU A 112 5.13 -8.16 -3.99
C LEU A 112 3.95 -7.99 -4.96
N MET A 113 3.37 -6.80 -5.00
CA MET A 113 2.22 -6.52 -5.86
C MET A 113 2.69 -5.83 -7.15
N LYS A 114 3.96 -5.45 -7.16
CA LYS A 114 4.57 -4.71 -8.26
C LYS A 114 4.30 -5.35 -9.62
N PHE A 115 4.37 -6.68 -9.67
CA PHE A 115 4.17 -7.40 -10.93
C PHE A 115 3.10 -8.48 -10.77
N ASP A 116 2.20 -8.28 -9.80
CA ASP A 116 1.11 -9.22 -9.55
C ASP A 116 -0.22 -8.50 -9.52
N SER A 117 -0.58 -7.92 -8.37
CA SER A 117 -1.83 -7.19 -8.23
C SER A 117 -1.91 -6.06 -9.26
N TYR A 118 -0.79 -5.34 -9.40
CA TYR A 118 -0.65 -4.32 -10.44
C TYR A 118 -0.90 -4.93 -11.83
N ALA A 119 -0.20 -6.01 -12.12
CA ALA A 119 -0.28 -6.67 -13.42
C ALA A 119 -1.65 -7.31 -13.63
N ARG A 120 -2.35 -7.57 -12.54
CA ARG A 120 -3.68 -8.16 -12.58
C ARG A 120 -4.72 -7.10 -12.94
N PHE A 121 -4.65 -5.97 -12.27
CA PHE A 121 -5.60 -4.88 -12.45
C PHE A 121 -5.62 -4.40 -13.90
N VAL A 122 -4.43 -4.20 -14.47
CA VAL A 122 -4.31 -3.68 -15.83
C VAL A 122 -4.85 -4.68 -16.87
N LYS A 123 -4.98 -5.94 -16.47
CA LYS A 123 -5.56 -6.98 -17.34
C LYS A 123 -7.07 -7.06 -17.15
N SER A 124 -7.53 -6.65 -15.98
CA SER A 124 -8.93 -6.82 -15.60
C SER A 124 -9.80 -5.61 -15.99
N PRO A 125 -11.14 -5.76 -15.88
CA PRO A 125 -12.08 -4.64 -16.08
C PRO A 125 -11.75 -3.42 -15.20
N LEU A 126 -12.61 -2.40 -15.26
CA LEU A 126 -12.37 -1.12 -14.57
C LEU A 126 -11.24 -0.34 -15.25
N TYR A 127 -10.06 -0.96 -15.37
CA TYR A 127 -8.96 -0.34 -16.10
C TYR A 127 -9.34 -0.11 -17.56
N ARG A 128 -9.54 -1.21 -18.30
CA ARG A 128 -9.93 -1.13 -19.70
C ARG A 128 -11.23 -0.35 -19.85
N GLU A 129 -12.06 -0.40 -18.80
CA GLU A 129 -13.34 0.29 -18.77
C GLU A 129 -13.12 1.80 -18.72
N CYS A 130 -12.09 2.22 -17.99
CA CYS A 130 -11.74 3.63 -17.88
C CYS A 130 -11.15 4.13 -19.20
N LEU A 131 -10.47 3.24 -19.92
CA LEU A 131 -9.98 3.54 -21.26
C LEU A 131 -11.16 3.61 -22.24
N LEU A 132 -12.19 2.82 -21.93
CA LEU A 132 -13.43 2.77 -22.71
C LEU A 132 -13.15 2.18 -24.10
N ALA A 133 -12.57 3.01 -24.97
CA ALA A 133 -12.26 2.60 -26.34
C ALA A 133 -11.06 3.38 -26.86
N GLU A 134 -11.24 4.67 -27.10
CA GLU A 134 -10.14 5.53 -27.57
C GLU A 134 -9.71 6.49 -26.47
N ALA A 135 -10.46 7.58 -26.30
CA ALA A 135 -10.17 8.58 -25.29
C ALA A 135 -11.26 9.64 -25.24
N GLU A 136 -12.13 9.54 -24.23
CA GLU A 136 -13.18 10.52 -24.02
C GLU A 136 -12.91 11.29 -22.74
N SER A 1 5.71 0.70 -21.68
CA SER A 1 5.32 0.88 -23.08
C SER A 1 6.42 1.64 -23.83
N MET A 2 6.52 1.41 -25.14
CA MET A 2 7.47 2.13 -25.98
C MET A 2 7.04 3.59 -26.10
N THR A 3 5.73 3.80 -26.12
CA THR A 3 5.15 5.13 -26.13
C THR A 3 5.18 5.72 -24.72
N GLU A 4 4.95 7.03 -24.62
CA GLU A 4 4.99 7.71 -23.33
C GLU A 4 3.75 7.40 -22.49
N GLU A 5 2.63 7.15 -23.17
CA GLU A 5 1.35 6.91 -22.52
C GLU A 5 0.99 8.12 -21.65
N GLN A 6 0.65 9.22 -22.31
CA GLN A 6 0.40 10.51 -21.66
C GLN A 6 -0.84 10.48 -20.76
N PRO A 7 -1.98 9.87 -21.21
CA PRO A 7 -3.18 9.77 -20.38
C PRO A 7 -2.96 8.90 -19.13
N VAL A 8 -4.06 8.45 -18.52
CA VAL A 8 -3.99 7.64 -17.31
C VAL A 8 -3.24 6.32 -17.55
N ALA A 9 -2.98 6.00 -18.81
CA ALA A 9 -2.22 4.81 -19.18
C ALA A 9 -0.80 4.85 -18.59
N SER A 10 -0.39 6.04 -18.15
CA SER A 10 0.91 6.25 -17.54
C SER A 10 1.10 5.36 -16.29
N TRP A 11 -0.01 4.83 -15.75
CA TRP A 11 0.06 3.92 -14.62
C TRP A 11 0.82 2.65 -15.01
N ALA A 12 0.67 2.25 -16.27
CA ALA A 12 1.29 1.03 -16.79
C ALA A 12 2.81 1.19 -16.92
N LEU A 13 3.30 2.39 -16.67
CA LEU A 13 4.74 2.65 -16.70
C LEU A 13 5.39 2.22 -15.39
N SER A 14 4.67 2.42 -14.29
CA SER A 14 5.18 2.09 -12.96
C SER A 14 4.03 1.91 -11.97
N PHE A 15 4.16 0.89 -11.13
CA PHE A 15 3.17 0.59 -10.11
C PHE A 15 3.11 1.74 -9.10
N GLU A 16 4.28 2.31 -8.78
CA GLU A 16 4.37 3.42 -7.86
C GLU A 16 3.55 4.60 -8.38
N ARG A 17 3.65 4.86 -9.69
CA ARG A 17 2.88 5.94 -10.32
C ARG A 17 1.38 5.68 -10.17
N LEU A 18 0.97 4.44 -10.41
CA LEU A 18 -0.42 4.02 -10.20
C LEU A 18 -0.81 4.21 -8.73
N LEU A 19 0.11 3.83 -7.85
CA LEU A 19 -0.14 3.76 -6.43
C LEU A 19 -0.02 5.12 -5.77
N GLN A 20 0.53 6.08 -6.51
CA GLN A 20 0.64 7.48 -6.04
C GLN A 20 -0.36 8.36 -6.76
N ASP A 21 -1.15 7.78 -7.66
CA ASP A 21 -2.17 8.52 -8.40
C ASP A 21 -3.53 8.31 -7.75
N PRO A 22 -4.23 9.40 -7.38
CA PRO A 22 -5.54 9.31 -6.71
C PRO A 22 -6.56 8.48 -7.49
N LEU A 23 -6.65 8.73 -8.80
CA LEU A 23 -7.61 8.05 -9.65
C LEU A 23 -7.19 6.59 -9.80
N GLY A 24 -5.89 6.37 -10.00
CA GLY A 24 -5.35 5.04 -10.16
C GLY A 24 -5.60 4.16 -8.96
N LEU A 25 -5.16 4.63 -7.79
CA LEU A 25 -5.32 3.90 -6.55
C LEU A 25 -6.82 3.62 -6.29
N ALA A 26 -7.67 4.55 -6.72
CA ALA A 26 -9.11 4.41 -6.53
C ALA A 26 -9.64 3.13 -7.17
N TYR A 27 -9.42 2.98 -8.47
CA TYR A 27 -9.89 1.79 -9.18
C TYR A 27 -9.09 0.55 -8.80
N PHE A 28 -7.81 0.75 -8.48
CA PHE A 28 -6.94 -0.35 -8.08
C PHE A 28 -7.43 -0.99 -6.77
N THR A 29 -7.71 -0.15 -5.78
CA THR A 29 -8.17 -0.63 -4.49
C THR A 29 -9.61 -1.13 -4.60
N GLU A 30 -10.33 -0.66 -5.62
CA GLU A 30 -11.69 -1.10 -5.89
C GLU A 30 -11.70 -2.61 -6.14
N PHE A 31 -10.96 -3.04 -7.15
CA PHE A 31 -10.82 -4.47 -7.46
C PHE A 31 -10.30 -5.24 -6.25
N LEU A 32 -9.26 -4.68 -5.63
CA LEU A 32 -8.61 -5.31 -4.49
C LEU A 32 -9.59 -5.43 -3.30
N LYS A 33 -10.61 -4.58 -3.30
CA LYS A 33 -11.66 -4.61 -2.27
C LYS A 33 -12.71 -5.65 -2.63
N LYS A 34 -12.98 -5.82 -3.93
CA LYS A 34 -13.95 -6.80 -4.42
C LYS A 34 -13.64 -8.20 -3.88
N GLU A 35 -12.38 -8.61 -4.01
CA GLU A 35 -11.96 -9.95 -3.60
C GLU A 35 -11.52 -9.97 -2.12
N PHE A 36 -11.57 -8.81 -1.49
CA PHE A 36 -11.12 -8.64 -0.10
C PHE A 36 -9.67 -9.08 0.05
N SER A 37 -8.78 -8.23 -0.43
CA SER A 37 -7.34 -8.39 -0.23
C SER A 37 -6.71 -7.00 -0.13
N ALA A 38 -7.56 -6.02 0.19
CA ALA A 38 -7.17 -4.62 0.24
C ALA A 38 -6.28 -4.35 1.46
N GLU A 39 -6.08 -5.39 2.27
CA GLU A 39 -5.22 -5.28 3.45
C GLU A 39 -3.83 -4.80 3.04
N ASN A 40 -3.39 -5.27 1.87
CA ASN A 40 -2.06 -4.94 1.35
C ASN A 40 -1.90 -3.43 1.14
N VAL A 41 -2.80 -2.82 0.36
CA VAL A 41 -2.71 -1.40 0.08
C VAL A 41 -2.96 -0.58 1.33
N THR A 42 -3.86 -1.04 2.19
CA THR A 42 -4.16 -0.36 3.46
C THR A 42 -2.90 -0.33 4.34
N PHE A 43 -2.20 -1.46 4.37
CA PHE A 43 -0.94 -1.59 5.10
C PHE A 43 0.09 -0.61 4.54
N TRP A 44 0.07 -0.43 3.23
CA TRP A 44 0.98 0.48 2.55
C TRP A 44 0.56 1.93 2.83
N LYS A 45 -0.74 2.19 2.85
CA LYS A 45 -1.26 3.52 3.18
C LYS A 45 -0.80 3.91 4.58
N ALA A 46 -0.71 2.92 5.46
CA ALA A 46 -0.27 3.13 6.82
C ALA A 46 1.15 3.69 6.85
N CYS A 47 1.97 3.33 5.86
CA CYS A 47 3.37 3.77 5.84
C CYS A 47 3.47 5.23 5.39
N GLU A 48 2.58 5.66 4.48
CA GLU A 48 2.61 7.03 3.99
C GLU A 48 2.01 7.96 5.05
N ARG A 49 1.08 7.42 5.84
CA ARG A 49 0.47 8.16 6.93
C ARG A 49 1.39 8.17 8.15
N PHE A 50 2.39 7.29 8.12
CA PHE A 50 3.35 7.17 9.22
C PHE A 50 4.58 8.04 8.95
N GLN A 51 5.04 8.01 7.70
CA GLN A 51 6.27 8.71 7.32
C GLN A 51 6.10 10.24 7.37
N GLN A 52 4.86 10.69 7.53
CA GLN A 52 4.60 12.12 7.64
C GLN A 52 4.99 12.63 9.03
N ILE A 53 5.11 11.71 9.97
CA ILE A 53 5.53 12.03 11.33
C ILE A 53 7.02 12.38 11.36
N PRO A 54 7.38 13.55 11.95
CA PRO A 54 8.77 14.06 11.95
C PRO A 54 9.75 13.23 12.80
N ALA A 55 9.38 12.00 13.16
CA ALA A 55 10.26 11.05 13.86
C ALA A 55 10.44 11.41 15.34
N SER A 56 10.71 12.69 15.63
CA SER A 56 10.94 13.15 16.99
C SER A 56 9.75 12.82 17.90
N ASP A 57 8.57 12.73 17.30
CA ASP A 57 7.36 12.37 18.04
C ASP A 57 7.31 10.87 18.29
N THR A 58 8.16 10.40 19.20
CA THR A 58 8.27 8.98 19.51
C THR A 58 6.93 8.42 20.00
N GLN A 59 6.27 9.17 20.87
CA GLN A 59 4.96 8.78 21.42
C GLN A 59 3.96 8.55 20.29
N GLN A 60 4.03 9.41 19.27
CA GLN A 60 3.12 9.35 18.14
C GLN A 60 3.44 8.15 17.26
N LEU A 61 4.74 7.94 17.01
CA LEU A 61 5.20 6.79 16.24
C LEU A 61 4.66 5.50 16.83
N ALA A 62 4.69 5.43 18.16
CA ALA A 62 4.21 4.26 18.90
C ALA A 62 2.73 4.01 18.63
N GLN A 63 1.95 5.09 18.58
CA GLN A 63 0.50 4.98 18.41
C GLN A 63 0.16 4.31 17.07
N GLU A 64 0.62 4.90 15.98
CA GLU A 64 0.37 4.36 14.65
C GLU A 64 0.97 2.96 14.50
N ALA A 65 2.24 2.81 14.88
CA ALA A 65 2.94 1.53 14.71
C ALA A 65 2.25 0.39 15.45
N ARG A 66 1.85 0.66 16.70
CA ARG A 66 1.22 -0.36 17.54
C ARG A 66 -0.13 -0.77 16.96
N ASN A 67 -0.82 0.18 16.34
CA ASN A 67 -2.08 -0.10 15.66
C ASN A 67 -1.84 -1.01 14.46
N ILE A 68 -0.86 -0.64 13.63
CA ILE A 68 -0.47 -1.45 12.49
C ILE A 68 -0.15 -2.88 12.94
N TYR A 69 0.54 -2.97 14.06
CA TYR A 69 0.91 -4.24 14.66
C TYR A 69 -0.33 -5.07 14.98
N GLN A 70 -1.23 -4.51 15.80
CA GLN A 70 -2.40 -5.25 16.27
C GLN A 70 -3.40 -5.55 15.15
N GLU A 71 -3.46 -4.67 14.16
CA GLU A 71 -4.40 -4.84 13.05
C GLU A 71 -3.91 -5.83 11.99
N PHE A 72 -2.66 -5.69 11.58
CA PHE A 72 -2.14 -6.43 10.42
C PHE A 72 -1.13 -7.52 10.81
N LEU A 73 -0.45 -7.36 11.95
CA LEU A 73 0.73 -8.18 12.24
C LEU A 73 0.61 -8.97 13.55
N SER A 74 -0.53 -8.87 14.25
CA SER A 74 -0.70 -9.54 15.53
C SER A 74 -0.89 -11.06 15.36
N SER A 75 -1.20 -11.74 16.45
CA SER A 75 -1.32 -13.20 16.47
C SER A 75 -2.20 -13.71 15.32
N GLN A 76 -3.43 -13.18 15.24
CA GLN A 76 -4.35 -13.52 14.15
C GLN A 76 -4.62 -12.28 13.31
N ALA A 77 -4.67 -11.13 13.97
CA ALA A 77 -4.82 -9.83 13.30
C ALA A 77 -6.23 -9.62 12.76
N LEU A 78 -6.66 -8.36 12.75
CA LEU A 78 -7.98 -8.00 12.27
C LEU A 78 -8.05 -8.12 10.75
N SER A 79 -6.93 -7.78 10.11
CA SER A 79 -6.80 -7.89 8.66
C SER A 79 -5.32 -8.07 8.31
N PRO A 80 -4.82 -9.32 8.31
CA PRO A 80 -3.40 -9.61 8.09
C PRO A 80 -2.99 -9.42 6.62
N VAL A 81 -1.73 -9.06 6.42
CA VAL A 81 -1.17 -8.89 5.07
C VAL A 81 -0.33 -10.10 4.68
N ASN A 82 -0.11 -10.26 3.38
CA ASN A 82 0.61 -11.42 2.86
C ASN A 82 2.13 -11.24 2.98
N ILE A 83 2.61 -11.15 4.22
CA ILE A 83 4.04 -11.11 4.52
C ILE A 83 4.33 -12.03 5.68
N ASP A 84 5.60 -12.17 6.04
CA ASP A 84 5.98 -13.02 7.17
C ASP A 84 6.04 -12.20 8.45
N ARG A 85 5.55 -12.79 9.53
CA ARG A 85 5.72 -12.23 10.86
C ARG A 85 6.64 -13.15 11.67
N GLN A 86 7.36 -13.98 10.94
CA GLN A 86 8.24 -14.99 11.53
C GLN A 86 9.65 -14.41 11.69
N ALA A 87 10.11 -13.77 10.62
CA ALA A 87 11.44 -13.14 10.60
C ALA A 87 11.29 -11.63 10.80
N TRP A 88 10.16 -11.25 11.38
CA TRP A 88 9.83 -9.84 11.60
C TRP A 88 10.68 -9.28 12.75
N LEU A 89 10.59 -7.97 12.99
CA LEU A 89 11.39 -7.32 14.02
C LEU A 89 11.03 -7.87 15.40
N GLY A 90 9.79 -7.64 15.81
CA GLY A 90 9.31 -8.13 17.09
C GLY A 90 8.62 -7.04 17.89
N GLU A 91 8.31 -7.35 19.14
CA GLU A 91 7.61 -6.42 20.02
C GLU A 91 8.53 -5.25 20.42
N GLU A 92 9.82 -5.41 20.15
CA GLU A 92 10.84 -4.44 20.53
C GLU A 92 10.63 -3.13 19.77
N VAL A 93 10.11 -3.23 18.56
CA VAL A 93 9.93 -2.06 17.71
C VAL A 93 8.64 -1.32 18.06
N LEU A 94 7.77 -1.96 18.84
CA LEU A 94 6.56 -1.31 19.33
C LEU A 94 6.87 -0.58 20.64
N ALA A 95 7.86 -1.08 21.36
CA ALA A 95 8.34 -0.40 22.57
C ALA A 95 9.21 0.80 22.20
N GLU A 96 10.03 0.61 21.17
CA GLU A 96 10.89 1.66 20.65
C GLU A 96 10.61 1.85 19.15
N PRO A 97 9.73 2.80 18.79
CA PRO A 97 9.35 3.04 17.40
C PRO A 97 10.28 4.02 16.67
N ARG A 98 10.26 3.94 15.34
CA ARG A 98 11.05 4.83 14.49
C ARG A 98 10.28 5.06 13.17
N PRO A 99 10.55 6.19 12.47
CA PRO A 99 9.75 6.61 11.29
C PRO A 99 9.65 5.54 10.19
N ASP A 100 10.67 4.69 10.09
CA ASP A 100 10.69 3.64 9.07
C ASP A 100 10.10 2.35 9.63
N MET A 101 10.37 2.11 10.92
CA MET A 101 9.87 0.93 11.65
C MET A 101 9.91 -0.37 10.83
N PHE A 102 8.84 -0.65 10.09
CA PHE A 102 8.68 -1.95 9.41
C PHE A 102 8.95 -1.78 7.91
N ARG A 103 9.65 -0.69 7.58
CA ARG A 103 9.91 -0.25 6.20
C ARG A 103 10.05 -1.40 5.21
N ALA A 104 10.87 -2.39 5.56
CA ALA A 104 11.15 -3.52 4.68
C ALA A 104 9.87 -4.28 4.31
N GLN A 105 9.05 -4.57 5.32
CA GLN A 105 7.83 -5.34 5.13
C GLN A 105 6.78 -4.54 4.34
N GLN A 106 6.70 -3.24 4.59
CA GLN A 106 5.82 -2.37 3.82
C GLN A 106 6.23 -2.38 2.35
N LEU A 107 7.52 -2.33 2.09
CA LEU A 107 8.04 -2.38 0.73
C LEU A 107 7.87 -3.78 0.16
N GLN A 108 7.84 -4.79 1.04
CA GLN A 108 7.60 -6.17 0.63
C GLN A 108 6.20 -6.29 0.05
N ILE A 109 5.21 -5.69 0.74
CA ILE A 109 3.84 -5.62 0.22
C ILE A 109 3.82 -4.93 -1.14
N PHE A 110 4.51 -3.79 -1.21
CA PHE A 110 4.60 -3.02 -2.45
C PHE A 110 5.11 -3.90 -3.60
N ASN A 111 6.31 -4.44 -3.43
CA ASN A 111 6.96 -5.25 -4.46
C ASN A 111 6.17 -6.52 -4.76
N LEU A 112 5.43 -7.00 -3.76
CA LEU A 112 4.60 -8.20 -3.93
C LEU A 112 3.49 -7.94 -4.94
N MET A 113 2.57 -7.04 -4.60
CA MET A 113 1.43 -6.73 -5.47
C MET A 113 1.91 -6.01 -6.74
N LYS A 114 3.12 -5.46 -6.69
CA LYS A 114 3.75 -4.81 -7.85
C LYS A 114 3.84 -5.78 -9.03
N PHE A 115 3.94 -7.07 -8.73
CA PHE A 115 4.04 -8.10 -9.76
C PHE A 115 2.90 -9.11 -9.62
N ASP A 116 1.73 -8.64 -9.16
CA ASP A 116 0.58 -9.51 -8.97
C ASP A 116 -0.72 -8.74 -9.25
N SER A 117 -1.25 -8.06 -8.24
CA SER A 117 -2.48 -7.29 -8.37
C SER A 117 -2.31 -6.17 -9.41
N TYR A 118 -1.09 -5.64 -9.50
CA TYR A 118 -0.76 -4.63 -10.51
C TYR A 118 -0.97 -5.19 -11.92
N ALA A 119 -0.40 -6.37 -12.16
CA ALA A 119 -0.53 -7.05 -13.44
C ALA A 119 -2.01 -7.37 -13.72
N ARG A 120 -2.74 -7.66 -12.64
CA ARG A 120 -4.16 -7.92 -12.72
C ARG A 120 -4.93 -6.66 -13.16
N PHE A 121 -4.66 -5.56 -12.47
CA PHE A 121 -5.40 -4.32 -12.68
C PHE A 121 -5.28 -3.80 -14.11
N VAL A 122 -4.04 -3.61 -14.57
CA VAL A 122 -3.78 -3.01 -15.88
C VAL A 122 -4.36 -3.86 -17.02
N LYS A 123 -4.71 -5.10 -16.72
CA LYS A 123 -5.27 -6.00 -17.73
C LYS A 123 -6.80 -6.04 -17.61
N SER A 124 -7.30 -5.77 -16.41
CA SER A 124 -8.74 -5.86 -16.10
C SER A 124 -9.49 -4.59 -16.55
N PRO A 125 -10.85 -4.65 -16.53
CA PRO A 125 -11.70 -3.47 -16.79
C PRO A 125 -11.45 -2.34 -15.79
N LEU A 126 -12.25 -1.28 -15.90
CA LEU A 126 -12.10 -0.06 -15.09
C LEU A 126 -10.85 0.71 -15.50
N TYR A 127 -9.70 0.04 -15.54
CA TYR A 127 -8.47 0.63 -16.07
C TYR A 127 -8.71 1.12 -17.49
N ARG A 128 -9.07 0.20 -18.37
CA ARG A 128 -9.32 0.52 -19.77
C ARG A 128 -10.51 1.48 -19.93
N GLU A 129 -11.44 1.42 -18.98
CA GLU A 129 -12.57 2.36 -18.94
C GLU A 129 -12.10 3.74 -18.51
N CYS A 130 -11.02 3.80 -17.74
CA CYS A 130 -10.42 5.06 -17.34
C CYS A 130 -9.64 5.66 -18.51
N LEU A 131 -9.11 4.79 -19.35
CA LEU A 131 -8.50 5.21 -20.62
C LEU A 131 -9.60 5.70 -21.56
N LEU A 132 -10.82 5.19 -21.34
CA LEU A 132 -12.01 5.55 -22.11
C LEU A 132 -11.99 4.92 -23.50
N ALA A 133 -10.93 5.20 -24.24
CA ALA A 133 -10.76 4.71 -25.61
C ALA A 133 -11.82 5.32 -26.52
N GLU A 134 -12.99 4.69 -26.58
CA GLU A 134 -14.09 5.11 -27.46
C GLU A 134 -13.60 5.52 -28.85
N ALA A 135 -13.15 6.77 -28.98
CA ALA A 135 -12.67 7.31 -30.26
C ALA A 135 -11.43 6.56 -30.74
N GLU A 136 -10.67 6.02 -29.78
CA GLU A 136 -9.51 5.18 -30.09
C GLU A 136 -9.94 3.94 -30.87
N SER A 1 3.57 24.13 -14.30
CA SER A 1 3.64 22.69 -14.61
C SER A 1 2.80 21.90 -13.62
N MET A 2 1.57 21.58 -14.02
CA MET A 2 0.63 20.87 -13.13
C MET A 2 -0.23 19.87 -13.92
N THR A 3 -0.01 19.75 -15.22
CA THR A 3 -0.88 18.94 -16.08
C THR A 3 -0.11 18.29 -17.23
N GLU A 4 1.19 18.07 -17.02
CA GLU A 4 2.05 17.47 -18.04
C GLU A 4 2.00 15.93 -17.96
N GLU A 5 2.83 15.29 -18.81
CA GLU A 5 2.92 13.83 -18.88
C GLU A 5 1.59 13.19 -19.33
N GLN A 6 1.57 11.86 -19.32
CA GLN A 6 0.43 11.10 -19.83
C GLN A 6 -0.67 10.97 -18.77
N PRO A 7 -1.94 10.83 -19.20
CA PRO A 7 -3.10 10.64 -18.30
C PRO A 7 -3.06 9.28 -17.59
N VAL A 8 -4.25 8.72 -17.33
CA VAL A 8 -4.40 7.46 -16.59
C VAL A 8 -3.52 6.33 -17.15
N ALA A 9 -3.17 6.42 -18.43
CA ALA A 9 -2.35 5.39 -19.07
C ALA A 9 -0.98 5.24 -18.38
N SER A 10 -0.65 6.21 -17.54
CA SER A 10 0.61 6.21 -16.81
C SER A 10 0.64 5.11 -15.74
N TRP A 11 -0.52 4.54 -15.42
CA TRP A 11 -0.58 3.45 -14.45
C TRP A 11 0.24 2.26 -14.92
N ALA A 12 0.10 1.92 -16.21
CA ALA A 12 0.81 0.79 -16.81
C ALA A 12 2.29 1.10 -16.99
N LEU A 13 2.69 2.32 -16.66
CA LEU A 13 4.08 2.72 -16.75
C LEU A 13 4.79 2.49 -15.41
N SER A 14 4.09 2.77 -14.32
CA SER A 14 4.66 2.61 -12.98
C SER A 14 3.57 2.28 -11.95
N PHE A 15 3.82 1.26 -11.14
CA PHE A 15 2.89 0.87 -10.08
C PHE A 15 2.87 1.94 -9.00
N GLU A 16 4.05 2.47 -8.69
CA GLU A 16 4.20 3.58 -7.76
C GLU A 16 3.22 4.71 -8.09
N ARG A 17 3.16 5.09 -9.38
CA ARG A 17 2.28 6.18 -9.80
C ARG A 17 0.82 5.80 -9.63
N LEU A 18 0.47 4.56 -10.01
CA LEU A 18 -0.88 4.04 -9.80
C LEU A 18 -1.24 4.05 -8.31
N LEU A 19 -0.24 3.73 -7.50
CA LEU A 19 -0.40 3.55 -6.07
C LEU A 19 -0.32 4.91 -5.35
N GLN A 20 0.23 5.89 -6.05
CA GLN A 20 0.33 7.26 -5.52
C GLN A 20 -0.95 8.03 -5.85
N ASP A 21 -1.39 7.89 -7.09
CA ASP A 21 -2.59 8.57 -7.59
C ASP A 21 -3.85 8.01 -6.91
N PRO A 22 -4.56 8.86 -6.15
CA PRO A 22 -5.77 8.45 -5.42
C PRO A 22 -6.86 7.92 -6.35
N LEU A 23 -6.94 8.49 -7.55
CA LEU A 23 -7.94 8.11 -8.54
C LEU A 23 -7.67 6.67 -9.00
N GLY A 24 -6.43 6.43 -9.41
CA GLY A 24 -6.02 5.11 -9.83
C GLY A 24 -6.16 4.10 -8.71
N LEU A 25 -5.63 4.43 -7.55
CA LEU A 25 -5.71 3.57 -6.37
C LEU A 25 -7.18 3.26 -6.03
N ALA A 26 -8.06 4.22 -6.31
CA ALA A 26 -9.50 4.04 -6.03
C ALA A 26 -10.07 2.87 -6.85
N TYR A 27 -9.73 2.84 -8.14
CA TYR A 27 -10.16 1.74 -9.00
C TYR A 27 -9.37 0.46 -8.67
N PHE A 28 -8.10 0.64 -8.36
CA PHE A 28 -7.23 -0.48 -8.00
C PHE A 28 -7.79 -1.22 -6.78
N THR A 29 -8.16 -0.45 -5.75
CA THR A 29 -8.68 -1.02 -4.53
C THR A 29 -10.11 -1.53 -4.75
N GLU A 30 -10.79 -1.00 -5.77
CA GLU A 30 -12.14 -1.45 -6.12
C GLU A 30 -12.12 -2.96 -6.41
N PHE A 31 -11.23 -3.36 -7.32
CA PHE A 31 -11.06 -4.79 -7.62
C PHE A 31 -10.45 -5.52 -6.44
N LEU A 32 -9.58 -4.84 -5.71
CA LEU A 32 -8.91 -5.39 -4.54
C LEU A 32 -9.92 -5.66 -3.41
N LYS A 33 -11.03 -4.92 -3.45
CA LYS A 33 -12.12 -5.09 -2.48
C LYS A 33 -12.94 -6.34 -2.79
N LYS A 34 -12.90 -6.78 -4.06
CA LYS A 34 -13.67 -7.93 -4.51
C LYS A 34 -13.30 -9.18 -3.69
N GLU A 35 -12.01 -9.49 -3.65
CA GLU A 35 -11.52 -10.66 -2.90
C GLU A 35 -11.27 -10.29 -1.45
N PHE A 36 -11.41 -9.00 -1.14
CA PHE A 36 -11.17 -8.46 0.19
C PHE A 36 -9.70 -8.61 0.59
N SER A 37 -8.87 -7.73 0.04
CA SER A 37 -7.46 -7.70 0.38
C SER A 37 -6.93 -6.26 0.29
N ALA A 38 -7.84 -5.29 0.44
CA ALA A 38 -7.51 -3.87 0.32
C ALA A 38 -6.63 -3.39 1.48
N GLU A 39 -6.36 -4.30 2.40
CA GLU A 39 -5.62 -3.98 3.61
C GLU A 39 -4.14 -3.74 3.28
N ASN A 40 -3.65 -4.38 2.22
CA ASN A 40 -2.23 -4.29 1.87
C ASN A 40 -1.85 -2.88 1.43
N VAL A 41 -2.71 -2.25 0.62
CA VAL A 41 -2.45 -0.87 0.17
C VAL A 41 -2.62 0.10 1.32
N THR A 42 -3.55 -0.22 2.22
CA THR A 42 -3.77 0.59 3.41
C THR A 42 -2.53 0.52 4.31
N PHE A 43 -1.94 -0.67 4.40
CA PHE A 43 -0.70 -0.88 5.14
C PHE A 43 0.41 -0.01 4.56
N TRP A 44 0.55 -0.05 3.23
CA TRP A 44 1.56 0.72 2.52
C TRP A 44 1.41 2.23 2.83
N LYS A 45 0.21 2.75 2.57
CA LYS A 45 -0.08 4.17 2.79
C LYS A 45 0.13 4.55 4.26
N ALA A 46 -0.26 3.64 5.17
CA ALA A 46 -0.10 3.86 6.60
C ALA A 46 1.37 4.02 6.96
N CYS A 47 2.20 3.16 6.38
CA CYS A 47 3.65 3.22 6.60
C CYS A 47 4.23 4.50 6.00
N GLU A 48 3.67 4.94 4.88
CA GLU A 48 4.07 6.19 4.23
C GLU A 48 3.69 7.39 5.09
N ARG A 49 2.64 7.23 5.91
CA ARG A 49 2.24 8.28 6.84
C ARG A 49 3.04 8.19 8.14
N PHE A 50 3.47 6.97 8.45
CA PHE A 50 4.26 6.70 9.66
C PHE A 50 5.62 7.39 9.56
N GLN A 51 6.23 7.27 8.38
CA GLN A 51 7.57 7.82 8.12
C GLN A 51 7.54 9.36 8.17
N GLN A 52 6.33 9.92 8.14
CA GLN A 52 6.15 11.37 8.22
C GLN A 52 6.67 11.91 9.55
N ILE A 53 6.56 11.09 10.59
CA ILE A 53 7.01 11.45 11.93
C ILE A 53 8.54 11.38 11.99
N PRO A 54 9.22 12.54 12.15
CA PRO A 54 10.69 12.62 12.06
C PRO A 54 11.40 11.70 13.07
N ALA A 55 10.95 11.73 14.33
CA ALA A 55 11.50 10.92 15.43
C ALA A 55 11.14 11.55 16.77
N SER A 56 11.05 12.87 16.77
CA SER A 56 10.86 13.66 17.99
C SER A 56 9.71 13.11 18.85
N ASP A 57 8.68 12.57 18.21
CA ASP A 57 7.53 12.00 18.92
C ASP A 57 7.61 10.48 18.96
N THR A 58 8.35 9.96 19.94
CA THR A 58 8.48 8.52 20.12
C THR A 58 7.12 7.88 20.45
N GLN A 59 6.39 8.54 21.35
CA GLN A 59 5.09 8.04 21.80
C GLN A 59 4.08 8.06 20.65
N GLN A 60 4.11 9.12 19.85
CA GLN A 60 3.22 9.24 18.70
C GLN A 60 3.53 8.14 17.69
N LEU A 61 4.83 7.90 17.47
CA LEU A 61 5.28 6.79 16.62
C LEU A 61 4.64 5.49 17.12
N ALA A 62 4.63 5.30 18.44
CA ALA A 62 4.07 4.11 19.05
C ALA A 62 2.57 3.97 18.77
N GLN A 63 1.89 5.12 18.64
CA GLN A 63 0.45 5.13 18.39
C GLN A 63 0.14 4.56 17.01
N GLU A 64 0.77 5.13 15.99
CA GLU A 64 0.61 4.64 14.63
C GLU A 64 1.18 3.22 14.50
N ALA A 65 2.23 2.94 15.28
CA ALA A 65 2.84 1.62 15.28
C ALA A 65 1.85 0.55 15.75
N ARG A 66 1.21 0.81 16.90
CA ARG A 66 0.26 -0.15 17.47
C ARG A 66 -0.98 -0.27 16.60
N ASN A 67 -1.36 0.83 15.95
CA ASN A 67 -2.50 0.82 15.03
C ASN A 67 -2.22 -0.10 13.85
N ILE A 68 -1.13 0.19 13.13
CA ILE A 68 -0.73 -0.62 11.99
C ILE A 68 -0.48 -2.07 12.41
N TYR A 69 0.11 -2.22 13.59
CA TYR A 69 0.42 -3.54 14.13
C TYR A 69 -0.85 -4.37 14.33
N GLN A 70 -1.73 -3.89 15.20
CA GLN A 70 -2.90 -4.64 15.60
C GLN A 70 -3.92 -4.76 14.46
N GLU A 71 -3.68 -4.08 13.35
CA GLU A 71 -4.61 -4.10 12.23
C GLU A 71 -4.07 -4.94 11.06
N PHE A 72 -2.77 -4.81 10.77
CA PHE A 72 -2.18 -5.46 9.60
C PHE A 72 -1.07 -6.44 9.95
N LEU A 73 -0.57 -6.38 11.19
CA LEU A 73 0.66 -7.11 11.54
C LEU A 73 0.50 -8.00 12.77
N SER A 74 -0.65 -7.95 13.43
CA SER A 74 -0.86 -8.74 14.65
C SER A 74 -1.05 -10.22 14.31
N SER A 75 -1.35 -11.02 15.33
CA SER A 75 -1.53 -12.46 15.16
C SER A 75 -2.62 -12.76 14.13
N GLN A 76 -3.85 -12.37 14.44
CA GLN A 76 -4.96 -12.48 13.49
C GLN A 76 -5.18 -11.14 12.79
N ALA A 77 -5.53 -10.11 13.59
CA ALA A 77 -5.77 -8.76 13.08
C ALA A 77 -6.91 -8.77 12.06
N LEU A 78 -7.04 -7.67 11.30
CA LEU A 78 -8.02 -7.60 10.22
C LEU A 78 -7.48 -8.38 9.02
N SER A 79 -6.18 -8.30 8.82
CA SER A 79 -5.50 -9.03 7.76
C SER A 79 -3.98 -8.88 7.95
N PRO A 80 -3.25 -9.98 8.18
CA PRO A 80 -1.80 -9.95 8.44
C PRO A 80 -0.96 -9.76 7.17
N VAL A 81 -1.50 -8.95 6.24
CA VAL A 81 -0.92 -8.75 4.90
C VAL A 81 -0.22 -10.02 4.38
N ASN A 82 1.06 -9.92 4.04
CA ASN A 82 1.84 -11.08 3.59
C ASN A 82 3.32 -10.70 3.54
N ILE A 83 3.98 -10.80 4.68
CA ILE A 83 5.38 -10.38 4.84
C ILE A 83 6.15 -11.39 5.68
N ASP A 84 7.26 -10.95 6.29
CA ASP A 84 8.15 -11.80 7.10
C ASP A 84 7.36 -12.73 8.01
N ARG A 85 6.59 -12.12 8.93
CA ARG A 85 5.84 -12.87 9.95
C ARG A 85 6.79 -13.71 10.82
N GLN A 86 7.22 -14.84 10.27
CA GLN A 86 8.15 -15.75 10.93
C GLN A 86 9.43 -15.00 11.33
N ALA A 87 9.96 -14.21 10.40
CA ALA A 87 11.21 -13.47 10.62
C ALA A 87 10.94 -11.98 10.78
N TRP A 88 9.78 -11.63 11.32
CA TRP A 88 9.39 -10.23 11.45
C TRP A 88 10.17 -9.56 12.59
N LEU A 89 10.16 -8.22 12.60
CA LEU A 89 10.93 -7.44 13.57
C LEU A 89 10.61 -7.85 15.01
N GLY A 90 9.36 -7.66 15.41
CA GLY A 90 8.92 -8.05 16.73
C GLY A 90 8.18 -6.94 17.45
N GLU A 91 7.68 -7.25 18.64
CA GLU A 91 6.90 -6.30 19.44
C GLU A 91 7.79 -5.22 20.06
N GLU A 92 9.09 -5.25 19.73
CA GLU A 92 10.02 -4.24 20.22
C GLU A 92 9.61 -2.86 19.72
N VAL A 93 8.97 -2.86 18.55
CA VAL A 93 8.56 -1.63 17.89
C VAL A 93 7.46 -0.92 18.70
N LEU A 94 6.65 -1.70 19.40
CA LEU A 94 5.55 -1.16 20.19
C LEU A 94 6.07 -0.56 21.49
N ALA A 95 7.15 -1.15 22.00
CA ALA A 95 7.79 -0.66 23.20
C ALA A 95 8.51 0.65 22.91
N GLU A 96 9.41 0.62 21.93
CA GLU A 96 10.17 1.79 21.51
C GLU A 96 10.34 1.79 19.99
N PRO A 97 9.46 2.54 19.27
CA PRO A 97 9.49 2.61 17.81
C PRO A 97 10.64 3.47 17.28
N ARG A 98 10.56 3.83 15.99
CA ARG A 98 11.65 4.54 15.33
C ARG A 98 11.18 5.15 14.00
N PRO A 99 11.86 6.20 13.52
CA PRO A 99 11.53 6.85 12.24
C PRO A 99 11.88 5.98 11.04
N ASP A 100 12.75 4.99 11.27
CA ASP A 100 13.16 4.06 10.22
C ASP A 100 11.95 3.38 9.61
N MET A 101 10.93 3.14 10.44
CA MET A 101 9.63 2.64 9.98
C MET A 101 9.74 1.24 9.35
N PHE A 102 8.59 0.58 9.21
CA PHE A 102 8.50 -0.76 8.60
C PHE A 102 8.83 -0.71 7.10
N ARG A 103 10.04 -0.28 6.79
CA ARG A 103 10.45 -0.04 5.41
C ARG A 103 10.58 -1.33 4.59
N ALA A 104 11.15 -2.36 5.21
CA ALA A 104 11.37 -3.63 4.54
C ALA A 104 10.03 -4.31 4.23
N GLN A 105 9.08 -4.12 5.15
CA GLN A 105 7.76 -4.74 5.03
C GLN A 105 6.88 -3.95 4.07
N GLN A 106 6.99 -2.63 4.14
CA GLN A 106 6.26 -1.74 3.24
C GLN A 106 6.60 -2.05 1.79
N LEU A 107 7.90 -2.10 1.49
CA LEU A 107 8.36 -2.33 0.14
C LEU A 107 8.10 -3.78 -0.27
N GLN A 108 7.99 -4.67 0.72
CA GLN A 108 7.65 -6.05 0.46
C GLN A 108 6.25 -6.13 -0.16
N ILE A 109 5.29 -5.48 0.48
CA ILE A 109 3.92 -5.44 -0.02
C ILE A 109 3.88 -4.76 -1.40
N PHE A 110 4.61 -3.67 -1.54
CA PHE A 110 4.70 -2.95 -2.82
C PHE A 110 5.17 -3.92 -3.91
N ASN A 111 6.31 -4.54 -3.68
CA ASN A 111 6.92 -5.46 -4.64
C ASN A 111 6.08 -6.73 -4.80
N LEU A 112 5.29 -7.05 -3.77
CA LEU A 112 4.44 -8.24 -3.81
C LEU A 112 3.33 -8.08 -4.84
N MET A 113 2.65 -6.93 -4.81
CA MET A 113 1.54 -6.66 -5.71
C MET A 113 2.03 -6.06 -7.02
N LYS A 114 3.29 -5.63 -7.01
CA LYS A 114 3.91 -4.93 -8.15
C LYS A 114 3.78 -5.72 -9.46
N PHE A 115 3.82 -7.05 -9.34
CA PHE A 115 3.67 -7.93 -10.50
C PHE A 115 2.56 -8.95 -10.24
N ASP A 116 1.62 -8.57 -9.37
CA ASP A 116 0.51 -9.44 -8.99
C ASP A 116 -0.81 -8.71 -9.17
N SER A 117 -1.23 -7.97 -8.15
CA SER A 117 -2.48 -7.21 -8.19
C SER A 117 -2.39 -6.10 -9.23
N TYR A 118 -1.21 -5.49 -9.34
CA TYR A 118 -0.95 -4.50 -10.38
C TYR A 118 -1.16 -5.11 -11.76
N ALA A 119 -0.54 -6.25 -12.00
CA ALA A 119 -0.66 -6.95 -13.29
C ALA A 119 -2.11 -7.33 -13.57
N ARG A 120 -2.85 -7.60 -12.50
CA ARG A 120 -4.27 -7.94 -12.60
C ARG A 120 -5.08 -6.71 -13.03
N PHE A 121 -4.81 -5.58 -12.37
CA PHE A 121 -5.56 -4.36 -12.60
C PHE A 121 -5.36 -3.82 -14.01
N VAL A 122 -4.12 -3.80 -14.47
CA VAL A 122 -3.81 -3.25 -15.80
C VAL A 122 -4.42 -4.10 -16.90
N LYS A 123 -4.87 -5.31 -16.55
CA LYS A 123 -5.53 -6.20 -17.52
C LYS A 123 -7.05 -6.16 -17.38
N SER A 124 -7.54 -5.68 -16.25
CA SER A 124 -8.99 -5.58 -16.03
C SER A 124 -9.61 -4.62 -17.06
N PRO A 125 -10.81 -4.94 -17.58
CA PRO A 125 -11.46 -4.13 -18.63
C PRO A 125 -11.57 -2.66 -18.25
N LEU A 126 -11.72 -2.39 -16.95
CA LEU A 126 -11.87 -1.03 -16.45
C LEU A 126 -10.70 -0.15 -16.90
N TYR A 127 -9.50 -0.72 -16.90
CA TYR A 127 -8.31 0.01 -17.34
C TYR A 127 -8.46 0.44 -18.80
N ARG A 128 -8.98 -0.47 -19.61
CA ARG A 128 -9.17 -0.20 -21.03
C ARG A 128 -10.27 0.84 -21.23
N GLU A 129 -11.25 0.84 -20.32
CA GLU A 129 -12.31 1.85 -20.34
C GLU A 129 -11.73 3.23 -20.05
N CYS A 130 -10.76 3.27 -19.15
CA CYS A 130 -10.07 4.52 -18.82
C CYS A 130 -9.26 5.02 -20.02
N LEU A 131 -8.72 4.09 -20.80
CA LEU A 131 -7.97 4.43 -22.02
C LEU A 131 -8.93 4.68 -23.18
N LEU A 132 -10.18 4.23 -23.03
CA LEU A 132 -11.22 4.48 -24.03
C LEU A 132 -11.58 5.97 -24.00
N ALA A 133 -12.12 6.42 -22.87
CA ALA A 133 -12.38 7.84 -22.59
C ALA A 133 -13.15 8.56 -23.71
N GLU A 134 -12.43 8.95 -24.76
CA GLU A 134 -13.00 9.78 -25.82
C GLU A 134 -13.71 8.92 -26.87
N ALA A 135 -13.22 7.69 -27.06
CA ALA A 135 -13.75 6.80 -28.08
C ALA A 135 -15.12 6.24 -27.68
N GLU A 136 -16.15 7.06 -27.83
CA GLU A 136 -17.52 6.66 -27.52
C GLU A 136 -18.48 7.50 -28.36
N SER A 1 1.06 -3.02 -21.39
CA SER A 1 0.81 -1.68 -21.95
C SER A 1 1.74 -1.42 -23.14
N MET A 2 1.32 -0.54 -24.04
CA MET A 2 2.13 -0.17 -25.20
C MET A 2 3.04 0.98 -24.81
N THR A 3 2.43 2.12 -24.54
CA THR A 3 3.14 3.32 -24.11
C THR A 3 2.17 4.22 -23.35
N GLU A 4 1.13 4.65 -24.07
CA GLU A 4 0.05 5.47 -23.52
C GLU A 4 0.55 6.83 -23.03
N GLU A 5 -0.30 7.85 -23.18
CA GLU A 5 0.06 9.21 -22.83
C GLU A 5 -1.16 9.96 -22.28
N GLN A 6 -1.52 9.64 -21.05
CA GLN A 6 -2.68 10.23 -20.38
C GLN A 6 -2.40 10.34 -18.88
N PRO A 7 -3.01 11.31 -18.18
CA PRO A 7 -2.81 11.50 -16.74
C PRO A 7 -2.94 10.20 -15.95
N VAL A 8 -4.01 9.47 -16.21
CA VAL A 8 -4.28 8.21 -15.51
C VAL A 8 -3.45 7.05 -16.09
N ALA A 9 -2.86 7.28 -17.27
CA ALA A 9 -2.04 6.26 -17.91
C ALA A 9 -0.74 6.02 -17.14
N SER A 10 -0.43 6.94 -16.23
CA SER A 10 0.78 6.86 -15.42
C SER A 10 0.80 5.56 -14.59
N TRP A 11 -0.38 4.97 -14.38
CA TRP A 11 -0.50 3.74 -13.59
C TRP A 11 0.33 2.62 -14.21
N ALA A 12 0.18 2.44 -15.53
CA ALA A 12 0.84 1.34 -16.24
C ALA A 12 2.33 1.60 -16.43
N LEU A 13 2.78 2.79 -16.04
CA LEU A 13 4.18 3.14 -16.14
C LEU A 13 4.94 2.65 -14.91
N SER A 14 4.31 2.78 -13.75
CA SER A 14 4.91 2.35 -12.48
C SER A 14 3.83 2.08 -11.44
N PHE A 15 3.99 0.97 -10.71
CA PHE A 15 3.01 0.56 -9.71
C PHE A 15 2.91 1.60 -8.60
N GLU A 16 4.05 2.15 -8.19
CA GLU A 16 4.09 3.16 -7.14
C GLU A 16 3.32 4.42 -7.53
N ARG A 17 3.32 4.75 -8.83
CA ARG A 17 2.49 5.86 -9.32
C ARG A 17 1.02 5.55 -9.11
N LEU A 18 0.63 4.33 -9.47
CA LEU A 18 -0.76 3.87 -9.30
C LEU A 18 -1.14 3.80 -7.81
N LEU A 19 -0.24 3.23 -7.04
CA LEU A 19 -0.52 2.83 -5.66
C LEU A 19 -0.45 4.02 -4.70
N GLN A 20 0.30 5.04 -5.08
CA GLN A 20 0.44 6.24 -4.24
C GLN A 20 -0.43 7.38 -4.77
N ASP A 21 -1.22 7.10 -5.81
CA ASP A 21 -2.14 8.09 -6.37
C ASP A 21 -3.54 7.86 -5.83
N PRO A 22 -4.21 8.91 -5.31
CA PRO A 22 -5.55 8.77 -4.73
C PRO A 22 -6.57 8.22 -5.74
N LEU A 23 -6.51 8.75 -6.97
CA LEU A 23 -7.45 8.36 -8.02
C LEU A 23 -7.11 6.95 -8.49
N GLY A 24 -5.82 6.69 -8.65
CA GLY A 24 -5.34 5.38 -9.06
C GLY A 24 -5.73 4.30 -8.07
N LEU A 25 -5.37 4.50 -6.81
CA LEU A 25 -5.66 3.55 -5.76
C LEU A 25 -7.17 3.35 -5.61
N ALA A 26 -7.95 4.36 -5.98
CA ALA A 26 -9.41 4.25 -5.96
C ALA A 26 -9.88 3.15 -6.90
N TYR A 27 -9.40 3.20 -8.15
CA TYR A 27 -9.71 2.19 -9.14
C TYR A 27 -9.11 0.84 -8.71
N PHE A 28 -7.89 0.88 -8.19
CA PHE A 28 -7.17 -0.33 -7.81
C PHE A 28 -7.84 -1.04 -6.63
N THR A 29 -8.30 -0.27 -5.64
CA THR A 29 -8.91 -0.84 -4.45
C THR A 29 -10.24 -1.51 -4.81
N GLU A 30 -10.93 -0.95 -5.80
CA GLU A 30 -12.14 -1.57 -6.36
C GLU A 30 -11.79 -2.94 -6.94
N PHE A 31 -10.69 -2.96 -7.70
CA PHE A 31 -10.21 -4.17 -8.36
C PHE A 31 -9.75 -5.22 -7.33
N LEU A 32 -9.36 -4.74 -6.16
CA LEU A 32 -8.77 -5.57 -5.10
C LEU A 32 -9.77 -5.78 -3.94
N LYS A 33 -10.99 -5.32 -4.13
CA LYS A 33 -12.03 -5.44 -3.11
C LYS A 33 -12.91 -6.67 -3.39
N LYS A 34 -12.85 -7.16 -4.62
CA LYS A 34 -13.72 -8.22 -5.12
C LYS A 34 -13.72 -9.43 -4.16
N GLU A 35 -12.56 -10.06 -4.03
CA GLU A 35 -12.40 -11.22 -3.15
C GLU A 35 -11.97 -10.76 -1.75
N PHE A 36 -11.82 -9.45 -1.60
CA PHE A 36 -11.45 -8.81 -0.35
C PHE A 36 -10.00 -9.12 -0.01
N SER A 37 -9.10 -8.35 -0.62
CA SER A 37 -7.68 -8.45 -0.32
C SER A 37 -7.08 -7.05 -0.17
N ALA A 38 -7.94 -6.04 -0.23
CA ALA A 38 -7.51 -4.64 -0.25
C ALA A 38 -6.84 -4.21 1.06
N GLU A 39 -6.79 -5.11 2.05
CA GLU A 39 -6.23 -4.76 3.35
C GLU A 39 -4.71 -4.67 3.27
N ASN A 40 -4.11 -5.27 2.22
CA ASN A 40 -2.66 -5.22 2.06
C ASN A 40 -2.22 -3.80 1.67
N VAL A 41 -3.03 -3.13 0.83
CA VAL A 41 -2.72 -1.76 0.43
C VAL A 41 -3.08 -0.80 1.56
N THR A 42 -4.03 -1.20 2.41
CA THR A 42 -4.34 -0.44 3.63
C THR A 42 -3.13 -0.42 4.55
N PHE A 43 -2.53 -1.60 4.73
CA PHE A 43 -1.28 -1.72 5.48
C PHE A 43 -0.21 -0.81 4.86
N TRP A 44 -0.16 -0.81 3.53
CA TRP A 44 0.77 0.03 2.78
C TRP A 44 0.49 1.51 3.07
N LYS A 45 -0.80 1.88 3.07
CA LYS A 45 -1.22 3.24 3.37
C LYS A 45 -0.73 3.65 4.76
N ALA A 46 -0.97 2.79 5.73
CA ALA A 46 -0.61 3.05 7.12
C ALA A 46 0.88 3.29 7.26
N CYS A 47 1.68 2.40 6.68
CA CYS A 47 3.14 2.51 6.74
C CYS A 47 3.61 3.74 5.96
N GLU A 48 2.91 4.05 4.86
CA GLU A 48 3.24 5.21 4.04
C GLU A 48 2.95 6.49 4.83
N ARG A 49 1.85 6.48 5.59
CA ARG A 49 1.50 7.60 6.45
C ARG A 49 2.48 7.70 7.60
N PHE A 50 2.93 6.53 8.05
CA PHE A 50 3.87 6.41 9.17
C PHE A 50 5.22 7.04 8.82
N GLN A 51 5.68 6.83 7.59
CA GLN A 51 6.96 7.38 7.15
C GLN A 51 6.83 8.87 6.82
N GLN A 52 5.60 9.37 6.75
CA GLN A 52 5.35 10.80 6.54
C GLN A 52 5.56 11.58 7.84
N ILE A 53 5.66 10.87 8.96
CA ILE A 53 5.90 11.49 10.25
C ILE A 53 7.38 11.93 10.34
N PRO A 54 7.63 13.22 10.60
CA PRO A 54 9.00 13.79 10.56
C PRO A 54 9.89 13.39 11.75
N ALA A 55 9.61 12.22 12.34
CA ALA A 55 10.43 11.65 13.42
C ALA A 55 10.27 12.39 14.76
N SER A 56 10.10 13.72 14.69
CA SER A 56 9.95 14.55 15.89
C SER A 56 8.83 14.04 16.78
N ASP A 57 7.70 13.73 16.16
CA ASP A 57 6.54 13.22 16.88
C ASP A 57 6.74 11.73 17.19
N THR A 58 7.66 11.44 18.08
CA THR A 58 7.99 10.07 18.46
C THR A 58 6.76 9.39 19.08
N GLN A 59 5.99 10.16 19.83
CA GLN A 59 4.75 9.68 20.42
C GLN A 59 3.76 9.27 19.32
N GLN A 60 3.68 10.06 18.26
CA GLN A 60 2.79 9.78 17.15
C GLN A 60 3.28 8.54 16.40
N LEU A 61 4.61 8.40 16.30
CA LEU A 61 5.23 7.21 15.73
C LEU A 61 4.79 5.97 16.50
N ALA A 62 4.94 6.03 17.82
CA ALA A 62 4.57 4.92 18.70
C ALA A 62 3.10 4.55 18.53
N GLN A 63 2.24 5.57 18.49
CA GLN A 63 0.80 5.36 18.33
C GLN A 63 0.48 4.70 16.99
N GLU A 64 0.97 5.30 15.91
CA GLU A 64 0.70 4.78 14.57
C GLU A 64 1.23 3.36 14.43
N ALA A 65 2.46 3.16 14.90
CA ALA A 65 3.10 1.84 14.88
C ALA A 65 2.25 0.82 15.64
N ARG A 66 1.70 1.27 16.76
CA ARG A 66 0.86 0.43 17.61
C ARG A 66 -0.42 0.02 16.87
N ASN A 67 -0.95 0.94 16.07
CA ASN A 67 -2.13 0.65 15.25
C ASN A 67 -1.78 -0.42 14.21
N ILE A 68 -0.78 -0.11 13.39
CA ILE A 68 -0.31 -1.02 12.35
C ILE A 68 -0.01 -2.39 12.95
N TYR A 69 0.60 -2.38 14.12
CA TYR A 69 0.95 -3.59 14.86
C TYR A 69 -0.30 -4.42 15.15
N GLN A 70 -1.21 -3.85 15.92
CA GLN A 70 -2.35 -4.58 16.46
C GLN A 70 -3.43 -4.86 15.41
N GLU A 71 -3.33 -4.22 14.24
CA GLU A 71 -4.32 -4.41 13.19
C GLU A 71 -3.83 -5.39 12.11
N PHE A 72 -2.58 -5.22 11.67
CA PHE A 72 -2.08 -5.97 10.51
C PHE A 72 -0.91 -6.88 10.86
N LEU A 73 -0.36 -6.76 12.07
CA LEU A 73 0.89 -7.46 12.41
C LEU A 73 0.82 -8.16 13.76
N SER A 74 -0.35 -8.17 14.39
CA SER A 74 -0.53 -8.87 15.66
C SER A 74 -0.82 -10.36 15.42
N SER A 75 -0.74 -11.15 16.48
CA SER A 75 -0.96 -12.59 16.39
C SER A 75 -2.34 -12.90 15.80
N GLN A 76 -3.36 -12.28 16.37
CA GLN A 76 -4.74 -12.43 15.92
C GLN A 76 -5.17 -11.15 15.20
N ALA A 77 -4.29 -10.64 14.35
CA ALA A 77 -4.54 -9.39 13.61
C ALA A 77 -5.83 -9.44 12.81
N LEU A 78 -6.42 -8.27 12.58
CA LEU A 78 -7.64 -8.14 11.78
C LEU A 78 -7.37 -8.63 10.35
N SER A 79 -6.14 -8.40 9.91
CA SER A 79 -5.65 -8.90 8.63
C SER A 79 -4.12 -8.90 8.67
N PRO A 80 -3.51 -10.07 8.95
CA PRO A 80 -2.05 -10.19 9.11
C PRO A 80 -1.29 -10.16 7.77
N VAL A 81 -1.79 -9.33 6.85
CA VAL A 81 -1.26 -9.22 5.48
C VAL A 81 -0.62 -10.53 4.97
N ASN A 82 0.70 -10.66 5.14
CA ASN A 82 1.41 -11.87 4.77
C ASN A 82 2.83 -11.79 5.31
N ILE A 83 3.76 -11.27 4.49
CA ILE A 83 5.18 -11.07 4.84
C ILE A 83 5.73 -12.17 5.78
N ASP A 84 6.81 -11.85 6.49
CA ASP A 84 7.40 -12.77 7.45
C ASP A 84 7.20 -12.24 8.87
N ARG A 85 6.10 -12.63 9.49
CA ARG A 85 5.72 -12.11 10.80
C ARG A 85 6.40 -12.89 11.93
N GLN A 86 6.86 -14.11 11.62
CA GLN A 86 7.55 -14.93 12.60
C GLN A 86 9.00 -14.45 12.76
N ALA A 87 9.60 -14.03 11.64
CA ALA A 87 10.95 -13.48 11.64
C ALA A 87 10.91 -11.95 11.65
N TRP A 88 9.78 -11.41 12.12
CA TRP A 88 9.55 -9.97 12.14
C TRP A 88 10.18 -9.33 13.38
N LEU A 89 10.08 -8.00 13.51
CA LEU A 89 10.66 -7.27 14.63
C LEU A 89 9.97 -7.66 15.94
N GLY A 90 8.76 -7.15 16.13
CA GLY A 90 7.98 -7.48 17.32
C GLY A 90 8.01 -6.36 18.35
N GLU A 91 8.47 -6.70 19.56
CA GLU A 91 8.44 -5.78 20.70
C GLU A 91 9.29 -4.54 20.45
N GLU A 92 10.29 -4.66 19.57
CA GLU A 92 11.21 -3.57 19.27
C GLU A 92 10.44 -2.39 18.71
N VAL A 93 9.31 -2.69 18.09
CA VAL A 93 8.46 -1.68 17.49
C VAL A 93 7.83 -0.79 18.57
N LEU A 94 7.35 -1.43 19.63
CA LEU A 94 6.67 -0.72 20.71
C LEU A 94 7.69 -0.05 21.63
N ALA A 95 8.92 -0.56 21.60
CA ALA A 95 10.00 -0.04 22.42
C ALA A 95 10.62 1.21 21.80
N GLU A 96 10.96 1.12 20.51
CA GLU A 96 11.62 2.23 19.80
C GLU A 96 10.97 2.47 18.44
N PRO A 97 10.06 3.45 18.35
CA PRO A 97 9.42 3.80 17.09
C PRO A 97 10.30 4.73 16.24
N ARG A 98 10.21 4.59 14.92
CA ARG A 98 10.96 5.42 13.98
C ARG A 98 10.25 5.42 12.62
N PRO A 99 10.32 6.53 11.86
CA PRO A 99 9.59 6.68 10.58
C PRO A 99 10.14 5.82 9.44
N ASP A 100 10.74 4.69 9.79
CA ASP A 100 11.25 3.74 8.81
C ASP A 100 10.62 2.37 9.07
N MET A 101 11.30 1.56 9.88
CA MET A 101 10.76 0.31 10.45
C MET A 101 9.96 -0.53 9.43
N PHE A 102 8.67 -0.24 9.30
CA PHE A 102 7.74 -1.10 8.55
C PHE A 102 7.95 -1.00 7.05
N ARG A 103 8.65 0.05 6.61
CA ARG A 103 8.77 0.33 5.18
C ARG A 103 9.39 -0.85 4.42
N ALA A 104 10.13 -1.69 5.13
CA ALA A 104 10.71 -2.88 4.53
C ALA A 104 9.62 -3.92 4.26
N GLN A 105 8.66 -4.02 5.19
CA GLN A 105 7.55 -4.96 5.05
C GLN A 105 6.53 -4.43 4.05
N GLN A 106 6.22 -3.14 4.13
CA GLN A 106 5.24 -2.53 3.25
C GLN A 106 5.68 -2.68 1.79
N LEU A 107 6.99 -2.59 1.58
CA LEU A 107 7.57 -2.72 0.26
C LEU A 107 7.44 -4.16 -0.24
N GLN A 108 7.37 -5.11 0.69
CA GLN A 108 7.21 -6.51 0.32
C GLN A 108 5.78 -6.76 -0.18
N ILE A 109 4.82 -6.04 0.40
CA ILE A 109 3.45 -6.02 -0.12
C ILE A 109 3.45 -5.42 -1.53
N PHE A 110 4.17 -4.32 -1.66
CA PHE A 110 4.31 -3.62 -2.93
C PHE A 110 4.82 -4.58 -4.01
N ASN A 111 5.99 -5.18 -3.76
CA ASN A 111 6.62 -6.08 -4.73
C ASN A 111 5.75 -7.31 -5.02
N LEU A 112 4.89 -7.67 -4.06
CA LEU A 112 4.00 -8.81 -4.22
C LEU A 112 3.00 -8.54 -5.35
N MET A 113 2.26 -7.44 -5.23
CA MET A 113 1.24 -7.08 -6.22
C MET A 113 1.89 -6.48 -7.47
N LYS A 114 3.14 -6.06 -7.32
CA LYS A 114 3.91 -5.46 -8.41
C LYS A 114 4.01 -6.40 -9.61
N PHE A 115 3.84 -7.70 -9.37
CA PHE A 115 3.86 -8.70 -10.43
C PHE A 115 2.61 -9.58 -10.37
N ASP A 116 1.55 -9.05 -9.74
CA ASP A 116 0.31 -9.81 -9.58
C ASP A 116 -0.91 -8.93 -9.89
N SER A 117 -1.45 -8.27 -8.86
CA SER A 117 -2.66 -7.46 -9.03
C SER A 117 -2.40 -6.29 -9.98
N TYR A 118 -1.23 -5.67 -9.84
CA TYR A 118 -0.82 -4.58 -10.74
C TYR A 118 -0.78 -5.08 -12.18
N ALA A 119 -0.21 -6.27 -12.37
CA ALA A 119 -0.03 -6.86 -13.70
C ALA A 119 -1.36 -7.03 -14.42
N ARG A 120 -2.37 -7.52 -13.71
CA ARG A 120 -3.68 -7.75 -14.31
C ARG A 120 -4.44 -6.43 -14.47
N PHE A 121 -4.40 -5.60 -13.44
CA PHE A 121 -5.15 -4.34 -13.42
C PHE A 121 -4.89 -3.52 -14.68
N VAL A 122 -3.63 -3.33 -15.01
CA VAL A 122 -3.23 -2.47 -16.13
C VAL A 122 -3.59 -3.09 -17.49
N LYS A 123 -3.86 -4.40 -17.51
CA LYS A 123 -4.23 -5.07 -18.76
C LYS A 123 -5.72 -5.36 -18.81
N SER A 124 -6.43 -5.01 -17.73
CA SER A 124 -7.88 -5.17 -17.68
C SER A 124 -8.57 -4.04 -18.44
N PRO A 125 -9.71 -4.33 -19.13
CA PRO A 125 -10.45 -3.32 -19.88
C PRO A 125 -10.82 -2.12 -19.02
N LEU A 126 -11.00 -2.37 -17.73
CA LEU A 126 -11.30 -1.32 -16.74
C LEU A 126 -10.29 -0.18 -16.87
N TYR A 127 -9.01 -0.55 -17.03
CA TYR A 127 -7.93 0.43 -17.15
C TYR A 127 -8.12 1.28 -18.41
N ARG A 128 -8.13 0.63 -19.57
CA ARG A 128 -8.25 1.33 -20.85
C ARG A 128 -9.58 2.06 -20.96
N GLU A 129 -10.57 1.61 -20.19
CA GLU A 129 -11.88 2.25 -20.18
C GLU A 129 -11.79 3.65 -19.58
N CYS A 130 -10.86 3.83 -18.65
CA CYS A 130 -10.61 5.13 -18.04
C CYS A 130 -9.87 6.03 -19.03
N LEU A 131 -8.81 5.48 -19.63
CA LEU A 131 -7.99 6.22 -20.59
C LEU A 131 -8.80 6.64 -21.82
N LEU A 132 -9.67 5.73 -22.27
CA LEU A 132 -10.46 5.95 -23.49
C LEU A 132 -11.88 6.38 -23.15
N ALA A 133 -12.07 6.91 -21.93
CA ALA A 133 -13.38 7.34 -21.44
C ALA A 133 -14.07 8.26 -22.45
N GLU A 134 -13.29 9.17 -23.04
CA GLU A 134 -13.79 10.05 -24.09
C GLU A 134 -12.90 9.87 -25.32
N ALA A 135 -13.07 8.73 -25.99
CA ALA A 135 -12.31 8.40 -27.18
C ALA A 135 -12.78 7.06 -27.75
N GLU A 136 -12.52 5.98 -27.00
CA GLU A 136 -12.82 4.62 -27.43
C GLU A 136 -12.09 4.25 -28.73
N SER A 1 -6.11 22.27 -6.72
CA SER A 1 -4.93 22.67 -5.94
C SER A 1 -3.65 22.33 -6.71
N MET A 2 -3.46 21.05 -7.00
CA MET A 2 -2.26 20.58 -7.71
C MET A 2 -2.34 19.08 -7.95
N THR A 3 -2.91 18.35 -6.99
CA THR A 3 -3.03 16.91 -7.07
C THR A 3 -4.28 16.50 -7.86
N GLU A 4 -4.34 16.92 -9.11
CA GLU A 4 -5.47 16.62 -9.99
C GLU A 4 -4.99 16.05 -11.32
N GLU A 5 -5.94 15.89 -12.25
CA GLU A 5 -5.69 15.28 -13.57
C GLU A 5 -5.42 13.78 -13.45
N GLN A 6 -4.28 13.44 -12.85
CA GLN A 6 -3.84 12.04 -12.71
C GLN A 6 -3.56 11.40 -14.07
N PRO A 7 -2.29 11.02 -14.33
CA PRO A 7 -1.91 10.33 -15.57
C PRO A 7 -2.40 8.87 -15.56
N VAL A 8 -3.72 8.72 -15.66
CA VAL A 8 -4.37 7.41 -15.53
C VAL A 8 -3.81 6.39 -16.51
N ALA A 9 -3.58 6.81 -17.75
CA ALA A 9 -3.12 5.88 -18.80
C ALA A 9 -1.67 5.47 -18.58
N SER A 10 -1.00 6.16 -17.67
CA SER A 10 0.41 5.90 -17.39
C SER A 10 0.58 4.86 -16.28
N TRP A 11 -0.53 4.45 -15.64
CA TRP A 11 -0.47 3.46 -14.57
C TRP A 11 0.13 2.16 -15.08
N ALA A 12 -0.27 1.75 -16.29
CA ALA A 12 0.18 0.50 -16.88
C ALA A 12 1.65 0.56 -17.31
N LEU A 13 2.31 1.68 -17.02
CA LEU A 13 3.73 1.83 -17.33
C LEU A 13 4.61 1.45 -16.14
N SER A 14 4.02 1.47 -14.95
CA SER A 14 4.74 1.15 -13.72
C SER A 14 3.79 1.08 -12.51
N PHE A 15 4.00 0.06 -11.68
CA PHE A 15 3.20 -0.11 -10.47
C PHE A 15 3.30 1.12 -9.58
N GLU A 16 4.51 1.65 -9.48
CA GLU A 16 4.78 2.89 -8.77
C GLU A 16 3.82 4.00 -9.22
N ARG A 17 3.61 4.09 -10.52
CA ARG A 17 2.75 5.14 -11.09
C ARG A 17 1.28 4.90 -10.72
N LEU A 18 0.89 3.63 -10.66
CA LEU A 18 -0.46 3.25 -10.25
C LEU A 18 -0.65 3.47 -8.75
N LEU A 19 0.39 3.13 -8.01
CA LEU A 19 0.32 3.04 -6.55
C LEU A 19 0.56 4.40 -5.90
N GLN A 20 1.27 5.27 -6.60
CA GLN A 20 1.53 6.64 -6.12
C GLN A 20 0.47 7.59 -6.67
N ASP A 21 -0.61 7.03 -7.20
CA ASP A 21 -1.67 7.82 -7.80
C ASP A 21 -2.92 7.80 -6.93
N PRO A 22 -3.54 8.97 -6.67
CA PRO A 22 -4.77 9.07 -5.87
C PRO A 22 -5.90 8.21 -6.44
N LEU A 23 -6.17 8.38 -7.74
CA LEU A 23 -7.25 7.65 -8.39
C LEU A 23 -6.82 6.20 -8.63
N GLY A 24 -5.55 6.03 -8.96
CA GLY A 24 -4.98 4.72 -9.17
C GLY A 24 -5.18 3.83 -7.96
N LEU A 25 -4.60 4.23 -6.84
CA LEU A 25 -4.69 3.46 -5.60
C LEU A 25 -6.14 3.32 -5.17
N ALA A 26 -6.95 4.35 -5.44
CA ALA A 26 -8.36 4.35 -5.04
C ALA A 26 -9.14 3.21 -5.71
N TYR A 27 -9.07 3.16 -7.03
CA TYR A 27 -9.78 2.12 -7.79
C TYR A 27 -9.04 0.78 -7.69
N PHE A 28 -7.73 0.86 -7.47
CA PHE A 28 -6.92 -0.33 -7.28
C PHE A 28 -7.32 -1.06 -6.01
N THR A 29 -7.42 -0.33 -4.90
CA THR A 29 -7.81 -0.93 -3.62
C THR A 29 -9.26 -1.39 -3.65
N GLU A 30 -10.06 -0.73 -4.50
CA GLU A 30 -11.46 -1.12 -4.70
C GLU A 30 -11.53 -2.51 -5.33
N PHE A 31 -10.82 -2.67 -6.45
CA PHE A 31 -10.82 -3.93 -7.19
C PHE A 31 -10.05 -5.01 -6.42
N LEU A 32 -9.06 -4.57 -5.63
CA LEU A 32 -8.23 -5.47 -4.84
C LEU A 32 -8.90 -5.78 -3.48
N LYS A 33 -10.16 -5.41 -3.34
CA LYS A 33 -10.92 -5.74 -2.14
C LYS A 33 -11.99 -6.77 -2.44
N LYS A 34 -12.13 -7.12 -3.72
CA LYS A 34 -13.20 -8.02 -4.16
C LYS A 34 -12.90 -9.47 -3.76
N GLU A 35 -11.66 -9.89 -3.91
CA GLU A 35 -11.22 -11.19 -3.41
C GLU A 35 -10.78 -11.04 -1.94
N PHE A 36 -10.73 -9.77 -1.52
CA PHE A 36 -10.41 -9.38 -0.16
C PHE A 36 -8.93 -9.59 0.17
N SER A 37 -8.09 -8.70 -0.35
CA SER A 37 -6.68 -8.67 0.05
C SER A 37 -6.13 -7.24 -0.01
N ALA A 38 -7.02 -6.28 -0.23
CA ALA A 38 -6.65 -4.86 -0.42
C ALA A 38 -5.78 -4.33 0.70
N GLU A 39 -5.92 -4.92 1.87
CA GLU A 39 -5.27 -4.38 3.08
C GLU A 39 -3.75 -4.51 3.01
N ASN A 40 -3.25 -5.24 2.01
CA ASN A 40 -1.80 -5.32 1.80
C ASN A 40 -1.27 -3.95 1.38
N VAL A 41 -1.98 -3.28 0.48
CA VAL A 41 -1.58 -1.94 0.02
C VAL A 41 -1.98 -0.90 1.05
N THR A 42 -2.92 -1.25 1.92
CA THR A 42 -3.28 -0.41 3.04
C THR A 42 -2.13 -0.35 4.04
N PHE A 43 -1.49 -1.51 4.25
CA PHE A 43 -0.28 -1.60 5.05
C PHE A 43 0.81 -0.72 4.45
N TRP A 44 0.94 -0.80 3.13
CA TRP A 44 1.92 -0.01 2.38
C TRP A 44 1.68 1.49 2.57
N LYS A 45 0.48 1.96 2.22
CA LYS A 45 0.15 3.39 2.28
C LYS A 45 0.26 3.91 3.72
N ALA A 46 -0.16 3.09 4.68
CA ALA A 46 -0.11 3.46 6.08
C ALA A 46 1.33 3.70 6.50
N CYS A 47 2.21 2.81 6.05
CA CYS A 47 3.64 2.89 6.38
C CYS A 47 4.28 4.10 5.70
N GLU A 48 3.93 4.36 4.45
CA GLU A 48 4.53 5.46 3.70
C GLU A 48 4.04 6.80 4.24
N ARG A 49 2.84 6.81 4.80
CA ARG A 49 2.31 8.00 5.47
C ARG A 49 2.83 8.05 6.91
N PHE A 50 3.22 6.90 7.42
CA PHE A 50 3.79 6.79 8.77
C PHE A 50 5.20 7.39 8.81
N GLN A 51 5.99 7.14 7.75
CA GLN A 51 7.35 7.65 7.67
C GLN A 51 7.37 9.16 7.41
N GLN A 52 6.18 9.75 7.27
CA GLN A 52 6.06 11.19 7.11
C GLN A 52 6.26 11.89 8.45
N ILE A 53 6.11 11.14 9.52
CA ILE A 53 6.30 11.66 10.88
C ILE A 53 7.79 11.96 11.09
N PRO A 54 8.14 13.22 11.43
CA PRO A 54 9.54 13.67 11.57
C PRO A 54 10.29 13.04 12.76
N ALA A 55 9.79 11.90 13.26
CA ALA A 55 10.43 11.15 14.35
C ALA A 55 10.27 11.83 15.72
N SER A 56 10.22 13.15 15.71
CA SER A 56 10.14 13.94 16.95
C SER A 56 9.03 13.43 17.87
N ASP A 57 7.84 13.25 17.33
CA ASP A 57 6.69 12.84 18.15
C ASP A 57 6.64 11.32 18.25
N THR A 58 7.26 10.79 19.29
CA THR A 58 7.36 9.34 19.49
C THR A 58 5.99 8.76 19.89
N GLN A 59 5.17 9.58 20.52
CA GLN A 59 3.83 9.18 20.92
C GLN A 59 2.97 8.89 19.68
N GLN A 60 2.97 9.82 18.74
CA GLN A 60 2.25 9.66 17.49
C GLN A 60 2.76 8.43 16.75
N LEU A 61 4.08 8.23 16.78
CA LEU A 61 4.70 7.04 16.21
C LEU A 61 4.09 5.78 16.83
N ALA A 62 4.02 5.75 18.14
CA ALA A 62 3.50 4.59 18.87
C ALA A 62 2.02 4.35 18.53
N GLN A 63 1.25 5.43 18.43
CA GLN A 63 -0.18 5.33 18.12
C GLN A 63 -0.41 4.73 16.75
N GLU A 64 0.24 5.29 15.73
CA GLU A 64 0.07 4.84 14.36
C GLU A 64 0.70 3.47 14.14
N ALA A 65 1.83 3.22 14.79
CA ALA A 65 2.51 1.93 14.70
C ALA A 65 1.64 0.82 15.27
N ARG A 66 1.06 1.07 16.45
CA ARG A 66 0.19 0.10 17.11
C ARG A 66 -1.05 -0.15 16.27
N ASN A 67 -1.55 0.90 15.62
CA ASN A 67 -2.68 0.81 14.72
C ASN A 67 -2.39 -0.22 13.62
N ILE A 68 -1.31 0.02 12.88
CA ILE A 68 -0.88 -0.87 11.80
C ILE A 68 -0.70 -2.29 12.33
N TYR A 69 -0.04 -2.39 13.48
CA TYR A 69 0.23 -3.67 14.12
C TYR A 69 -1.05 -4.48 14.33
N GLN A 70 -2.01 -3.88 15.03
CA GLN A 70 -3.22 -4.59 15.44
C GLN A 70 -4.14 -4.92 14.27
N GLU A 71 -4.01 -4.19 13.16
CA GLU A 71 -4.87 -4.43 12.00
C GLU A 71 -4.33 -5.56 11.12
N PHE A 72 -3.04 -5.49 10.80
CA PHE A 72 -2.46 -6.37 9.78
C PHE A 72 -1.55 -7.45 10.36
N LEU A 73 -1.14 -7.29 11.63
CA LEU A 73 -0.10 -8.15 12.20
C LEU A 73 -0.46 -8.69 13.59
N SER A 74 -1.72 -8.51 14.01
CA SER A 74 -2.14 -8.97 15.33
C SER A 74 -2.74 -10.37 15.26
N SER A 75 -1.87 -11.38 15.37
CA SER A 75 -2.29 -12.79 15.39
C SER A 75 -3.20 -13.14 14.21
N GLN A 76 -4.50 -12.90 14.37
CA GLN A 76 -5.48 -13.19 13.33
C GLN A 76 -5.46 -12.09 12.27
N ALA A 77 -5.59 -10.84 12.73
CA ALA A 77 -5.61 -9.67 11.86
C ALA A 77 -6.82 -9.69 10.91
N LEU A 78 -7.13 -8.53 10.34
CA LEU A 78 -8.20 -8.43 9.35
C LEU A 78 -7.73 -9.04 8.03
N SER A 79 -6.48 -8.74 7.69
CA SER A 79 -5.80 -9.33 6.53
C SER A 79 -4.31 -9.39 6.79
N PRO A 80 -3.82 -10.54 7.32
CA PRO A 80 -2.40 -10.72 7.63
C PRO A 80 -1.54 -10.71 6.38
N VAL A 81 -0.77 -9.64 6.20
CA VAL A 81 0.16 -9.51 5.07
C VAL A 81 1.22 -10.61 5.13
N ASN A 82 1.43 -11.28 4.01
CA ASN A 82 2.38 -12.39 3.91
C ASN A 82 3.80 -11.86 3.75
N ILE A 83 4.35 -11.37 4.86
CA ILE A 83 5.73 -10.92 4.92
C ILE A 83 6.49 -11.76 5.95
N ASP A 84 7.76 -11.44 6.20
CA ASP A 84 8.54 -12.17 7.21
C ASP A 84 8.00 -11.86 8.61
N ARG A 85 6.97 -12.59 9.00
CA ARG A 85 6.34 -12.39 10.30
C ARG A 85 7.09 -13.16 11.38
N GLN A 86 7.66 -14.28 10.97
CA GLN A 86 8.40 -15.15 11.89
C GLN A 86 9.56 -14.38 12.54
N ALA A 87 10.32 -13.68 11.70
CA ALA A 87 11.47 -12.92 12.18
C ALA A 87 11.14 -11.42 12.23
N TRP A 88 9.86 -11.10 12.29
CA TRP A 88 9.42 -9.70 12.30
C TRP A 88 9.81 -9.04 13.63
N LEU A 89 9.80 -7.70 13.63
CA LEU A 89 10.19 -6.91 14.80
C LEU A 89 9.43 -7.38 16.05
N GLY A 90 8.13 -7.20 16.04
CA GLY A 90 7.28 -7.68 17.11
C GLY A 90 6.98 -6.64 18.17
N GLU A 91 6.96 -7.09 19.42
CA GLU A 91 6.56 -6.28 20.57
C GLU A 91 7.43 -5.03 20.74
N GLU A 92 8.64 -5.07 20.18
CA GLU A 92 9.58 -3.95 20.29
C GLU A 92 9.02 -2.70 19.63
N VAL A 93 8.19 -2.92 18.62
CA VAL A 93 7.57 -1.83 17.89
C VAL A 93 6.66 -1.00 18.79
N LEU A 94 5.95 -1.69 19.68
CA LEU A 94 4.98 -1.06 20.56
C LEU A 94 5.69 -0.24 21.63
N ALA A 95 6.94 -0.59 21.90
CA ALA A 95 7.74 0.11 22.89
C ALA A 95 8.33 1.38 22.30
N GLU A 96 9.37 1.23 21.47
CA GLU A 96 10.07 2.37 20.90
C GLU A 96 10.07 2.28 19.38
N PRO A 97 9.05 2.87 18.72
CA PRO A 97 8.93 2.87 17.26
C PRO A 97 9.70 4.02 16.63
N ARG A 98 9.79 3.98 15.29
CA ARG A 98 10.46 5.03 14.52
C ARG A 98 9.79 5.14 13.15
N PRO A 99 9.87 6.32 12.50
CA PRO A 99 9.23 6.53 11.19
C PRO A 99 9.77 5.57 10.12
N ASP A 100 11.03 5.17 10.29
CA ASP A 100 11.66 4.26 9.32
C ASP A 100 11.76 2.87 9.93
N MET A 101 10.60 2.24 10.08
CA MET A 101 10.53 0.96 10.77
C MET A 101 9.82 -0.08 9.89
N PHE A 102 8.63 0.26 9.44
CA PHE A 102 7.84 -0.66 8.61
C PHE A 102 8.25 -0.55 7.14
N ARG A 103 8.97 0.52 6.81
CA ARG A 103 9.34 0.84 5.42
C ARG A 103 10.01 -0.37 4.73
N ALA A 104 10.73 -1.17 5.51
CA ALA A 104 11.38 -2.37 4.97
C ALA A 104 10.32 -3.35 4.43
N GLN A 105 9.32 -3.65 5.26
CA GLN A 105 8.25 -4.57 4.88
C GLN A 105 7.29 -3.90 3.90
N GLN A 106 7.24 -2.58 3.97
CA GLN A 106 6.42 -1.76 3.09
C GLN A 106 6.74 -2.06 1.64
N LEU A 107 8.02 -1.92 1.30
CA LEU A 107 8.48 -2.12 -0.07
C LEU A 107 8.35 -3.59 -0.48
N GLN A 108 8.35 -4.49 0.50
CA GLN A 108 8.20 -5.91 0.22
C GLN A 108 6.79 -6.19 -0.30
N ILE A 109 5.80 -5.50 0.28
CA ILE A 109 4.42 -5.58 -0.22
C ILE A 109 4.35 -4.99 -1.63
N PHE A 110 5.04 -3.87 -1.82
CA PHE A 110 5.14 -3.23 -3.14
C PHE A 110 5.63 -4.24 -4.18
N ASN A 111 6.74 -4.91 -3.86
CA ASN A 111 7.36 -5.88 -4.75
C ASN A 111 6.42 -7.06 -5.01
N LEU A 112 5.69 -7.46 -3.97
CA LEU A 112 4.80 -8.62 -4.05
C LEU A 112 3.74 -8.44 -5.15
N MET A 113 3.06 -7.30 -5.13
CA MET A 113 1.97 -7.04 -6.08
C MET A 113 2.51 -6.40 -7.36
N LYS A 114 3.79 -6.04 -7.34
CA LYS A 114 4.43 -5.36 -8.47
C LYS A 114 4.36 -6.21 -9.74
N PHE A 115 4.18 -7.51 -9.57
CA PHE A 115 4.12 -8.44 -10.70
C PHE A 115 2.81 -9.24 -10.71
N ASP A 116 1.82 -8.77 -9.95
CA ASP A 116 0.58 -9.55 -9.77
C ASP A 116 -0.65 -8.63 -9.77
N SER A 117 -0.98 -8.06 -8.61
CA SER A 117 -2.13 -7.17 -8.50
C SER A 117 -1.98 -5.97 -9.43
N TYR A 118 -0.73 -5.53 -9.62
CA TYR A 118 -0.42 -4.54 -10.64
C TYR A 118 -0.96 -4.99 -12.00
N ALA A 119 -0.52 -6.17 -12.43
CA ALA A 119 -0.94 -6.72 -13.73
C ALA A 119 -2.46 -6.92 -13.75
N ARG A 120 -2.99 -7.33 -12.61
CA ARG A 120 -4.41 -7.58 -12.44
C ARG A 120 -5.22 -6.34 -12.82
N PHE A 121 -5.03 -5.26 -12.08
CA PHE A 121 -5.85 -4.06 -12.23
C PHE A 121 -5.71 -3.45 -13.63
N VAL A 122 -4.47 -3.29 -14.09
CA VAL A 122 -4.21 -2.62 -15.37
C VAL A 122 -4.73 -3.44 -16.56
N LYS A 123 -5.07 -4.71 -16.31
CA LYS A 123 -5.64 -5.58 -17.35
C LYS A 123 -7.15 -5.77 -17.16
N SER A 124 -7.64 -5.36 -16.00
CA SER A 124 -9.05 -5.53 -15.66
C SER A 124 -9.85 -4.25 -15.94
N PRO A 125 -11.20 -4.30 -15.82
CA PRO A 125 -12.06 -3.11 -15.95
C PRO A 125 -11.68 -1.99 -14.98
N LEU A 126 -12.45 -0.90 -15.02
CA LEU A 126 -12.23 0.29 -14.19
C LEU A 126 -11.06 1.12 -14.72
N TYR A 127 -9.97 0.45 -15.08
CA TYR A 127 -8.79 1.13 -15.60
C TYR A 127 -9.17 2.03 -16.79
N ARG A 128 -9.69 1.42 -17.86
CA ARG A 128 -9.99 2.18 -19.07
C ARG A 128 -11.19 3.11 -18.86
N GLU A 129 -12.05 2.79 -17.88
CA GLU A 129 -13.14 3.69 -17.51
C GLU A 129 -12.58 4.97 -16.92
N CYS A 130 -11.44 4.87 -16.24
CA CYS A 130 -10.76 6.03 -15.67
C CYS A 130 -10.01 6.79 -16.77
N LEU A 131 -9.62 6.09 -17.83
CA LEU A 131 -8.97 6.73 -18.98
C LEU A 131 -9.89 7.77 -19.61
N LEU A 132 -11.18 7.42 -19.73
CA LEU A 132 -12.19 8.34 -20.27
C LEU A 132 -11.92 8.62 -21.75
N ALA A 133 -10.89 9.42 -22.03
CA ALA A 133 -10.43 9.73 -23.38
C ALA A 133 -11.38 10.70 -24.12
N GLU A 134 -12.68 10.51 -23.96
CA GLU A 134 -13.69 11.30 -24.66
C GLU A 134 -13.65 12.77 -24.21
N ALA A 135 -13.05 13.01 -23.06
CA ALA A 135 -12.98 14.34 -22.48
C ALA A 135 -11.69 14.49 -21.69
N GLU A 136 -10.97 15.57 -21.97
CA GLU A 136 -9.71 15.88 -21.29
C GLU A 136 -8.65 14.81 -21.61
N SER A 1 -4.07 10.95 -30.85
CA SER A 1 -5.48 11.00 -30.41
C SER A 1 -5.85 12.44 -30.04
N MET A 2 -7.15 12.69 -29.82
CA MET A 2 -7.61 14.01 -29.40
C MET A 2 -7.02 14.37 -28.03
N THR A 3 -6.80 13.35 -27.22
CA THR A 3 -6.19 13.51 -25.91
C THR A 3 -4.67 13.67 -26.06
N GLU A 4 -4.17 14.87 -25.76
CA GLU A 4 -2.74 15.15 -25.86
C GLU A 4 -2.01 14.63 -24.61
N GLU A 5 -2.68 14.73 -23.46
CA GLU A 5 -2.09 14.33 -22.19
C GLU A 5 -2.75 13.06 -21.67
N GLN A 6 -1.98 11.98 -21.57
CA GLN A 6 -2.46 10.73 -20.98
C GLN A 6 -2.01 10.63 -19.52
N PRO A 7 -2.92 10.92 -18.57
CA PRO A 7 -2.61 10.89 -17.14
C PRO A 7 -2.62 9.46 -16.60
N VAL A 8 -3.81 8.87 -16.56
CA VAL A 8 -4.02 7.57 -15.95
C VAL A 8 -3.31 6.45 -16.72
N ALA A 9 -2.92 6.72 -17.95
CA ALA A 9 -2.27 5.71 -18.78
C ALA A 9 -0.83 5.44 -18.34
N SER A 10 -0.34 6.25 -17.40
CA SER A 10 1.01 6.10 -16.86
C SER A 10 1.05 4.94 -15.86
N TRP A 11 -0.13 4.51 -15.41
CA TRP A 11 -0.24 3.43 -14.43
C TRP A 11 0.44 2.16 -14.94
N ALA A 12 0.09 1.77 -16.16
CA ALA A 12 0.63 0.55 -16.77
C ALA A 12 2.12 0.70 -17.06
N LEU A 13 2.66 1.90 -16.87
CA LEU A 13 4.08 2.14 -17.06
C LEU A 13 4.83 1.99 -15.74
N SER A 14 4.20 2.39 -14.63
CA SER A 14 4.83 2.29 -13.33
C SER A 14 3.79 2.07 -12.22
N PHE A 15 3.90 0.92 -11.57
CA PHE A 15 3.00 0.55 -10.47
C PHE A 15 3.08 1.56 -9.33
N GLU A 16 4.31 1.94 -8.99
CA GLU A 16 4.57 2.89 -7.92
C GLU A 16 3.74 4.17 -8.10
N ARG A 17 3.67 4.67 -9.33
CA ARG A 17 2.89 5.89 -9.61
C ARG A 17 1.41 5.65 -9.35
N LEU A 18 0.86 4.57 -9.94
CA LEU A 18 -0.54 4.20 -9.72
C LEU A 18 -0.84 4.10 -8.22
N LEU A 19 0.04 3.40 -7.53
CA LEU A 19 -0.12 3.11 -6.11
C LEU A 19 0.09 4.36 -5.26
N GLN A 20 0.88 5.29 -5.76
CA GLN A 20 1.19 6.52 -5.03
C GLN A 20 0.28 7.68 -5.49
N ASP A 21 -0.53 7.43 -6.51
CA ASP A 21 -1.48 8.42 -7.01
C ASP A 21 -2.85 8.22 -6.36
N PRO A 22 -3.50 9.29 -5.88
CA PRO A 22 -4.79 9.19 -5.19
C PRO A 22 -5.88 8.54 -6.06
N LEU A 23 -5.96 8.94 -7.32
CA LEU A 23 -6.98 8.42 -8.23
C LEU A 23 -6.65 6.96 -8.57
N GLY A 24 -5.38 6.70 -8.79
CA GLY A 24 -4.93 5.35 -9.10
C GLY A 24 -5.21 4.39 -7.97
N LEU A 25 -4.72 4.73 -6.78
CA LEU A 25 -4.89 3.89 -5.60
C LEU A 25 -6.38 3.74 -5.28
N ALA A 26 -7.18 4.77 -5.61
CA ALA A 26 -8.62 4.75 -5.36
C ALA A 26 -9.26 3.54 -6.05
N TYR A 27 -9.11 3.46 -7.37
CA TYR A 27 -9.70 2.37 -8.13
C TYR A 27 -9.01 1.05 -7.82
N PHE A 28 -7.70 1.11 -7.61
CA PHE A 28 -6.91 -0.08 -7.32
C PHE A 28 -7.34 -0.73 -6.00
N THR A 29 -7.53 0.09 -4.98
CA THR A 29 -7.89 -0.40 -3.65
C THR A 29 -9.33 -0.91 -3.67
N GLU A 30 -10.14 -0.36 -4.57
CA GLU A 30 -11.52 -0.79 -4.74
C GLU A 30 -11.60 -2.12 -5.47
N PHE A 31 -10.78 -2.30 -6.50
CA PHE A 31 -10.82 -3.51 -7.31
C PHE A 31 -10.14 -4.68 -6.58
N LEU A 32 -9.09 -4.36 -5.85
CA LEU A 32 -8.35 -5.37 -5.07
C LEU A 32 -9.16 -5.78 -3.83
N LYS A 33 -10.38 -5.26 -3.74
CA LYS A 33 -11.29 -5.54 -2.63
C LYS A 33 -12.42 -6.48 -3.07
N LYS A 34 -12.46 -6.79 -4.37
CA LYS A 34 -13.52 -7.64 -4.92
C LYS A 34 -13.35 -9.08 -4.44
N GLU A 35 -12.21 -9.67 -4.77
CA GLU A 35 -11.86 -11.02 -4.31
C GLU A 35 -11.24 -10.94 -2.92
N PHE A 36 -10.87 -9.71 -2.54
CA PHE A 36 -10.35 -9.40 -1.21
C PHE A 36 -8.89 -9.81 -1.07
N SER A 37 -8.02 -8.91 -1.49
CA SER A 37 -6.59 -9.05 -1.30
C SER A 37 -5.99 -7.66 -1.04
N ALA A 38 -6.88 -6.71 -0.72
CA ALA A 38 -6.49 -5.32 -0.49
C ALA A 38 -5.72 -5.15 0.81
N GLU A 39 -5.41 -6.25 1.47
CA GLU A 39 -4.61 -6.23 2.69
C GLU A 39 -3.29 -5.51 2.41
N ASN A 40 -2.72 -5.83 1.26
CA ASN A 40 -1.43 -5.28 0.83
C ASN A 40 -1.47 -3.76 0.77
N VAL A 41 -2.41 -3.23 -0.02
CA VAL A 41 -2.48 -1.79 -0.26
C VAL A 41 -2.78 -1.02 1.02
N THR A 42 -3.69 -1.54 1.83
CA THR A 42 -4.08 -0.87 3.08
C THR A 42 -2.89 -0.82 4.04
N PHE A 43 -2.12 -1.91 4.08
CA PHE A 43 -0.89 -1.97 4.87
C PHE A 43 0.13 -0.96 4.34
N TRP A 44 0.23 -0.89 3.02
CA TRP A 44 1.15 0.03 2.35
C TRP A 44 0.81 1.48 2.74
N LYS A 45 -0.48 1.80 2.73
CA LYS A 45 -0.95 3.13 3.13
C LYS A 45 -0.55 3.43 4.56
N ALA A 46 -0.84 2.49 5.45
CA ALA A 46 -0.56 2.65 6.88
C ALA A 46 0.93 2.88 7.14
N CYS A 47 1.76 2.12 6.43
CA CYS A 47 3.22 2.24 6.58
C CYS A 47 3.71 3.59 6.04
N GLU A 48 3.07 4.07 4.97
CA GLU A 48 3.41 5.38 4.42
C GLU A 48 2.97 6.48 5.39
N ARG A 49 1.84 6.26 6.06
CA ARG A 49 1.36 7.16 7.10
C ARG A 49 2.39 7.28 8.23
N PHE A 50 2.99 6.15 8.57
CA PHE A 50 3.96 6.06 9.66
C PHE A 50 5.16 6.97 9.40
N GLN A 51 5.66 6.95 8.16
CA GLN A 51 6.87 7.71 7.81
C GLN A 51 6.55 9.19 7.60
N GLN A 52 5.29 9.58 7.79
CA GLN A 52 4.88 10.97 7.67
C GLN A 52 5.19 11.74 8.95
N ILE A 53 5.42 11.01 10.04
CA ILE A 53 5.61 11.60 11.36
C ILE A 53 7.09 11.99 11.58
N PRO A 54 7.33 13.15 12.22
CA PRO A 54 8.69 13.58 12.59
C PRO A 54 9.29 12.68 13.68
N ALA A 55 10.62 12.57 13.68
CA ALA A 55 11.34 11.75 14.66
C ALA A 55 11.09 12.23 16.09
N SER A 56 10.72 13.50 16.21
CA SER A 56 10.47 14.12 17.51
C SER A 56 9.24 13.50 18.19
N ASP A 57 8.19 13.27 17.40
CA ASP A 57 6.93 12.77 17.94
C ASP A 57 6.93 11.25 18.00
N THR A 58 7.58 10.72 19.03
CA THR A 58 7.71 9.28 19.20
C THR A 58 6.38 8.63 19.58
N GLN A 59 5.57 9.34 20.38
CA GLN A 59 4.27 8.81 20.80
C GLN A 59 3.32 8.76 19.61
N GLN A 60 3.40 9.76 18.74
CA GLN A 60 2.59 9.78 17.52
C GLN A 60 2.99 8.60 16.64
N LEU A 61 4.31 8.39 16.49
CA LEU A 61 4.84 7.22 15.78
C LEU A 61 4.26 5.94 16.37
N ALA A 62 4.28 5.85 17.70
CA ALA A 62 3.77 4.67 18.40
C ALA A 62 2.32 4.41 18.08
N GLN A 63 1.52 5.47 17.99
CA GLN A 63 0.08 5.35 17.73
C GLN A 63 -0.17 4.73 16.35
N GLU A 64 0.48 5.27 15.33
CA GLU A 64 0.35 4.72 13.97
C GLU A 64 0.89 3.30 13.92
N ALA A 65 2.04 3.08 14.56
CA ALA A 65 2.66 1.76 14.62
C ALA A 65 1.70 0.73 15.24
N ARG A 66 1.03 1.15 16.31
CA ARG A 66 0.04 0.30 16.99
C ARG A 66 -1.14 0.01 16.06
N ASN A 67 -1.49 0.99 15.24
CA ASN A 67 -2.60 0.83 14.29
C ASN A 67 -2.24 -0.20 13.23
N ILE A 68 -1.02 -0.08 12.70
CA ILE A 68 -0.52 -1.04 11.71
C ILE A 68 -0.45 -2.43 12.34
N TYR A 69 0.06 -2.47 13.57
CA TYR A 69 0.25 -3.71 14.30
C TYR A 69 -1.08 -4.43 14.51
N GLN A 70 -1.97 -3.79 15.26
CA GLN A 70 -3.24 -4.39 15.68
C GLN A 70 -4.29 -4.29 14.57
N GLU A 71 -3.95 -4.76 13.38
CA GLU A 71 -4.88 -4.76 12.25
C GLU A 71 -4.27 -5.46 11.04
N PHE A 72 -2.95 -5.43 10.91
CA PHE A 72 -2.27 -6.09 9.79
C PHE A 72 -1.20 -7.07 10.28
N LEU A 73 -0.77 -6.94 11.53
CA LEU A 73 0.42 -7.65 12.01
C LEU A 73 0.15 -8.51 13.25
N SER A 74 -0.93 -8.21 13.97
CA SER A 74 -1.27 -8.91 15.19
C SER A 74 -1.90 -10.28 14.89
N SER A 75 -1.87 -11.17 15.89
CA SER A 75 -2.50 -12.49 15.77
C SER A 75 -4.01 -12.36 15.58
N GLN A 76 -4.55 -11.25 16.06
CA GLN A 76 -5.96 -10.92 15.91
C GLN A 76 -6.07 -9.64 15.07
N ALA A 77 -5.40 -9.66 13.93
CA ALA A 77 -5.32 -8.50 13.04
C ALA A 77 -6.57 -8.35 12.18
N LEU A 78 -7.29 -9.46 12.00
CA LEU A 78 -8.46 -9.53 11.10
C LEU A 78 -8.03 -9.56 9.63
N SER A 79 -6.88 -8.97 9.33
CA SER A 79 -6.31 -9.01 7.99
C SER A 79 -4.77 -9.06 8.09
N PRO A 80 -4.20 -10.21 8.48
CA PRO A 80 -2.76 -10.37 8.67
C PRO A 80 -2.01 -10.44 7.33
N VAL A 81 -1.29 -9.36 7.01
CA VAL A 81 -0.55 -9.27 5.75
C VAL A 81 0.62 -10.28 5.73
N ASN A 82 1.08 -10.60 4.53
CA ASN A 82 2.10 -11.64 4.35
C ASN A 82 3.49 -11.04 4.10
N ILE A 83 4.35 -11.15 5.10
CA ILE A 83 5.77 -10.84 4.97
C ILE A 83 6.57 -11.98 5.62
N ASP A 84 7.79 -11.68 6.10
CA ASP A 84 8.65 -12.73 6.67
C ASP A 84 7.94 -13.44 7.82
N ARG A 85 7.47 -12.67 8.82
CA ARG A 85 6.68 -13.19 9.94
C ARG A 85 7.42 -14.29 10.72
N GLN A 86 8.72 -14.45 10.45
CA GLN A 86 9.51 -15.52 11.08
C GLN A 86 10.68 -14.92 11.85
N ALA A 87 11.18 -13.80 11.36
CA ALA A 87 12.22 -13.03 12.04
C ALA A 87 11.68 -11.63 12.32
N TRP A 88 10.36 -11.55 12.46
CA TRP A 88 9.66 -10.29 12.63
C TRP A 88 10.10 -9.59 13.93
N LEU A 89 9.79 -8.29 14.04
CA LEU A 89 10.29 -7.43 15.12
C LEU A 89 9.13 -6.92 15.97
N GLY A 90 8.41 -7.88 16.55
CA GLY A 90 7.18 -7.63 17.30
C GLY A 90 7.17 -6.40 18.21
N GLU A 91 7.36 -6.64 19.50
CA GLU A 91 7.12 -5.61 20.52
C GLU A 91 8.07 -4.41 20.39
N GLU A 92 9.27 -4.63 19.83
CA GLU A 92 10.31 -3.62 19.86
C GLU A 92 9.90 -2.39 19.06
N VAL A 93 9.09 -2.59 18.03
CA VAL A 93 8.65 -1.48 17.20
C VAL A 93 7.55 -0.67 17.90
N LEU A 94 6.87 -1.29 18.87
CA LEU A 94 5.87 -0.61 19.67
C LEU A 94 6.52 0.03 20.90
N ALA A 95 7.67 -0.52 21.30
CA ALA A 95 8.42 -0.02 22.44
C ALA A 95 9.01 1.35 22.12
N GLU A 96 9.94 1.39 21.18
CA GLU A 96 10.54 2.65 20.73
C GLU A 96 10.56 2.70 19.21
N PRO A 97 9.51 3.28 18.60
CA PRO A 97 9.41 3.40 17.14
C PRO A 97 10.37 4.48 16.60
N ARG A 98 10.51 4.49 15.28
CA ARG A 98 11.42 5.42 14.60
C ARG A 98 10.76 5.89 13.32
N PRO A 99 11.17 7.04 12.76
CA PRO A 99 10.73 7.44 11.43
C PRO A 99 11.24 6.45 10.39
N ASP A 100 10.36 5.51 10.01
CA ASP A 100 10.62 4.49 8.98
C ASP A 100 11.18 3.22 9.60
N MET A 101 10.28 2.36 10.08
CA MET A 101 10.66 1.06 10.62
C MET A 101 9.89 -0.05 9.93
N PHE A 102 8.78 0.32 9.27
CA PHE A 102 7.99 -0.62 8.49
C PHE A 102 8.25 -0.44 7.00
N ARG A 103 9.27 0.35 6.67
CA ARG A 103 9.51 0.78 5.29
C ARG A 103 9.91 -0.42 4.41
N ALA A 104 10.84 -1.24 4.90
CA ALA A 104 11.29 -2.43 4.19
C ALA A 104 10.12 -3.41 4.02
N GLN A 105 9.40 -3.63 5.12
CA GLN A 105 8.25 -4.52 5.15
C GLN A 105 7.16 -4.01 4.19
N GLN A 106 7.03 -2.68 4.14
CA GLN A 106 6.08 -2.01 3.27
C GLN A 106 6.44 -2.30 1.81
N LEU A 107 7.72 -2.16 1.49
CA LEU A 107 8.19 -2.36 0.13
C LEU A 107 8.05 -3.83 -0.27
N GLN A 108 8.09 -4.72 0.72
CA GLN A 108 7.91 -6.15 0.47
C GLN A 108 6.49 -6.41 -0.04
N ILE A 109 5.52 -5.75 0.60
CA ILE A 109 4.12 -5.79 0.14
C ILE A 109 4.01 -5.15 -1.25
N PHE A 110 4.71 -4.04 -1.43
CA PHE A 110 4.75 -3.33 -2.71
C PHE A 110 5.14 -4.29 -3.83
N ASN A 111 6.23 -5.01 -3.64
CA ASN A 111 6.72 -5.97 -4.62
C ASN A 111 5.82 -7.20 -4.68
N LEU A 112 5.19 -7.52 -3.55
CA LEU A 112 4.34 -8.70 -3.44
C LEU A 112 3.15 -8.59 -4.41
N MET A 113 2.72 -7.36 -4.70
CA MET A 113 1.58 -7.13 -5.59
C MET A 113 2.00 -6.38 -6.86
N LYS A 114 3.32 -6.20 -7.04
CA LYS A 114 3.84 -5.42 -8.17
C LYS A 114 3.91 -6.25 -9.45
N PHE A 115 3.74 -7.56 -9.34
CA PHE A 115 3.93 -8.45 -10.49
C PHE A 115 2.76 -9.42 -10.65
N ASP A 116 1.58 -9.03 -10.18
CA ASP A 116 0.39 -9.87 -10.28
C ASP A 116 -0.88 -9.05 -10.05
N SER A 117 -1.00 -8.39 -8.90
CA SER A 117 -2.13 -7.53 -8.62
C SER A 117 -2.07 -6.31 -9.54
N TYR A 118 -0.85 -5.85 -9.78
CA TYR A 118 -0.58 -4.83 -10.78
C TYR A 118 -1.16 -5.22 -12.14
N ALA A 119 -0.86 -6.45 -12.56
CA ALA A 119 -1.36 -6.98 -13.84
C ALA A 119 -2.89 -7.13 -13.78
N ARG A 120 -3.37 -7.63 -12.65
CA ARG A 120 -4.80 -7.82 -12.39
C ARG A 120 -5.59 -6.55 -12.73
N PHE A 121 -5.18 -5.44 -12.12
CA PHE A 121 -5.88 -4.18 -12.28
C PHE A 121 -5.85 -3.70 -13.74
N VAL A 122 -4.65 -3.67 -14.32
CA VAL A 122 -4.47 -3.13 -15.68
C VAL A 122 -5.17 -4.00 -16.74
N LYS A 123 -5.41 -5.27 -16.41
CA LYS A 123 -6.15 -6.16 -17.32
C LYS A 123 -7.64 -5.82 -17.31
N SER A 124 -8.14 -5.45 -16.13
CA SER A 124 -9.55 -5.15 -15.94
C SER A 124 -10.01 -4.00 -16.84
N PRO A 125 -11.27 -4.07 -17.35
CA PRO A 125 -11.85 -3.02 -18.22
C PRO A 125 -11.89 -1.67 -17.50
N LEU A 126 -11.80 -1.71 -16.18
CA LEU A 126 -11.76 -0.51 -15.36
C LEU A 126 -10.64 0.42 -15.84
N TYR A 127 -9.49 -0.18 -16.20
CA TYR A 127 -8.34 0.57 -16.69
C TYR A 127 -8.69 1.24 -18.02
N ARG A 128 -9.48 0.55 -18.84
CA ARG A 128 -9.90 1.08 -20.14
C ARG A 128 -10.82 2.28 -19.92
N GLU A 129 -11.71 2.14 -18.94
CA GLU A 129 -12.63 3.21 -18.55
C GLU A 129 -11.87 4.51 -18.30
N CYS A 130 -10.82 4.40 -17.48
CA CYS A 130 -10.01 5.55 -17.10
C CYS A 130 -9.31 6.16 -18.31
N LEU A 131 -8.78 5.30 -19.19
CA LEU A 131 -8.04 5.76 -20.37
C LEU A 131 -8.92 6.60 -21.30
N LEU A 132 -10.18 6.23 -21.41
CA LEU A 132 -11.12 6.94 -22.29
C LEU A 132 -12.03 7.88 -21.49
N ALA A 133 -11.77 7.97 -20.19
CA ALA A 133 -12.54 8.82 -19.27
C ALA A 133 -13.97 8.30 -19.12
N GLU A 134 -14.78 8.48 -20.16
CA GLU A 134 -16.15 8.00 -20.18
C GLU A 134 -16.31 6.93 -21.26
N ALA A 135 -16.16 5.67 -20.85
CA ALA A 135 -16.28 4.54 -21.76
C ALA A 135 -16.46 3.26 -20.97
N GLU A 136 -17.41 2.44 -21.42
CA GLU A 136 -17.69 1.15 -20.81
C GLU A 136 -18.18 1.29 -19.36
N SER A 1 5.61 17.44 -29.48
CA SER A 1 4.48 17.36 -30.43
C SER A 1 3.22 16.94 -29.68
N MET A 2 2.09 17.56 -30.03
CA MET A 2 0.81 17.35 -29.32
C MET A 2 0.92 17.81 -27.86
N THR A 3 -0.16 17.62 -27.11
CA THR A 3 -0.21 17.99 -25.71
C THR A 3 -1.05 16.97 -24.93
N GLU A 4 -0.68 16.72 -23.68
CA GLU A 4 -1.41 15.78 -22.82
C GLU A 4 -1.60 16.37 -21.43
N GLU A 5 -2.78 16.16 -20.87
CA GLU A 5 -3.09 16.64 -19.52
C GLU A 5 -2.57 15.63 -18.51
N GLN A 6 -3.14 14.44 -18.56
CA GLN A 6 -2.77 13.35 -17.66
C GLN A 6 -3.31 12.03 -18.23
N PRO A 7 -2.52 11.35 -19.08
CA PRO A 7 -2.92 10.07 -19.68
C PRO A 7 -2.98 8.96 -18.64
N VAL A 8 -4.16 8.36 -18.47
CA VAL A 8 -4.35 7.27 -17.51
C VAL A 8 -3.40 6.10 -17.80
N ALA A 9 -3.02 5.95 -19.06
CA ALA A 9 -2.11 4.88 -19.48
C ALA A 9 -0.78 4.96 -18.72
N SER A 10 -0.47 6.15 -18.20
CA SER A 10 0.78 6.40 -17.49
C SER A 10 0.86 5.57 -16.20
N TRP A 11 -0.28 5.01 -15.76
CA TRP A 11 -0.29 4.15 -14.58
C TRP A 11 0.52 2.89 -14.84
N ALA A 12 0.44 2.39 -16.08
CA ALA A 12 1.03 1.11 -16.46
C ALA A 12 2.55 1.18 -16.51
N LEU A 13 3.10 2.38 -16.30
CA LEU A 13 4.53 2.59 -16.30
C LEU A 13 5.15 2.17 -14.95
N SER A 14 4.42 2.43 -13.87
CA SER A 14 4.91 2.13 -12.53
C SER A 14 3.75 1.96 -11.55
N PHE A 15 3.80 0.88 -10.76
CA PHE A 15 2.82 0.65 -9.69
C PHE A 15 2.86 1.83 -8.73
N GLU A 16 4.07 2.33 -8.52
CA GLU A 16 4.33 3.53 -7.72
C GLU A 16 3.35 4.65 -8.07
N ARG A 17 3.32 5.02 -9.35
CA ARG A 17 2.51 6.14 -9.80
C ARG A 17 1.03 5.86 -9.61
N LEU A 18 0.61 4.65 -9.98
CA LEU A 18 -0.79 4.24 -9.84
C LEU A 18 -1.20 4.24 -8.35
N LEU A 19 -0.25 3.89 -7.51
CA LEU A 19 -0.48 3.77 -6.07
C LEU A 19 -0.44 5.15 -5.40
N GLN A 20 0.32 6.07 -5.99
CA GLN A 20 0.38 7.45 -5.51
C GLN A 20 -0.80 8.27 -6.05
N ASP A 21 -1.24 7.94 -7.26
CA ASP A 21 -2.30 8.70 -7.94
C ASP A 21 -3.67 8.34 -7.37
N PRO A 22 -4.45 9.35 -6.93
CA PRO A 22 -5.77 9.14 -6.33
C PRO A 22 -6.75 8.43 -7.28
N LEU A 23 -6.71 8.81 -8.55
CA LEU A 23 -7.64 8.26 -9.55
C LEU A 23 -7.26 6.81 -9.83
N GLY A 24 -5.96 6.56 -9.97
CA GLY A 24 -5.46 5.22 -10.18
C GLY A 24 -5.81 4.29 -9.03
N LEU A 25 -5.50 4.73 -7.82
CA LEU A 25 -5.80 3.96 -6.62
C LEU A 25 -7.30 3.78 -6.45
N ALA A 26 -8.09 4.74 -6.96
CA ALA A 26 -9.55 4.68 -6.88
C ALA A 26 -10.07 3.44 -7.62
N TYR A 27 -9.66 3.28 -8.87
CA TYR A 27 -10.05 2.13 -9.66
C TYR A 27 -9.45 0.85 -9.07
N PHE A 28 -8.17 0.95 -8.66
CA PHE A 28 -7.44 -0.19 -8.12
C PHE A 28 -8.13 -0.73 -6.86
N THR A 29 -8.47 0.17 -5.94
CA THR A 29 -9.07 -0.23 -4.67
C THR A 29 -10.47 -0.80 -4.88
N GLU A 30 -11.14 -0.36 -5.94
CA GLU A 30 -12.44 -0.90 -6.31
C GLU A 30 -12.27 -2.38 -6.71
N PHE A 31 -11.37 -2.61 -7.66
CA PHE A 31 -11.10 -3.96 -8.15
C PHE A 31 -10.49 -4.83 -7.04
N LEU A 32 -9.79 -4.19 -6.13
CA LEU A 32 -9.14 -4.88 -5.01
C LEU A 32 -10.19 -5.52 -4.09
N LYS A 33 -11.44 -5.04 -4.21
CA LYS A 33 -12.54 -5.57 -3.41
C LYS A 33 -13.13 -6.83 -4.04
N LYS A 34 -12.64 -7.20 -5.23
CA LYS A 34 -13.04 -8.46 -5.86
C LYS A 34 -12.37 -9.64 -5.15
N GLU A 35 -11.04 -9.66 -5.18
CA GLU A 35 -10.25 -10.71 -4.54
C GLU A 35 -10.19 -10.49 -3.02
N PHE A 36 -10.53 -9.27 -2.59
CA PHE A 36 -10.50 -8.88 -1.18
C PHE A 36 -9.08 -8.92 -0.65
N SER A 37 -8.30 -7.92 -1.01
CA SER A 37 -6.93 -7.78 -0.52
C SER A 37 -6.60 -6.30 -0.32
N ALA A 38 -7.56 -5.57 0.24
CA ALA A 38 -7.40 -4.14 0.50
C ALA A 38 -6.58 -3.86 1.75
N GLU A 39 -5.90 -4.88 2.29
CA GLU A 39 -5.14 -4.70 3.53
C GLU A 39 -3.74 -4.17 3.22
N ASN A 40 -3.13 -4.67 2.14
CA ASN A 40 -1.76 -4.33 1.79
C ASN A 40 -1.63 -2.85 1.45
N VAL A 41 -2.60 -2.33 0.68
CA VAL A 41 -2.59 -0.91 0.31
C VAL A 41 -2.77 -0.02 1.54
N THR A 42 -3.68 -0.42 2.43
CA THR A 42 -3.94 0.34 3.65
C THR A 42 -2.71 0.32 4.56
N PHE A 43 -2.06 -0.84 4.61
CA PHE A 43 -0.82 -1.03 5.37
C PHE A 43 0.27 -0.13 4.79
N TRP A 44 0.37 -0.12 3.47
CA TRP A 44 1.38 0.68 2.77
C TRP A 44 1.14 2.17 3.06
N LYS A 45 -0.12 2.59 3.05
CA LYS A 45 -0.49 3.95 3.43
C LYS A 45 0.02 4.27 4.82
N ALA A 46 -0.26 3.35 5.75
CA ALA A 46 0.15 3.50 7.14
C ALA A 46 1.67 3.57 7.24
N CYS A 47 2.36 2.83 6.37
CA CYS A 47 3.81 2.84 6.33
C CYS A 47 4.35 4.22 5.96
N GLU A 48 3.87 4.76 4.84
CA GLU A 48 4.29 6.10 4.40
C GLU A 48 3.89 7.14 5.44
N ARG A 49 2.72 6.93 6.04
CA ARG A 49 2.22 7.77 7.12
C ARG A 49 3.18 7.76 8.30
N PHE A 50 3.74 6.58 8.57
CA PHE A 50 4.67 6.40 9.69
C PHE A 50 6.01 7.07 9.36
N GLN A 51 6.40 6.99 8.09
CA GLN A 51 7.63 7.66 7.60
C GLN A 51 7.52 9.17 7.80
N GLN A 52 6.29 9.66 7.76
CA GLN A 52 6.00 11.10 7.81
C GLN A 52 6.26 11.69 9.20
N ILE A 53 6.21 10.85 10.23
CA ILE A 53 6.41 11.31 11.61
C ILE A 53 7.85 11.82 11.80
N PRO A 54 8.01 13.06 12.35
CA PRO A 54 9.32 13.72 12.47
C PRO A 54 10.25 13.08 13.52
N ALA A 55 9.92 11.87 13.99
CA ALA A 55 10.78 11.08 14.89
C ALA A 55 10.78 11.60 16.33
N SER A 56 10.81 12.92 16.49
CA SER A 56 10.93 13.54 17.81
C SER A 56 9.81 13.10 18.75
N ASP A 57 8.63 12.80 18.19
CA ASP A 57 7.50 12.38 19.00
C ASP A 57 7.44 10.84 19.05
N THR A 58 8.14 10.28 20.03
CA THR A 58 8.22 8.83 20.17
C THR A 58 6.87 8.23 20.56
N GLN A 59 6.06 9.02 21.25
CA GLN A 59 4.75 8.58 21.72
C GLN A 59 3.83 8.32 20.52
N GLN A 60 3.80 9.28 19.60
CA GLN A 60 3.02 9.15 18.36
C GLN A 60 3.46 7.90 17.60
N LEU A 61 4.78 7.70 17.54
CA LEU A 61 5.36 6.54 16.88
C LEU A 61 4.81 5.25 17.48
N ALA A 62 4.82 5.18 18.81
CA ALA A 62 4.35 4.00 19.52
C ALA A 62 2.86 3.76 19.29
N GLN A 63 2.08 4.83 19.40
CA GLN A 63 0.63 4.75 19.25
C GLN A 63 0.24 4.33 17.84
N GLU A 64 0.93 4.89 16.84
CA GLU A 64 0.63 4.59 15.44
C GLU A 64 1.08 3.18 15.09
N ALA A 65 2.29 2.83 15.54
CA ALA A 65 2.83 1.48 15.32
C ALA A 65 1.89 0.43 15.92
N ARG A 66 1.28 0.78 17.04
CA ARG A 66 0.28 -0.05 17.69
C ARG A 66 -0.92 -0.26 16.76
N ASN A 67 -1.36 0.83 16.14
CA ASN A 67 -2.50 0.80 15.22
C ASN A 67 -2.20 -0.14 14.05
N ILE A 68 -1.01 0.02 13.48
CA ILE A 68 -0.55 -0.83 12.39
C ILE A 68 -0.42 -2.27 12.85
N TYR A 69 0.10 -2.45 14.06
CA TYR A 69 0.36 -3.77 14.62
C TYR A 69 -0.92 -4.59 14.74
N GLN A 70 -1.85 -4.10 15.54
CA GLN A 70 -3.01 -4.89 15.95
C GLN A 70 -4.05 -5.06 14.85
N GLU A 71 -3.73 -4.65 13.62
CA GLU A 71 -4.66 -4.81 12.51
C GLU A 71 -3.98 -5.44 11.29
N PHE A 72 -2.68 -5.20 11.12
CA PHE A 72 -1.96 -5.73 9.96
C PHE A 72 -0.86 -6.70 10.36
N LEU A 73 -0.38 -6.57 11.60
CA LEU A 73 0.81 -7.31 12.04
C LEU A 73 0.53 -8.11 13.31
N SER A 74 -0.75 -8.33 13.62
CA SER A 74 -1.13 -9.13 14.78
C SER A 74 -1.39 -10.59 14.38
N SER A 75 -1.12 -10.89 13.10
CA SER A 75 -1.30 -12.23 12.55
C SER A 75 -2.79 -12.59 12.40
N GLN A 76 -3.49 -12.72 13.53
CA GLN A 76 -4.91 -13.11 13.53
C GLN A 76 -5.81 -11.88 13.52
N ALA A 77 -5.40 -10.88 12.75
CA ALA A 77 -6.14 -9.63 12.63
C ALA A 77 -7.38 -9.79 11.75
N LEU A 78 -8.10 -8.69 11.56
CA LEU A 78 -9.31 -8.69 10.72
C LEU A 78 -8.90 -8.80 9.25
N SER A 79 -7.88 -8.03 8.88
CA SER A 79 -7.30 -8.10 7.54
C SER A 79 -5.79 -7.86 7.62
N PRO A 80 -5.02 -8.91 8.00
CA PRO A 80 -3.57 -8.82 8.16
C PRO A 80 -2.82 -8.96 6.84
N VAL A 81 -1.65 -8.34 6.76
CA VAL A 81 -0.80 -8.43 5.58
C VAL A 81 0.19 -9.59 5.72
N ASN A 82 0.58 -10.17 4.59
CA ASN A 82 1.49 -11.31 4.58
C ASN A 82 2.92 -10.85 4.30
N ILE A 83 3.72 -10.79 5.37
CA ILE A 83 5.15 -10.48 5.26
C ILE A 83 5.94 -11.56 5.99
N ASP A 84 7.22 -11.31 6.22
CA ASP A 84 8.09 -12.27 6.90
C ASP A 84 7.81 -12.27 8.41
N ARG A 85 6.60 -12.71 8.77
CA ARG A 85 6.18 -12.75 10.18
C ARG A 85 7.00 -13.78 10.94
N GLN A 86 7.50 -14.78 10.22
CA GLN A 86 8.33 -15.84 10.79
C GLN A 86 9.55 -15.26 11.50
N ALA A 87 9.99 -14.09 11.03
CA ALA A 87 11.20 -13.46 11.56
C ALA A 87 11.03 -11.94 11.60
N TRP A 88 9.82 -11.50 11.93
CA TRP A 88 9.49 -10.08 11.92
C TRP A 88 10.21 -9.32 13.05
N LEU A 89 10.18 -7.99 12.97
CA LEU A 89 10.85 -7.10 13.92
C LEU A 89 10.53 -7.47 15.38
N GLY A 90 9.24 -7.60 15.69
CA GLY A 90 8.81 -8.02 17.01
C GLY A 90 8.28 -6.87 17.85
N GLU A 91 8.00 -7.16 19.12
CA GLU A 91 7.49 -6.16 20.07
C GLU A 91 8.46 -4.98 20.23
N GLU A 92 9.67 -5.13 19.72
CA GLU A 92 10.70 -4.11 19.81
C GLU A 92 10.19 -2.82 19.19
N VAL A 93 9.28 -2.97 18.23
CA VAL A 93 8.67 -1.84 17.56
C VAL A 93 7.80 -1.04 18.52
N LEU A 94 7.12 -1.76 19.41
CA LEU A 94 6.20 -1.15 20.37
C LEU A 94 6.96 -0.67 21.60
N ALA A 95 8.13 -1.25 21.82
CA ALA A 95 8.99 -0.87 22.96
C ALA A 95 9.67 0.46 22.69
N GLU A 96 10.47 0.50 21.63
CA GLU A 96 11.20 1.71 21.25
C GLU A 96 11.07 1.94 19.73
N PRO A 97 10.02 2.66 19.31
CA PRO A 97 9.74 2.89 17.90
C PRO A 97 10.52 4.07 17.30
N ARG A 98 10.66 4.03 15.99
CA ARG A 98 11.26 5.12 15.22
C ARG A 98 10.62 5.13 13.84
N PRO A 99 10.56 6.30 13.17
CA PRO A 99 9.87 6.44 11.87
C PRO A 99 10.39 5.43 10.85
N ASP A 100 11.67 5.09 10.97
CA ASP A 100 12.29 4.09 10.11
C ASP A 100 12.28 2.73 10.82
N MET A 101 11.24 1.96 10.54
CA MET A 101 11.04 0.66 11.19
C MET A 101 10.46 -0.36 10.19
N PHE A 102 9.32 0.00 9.61
CA PHE A 102 8.59 -0.89 8.70
C PHE A 102 9.10 -0.77 7.26
N ARG A 103 10.33 -0.29 7.10
CA ARG A 103 10.91 -0.03 5.77
C ARG A 103 10.73 -1.24 4.84
N ALA A 104 11.17 -2.40 5.32
CA ALA A 104 11.11 -3.63 4.53
C ALA A 104 9.67 -4.01 4.21
N GLN A 105 8.82 -4.04 5.24
CA GLN A 105 7.43 -4.46 5.09
C GLN A 105 6.70 -3.54 4.10
N GLN A 106 7.02 -2.26 4.14
CA GLN A 106 6.44 -1.26 3.23
C GLN A 106 6.68 -1.69 1.79
N LEU A 107 7.94 -1.90 1.45
CA LEU A 107 8.31 -2.23 0.08
C LEU A 107 8.03 -3.71 -0.22
N GLN A 108 7.88 -4.50 0.84
CA GLN A 108 7.58 -5.93 0.69
C GLN A 108 6.17 -6.09 0.12
N ILE A 109 5.23 -5.32 0.67
CA ILE A 109 3.86 -5.29 0.17
C ILE A 109 3.81 -4.66 -1.23
N PHE A 110 4.60 -3.60 -1.41
CA PHE A 110 4.69 -2.93 -2.70
C PHE A 110 5.12 -3.92 -3.78
N ASN A 111 6.28 -4.55 -3.57
CA ASN A 111 6.85 -5.48 -4.53
C ASN A 111 5.92 -6.68 -4.73
N LEU A 112 5.19 -7.04 -3.67
CA LEU A 112 4.27 -8.17 -3.71
C LEU A 112 3.25 -7.98 -4.84
N MET A 113 2.50 -6.89 -4.78
CA MET A 113 1.44 -6.62 -5.75
C MET A 113 2.01 -6.01 -7.03
N LYS A 114 3.24 -5.50 -6.95
CA LYS A 114 3.90 -4.82 -8.08
C LYS A 114 3.98 -5.73 -9.31
N PHE A 115 3.94 -7.04 -9.10
CA PHE A 115 4.00 -8.02 -10.19
C PHE A 115 2.83 -8.99 -10.10
N ASP A 116 1.79 -8.59 -9.35
CA ASP A 116 0.63 -9.46 -9.13
C ASP A 116 -0.68 -8.71 -9.32
N SER A 117 -1.19 -8.10 -8.24
CA SER A 117 -2.45 -7.37 -8.29
C SER A 117 -2.36 -6.22 -9.30
N TYR A 118 -1.21 -5.54 -9.29
CA TYR A 118 -0.94 -4.48 -10.27
C TYR A 118 -1.05 -5.01 -11.69
N ALA A 119 -0.48 -6.21 -11.90
CA ALA A 119 -0.47 -6.84 -13.23
C ALA A 119 -1.87 -7.27 -13.64
N ARG A 120 -2.67 -7.69 -12.66
CA ARG A 120 -4.05 -8.13 -12.90
C ARG A 120 -4.94 -6.92 -13.23
N PHE A 121 -4.84 -5.89 -12.41
CA PHE A 121 -5.68 -4.69 -12.55
C PHE A 121 -5.56 -4.08 -13.95
N VAL A 122 -4.33 -3.83 -14.38
CA VAL A 122 -4.09 -3.16 -15.67
C VAL A 122 -4.60 -4.01 -16.85
N LYS A 123 -4.80 -5.30 -16.60
CA LYS A 123 -5.31 -6.22 -17.61
C LYS A 123 -6.83 -6.36 -17.50
N SER A 124 -7.37 -5.90 -16.38
CA SER A 124 -8.80 -5.99 -16.11
C SER A 124 -9.58 -4.86 -16.82
N PRO A 125 -10.85 -5.11 -17.19
CA PRO A 125 -11.67 -4.16 -17.97
C PRO A 125 -11.81 -2.78 -17.33
N LEU A 126 -11.65 -2.70 -16.01
CA LEU A 126 -11.78 -1.43 -15.30
C LEU A 126 -10.76 -0.40 -15.81
N TYR A 127 -9.55 -0.86 -16.07
CA TYR A 127 -8.51 -0.01 -16.64
C TYR A 127 -8.95 0.42 -18.04
N ARG A 128 -9.54 -0.54 -18.74
CA ARG A 128 -10.00 -0.33 -20.11
C ARG A 128 -11.33 0.43 -20.12
N GLU A 129 -11.88 0.71 -18.93
CA GLU A 129 -13.04 1.59 -18.82
C GLU A 129 -12.59 3.04 -18.96
N CYS A 130 -11.35 3.30 -18.57
CA CYS A 130 -10.75 4.62 -18.72
C CYS A 130 -10.31 4.85 -20.16
N LEU A 131 -9.77 3.80 -20.79
CA LEU A 131 -9.35 3.88 -22.19
C LEU A 131 -10.51 3.63 -23.15
N LEU A 132 -11.09 2.44 -23.07
CA LEU A 132 -12.14 2.00 -24.00
C LEU A 132 -11.62 2.00 -25.45
N ALA A 133 -12.10 2.94 -26.26
CA ALA A 133 -11.73 3.05 -27.67
C ALA A 133 -12.66 4.05 -28.35
N GLU A 134 -13.95 3.74 -28.34
CA GLU A 134 -14.97 4.58 -28.95
C GLU A 134 -16.30 4.41 -28.22
N ALA A 135 -16.80 3.19 -28.20
CA ALA A 135 -18.08 2.88 -27.59
C ALA A 135 -18.06 1.49 -26.98
N GLU A 136 -18.43 1.40 -25.72
CA GLU A 136 -18.51 0.12 -25.00
C GLU A 136 -19.70 -0.70 -25.51
#